data_6OPC
#
_entry.id   6OPC
#
_cell.length_a   1.00
_cell.length_b   1.00
_cell.length_c   1.00
_cell.angle_alpha   90.00
_cell.angle_beta   90.00
_cell.angle_gamma   90.00
#
_symmetry.space_group_name_H-M   'P 1'
#
loop_
_entity.id
_entity.type
_entity.pdbx_description
1 polymer 'Cell division control protein 48'
2 polymer 'Substrate bound to the central pore of the Cdc48 hexamer'
3 polymer 'UBX domain-containing protein 1'
4 non-polymer "ADENOSINE-5'-DIPHOSPHATE"
5 non-polymer 'BERYLLIUM TRIFLUORIDE ION'
6 non-polymer 'MAGNESIUM ION'
#
loop_
_entity_poly.entity_id
_entity_poly.type
_entity_poly.pdbx_seq_one_letter_code
_entity_poly.pdbx_strand_id
1 'polypeptide(L)'
;MGEEHKPLLDASGVDPREEDKTATAILRRKKKDNMLLVDDAINDDNSVIAINSNTMDKLELFRGDTVLVKGKKRKDTVLI
VLIDDELEDGACRINRVVRNNLRIRLGDLVTIHPCPDIKYATRISVLPIADTIEGITGNLFDVFLKPYFVEAYRPVRKGD
HFVVRGGMRQVEFKVVDVEPEEYAVVAQDTIIHWEGEPINREDEENNMNEVGYDDIGGCRKQMAQIREMVELPLRHPQLF
KAIGIKPPRGVLMYGPPGTGKTLMARAVANETGAFFFLINGPEVMSKMAGESESNLRKAFEEAEKNAPAIIFIDEIDSIA
PKRDKTNGEVERRVVSQLLTLMDGMKARSNVVVIAATNRPNSIDPALRRFGRFDREVDIGIPDATGRLEVLRIHTKNMKL
ADDVDLEALAAETHGYVGADIASLCSEAAMQQIREKMDLIDLDEDEIDAEVLDSLGVTMDNFRFALGNSNPSALRETVVE
SVNVTWDDVGGLDEIKEELKETVEYPVLHPDQYTKFGLSPSKGVLFYGPPGTGKTLLAKAVATEVSANFISVKGPELLSM
WYGESESNIRDIFDKARAAAPTVVFLDELDSIAKARGGSLGDAGGASDRVVNQLLTEMDGMNAKKNVFVIGATNRPDQID
PAILRPGRLDQLIYVPLPDENARLSILNAQLRKTPLEPGLELTAIAKATQGFSGADLLYIVQRAAKYAIKDSIEAHRQHE
AEKEVKVEGEDVEMTDEGAKAEQEPEVDPVPYITKEHFAEAMKTAKRSVSDAELRRYEAYSQQMKASRGQFSNFNFNDAP
LGTTATDNANSNNSAPSGAGAAFGSNAEEDDDLYS
;
A,B,C,D,E,F
2 'polypeptide(L)'
;(UNK)(UNK)(UNK)(UNK)(UNK)(UNK)(UNK)(UNK)(UNK)(UNK)(UNK)(UNK)(UNK)(UNK)(UNK)(UNK)
(UNK)(UNK)(UNK)(UNK)(UNK)(UNK)
;
G
3 'polypeptide(L)'
;MAEIPDETIQQFMALTNVSHNIAVQYLSEFGDLNEALNSYYASQTDDQKDRREEAHWNRQQEKALKQEAFSTNSSNKAIN
TEHVGGLCPKPGSSQGSNEYLKRKGSTSPEPTKGSSRSGSGNNSRFMSFSDMVRGQADDDDEDQPRNTFAGGETSGLEVT
DPSDPNSLLKDLLEKARRGGQMGAENGFRDDEDHEMGANRFTGRGFRLGSTIDAADEVVEDNTSQSQRRPEKVTREITFW
KEGFQVADGPLYRYDDPANSFYLSELNQGRAPLKLLDVQFGQEVEVNVYKKLDESYKAPTRKLGGFSGQGQRLGSPIPGE
SSPAEVPKNETPAAQEQPMPDNEPKQGDTSIQIRYANGKREVLHCNSTDTVKFLYEHVTSNANTDPSRNFTLNYAFPIKP
ISNDETTLKDADLLNSVVVQRWA
;
Z
#
# COMPACT_ATOMS: atom_id res chain seq x y z
N LYS A 31 70.86 13.25 10.14
CA LYS A 31 70.14 14.07 11.10
C LYS A 31 70.73 15.47 11.21
N LYS A 32 69.97 16.47 10.77
CA LYS A 32 70.40 17.86 10.91
C LYS A 32 70.28 18.27 12.37
N ASP A 33 71.38 18.78 12.96
CA ASP A 33 71.39 19.08 14.41
C ASP A 33 70.62 20.35 14.78
N ASN A 34 69.66 20.74 13.95
CA ASN A 34 68.92 21.97 14.17
C ASN A 34 67.57 21.73 14.84
N MET A 35 67.26 20.46 15.14
CA MET A 35 66.02 20.11 15.82
C MET A 35 66.33 19.46 17.17
N LEU A 36 65.65 19.93 18.21
CA LEU A 36 65.96 19.56 19.58
C LEU A 36 64.72 19.28 20.41
N LEU A 37 64.87 18.48 21.47
CA LEU A 37 63.77 18.07 22.33
C LEU A 37 63.60 19.06 23.48
N VAL A 38 62.40 19.10 24.07
CA VAL A 38 62.11 19.99 25.18
C VAL A 38 62.52 19.34 26.51
N ASP A 39 63.23 20.10 27.33
CA ASP A 39 63.69 19.63 28.64
C ASP A 39 63.27 20.61 29.74
N ASP A 40 63.42 20.21 31.00
CA ASP A 40 63.06 21.08 32.11
C ASP A 40 63.91 22.33 32.14
N ALA A 41 63.45 23.36 32.84
CA ALA A 41 64.10 24.66 32.82
C ALA A 41 64.90 24.96 34.09
N ILE A 42 66.15 25.36 33.89
CA ILE A 42 66.98 25.87 34.99
C ILE A 42 66.71 27.37 35.16
N ASN A 43 66.90 28.12 34.08
CA ASN A 43 66.61 29.55 34.08
C ASN A 43 65.10 29.78 34.14
N ASP A 44 64.64 30.38 35.23
CA ASP A 44 63.21 30.54 35.49
C ASP A 44 62.61 31.73 34.77
N ASP A 45 63.43 32.45 34.00
CA ASP A 45 62.96 33.62 33.27
C ASP A 45 61.99 33.18 32.16
N ASN A 46 61.09 34.08 31.79
CA ASN A 46 60.10 33.78 30.76
C ASN A 46 60.72 33.68 29.37
N SER A 47 61.28 34.79 28.89
CA SER A 47 61.84 34.85 27.55
C SER A 47 63.29 34.35 27.54
N VAL A 48 63.46 33.03 27.58
CA VAL A 48 64.79 32.44 27.54
C VAL A 48 64.75 30.94 27.28
N ILE A 49 65.76 30.46 26.55
CA ILE A 49 66.00 29.03 26.41
C ILE A 49 67.49 28.79 26.63
N ALA A 50 67.83 27.58 27.08
CA ALA A 50 69.22 27.25 27.39
C ALA A 50 69.76 26.18 26.46
N ILE A 51 70.83 26.52 25.76
CA ILE A 51 71.58 25.59 24.94
C ILE A 51 72.93 25.32 25.60
N ASN A 52 73.55 24.19 25.25
CA ASN A 52 74.87 23.86 25.76
C ASN A 52 75.95 24.40 24.82
N SER A 53 77.15 24.60 25.36
CA SER A 53 78.24 25.18 24.59
C SER A 53 78.67 24.31 23.41
N ASN A 54 78.69 22.97 23.60
CA ASN A 54 78.97 22.13 22.44
C ASN A 54 77.88 22.19 21.38
N THR A 55 76.75 22.81 21.72
CA THR A 55 75.69 23.06 20.76
C THR A 55 75.93 24.38 20.04
N MET A 56 76.62 25.29 20.72
CA MET A 56 76.91 26.61 20.19
C MET A 56 77.96 26.54 19.07
N ASP A 57 78.95 25.66 19.22
CA ASP A 57 79.96 25.50 18.19
C ASP A 57 79.41 24.66 17.04
N LYS A 58 78.40 23.86 17.34
CA LYS A 58 77.73 23.04 16.33
C LYS A 58 76.74 23.89 15.53
N LEU A 59 76.32 25.02 16.12
CA LEU A 59 75.49 25.99 15.43
C LEU A 59 75.72 27.37 16.01
N GLU A 60 76.39 28.23 15.24
CA GLU A 60 76.82 29.55 15.68
C GLU A 60 75.68 30.41 16.23
N LEU A 61 75.69 30.58 17.56
CA LEU A 61 74.76 31.49 18.24
C LEU A 61 75.40 32.00 19.53
N PHE A 62 74.78 33.01 20.14
CA PHE A 62 75.37 33.68 21.29
C PHE A 62 74.41 33.91 22.44
N ARG A 63 74.92 34.52 23.50
CA ARG A 63 74.19 34.71 24.74
C ARG A 63 73.06 35.72 24.59
N GLY A 64 73.24 36.70 23.72
CA GLY A 64 72.26 37.74 23.49
C GLY A 64 71.34 37.43 22.32
N ASP A 65 71.74 36.46 21.51
CA ASP A 65 71.00 36.11 20.30
C ASP A 65 69.54 35.77 20.59
N THR A 66 68.65 36.36 19.81
CA THR A 66 67.22 36.09 19.91
C THR A 66 66.82 35.08 18.84
N VAL A 67 66.31 33.93 19.29
CA VAL A 67 66.05 32.81 18.39
C VAL A 67 64.56 32.49 18.28
N LEU A 68 64.13 32.10 17.09
CA LEU A 68 62.74 31.72 16.84
C LEU A 68 62.54 30.23 17.06
N VAL A 69 61.66 29.89 18.01
CA VAL A 69 61.28 28.51 18.27
C VAL A 69 59.96 28.21 17.56
N LYS A 70 59.96 27.20 16.70
CA LYS A 70 58.75 26.78 16.01
C LYS A 70 58.46 25.32 16.35
N GLY A 71 57.39 25.09 17.10
CA GLY A 71 57.02 23.77 17.56
C GLY A 71 55.87 23.17 16.78
N LYS A 72 55.07 22.36 17.47
CA LYS A 72 53.94 21.68 16.84
C LYS A 72 52.72 22.59 16.79
N LYS A 73 51.68 22.12 16.10
CA LYS A 73 50.43 22.88 15.93
C LYS A 73 50.67 24.18 15.18
N ARG A 74 51.75 24.22 14.40
CA ARG A 74 52.05 25.35 13.53
C ARG A 74 52.20 26.66 14.32
N LYS A 75 52.75 26.57 15.52
CA LYS A 75 52.93 27.75 16.37
C LYS A 75 54.41 28.09 16.54
N ASP A 76 54.66 29.29 17.07
CA ASP A 76 56.03 29.80 17.20
C ASP A 76 56.21 30.60 18.48
N THR A 77 57.47 30.94 18.76
CA THR A 77 57.82 31.81 19.89
C THR A 77 59.25 32.29 19.73
N VAL A 78 59.60 33.37 20.44
CA VAL A 78 60.94 33.93 20.37
C VAL A 78 61.55 34.03 21.77
N LEU A 79 62.81 33.61 21.88
CA LEU A 79 63.49 33.57 23.18
C LEU A 79 64.97 33.86 23.05
N ILE A 80 65.62 34.09 24.19
CA ILE A 80 67.06 34.34 24.24
C ILE A 80 67.82 33.05 24.54
N VAL A 81 68.78 32.72 23.70
CA VAL A 81 69.64 31.56 23.94
C VAL A 81 70.71 31.90 24.95
N LEU A 82 71.04 30.95 25.82
CA LEU A 82 72.06 31.15 26.85
C LEU A 82 72.80 29.86 27.13
N ILE A 83 74.13 29.94 27.21
CA ILE A 83 74.97 28.77 27.44
C ILE A 83 74.66 28.11 28.78
N ASP A 84 74.30 26.82 28.73
CA ASP A 84 73.99 26.04 29.92
C ASP A 84 74.77 24.73 29.92
N ASP A 85 75.60 24.56 30.94
CA ASP A 85 76.46 23.38 31.03
C ASP A 85 75.67 22.09 31.22
N GLU A 86 74.58 22.16 31.97
CA GLU A 86 73.79 20.99 32.31
C GLU A 86 72.91 20.51 31.14
N LEU A 87 72.67 21.42 30.19
CA LEU A 87 71.72 21.18 29.10
C LEU A 87 71.99 19.90 28.31
N GLU A 88 73.25 19.70 27.93
CA GLU A 88 73.66 18.58 27.07
C GLU A 88 73.04 18.71 25.67
N ASP A 89 73.92 18.86 24.67
CA ASP A 89 73.49 19.12 23.29
C ASP A 89 72.74 17.94 22.67
N GLY A 90 71.43 18.14 22.49
CA GLY A 90 70.50 17.13 21.96
C GLY A 90 69.08 17.60 22.20
N ALA A 91 68.91 18.40 23.25
CA ALA A 91 67.61 18.89 23.68
C ALA A 91 67.81 20.16 24.49
N CYS A 92 66.79 21.03 24.52
CA CYS A 92 66.94 22.35 25.11
C CYS A 92 66.03 22.56 26.31
N ARG A 93 66.48 23.40 27.24
CA ARG A 93 65.70 23.76 28.41
C ARG A 93 64.84 25.00 28.13
N ILE A 94 63.54 24.86 28.40
CA ILE A 94 62.62 25.99 28.29
C ILE A 94 61.57 25.93 29.39
N ASN A 95 61.31 27.07 30.02
CA ASN A 95 60.34 27.14 31.10
C ASN A 95 58.94 26.79 30.61
N ARG A 96 58.04 26.54 31.54
CA ARG A 96 56.71 26.03 31.19
C ARG A 96 55.88 27.04 30.39
N VAL A 97 56.28 28.30 30.41
CA VAL A 97 55.56 29.34 29.69
C VAL A 97 55.85 29.29 28.19
N VAL A 98 57.13 29.18 27.86
CA VAL A 98 57.55 28.99 26.46
C VAL A 98 57.00 27.67 25.94
N ARG A 99 57.19 26.64 26.75
CA ARG A 99 56.73 25.29 26.45
C ARG A 99 55.23 25.26 26.12
N ASN A 100 54.46 26.13 26.79
CA ASN A 100 53.02 26.20 26.57
C ASN A 100 52.66 26.89 25.27
N ASN A 101 53.32 28.00 24.98
CA ASN A 101 53.06 28.77 23.77
C ASN A 101 53.33 27.96 22.50
N LEU A 102 54.23 26.99 22.61
CA LEU A 102 54.57 26.13 21.49
C LEU A 102 53.68 24.88 21.43
N ARG A 103 52.82 24.73 22.44
CA ARG A 103 51.94 23.57 22.56
C ARG A 103 52.72 22.26 22.59
N ILE A 104 53.83 22.26 23.32
CA ILE A 104 54.66 21.08 23.47
C ILE A 104 54.73 20.65 24.94
N ARG A 105 55.31 19.49 25.17
CA ARG A 105 55.48 18.95 26.51
C ARG A 105 56.94 18.58 26.73
N LEU A 106 57.29 18.26 27.98
CA LEU A 106 58.62 17.76 28.27
C LEU A 106 58.83 16.40 27.61
N GLY A 107 59.63 16.38 26.55
CA GLY A 107 59.87 15.17 25.79
C GLY A 107 59.26 15.22 24.39
N ASP A 108 59.17 16.43 23.85
CA ASP A 108 58.69 16.65 22.48
C ASP A 108 59.74 17.39 21.68
N LEU A 109 59.76 17.15 20.37
CA LEU A 109 60.76 17.74 19.49
C LEU A 109 60.31 19.09 18.94
N VAL A 110 61.26 20.01 18.80
CA VAL A 110 61.02 21.32 18.22
C VAL A 110 62.18 21.73 17.32
N THR A 111 61.87 22.51 16.30
CA THR A 111 62.89 23.05 15.42
C THR A 111 63.27 24.46 15.86
N ILE A 112 64.56 24.69 16.04
CA ILE A 112 65.08 25.98 16.47
C ILE A 112 65.86 26.62 15.33
N HIS A 113 65.70 27.93 15.17
CA HIS A 113 66.43 28.66 14.13
C HIS A 113 66.43 30.16 14.43
N PRO A 114 67.55 30.85 14.16
CA PRO A 114 67.65 32.24 14.58
C PRO A 114 67.00 33.23 13.62
N CYS A 115 66.51 34.33 14.17
CA CYS A 115 65.90 35.40 13.39
C CYS A 115 66.34 36.76 13.92
N PRO A 116 67.31 37.40 13.26
CA PRO A 116 67.68 38.78 13.60
C PRO A 116 66.96 39.79 12.73
N ASP A 117 66.18 39.31 11.76
CA ASP A 117 65.35 40.18 10.93
C ASP A 117 64.38 40.96 11.79
N ILE A 118 63.94 40.35 12.89
CA ILE A 118 63.10 41.03 13.87
C ILE A 118 63.85 42.20 14.48
N LYS A 119 63.13 43.27 14.77
CA LYS A 119 63.73 44.47 15.34
C LYS A 119 62.78 45.12 16.33
N TYR A 120 63.22 46.22 16.91
CA TYR A 120 62.56 46.80 18.08
C TYR A 120 61.11 47.18 17.77
N ALA A 121 60.24 46.98 18.76
CA ALA A 121 58.81 47.17 18.57
C ALA A 121 58.40 48.63 18.43
N THR A 122 57.28 48.85 17.75
CA THR A 122 56.68 50.17 17.67
C THR A 122 55.62 50.29 18.75
N ARG A 123 54.86 49.21 18.93
CA ARG A 123 53.84 49.14 19.96
C ARG A 123 53.45 47.69 20.24
N ILE A 124 52.81 47.47 21.40
CA ILE A 124 52.42 46.13 21.82
C ILE A 124 51.03 46.16 22.47
N SER A 125 50.34 45.03 22.36
CA SER A 125 48.95 44.91 22.77
C SER A 125 48.72 43.67 23.63
N VAL A 126 48.91 43.82 24.94
CA VAL A 126 48.74 42.72 25.87
C VAL A 126 47.46 42.90 26.69
N LEU A 127 46.81 41.78 27.02
CA LEU A 127 45.58 41.80 27.81
C LEU A 127 45.59 40.70 28.87
N PRO A 128 45.19 41.03 30.11
CA PRO A 128 45.18 40.04 31.18
C PRO A 128 44.06 39.02 31.02
N ILE A 129 44.36 37.75 31.29
CA ILE A 129 43.35 36.71 31.25
C ILE A 129 42.51 36.83 32.53
N ALA A 130 41.19 36.75 32.38
CA ALA A 130 40.25 37.11 33.43
C ALA A 130 40.50 36.42 34.77
N ASP A 131 40.64 35.10 34.76
CA ASP A 131 40.71 34.33 35.99
C ASP A 131 42.02 34.54 36.75
N THR A 132 42.98 35.19 36.13
CA THR A 132 44.26 35.47 36.78
C THR A 132 44.29 36.86 37.42
N ILE A 133 43.19 37.60 37.26
CA ILE A 133 43.07 38.95 37.83
C ILE A 133 41.78 39.13 38.62
N GLU A 134 41.00 38.06 38.74
CA GLU A 134 39.79 38.09 39.56
C GLU A 134 40.14 38.42 41.00
N GLY A 135 39.72 39.60 41.45
CA GLY A 135 39.97 40.03 42.82
C GLY A 135 40.56 41.41 42.90
N ILE A 136 41.60 41.67 42.10
CA ILE A 136 42.29 42.96 42.12
C ILE A 136 41.86 43.85 40.97
N THR A 137 42.32 45.10 41.02
CA THR A 137 42.07 46.07 39.97
C THR A 137 43.18 47.12 39.98
N GLY A 138 43.08 48.12 39.13
CA GLY A 138 44.02 49.23 39.12
C GLY A 138 45.08 49.15 38.06
N ASN A 139 46.24 49.74 38.35
CA ASN A 139 47.31 49.91 37.37
C ASN A 139 48.15 48.65 37.19
N LEU A 140 47.78 47.82 36.23
CA LEU A 140 48.52 46.59 35.95
C LEU A 140 49.86 46.91 35.28
N PHE A 141 49.92 48.02 34.57
CA PHE A 141 51.13 48.41 33.86
C PHE A 141 52.27 48.71 34.83
N ASP A 142 52.04 49.65 35.74
CA ASP A 142 53.06 50.08 36.70
C ASP A 142 53.51 48.92 37.57
N VAL A 143 52.58 48.04 37.93
CA VAL A 143 52.87 46.94 38.83
C VAL A 143 53.57 45.77 38.13
N PHE A 144 52.92 45.22 37.11
CA PHE A 144 53.38 43.99 36.46
C PHE A 144 54.19 44.24 35.19
N LEU A 145 53.57 44.91 34.22
CA LEU A 145 54.16 45.04 32.89
C LEU A 145 55.41 45.92 32.84
N LYS A 146 55.38 47.03 33.58
CA LYS A 146 56.47 48.00 33.54
C LYS A 146 57.80 47.38 33.97
N PRO A 147 57.83 46.74 35.16
CA PRO A 147 59.12 46.15 35.57
C PRO A 147 59.47 44.87 34.81
N TYR A 148 58.48 44.23 34.20
CA TYR A 148 58.71 42.96 33.51
C TYR A 148 59.45 43.16 32.18
N PHE A 149 59.07 44.19 31.45
CA PHE A 149 59.66 44.45 30.13
C PHE A 149 60.86 45.40 30.19
N VAL A 150 61.01 46.09 31.32
CA VAL A 150 62.00 47.15 31.45
C VAL A 150 63.44 46.69 31.25
N GLU A 151 64.13 47.32 30.30
CA GLU A 151 65.56 47.11 30.08
C GLU A 151 65.96 45.68 29.69
N ALA A 152 64.97 44.82 29.52
CA ALA A 152 65.23 43.43 29.13
C ALA A 152 65.10 43.28 27.62
N TYR A 153 64.52 44.29 26.98
CA TYR A 153 64.03 44.22 25.61
C TYR A 153 63.67 42.79 25.21
N ARG A 154 62.59 42.30 25.81
CA ARG A 154 62.14 40.93 25.60
C ARG A 154 61.70 40.72 24.16
N PRO A 155 62.00 39.55 23.57
CA PRO A 155 61.51 39.24 22.24
C PRO A 155 60.17 38.52 22.28
N VAL A 156 59.07 39.25 22.12
CA VAL A 156 57.74 38.65 22.23
C VAL A 156 57.20 38.21 20.88
N ARG A 157 55.96 37.73 20.88
CA ARG A 157 55.32 37.22 19.68
C ARG A 157 53.81 37.39 19.81
N LYS A 158 53.11 37.53 18.69
CA LYS A 158 51.65 37.59 18.73
C LYS A 158 51.07 36.21 18.99
N GLY A 159 50.20 36.12 20.00
CA GLY A 159 49.63 34.86 20.42
C GLY A 159 50.28 34.35 21.68
N ASP A 160 51.42 34.93 22.04
CA ASP A 160 52.13 34.54 23.26
C ASP A 160 51.31 34.85 24.50
N HIS A 161 51.43 33.96 25.49
CA HIS A 161 50.85 34.20 26.81
C HIS A 161 51.96 34.09 27.85
N PHE A 162 52.35 35.23 28.42
CA PHE A 162 53.44 35.27 29.39
C PHE A 162 52.91 35.45 30.81
N VAL A 163 53.82 35.35 31.78
CA VAL A 163 53.45 35.33 33.20
C VAL A 163 54.32 36.32 33.98
N VAL A 164 53.68 37.10 34.85
CA VAL A 164 54.39 38.06 35.69
C VAL A 164 53.98 37.89 37.16
N ARG A 165 54.97 37.62 37.99
CA ARG A 165 54.74 37.39 39.42
C ARG A 165 54.98 38.65 40.24
N GLY A 166 53.97 39.02 41.05
CA GLY A 166 54.06 40.20 41.88
C GLY A 166 52.74 40.47 42.58
N GLY A 167 52.82 41.04 43.77
CA GLY A 167 51.63 41.34 44.55
C GLY A 167 50.93 40.09 45.04
N MET A 168 51.72 39.10 45.45
CA MET A 168 51.21 37.84 46.00
C MET A 168 50.30 37.09 45.02
N ARG A 169 50.60 37.20 43.74
CA ARG A 169 49.90 36.43 42.70
C ARG A 169 50.65 36.52 41.38
N GLN A 170 50.25 35.66 40.43
CA GLN A 170 50.86 35.65 39.10
C GLN A 170 49.80 35.88 38.03
N VAL A 171 49.93 36.98 37.30
CA VAL A 171 48.98 37.34 36.27
C VAL A 171 49.45 36.84 34.91
N GLU A 172 48.49 36.43 34.08
CA GLU A 172 48.79 35.99 32.71
C GLU A 172 48.20 36.96 31.69
N PHE A 173 49.08 37.55 30.88
CA PHE A 173 48.65 38.39 29.77
C PHE A 173 48.84 37.64 28.46
N LYS A 174 48.02 37.98 27.45
CA LYS A 174 48.23 37.46 26.11
C LYS A 174 48.51 38.57 25.12
N VAL A 175 49.61 38.44 24.39
CA VAL A 175 49.95 39.40 23.35
C VAL A 175 48.93 39.29 22.22
N VAL A 176 48.11 40.32 22.09
CA VAL A 176 47.04 40.34 21.10
C VAL A 176 47.49 40.96 19.79
N ASP A 177 48.43 41.90 19.86
CA ASP A 177 48.89 42.59 18.66
C ASP A 177 50.24 43.28 18.83
N VAL A 178 51.03 43.26 17.77
CA VAL A 178 52.27 44.04 17.67
C VAL A 178 52.26 44.74 16.31
N GLU A 179 52.98 45.85 16.20
CA GLU A 179 52.99 46.60 14.95
C GLU A 179 54.03 46.00 13.98
N PRO A 180 55.24 45.65 14.46
CA PRO A 180 56.30 45.15 13.59
C PRO A 180 56.14 43.64 13.30
N GLU A 181 55.14 43.32 12.47
CA GLU A 181 54.80 41.94 12.02
C GLU A 181 54.33 41.07 13.19
N GLU A 182 54.47 39.76 13.03
CA GLU A 182 54.07 38.76 14.07
C GLU A 182 54.93 38.87 15.33
N TYR A 183 56.24 39.10 15.17
CA TYR A 183 57.15 39.11 16.32
C TYR A 183 57.98 40.39 16.39
N ALA A 184 58.26 40.85 17.61
CA ALA A 184 59.06 42.05 17.80
C ALA A 184 59.68 42.10 19.19
N VAL A 185 60.53 43.10 19.42
CA VAL A 185 61.29 43.24 20.66
C VAL A 185 60.77 44.44 21.46
N VAL A 186 60.94 44.40 22.78
CA VAL A 186 60.36 45.41 23.68
C VAL A 186 61.41 46.36 24.28
N ALA A 187 62.13 47.07 23.44
CA ALA A 187 63.08 48.08 23.90
C ALA A 187 62.40 49.15 24.76
N GLN A 188 63.19 49.90 25.55
CA GLN A 188 62.61 50.94 26.42
C GLN A 188 61.75 51.96 25.68
N ASP A 189 62.00 52.16 24.38
CA ASP A 189 61.23 53.12 23.60
C ASP A 189 59.93 52.51 23.05
N THR A 190 59.82 51.19 23.12
CA THR A 190 58.63 50.50 22.62
C THR A 190 57.43 50.85 23.48
N ILE A 191 56.29 51.08 22.83
CA ILE A 191 55.09 51.55 23.50
C ILE A 191 54.17 50.40 23.91
N ILE A 192 54.10 50.12 25.21
CA ILE A 192 53.28 49.03 25.72
C ILE A 192 51.86 49.49 26.03
N HIS A 193 50.89 49.00 25.27
CA HIS A 193 49.49 49.30 25.50
C HIS A 193 48.76 48.11 26.13
N TRP A 194 48.34 48.26 27.38
CA TRP A 194 47.44 47.31 28.02
C TRP A 194 46.08 48.00 28.16
N GLU A 195 45.04 47.15 28.08
CA GLU A 195 43.59 47.47 28.24
C GLU A 195 43.01 46.57 29.36
N GLY A 196 41.87 46.95 29.93
CA GLY A 196 41.23 46.17 31.01
C GLY A 196 40.15 45.25 30.47
N GLU A 197 40.48 44.45 29.45
CA GLU A 197 39.52 43.49 28.85
C GLU A 197 39.79 42.09 29.43
N PRO A 198 39.59 41.85 30.74
CA PRO A 198 39.48 40.48 31.25
C PRO A 198 38.55 39.63 30.35
N ILE A 199 39.09 38.57 29.76
CA ILE A 199 38.33 37.69 28.89
C ILE A 199 38.29 36.27 29.44
N ASN A 200 37.44 35.46 28.81
CA ASN A 200 37.31 34.00 29.05
C ASN A 200 37.69 33.26 27.76
N ARG A 201 37.97 34.01 26.69
CA ARG A 201 38.04 33.56 25.28
C ARG A 201 39.21 32.59 25.07
N GLU A 202 40.33 32.83 25.75
CA GLU A 202 41.56 32.01 25.55
C GLU A 202 41.26 30.54 25.83
N ASP A 203 40.51 30.23 26.88
CA ASP A 203 40.18 28.81 27.16
C ASP A 203 39.39 28.24 25.97
N GLU A 204 38.41 29.00 25.48
CA GLU A 204 37.58 28.60 24.32
C GLU A 204 38.45 28.52 23.06
N GLU A 205 39.34 29.50 22.87
CA GLU A 205 40.24 29.58 21.69
C GLU A 205 41.19 28.37 21.66
N ASN A 206 41.71 27.97 22.83
CA ASN A 206 42.64 26.82 22.89
C ASN A 206 41.92 25.54 22.45
N ASN A 207 40.67 25.37 22.89
CA ASN A 207 39.90 24.12 22.58
C ASN A 207 39.65 23.96 21.07
N MET A 208 39.21 25.02 20.38
CA MET A 208 38.95 24.87 18.91
C MET A 208 40.26 24.60 18.17
N ASN A 209 41.31 25.36 18.49
CA ASN A 209 42.65 25.18 17.86
C ASN A 209 43.19 23.81 18.29
N GLU A 210 43.00 23.48 19.56
CA GLU A 210 43.46 22.20 20.18
C GLU A 210 43.13 20.98 19.29
N VAL A 211 43.89 19.90 19.43
CA VAL A 211 43.66 18.66 18.64
C VAL A 211 44.20 18.86 17.22
N GLY A 212 45.30 18.18 16.89
CA GLY A 212 45.92 18.28 15.54
C GLY A 212 45.85 16.94 14.83
N TYR A 213 47.00 16.26 14.71
CA TYR A 213 47.05 14.95 14.05
C TYR A 213 47.45 13.83 14.99
N ASP A 214 47.81 14.14 16.23
CA ASP A 214 48.22 13.13 17.19
C ASP A 214 47.07 12.62 18.05
N ASP A 215 45.86 13.14 17.84
CA ASP A 215 44.68 12.70 18.59
C ASP A 215 43.85 11.68 17.83
N ILE A 216 44.25 11.37 16.60
CA ILE A 216 43.52 10.39 15.74
C ILE A 216 44.40 9.15 15.59
N GLY A 217 43.98 8.02 16.19
CA GLY A 217 44.78 6.78 16.13
C GLY A 217 44.02 5.61 15.54
N GLY A 218 44.72 4.77 14.77
CA GLY A 218 44.16 3.58 14.15
C GLY A 218 43.80 3.72 12.69
N CYS A 219 44.07 4.86 12.07
CA CYS A 219 43.69 5.19 10.71
C CYS A 219 44.86 5.80 9.95
N ARG A 220 46.01 5.11 10.01
CA ARG A 220 47.28 5.67 9.54
C ARG A 220 47.28 5.92 8.03
N LYS A 221 46.77 4.97 7.25
CA LYS A 221 46.79 5.11 5.79
C LYS A 221 45.85 6.20 5.31
N GLN A 222 44.62 6.24 5.85
CA GLN A 222 43.68 7.29 5.49
C GLN A 222 44.15 8.65 5.99
N MET A 223 44.81 8.69 7.15
CA MET A 223 45.35 9.95 7.67
C MET A 223 46.48 10.46 6.80
N ALA A 224 47.37 9.56 6.33
CA ALA A 224 48.43 9.97 5.43
C ALA A 224 47.89 10.42 4.08
N GLN A 225 46.83 9.76 3.59
CA GLN A 225 46.23 10.17 2.32
C GLN A 225 45.54 11.54 2.44
N ILE A 226 44.86 11.78 3.57
CA ILE A 226 44.20 13.07 3.80
C ILE A 226 45.25 14.17 3.98
N ARG A 227 46.34 13.86 4.69
CA ARG A 227 47.43 14.83 4.87
C ARG A 227 48.10 15.17 3.55
N GLU A 228 48.28 14.17 2.68
CA GLU A 228 48.82 14.41 1.34
C GLU A 228 47.86 15.28 0.52
N MET A 229 46.56 14.97 0.58
CA MET A 229 45.56 15.70 -0.19
C MET A 229 45.35 17.14 0.31
N VAL A 230 45.70 17.45 1.56
CA VAL A 230 45.60 18.82 2.04
C VAL A 230 46.95 19.53 1.99
N GLU A 231 48.05 18.78 1.83
CA GLU A 231 49.36 19.40 1.86
C GLU A 231 49.87 19.70 0.44
N LEU A 232 49.82 18.71 -0.45
CA LEU A 232 50.43 18.83 -1.77
C LEU A 232 49.74 19.82 -2.72
N PRO A 233 48.38 19.85 -2.89
CA PRO A 233 47.82 20.85 -3.81
C PRO A 233 47.76 22.25 -3.21
N LEU A 234 47.89 22.35 -1.90
CA LEU A 234 47.71 23.64 -1.22
C LEU A 234 49.00 24.42 -1.01
N ARG A 235 50.14 23.74 -0.87
CA ARG A 235 51.41 24.43 -0.61
C ARG A 235 52.29 24.49 -1.85
N HIS A 236 52.59 23.34 -2.46
CA HIS A 236 53.49 23.29 -3.61
C HIS A 236 52.88 22.44 -4.72
N PRO A 237 52.23 23.06 -5.71
CA PRO A 237 51.76 22.32 -6.89
C PRO A 237 52.84 22.04 -7.93
N GLN A 238 54.09 22.46 -7.66
CA GLN A 238 55.18 22.25 -8.60
C GLN A 238 55.55 20.78 -8.73
N LEU A 239 55.33 19.97 -7.69
CA LEU A 239 55.60 18.54 -7.78
C LEU A 239 54.62 17.87 -8.75
N PHE A 240 53.32 18.19 -8.62
CA PHE A 240 52.32 17.68 -9.56
C PHE A 240 52.48 18.27 -10.95
N LYS A 241 53.05 19.47 -11.06
CA LYS A 241 53.37 20.01 -12.38
C LYS A 241 54.58 19.29 -12.99
N ALA A 242 55.50 18.83 -12.16
CA ALA A 242 56.68 18.13 -12.65
C ALA A 242 56.36 16.70 -13.08
N ILE A 243 55.55 15.99 -12.30
CA ILE A 243 55.12 14.64 -12.69
C ILE A 243 54.09 14.69 -13.82
N GLY A 244 53.06 15.49 -13.67
CA GLY A 244 52.08 15.65 -14.73
C GLY A 244 50.72 15.06 -14.40
N ILE A 245 50.39 15.01 -13.11
CA ILE A 245 49.11 14.50 -12.63
C ILE A 245 48.34 15.67 -12.02
N LYS A 246 47.10 15.85 -12.45
CA LYS A 246 46.27 16.94 -11.94
C LYS A 246 45.84 16.62 -10.51
N PRO A 247 46.01 17.55 -9.57
CA PRO A 247 45.61 17.29 -8.18
C PRO A 247 44.09 17.32 -8.04
N PRO A 248 43.52 16.39 -7.28
CA PRO A 248 42.07 16.39 -7.08
C PRO A 248 41.62 17.50 -6.15
N ARG A 249 40.47 18.08 -6.45
CA ARG A 249 39.93 19.19 -5.66
C ARG A 249 38.64 18.78 -4.97
N GLY A 250 38.60 17.57 -4.43
CA GLY A 250 37.43 17.07 -3.75
C GLY A 250 37.65 15.71 -3.12
N VAL A 251 37.19 15.53 -1.88
CA VAL A 251 37.35 14.28 -1.16
C VAL A 251 36.05 13.97 -0.43
N LEU A 252 35.63 12.71 -0.48
CA LEU A 252 34.42 12.24 0.18
C LEU A 252 34.79 11.29 1.31
N MET A 253 34.16 11.48 2.47
CA MET A 253 34.38 10.64 3.64
C MET A 253 33.09 9.91 3.99
N TYR A 254 33.13 8.58 3.89
CA TYR A 254 31.99 7.74 4.26
C TYR A 254 32.46 6.66 5.23
N GLY A 255 31.50 5.89 5.72
CA GLY A 255 31.79 4.82 6.66
C GLY A 255 30.76 4.75 7.78
N PRO A 256 31.07 3.98 8.82
CA PRO A 256 30.15 3.89 9.96
C PRO A 256 30.18 5.16 10.78
N PRO A 257 29.10 5.46 11.50
CA PRO A 257 29.10 6.68 12.34
C PRO A 257 29.98 6.52 13.56
N GLY A 258 30.62 7.63 13.94
CA GLY A 258 31.55 7.62 15.04
C GLY A 258 32.87 6.97 14.68
N THR A 259 33.55 7.55 13.70
CA THR A 259 34.80 6.99 13.21
C THR A 259 35.95 8.01 13.17
N GLY A 260 35.67 9.28 12.92
CA GLY A 260 36.72 10.28 13.00
C GLY A 260 36.80 11.25 11.84
N LYS A 261 35.73 11.37 11.05
CA LYS A 261 35.72 12.30 9.93
C LYS A 261 35.65 13.75 10.41
N THR A 262 34.83 14.03 11.42
CA THR A 262 34.77 15.38 11.98
C THR A 262 36.05 15.73 12.71
N LEU A 263 36.67 14.74 13.36
CA LEU A 263 37.97 14.97 14.02
C LEU A 263 39.06 15.24 13.00
N MET A 264 39.03 14.55 11.86
CA MET A 264 39.96 14.82 10.78
C MET A 264 39.75 16.22 10.19
N ALA A 265 38.48 16.63 10.04
CA ALA A 265 38.19 17.97 9.54
C ALA A 265 38.66 19.05 10.50
N ARG A 266 38.50 18.82 11.81
CA ARG A 266 38.98 19.78 12.81
C ARG A 266 40.50 19.83 12.84
N ALA A 267 41.17 18.68 12.68
CA ALA A 267 42.62 18.66 12.66
C ALA A 267 43.18 19.36 11.41
N VAL A 268 42.51 19.18 10.27
CA VAL A 268 42.92 19.87 9.05
C VAL A 268 42.67 21.38 9.16
N ALA A 269 41.55 21.77 9.78
CA ALA A 269 41.26 23.20 9.96
C ALA A 269 42.20 23.84 10.96
N ASN A 270 42.74 23.06 11.90
CA ASN A 270 43.66 23.60 12.90
C ASN A 270 45.12 23.56 12.47
N GLU A 271 45.50 22.68 11.54
CA GLU A 271 46.91 22.54 11.19
C GLU A 271 47.38 23.60 10.20
N THR A 272 46.49 24.46 9.71
CA THR A 272 46.85 25.51 8.77
C THR A 272 46.20 26.82 9.21
N GLY A 273 46.95 27.91 9.15
CA GLY A 273 46.44 29.21 9.53
C GLY A 273 45.74 29.96 8.42
N ALA A 274 45.34 29.24 7.37
CA ALA A 274 44.60 29.82 6.27
C ALA A 274 43.12 29.93 6.63
N PHE A 275 42.34 30.39 5.65
CA PHE A 275 40.91 30.62 5.88
C PHE A 275 40.14 29.31 5.90
N PHE A 276 39.09 29.26 6.70
CA PHE A 276 38.26 28.07 6.85
C PHE A 276 36.79 28.52 6.94
N PHE A 277 36.14 28.60 5.78
CA PHE A 277 34.73 28.96 5.72
C PHE A 277 33.90 27.71 6.00
N LEU A 278 33.24 27.68 7.16
CA LEU A 278 32.53 26.49 7.63
C LEU A 278 31.03 26.69 7.44
N ILE A 279 30.46 25.95 6.49
CA ILE A 279 29.01 25.88 6.30
C ILE A 279 28.59 24.42 6.41
N ASN A 280 27.34 24.20 6.79
CA ASN A 280 26.81 22.86 6.95
C ASN A 280 25.68 22.61 5.95
N GLY A 281 25.06 21.44 6.07
CA GLY A 281 24.05 21.01 5.13
C GLY A 281 22.74 21.79 5.16
N PRO A 282 21.96 21.65 6.22
CA PRO A 282 20.65 22.32 6.27
C PRO A 282 20.65 23.75 6.80
N GLU A 283 21.81 24.39 6.94
CA GLU A 283 21.88 25.76 7.43
C GLU A 283 22.09 26.77 6.31
N VAL A 284 22.09 26.32 5.05
CA VAL A 284 22.27 27.25 3.94
C VAL A 284 20.96 27.87 3.48
N MET A 285 19.83 27.46 4.04
CA MET A 285 18.52 27.92 3.61
C MET A 285 18.17 29.26 4.25
N SER A 286 17.11 29.88 3.73
CA SER A 286 16.62 31.15 4.25
C SER A 286 15.12 31.23 3.98
N LYS A 287 14.45 32.06 4.77
CA LYS A 287 13.00 32.19 4.66
C LYS A 287 12.54 33.17 3.59
N MET A 288 13.47 33.84 2.92
CA MET A 288 13.11 34.80 1.89
C MET A 288 12.98 34.11 0.53
N ALA A 289 12.86 34.90 -0.53
CA ALA A 289 12.53 34.38 -1.85
C ALA A 289 13.80 34.04 -2.61
N GLY A 290 14.35 32.86 -2.31
CA GLY A 290 15.47 32.33 -3.08
C GLY A 290 16.80 33.02 -2.92
N GLU A 291 17.41 32.89 -1.73
CA GLU A 291 18.73 33.46 -1.49
C GLU A 291 19.75 32.43 -1.01
N SER A 292 19.40 31.14 -1.01
CA SER A 292 20.37 30.10 -0.67
C SER A 292 21.45 29.99 -1.74
N GLU A 293 21.10 30.25 -3.01
CA GLU A 293 22.10 30.32 -4.06
C GLU A 293 23.05 31.49 -3.85
N SER A 294 22.54 32.62 -3.34
CA SER A 294 23.42 33.74 -3.01
C SER A 294 24.28 33.45 -1.80
N ASN A 295 23.78 32.64 -0.85
CA ASN A 295 24.61 32.22 0.27
C ASN A 295 25.74 31.29 -0.18
N LEU A 296 25.45 30.36 -1.10
CA LEU A 296 26.50 29.51 -1.65
C LEU A 296 27.50 30.32 -2.47
N ARG A 297 27.01 31.32 -3.21
CA ARG A 297 27.88 32.18 -4.01
C ARG A 297 28.78 33.03 -3.14
N LYS A 298 28.23 33.58 -2.04
CA LYS A 298 29.06 34.39 -1.15
C LYS A 298 30.03 33.54 -0.34
N ALA A 299 29.67 32.27 -0.05
CA ALA A 299 30.60 31.37 0.60
C ALA A 299 31.77 31.03 -0.32
N PHE A 300 31.48 30.75 -1.60
CA PHE A 300 32.54 30.46 -2.56
C PHE A 300 33.39 31.69 -2.85
N GLU A 301 32.78 32.88 -2.89
CA GLU A 301 33.58 34.08 -3.18
C GLU A 301 34.38 34.53 -1.95
N GLU A 302 33.94 34.20 -0.74
CA GLU A 302 34.77 34.45 0.44
C GLU A 302 35.87 33.41 0.59
N ALA A 303 35.66 32.19 0.09
CA ALA A 303 36.75 31.23 0.00
C ALA A 303 37.75 31.60 -1.09
N GLU A 304 37.30 32.28 -2.14
CA GLU A 304 38.18 32.68 -3.24
C GLU A 304 38.91 34.00 -2.98
N LYS A 305 38.32 34.89 -2.18
CA LYS A 305 38.86 36.25 -2.08
C LYS A 305 40.08 36.31 -1.17
N ASN A 306 40.11 35.53 -0.09
CA ASN A 306 41.16 35.67 0.91
C ASN A 306 42.46 35.01 0.48
N ALA A 307 42.43 33.70 0.29
CA ALA A 307 43.64 32.91 0.08
C ALA A 307 43.25 31.60 -0.58
N PRO A 308 44.23 30.82 -1.08
CA PRO A 308 43.94 29.42 -1.40
C PRO A 308 43.62 28.65 -0.13
N ALA A 309 42.35 28.28 0.03
CA ALA A 309 41.86 27.79 1.31
C ALA A 309 41.17 26.44 1.17
N ILE A 310 40.48 26.00 2.22
CA ILE A 310 39.82 24.71 2.24
C ILE A 310 38.39 24.92 2.73
N ILE A 311 37.46 24.11 2.19
CA ILE A 311 36.04 24.19 2.51
C ILE A 311 35.61 22.85 3.05
N PHE A 312 34.90 22.84 4.18
CA PHE A 312 34.33 21.63 4.75
C PHE A 312 32.82 21.77 4.77
N ILE A 313 32.14 21.03 3.90
CA ILE A 313 30.69 21.00 3.85
C ILE A 313 30.23 19.73 4.57
N ASP A 314 29.58 19.91 5.71
CA ASP A 314 29.17 18.79 6.55
C ASP A 314 27.72 18.42 6.27
N GLU A 315 27.44 17.11 6.30
CA GLU A 315 26.11 16.51 6.13
C GLU A 315 25.48 16.92 4.80
N ILE A 316 26.11 16.44 3.72
CA ILE A 316 25.65 16.74 2.36
C ILE A 316 24.47 15.90 1.94
N ASP A 317 24.00 14.97 2.78
CA ASP A 317 22.80 14.20 2.47
C ASP A 317 21.54 15.05 2.51
N SER A 318 21.54 16.14 3.29
CA SER A 318 20.43 17.09 3.27
C SER A 318 20.50 18.04 2.08
N ILE A 319 21.65 18.10 1.41
CA ILE A 319 21.83 18.93 0.23
C ILE A 319 21.55 18.15 -1.04
N ALA A 320 22.13 16.96 -1.18
CA ALA A 320 21.95 16.11 -2.35
C ALA A 320 20.93 15.02 -2.05
N PRO A 321 19.71 15.12 -2.56
CA PRO A 321 18.68 14.12 -2.24
C PRO A 321 18.65 12.95 -3.22
N LYS A 322 19.73 12.76 -3.99
CA LYS A 322 20.00 11.75 -5.03
C LYS A 322 19.13 12.02 -6.27
N ARG A 323 18.39 13.13 -6.31
CA ARG A 323 17.53 13.59 -7.40
C ARG A 323 16.44 12.58 -7.79
N ASP A 324 16.09 11.66 -6.89
CA ASP A 324 15.09 10.64 -7.16
C ASP A 324 13.94 10.64 -6.16
N LYS A 325 14.20 10.86 -4.88
CA LYS A 325 13.16 10.88 -3.86
C LYS A 325 12.75 12.29 -3.47
N THR A 326 13.16 13.30 -4.23
CA THR A 326 12.77 14.67 -3.98
C THR A 326 11.62 15.07 -4.89
N ASN A 327 10.83 16.04 -4.43
CA ASN A 327 9.67 16.51 -5.19
C ASN A 327 9.64 18.02 -5.40
N GLY A 328 10.55 18.77 -4.79
CA GLY A 328 10.53 20.22 -4.87
C GLY A 328 11.44 20.76 -5.96
N GLU A 329 11.42 22.09 -6.09
CA GLU A 329 12.23 22.81 -7.07
C GLU A 329 13.37 23.57 -6.42
N VAL A 330 13.21 23.96 -5.16
CA VAL A 330 14.24 24.72 -4.46
C VAL A 330 15.47 23.86 -4.20
N GLU A 331 15.26 22.59 -3.81
CA GLU A 331 16.38 21.69 -3.57
C GLU A 331 17.09 21.33 -4.87
N ARG A 332 16.34 21.21 -5.96
CA ARG A 332 16.96 20.99 -7.27
C ARG A 332 17.76 22.20 -7.72
N ARG A 333 17.29 23.41 -7.40
CA ARG A 333 18.07 24.61 -7.70
C ARG A 333 19.31 24.69 -6.82
N VAL A 334 19.23 24.21 -5.57
CA VAL A 334 20.40 24.15 -4.70
C VAL A 334 21.44 23.17 -5.27
N VAL A 335 20.98 22.01 -5.74
CA VAL A 335 21.88 21.02 -6.33
C VAL A 335 22.52 21.55 -7.62
N SER A 336 21.73 22.25 -8.45
CA SER A 336 22.26 22.82 -9.69
C SER A 336 23.24 23.95 -9.41
N GLN A 337 22.97 24.77 -8.39
CA GLN A 337 23.87 25.88 -8.05
C GLN A 337 25.18 25.36 -7.46
N LEU A 338 25.12 24.31 -6.64
CA LEU A 338 26.34 23.72 -6.12
C LEU A 338 27.12 22.98 -7.21
N LEU A 339 26.42 22.42 -8.21
CA LEU A 339 27.12 21.79 -9.33
C LEU A 339 27.81 22.83 -10.20
N THR A 340 27.17 23.99 -10.41
CA THR A 340 27.81 25.04 -11.20
C THR A 340 28.95 25.70 -10.42
N LEU A 341 28.82 25.79 -9.09
CA LEU A 341 29.87 26.38 -8.27
C LEU A 341 31.00 25.41 -7.97
N MET A 342 30.79 24.10 -8.21
CA MET A 342 31.86 23.13 -8.04
C MET A 342 32.62 22.86 -9.34
N ASP A 343 31.98 23.05 -10.49
CA ASP A 343 32.62 22.76 -11.75
C ASP A 343 33.47 23.94 -12.23
N GLY A 344 32.97 25.16 -12.10
CA GLY A 344 33.65 26.33 -12.62
C GLY A 344 34.81 26.84 -11.77
N MET A 345 35.83 26.00 -11.57
CA MET A 345 37.03 26.36 -10.84
C MET A 345 38.22 26.28 -11.78
N LYS A 346 38.94 27.40 -11.95
CA LYS A 346 40.07 27.46 -12.85
C LYS A 346 41.33 27.02 -12.11
N ALA A 347 42.49 27.16 -12.76
CA ALA A 347 43.75 26.72 -12.16
C ALA A 347 44.25 27.70 -11.11
N ARG A 348 43.89 28.98 -11.26
CA ARG A 348 44.34 30.00 -10.31
C ARG A 348 43.45 30.09 -9.08
N SER A 349 42.40 29.28 -8.99
CA SER A 349 41.56 29.26 -7.79
C SER A 349 42.27 28.53 -6.65
N ASN A 350 42.61 27.26 -6.89
CA ASN A 350 43.42 26.41 -5.99
C ASN A 350 42.77 26.23 -4.62
N VAL A 351 41.58 25.65 -4.63
CA VAL A 351 40.86 25.30 -3.41
C VAL A 351 40.37 23.86 -3.54
N VAL A 352 40.36 23.14 -2.42
CA VAL A 352 39.82 21.78 -2.36
C VAL A 352 38.69 21.77 -1.34
N VAL A 353 37.83 20.77 -1.45
CA VAL A 353 36.66 20.65 -0.58
C VAL A 353 36.67 19.30 0.12
N ILE A 354 36.14 19.29 1.35
CA ILE A 354 35.97 18.07 2.14
C ILE A 354 34.49 17.95 2.47
N ALA A 355 33.96 16.73 2.30
CA ALA A 355 32.56 16.48 2.62
C ALA A 355 32.45 15.21 3.45
N ALA A 356 31.97 15.34 4.67
CA ALA A 356 31.70 14.22 5.55
C ALA A 356 30.30 13.70 5.27
N THR A 357 30.16 12.37 5.25
CA THR A 357 28.92 11.74 4.80
C THR A 357 28.70 10.47 5.59
N ASN A 358 27.49 10.32 6.14
CA ASN A 358 27.19 9.16 6.96
C ASN A 358 26.92 7.92 6.11
N ARG A 359 25.95 7.99 5.20
CA ARG A 359 25.57 6.83 4.41
C ARG A 359 26.11 6.96 2.98
N PRO A 360 26.73 5.91 2.44
CA PRO A 360 27.35 6.00 1.11
C PRO A 360 26.45 5.64 -0.06
N ASN A 361 25.14 5.46 0.17
CA ASN A 361 24.25 5.03 -0.90
C ASN A 361 23.34 6.13 -1.44
N SER A 362 22.98 7.10 -0.61
CA SER A 362 22.11 8.20 -1.05
C SER A 362 22.92 9.38 -1.57
N ILE A 363 23.78 9.13 -2.55
CA ILE A 363 24.64 10.14 -3.14
C ILE A 363 24.20 10.36 -4.58
N ASP A 364 24.15 11.62 -5.00
CA ASP A 364 23.79 11.97 -6.37
C ASP A 364 24.87 11.52 -7.34
N PRO A 365 24.55 10.73 -8.37
CA PRO A 365 25.55 10.40 -9.39
C PRO A 365 26.01 11.59 -10.22
N ALA A 366 25.21 12.66 -10.30
CA ALA A 366 25.68 13.89 -10.91
C ALA A 366 26.72 14.60 -10.05
N LEU A 367 26.62 14.47 -8.73
CA LEU A 367 27.65 14.96 -7.82
C LEU A 367 28.85 14.03 -7.75
N ARG A 368 28.68 12.75 -8.09
CA ARG A 368 29.78 11.81 -8.17
C ARG A 368 30.40 11.76 -9.56
N ARG A 369 30.20 12.80 -10.37
CA ARG A 369 30.79 12.86 -11.69
C ARG A 369 32.30 13.11 -11.60
N PHE A 370 33.01 12.74 -12.66
CA PHE A 370 34.46 12.89 -12.72
C PHE A 370 34.82 14.36 -12.82
N GLY A 371 35.40 14.92 -11.75
CA GLY A 371 35.79 16.30 -11.76
C GLY A 371 35.52 17.04 -10.46
N ARG A 372 34.54 16.55 -9.69
CA ARG A 372 34.17 17.18 -8.42
C ARG A 372 34.48 16.29 -7.23
N PHE A 373 33.98 15.05 -7.21
CA PHE A 373 34.22 14.11 -6.11
C PHE A 373 34.72 12.80 -6.71
N ASP A 374 36.02 12.54 -6.57
CA ASP A 374 36.64 11.37 -7.16
C ASP A 374 37.45 10.51 -6.20
N ARG A 375 38.04 11.09 -5.15
CA ARG A 375 38.89 10.35 -4.21
C ARG A 375 38.09 10.11 -2.94
N GLU A 376 37.41 8.97 -2.90
CA GLU A 376 36.62 8.57 -1.74
C GLU A 376 37.47 7.70 -0.82
N VAL A 377 37.69 8.16 0.40
CA VAL A 377 38.43 7.38 1.38
C VAL A 377 37.46 6.51 2.16
N ASP A 378 37.97 5.39 2.68
CA ASP A 378 37.18 4.41 3.40
C ASP A 378 37.75 4.24 4.81
N ILE A 379 37.29 5.09 5.72
CA ILE A 379 37.72 5.04 7.11
C ILE A 379 36.87 4.01 7.84
N GLY A 380 37.37 2.77 7.90
CA GLY A 380 36.62 1.67 8.48
C GLY A 380 36.82 1.53 9.97
N ILE A 381 36.35 0.39 10.48
CA ILE A 381 36.47 0.06 11.90
C ILE A 381 37.91 -0.32 12.20
N PRO A 382 38.44 0.03 13.37
CA PRO A 382 39.84 -0.31 13.68
C PRO A 382 40.00 -1.76 14.10
N ASP A 383 41.25 -2.22 14.00
CA ASP A 383 41.64 -3.56 14.43
C ASP A 383 42.09 -3.49 15.89
N ALA A 384 42.77 -4.54 16.37
CA ALA A 384 43.23 -4.56 17.75
C ALA A 384 44.34 -3.54 17.99
N THR A 385 45.23 -3.36 17.02
CA THR A 385 46.28 -2.35 17.14
C THR A 385 45.70 -0.95 17.09
N GLY A 386 44.68 -0.73 16.26
CA GLY A 386 44.00 0.54 16.24
C GLY A 386 43.22 0.82 17.51
N ARG A 387 42.64 -0.23 18.11
CA ARG A 387 41.96 -0.08 19.39
C ARG A 387 42.96 0.25 20.50
N LEU A 388 44.16 -0.35 20.45
CA LEU A 388 45.23 0.01 21.37
C LEU A 388 45.67 1.45 21.17
N GLU A 389 45.68 1.93 19.93
CA GLU A 389 46.08 3.30 19.65
C GLU A 389 45.05 4.30 20.20
N VAL A 390 43.76 4.03 19.98
CA VAL A 390 42.72 4.93 20.51
C VAL A 390 42.65 4.85 22.03
N LEU A 391 42.94 3.67 22.62
CA LEU A 391 43.01 3.56 24.07
C LEU A 391 44.17 4.36 24.64
N ARG A 392 45.36 4.27 24.02
CA ARG A 392 46.50 5.04 24.51
C ARG A 392 46.35 6.54 24.21
N ILE A 393 45.48 6.90 23.27
CA ILE A 393 45.21 8.31 23.01
C ILE A 393 44.25 8.87 24.07
N HIS A 394 43.18 8.14 24.38
CA HIS A 394 42.12 8.69 25.21
C HIS A 394 42.48 8.76 26.69
N THR A 395 42.77 7.62 27.31
CA THR A 395 42.89 7.56 28.77
C THR A 395 44.26 7.96 29.30
N LYS A 396 45.13 8.52 28.46
CA LYS A 396 46.46 8.94 28.90
C LYS A 396 46.46 10.29 29.62
N ASN A 397 45.29 10.92 29.81
CA ASN A 397 45.21 12.23 30.44
C ASN A 397 44.49 12.17 31.78
N MET A 398 44.77 11.16 32.59
CA MET A 398 44.14 11.00 33.89
C MET A 398 45.03 10.21 34.82
N LYS A 399 44.80 10.38 36.13
CA LYS A 399 45.44 9.55 37.15
C LYS A 399 44.82 8.16 37.09
N LEU A 400 45.42 7.27 36.32
CA LEU A 400 44.67 6.11 35.83
C LEU A 400 44.63 4.99 36.88
N ALA A 401 45.77 4.35 37.13
CA ALA A 401 45.82 3.14 37.94
C ALA A 401 47.26 2.73 38.26
N ASP A 402 47.42 1.54 38.84
CA ASP A 402 48.72 0.93 39.03
C ASP A 402 48.74 -0.54 38.62
N ASP A 403 47.60 -1.10 38.20
CA ASP A 403 47.50 -2.52 37.84
C ASP A 403 46.69 -2.69 36.56
N VAL A 404 46.99 -1.89 35.54
CA VAL A 404 46.20 -1.84 34.31
C VAL A 404 47.01 -2.45 33.18
N ASP A 405 46.32 -3.11 32.25
CA ASP A 405 46.92 -3.58 30.99
C ASP A 405 45.90 -3.33 29.88
N LEU A 406 46.25 -2.44 28.95
CA LEU A 406 45.34 -2.09 27.85
C LEU A 406 45.31 -3.14 26.76
N GLU A 407 46.25 -4.10 26.76
CA GLU A 407 46.29 -5.13 25.73
C GLU A 407 45.10 -6.07 25.84
N ALA A 408 44.78 -6.52 27.06
CA ALA A 408 43.61 -7.38 27.25
C ALA A 408 42.32 -6.61 27.03
N LEU A 409 42.32 -5.31 27.35
CA LEU A 409 41.13 -4.48 27.13
C LEU A 409 40.87 -4.28 25.64
N ALA A 410 41.92 -4.17 24.84
CA ALA A 410 41.75 -4.08 23.39
C ALA A 410 41.52 -5.44 22.74
N ALA A 411 41.96 -6.53 23.37
CA ALA A 411 41.74 -7.85 22.80
C ALA A 411 40.33 -8.36 23.06
N GLU A 412 39.78 -8.08 24.25
CA GLU A 412 38.43 -8.51 24.56
C GLU A 412 37.39 -7.68 23.83
N THR A 413 37.69 -6.40 23.58
CA THR A 413 36.77 -5.54 22.84
C THR A 413 36.94 -5.78 21.34
N HIS A 414 35.84 -6.08 20.66
CA HIS A 414 35.87 -6.47 19.26
C HIS A 414 35.19 -5.48 18.33
N GLY A 415 33.94 -5.13 18.58
CA GLY A 415 33.15 -4.36 17.65
C GLY A 415 33.03 -2.88 17.93
N TYR A 416 33.83 -2.32 18.82
CA TYR A 416 33.73 -0.89 19.11
C TYR A 416 34.44 -0.07 18.06
N VAL A 417 33.95 1.15 17.84
CA VAL A 417 34.55 2.04 16.85
C VAL A 417 34.49 3.50 17.27
N GLY A 418 35.66 4.11 17.43
CA GLY A 418 35.80 5.55 17.50
C GLY A 418 35.31 6.22 18.78
N ALA A 419 33.99 6.25 18.97
CA ALA A 419 33.42 6.99 20.09
C ALA A 419 33.02 6.06 21.23
N ASP A 420 32.87 4.77 20.95
CA ASP A 420 32.47 3.82 21.99
C ASP A 420 33.58 3.59 23.00
N ILE A 421 34.84 3.76 22.59
CA ILE A 421 35.95 3.65 23.53
C ILE A 421 35.97 4.84 24.47
N ALA A 422 35.66 6.04 23.95
CA ALA A 422 35.55 7.22 24.81
C ALA A 422 34.35 7.11 25.75
N SER A 423 33.26 6.51 25.28
CA SER A 423 32.13 6.23 26.16
C SER A 423 32.49 5.19 27.22
N LEU A 424 33.34 4.23 26.88
CA LEU A 424 33.82 3.25 27.85
C LEU A 424 34.67 3.90 28.93
N CYS A 425 35.57 4.82 28.54
CA CYS A 425 36.38 5.54 29.52
C CYS A 425 35.53 6.46 30.40
N SER A 426 34.53 7.11 29.80
CA SER A 426 33.64 7.97 30.58
C SER A 426 32.78 7.16 31.56
N GLU A 427 32.30 5.98 31.14
CA GLU A 427 31.55 5.12 32.05
C GLU A 427 32.43 4.54 33.13
N ALA A 428 33.71 4.28 32.84
CA ALA A 428 34.63 3.81 33.87
C ALA A 428 34.92 4.91 34.89
N ALA A 429 35.04 6.16 34.42
CA ALA A 429 35.24 7.28 35.34
C ALA A 429 34.00 7.52 36.20
N MET A 430 32.80 7.40 35.61
CA MET A 430 31.58 7.54 36.38
C MET A 430 31.39 6.40 37.37
N GLN A 431 31.82 5.18 37.01
CA GLN A 431 31.77 4.06 37.94
C GLN A 431 32.75 4.23 39.09
N GLN A 432 33.93 4.80 38.82
CA GLN A 432 34.88 5.10 39.89
C GLN A 432 34.34 6.18 40.82
N ILE A 433 33.68 7.20 40.25
CA ILE A 433 33.04 8.24 41.06
C ILE A 433 31.92 7.66 41.92
N ARG A 434 31.11 6.76 41.37
CA ARG A 434 30.08 6.09 42.15
C ARG A 434 30.66 5.17 43.22
N GLU A 435 31.82 4.57 42.94
CA GLU A 435 32.44 3.65 43.90
C GLU A 435 33.06 4.40 45.07
N LYS A 436 33.65 5.56 44.81
CA LYS A 436 34.35 6.32 45.84
C LYS A 436 33.51 7.49 46.36
N MET A 437 32.21 7.28 46.53
CA MET A 437 31.32 8.32 47.05
C MET A 437 30.53 7.88 48.28
N ASP A 438 30.08 6.63 48.31
CA ASP A 438 29.21 6.15 49.39
C ASP A 438 29.95 5.85 50.68
N LEU A 439 31.28 5.74 50.64
CA LEU A 439 32.06 5.35 51.81
C LEU A 439 32.99 6.44 52.33
N ILE A 440 33.31 7.46 51.55
CA ILE A 440 34.27 8.48 51.93
C ILE A 440 33.61 9.82 52.22
N ASP A 441 32.28 9.92 52.03
CA ASP A 441 31.43 11.05 52.42
C ASP A 441 31.86 12.36 51.77
N LEU A 442 31.63 12.48 50.45
CA LEU A 442 31.95 13.66 49.67
C LEU A 442 31.38 14.96 50.23
N ASP A 443 30.23 14.91 50.93
CA ASP A 443 29.59 16.07 51.58
C ASP A 443 29.28 17.16 50.57
N GLU A 444 28.27 16.88 49.73
CA GLU A 444 27.91 17.65 48.54
C GLU A 444 27.60 19.14 48.78
N ASP A 445 27.46 19.58 50.04
CA ASP A 445 27.28 21.01 50.29
C ASP A 445 28.57 21.79 50.09
N GLU A 446 29.72 21.22 50.45
CA GLU A 446 31.00 21.88 50.23
C GLU A 446 32.10 20.84 50.01
N ILE A 447 32.90 21.07 48.97
CA ILE A 447 33.88 20.08 48.53
C ILE A 447 35.16 20.22 49.34
N ASP A 448 35.78 19.08 49.65
CA ASP A 448 37.02 19.01 50.40
C ASP A 448 38.19 18.87 49.44
N ALA A 449 39.38 18.58 49.99
CA ALA A 449 40.58 18.38 49.17
C ALA A 449 41.27 17.05 49.47
N GLU A 450 40.58 16.11 50.12
CA GLU A 450 41.18 14.84 50.49
C GLU A 450 40.85 13.73 49.49
N VAL A 451 39.64 13.77 48.91
CA VAL A 451 39.22 12.73 47.98
C VAL A 451 39.76 12.98 46.58
N LEU A 452 40.12 14.22 46.26
CA LEU A 452 40.42 14.59 44.87
C LEU A 452 41.75 14.03 44.38
N ASP A 453 42.73 13.85 45.26
CA ASP A 453 44.00 13.28 44.83
C ASP A 453 44.06 11.77 44.94
N SER A 454 43.17 11.15 45.72
CA SER A 454 43.10 9.69 45.82
C SER A 454 42.04 9.14 44.88
N LEU A 455 42.29 9.31 43.58
CA LEU A 455 41.36 8.90 42.53
C LEU A 455 42.11 8.07 41.50
N GLY A 456 41.71 6.82 41.33
CA GLY A 456 42.29 5.98 40.31
C GLY A 456 41.29 5.02 39.69
N VAL A 457 41.17 5.06 38.36
CA VAL A 457 40.28 4.14 37.65
C VAL A 457 41.02 2.80 37.49
N THR A 458 40.68 1.86 38.37
CA THR A 458 41.37 0.57 38.39
C THR A 458 40.76 -0.37 37.36
N MET A 459 41.13 -1.66 37.43
CA MET A 459 40.66 -2.63 36.46
C MET A 459 39.19 -2.96 36.67
N ASP A 460 38.69 -2.86 37.90
CA ASP A 460 37.31 -3.24 38.19
C ASP A 460 36.32 -2.28 37.56
N ASN A 461 36.64 -0.98 37.54
CA ASN A 461 35.77 0.00 36.90
C ASN A 461 35.75 -0.20 35.38
N PHE A 462 36.88 -0.56 34.78
CA PHE A 462 36.91 -0.83 33.36
C PHE A 462 36.18 -2.12 33.00
N ARG A 463 36.24 -3.14 33.87
CA ARG A 463 35.47 -4.36 33.63
C ARG A 463 33.98 -4.11 33.77
N PHE A 464 33.59 -3.26 34.73
CA PHE A 464 32.17 -2.91 34.89
C PHE A 464 31.68 -2.09 33.71
N ALA A 465 32.53 -1.19 33.19
CA ALA A 465 32.16 -0.41 32.02
C ALA A 465 32.13 -1.25 30.75
N LEU A 466 32.94 -2.31 30.68
CA LEU A 466 32.86 -3.23 29.55
C LEU A 466 31.61 -4.09 29.63
N GLY A 467 31.25 -4.54 30.82
CA GLY A 467 30.04 -5.32 31.00
C GLY A 467 28.75 -4.51 30.97
N ASN A 468 28.83 -3.18 31.10
CA ASN A 468 27.66 -2.32 31.11
C ASN A 468 27.68 -1.36 29.92
N SER A 469 27.99 -1.88 28.74
CA SER A 469 27.99 -1.08 27.51
C SER A 469 27.72 -2.00 26.33
N ASN A 470 27.54 -1.38 25.17
CA ASN A 470 27.20 -2.08 23.94
C ASN A 470 27.75 -1.30 22.77
N PRO A 471 28.02 -1.95 21.63
CA PRO A 471 28.43 -1.21 20.43
C PRO A 471 27.31 -0.32 19.91
N SER A 472 27.72 0.76 19.23
CA SER A 472 26.78 1.75 18.74
C SER A 472 26.00 1.29 17.52
N ALA A 473 26.49 0.27 16.82
CA ALA A 473 25.77 -0.28 15.67
C ALA A 473 24.78 -1.37 16.06
N LEU A 474 24.94 -1.98 17.23
CA LEU A 474 24.06 -3.04 17.72
C LEU A 474 23.24 -2.57 18.91
N ARG A 475 22.88 -1.29 18.94
CA ARG A 475 22.10 -0.76 20.06
C ARG A 475 20.62 -1.11 19.91
N GLU A 476 20.10 -1.05 18.69
CA GLU A 476 18.68 -1.35 18.47
C GLU A 476 18.38 -2.84 18.53
N THR A 477 19.39 -3.70 18.40
CA THR A 477 19.22 -5.15 18.45
C THR A 477 19.90 -5.73 19.68
N VAL A 478 19.71 -5.06 20.83
CA VAL A 478 20.32 -5.51 22.08
C VAL A 478 19.58 -6.74 22.59
N VAL A 479 20.34 -7.77 22.95
CA VAL A 479 19.79 -9.02 23.45
C VAL A 479 19.90 -9.02 24.98
N GLU A 480 18.83 -9.42 25.65
CA GLU A 480 18.83 -9.48 27.11
C GLU A 480 19.76 -10.59 27.60
N SER A 481 20.37 -10.35 28.76
CA SER A 481 21.43 -11.21 29.26
C SER A 481 20.86 -12.50 29.83
N VAL A 482 21.35 -13.63 29.33
CA VAL A 482 20.99 -14.95 29.84
C VAL A 482 22.24 -15.53 30.50
N ASN A 483 22.19 -15.68 31.82
CA ASN A 483 23.34 -16.11 32.60
C ASN A 483 23.49 -17.63 32.49
N VAL A 484 24.09 -18.05 31.38
CA VAL A 484 24.41 -19.45 31.13
C VAL A 484 25.87 -19.53 30.70
N THR A 485 26.56 -20.58 31.11
CA THR A 485 27.96 -20.78 30.81
C THR A 485 28.14 -22.09 30.04
N TRP A 486 29.40 -22.44 29.78
CA TRP A 486 29.71 -23.67 29.06
C TRP A 486 29.62 -24.91 29.94
N ASP A 487 29.50 -24.76 31.25
CA ASP A 487 29.27 -25.89 32.15
C ASP A 487 27.80 -26.07 32.49
N ASP A 488 26.93 -25.17 32.02
CA ASP A 488 25.50 -25.33 32.22
C ASP A 488 24.86 -26.26 31.21
N VAL A 489 25.54 -26.51 30.08
CA VAL A 489 25.02 -27.42 29.06
C VAL A 489 25.59 -28.79 29.36
N GLY A 490 24.78 -29.63 30.01
CA GLY A 490 25.22 -30.98 30.32
C GLY A 490 25.25 -31.86 29.08
N GLY A 491 26.30 -32.68 28.99
CA GLY A 491 26.50 -33.53 27.84
C GLY A 491 27.01 -32.75 26.64
N LEU A 492 27.11 -33.47 25.52
CA LEU A 492 27.57 -32.95 24.21
C LEU A 492 28.95 -32.33 24.32
N ASP A 493 29.89 -33.09 24.90
CA ASP A 493 31.21 -32.56 25.23
C ASP A 493 32.06 -32.34 23.99
N GLU A 494 32.18 -33.36 23.14
CA GLU A 494 32.97 -33.22 21.92
C GLU A 494 32.30 -32.27 20.92
N ILE A 495 30.96 -32.23 20.92
CA ILE A 495 30.22 -31.31 20.06
C ILE A 495 30.47 -29.87 20.48
N LYS A 496 30.39 -29.59 21.79
CA LYS A 496 30.60 -28.23 22.27
C LYS A 496 32.06 -27.81 22.18
N GLU A 497 33.02 -28.75 22.28
CA GLU A 497 34.41 -28.34 22.16
C GLU A 497 34.80 -28.10 20.70
N GLU A 498 34.28 -28.91 19.76
CA GLU A 498 34.53 -28.61 18.36
C GLU A 498 33.77 -27.38 17.90
N LEU A 499 32.63 -27.08 18.53
CA LEU A 499 31.89 -25.86 18.21
C LEU A 499 32.63 -24.62 18.70
N LYS A 500 33.11 -24.64 19.95
CA LYS A 500 33.85 -23.50 20.46
C LYS A 500 35.19 -23.34 19.76
N GLU A 501 35.80 -24.43 19.26
CA GLU A 501 37.01 -24.30 18.45
C GLU A 501 36.70 -23.67 17.09
N THR A 502 35.65 -24.15 16.42
CA THR A 502 35.37 -23.66 15.08
C THR A 502 34.75 -22.27 15.06
N VAL A 503 34.30 -21.74 16.20
CA VAL A 503 33.93 -20.34 16.29
C VAL A 503 35.09 -19.48 16.80
N GLU A 504 35.92 -20.01 17.70
CA GLU A 504 37.01 -19.22 18.26
C GLU A 504 38.22 -19.12 17.32
N TYR A 505 38.31 -19.98 16.30
CA TYR A 505 39.44 -19.93 15.37
C TYR A 505 39.54 -18.66 14.52
N PRO A 506 38.59 -18.31 13.64
CA PRO A 506 38.91 -17.32 12.61
C PRO A 506 38.81 -15.87 13.05
N VAL A 507 38.54 -15.59 14.33
CA VAL A 507 38.33 -14.21 14.77
C VAL A 507 39.45 -13.68 15.66
N LEU A 508 40.33 -14.54 16.17
CA LEU A 508 41.38 -14.09 17.07
C LEU A 508 42.78 -14.40 16.58
N HIS A 509 43.01 -15.61 16.04
CA HIS A 509 44.34 -16.04 15.60
C HIS A 509 44.29 -16.42 14.13
N PRO A 510 44.52 -15.47 13.22
CA PRO A 510 44.52 -15.78 11.79
C PRO A 510 45.81 -16.40 11.25
N ASP A 511 46.80 -16.67 12.12
CA ASP A 511 48.06 -17.22 11.63
C ASP A 511 47.92 -18.68 11.21
N GLN A 512 47.09 -19.45 11.93
CA GLN A 512 46.82 -20.83 11.52
C GLN A 512 45.96 -20.87 10.26
N TYR A 513 45.07 -19.89 10.09
CA TYR A 513 44.28 -19.78 8.88
C TYR A 513 45.17 -19.42 7.68
N THR A 514 46.18 -18.57 7.91
CA THR A 514 47.10 -18.20 6.83
C THR A 514 48.03 -19.36 6.48
N LYS A 515 48.50 -20.10 7.49
CA LYS A 515 49.37 -21.25 7.23
C LYS A 515 48.61 -22.44 6.67
N PHE A 516 47.29 -22.51 6.89
CA PHE A 516 46.51 -23.61 6.33
C PHE A 516 46.29 -23.44 4.83
N GLY A 517 45.98 -22.21 4.41
CA GLY A 517 45.79 -21.92 3.00
C GLY A 517 44.45 -22.35 2.43
N LEU A 518 43.42 -22.48 3.25
CA LEU A 518 42.11 -22.92 2.81
C LEU A 518 41.05 -21.92 3.27
N SER A 519 40.07 -21.69 2.41
CA SER A 519 38.97 -20.80 2.77
C SER A 519 38.09 -21.45 3.83
N PRO A 520 37.68 -20.71 4.86
CA PRO A 520 36.95 -21.30 5.97
C PRO A 520 35.44 -21.35 5.72
N SER A 521 34.77 -22.07 6.61
CA SER A 521 33.30 -22.15 6.55
C SER A 521 32.68 -20.88 7.11
N LYS A 522 31.63 -20.41 6.45
CA LYS A 522 30.94 -19.17 6.80
C LYS A 522 29.51 -19.43 7.27
N GLY A 523 29.23 -20.65 7.69
CA GLY A 523 27.90 -20.99 8.17
C GLY A 523 27.91 -22.35 8.83
N VAL A 524 26.86 -22.59 9.62
CA VAL A 524 26.71 -23.84 10.37
C VAL A 524 25.23 -24.05 10.60
N LEU A 525 24.83 -25.29 10.85
CA LEU A 525 23.43 -25.65 11.01
C LEU A 525 23.27 -26.69 12.09
N PHE A 526 22.16 -26.60 12.82
CA PHE A 526 21.79 -27.58 13.83
C PHE A 526 20.49 -28.27 13.41
N TYR A 527 20.42 -29.58 13.65
CA TYR A 527 19.21 -30.33 13.35
C TYR A 527 19.13 -31.53 14.28
N GLY A 528 17.90 -31.91 14.63
CA GLY A 528 17.67 -33.02 15.51
C GLY A 528 16.30 -32.96 16.16
N PRO A 529 16.12 -33.69 17.26
CA PRO A 529 14.83 -33.68 17.96
C PRO A 529 14.66 -32.40 18.76
N PRO A 530 13.42 -31.97 18.99
CA PRO A 530 13.20 -30.80 19.84
C PRO A 530 13.45 -31.14 21.30
N GLY A 531 13.99 -30.16 22.04
CA GLY A 531 14.36 -30.37 23.42
C GLY A 531 15.67 -31.11 23.54
N THR A 532 16.70 -30.61 22.86
CA THR A 532 18.01 -31.25 22.84
C THR A 532 19.14 -30.32 23.21
N GLY A 533 19.03 -29.01 22.97
CA GLY A 533 20.06 -28.09 23.40
C GLY A 533 20.60 -27.17 22.32
N LYS A 534 19.87 -27.02 21.22
CA LYS A 534 20.32 -26.13 20.15
C LYS A 534 20.21 -24.66 20.56
N THR A 535 19.06 -24.28 21.13
CA THR A 535 18.91 -22.92 21.64
C THR A 535 19.78 -22.68 22.86
N LEU A 536 20.03 -23.73 23.66
CA LEU A 536 20.94 -23.59 24.79
C LEU A 536 22.39 -23.42 24.32
N LEU A 537 22.77 -24.10 23.24
CA LEU A 537 24.09 -23.87 22.65
C LEU A 537 24.19 -22.48 22.04
N ALA A 538 23.09 -21.97 21.49
CA ALA A 538 23.08 -20.61 20.97
C ALA A 538 23.22 -19.59 22.09
N LYS A 539 22.60 -19.86 23.25
CA LYS A 539 22.76 -18.97 24.40
C LYS A 539 24.16 -19.04 24.97
N ALA A 540 24.77 -20.23 24.96
CA ALA A 540 26.14 -20.37 25.43
C ALA A 540 27.13 -19.69 24.48
N VAL A 541 26.80 -19.65 23.19
CA VAL A 541 27.56 -18.84 22.25
C VAL A 541 27.34 -17.35 22.55
N ALA A 542 26.10 -16.96 22.85
CA ALA A 542 25.78 -15.56 23.09
C ALA A 542 26.42 -15.03 24.36
N THR A 543 26.74 -15.89 25.32
CA THR A 543 27.30 -15.40 26.58
C THR A 543 28.83 -15.53 26.63
N GLU A 544 29.37 -16.69 26.24
CA GLU A 544 30.76 -16.99 26.56
C GLU A 544 31.60 -17.37 25.34
N VAL A 545 31.53 -16.57 24.28
CA VAL A 545 32.39 -16.77 23.11
C VAL A 545 33.41 -15.65 22.95
N SER A 546 33.33 -14.59 23.77
CA SER A 546 34.17 -13.38 23.69
C SER A 546 34.09 -12.74 22.30
N ALA A 547 32.87 -12.61 21.79
CA ALA A 547 32.61 -11.91 20.53
C ALA A 547 31.20 -11.33 20.59
N ASN A 548 30.80 -10.66 19.52
CA ASN A 548 29.48 -10.05 19.47
C ASN A 548 28.42 -11.10 19.13
N PHE A 549 27.15 -10.70 19.25
CA PHE A 549 26.04 -11.60 18.99
C PHE A 549 24.80 -10.81 18.61
N ILE A 550 24.15 -11.20 17.52
CA ILE A 550 22.88 -10.61 17.09
C ILE A 550 21.91 -11.76 16.78
N SER A 551 20.72 -11.71 17.38
CA SER A 551 19.74 -12.77 17.22
C SER A 551 18.42 -12.19 16.74
N VAL A 552 17.85 -12.84 15.73
CA VAL A 552 16.53 -12.52 15.22
C VAL A 552 15.66 -13.78 15.30
N LYS A 553 14.36 -13.58 15.26
CA LYS A 553 13.43 -14.70 15.22
C LYS A 553 13.22 -15.09 13.76
N GLY A 554 12.38 -16.10 13.52
CA GLY A 554 12.18 -16.61 12.17
C GLY A 554 11.43 -15.67 11.25
N PRO A 555 10.12 -15.49 11.48
CA PRO A 555 9.33 -14.62 10.61
C PRO A 555 9.30 -13.15 11.04
N GLU A 556 10.22 -12.74 11.91
CA GLU A 556 10.26 -11.34 12.34
C GLU A 556 10.65 -10.39 11.21
N LEU A 557 11.43 -10.84 10.24
CA LEU A 557 12.00 -9.98 9.21
C LEU A 557 11.15 -9.95 7.95
N LEU A 558 9.82 -10.08 8.12
CA LEU A 558 8.89 -10.02 7.01
C LEU A 558 7.90 -8.87 7.24
N SER A 559 7.52 -8.20 6.15
CA SER A 559 6.60 -7.09 6.21
C SER A 559 5.65 -7.16 5.04
N MET A 560 4.46 -6.58 5.22
CA MET A 560 3.43 -6.59 4.19
C MET A 560 3.69 -5.58 3.08
N TRP A 561 4.58 -4.61 3.29
CA TRP A 561 4.86 -3.61 2.29
C TRP A 561 5.83 -4.15 1.24
N TYR A 562 6.09 -3.33 0.22
CA TYR A 562 6.96 -3.72 -0.89
C TYR A 562 8.35 -3.18 -0.65
N GLY A 563 9.35 -4.06 -0.68
CA GLY A 563 10.74 -3.70 -0.49
C GLY A 563 11.23 -3.80 0.94
N GLU A 564 10.33 -3.65 1.92
CA GLU A 564 10.74 -3.69 3.32
C GLU A 564 11.10 -5.10 3.77
N SER A 565 10.47 -6.12 3.16
CA SER A 565 10.75 -7.50 3.52
C SER A 565 12.15 -7.96 3.13
N GLU A 566 12.75 -7.33 2.13
CA GLU A 566 14.16 -7.53 1.82
C GLU A 566 15.06 -6.48 2.44
N SER A 567 14.54 -5.28 2.69
CA SER A 567 15.35 -4.23 3.33
C SER A 567 15.65 -4.56 4.78
N ASN A 568 14.77 -5.33 5.43
CA ASN A 568 15.05 -5.78 6.80
C ASN A 568 16.24 -6.72 6.85
N ILE A 569 16.30 -7.69 5.93
CA ILE A 569 17.46 -8.57 5.84
C ILE A 569 18.69 -7.78 5.42
N ARG A 570 18.51 -6.78 4.55
CA ARG A 570 19.62 -5.96 4.08
C ARG A 570 20.27 -5.15 5.19
N ASP A 571 19.47 -4.42 6.00
CA ASP A 571 20.11 -3.65 7.05
C ASP A 571 20.45 -4.46 8.29
N ILE A 572 19.84 -5.64 8.49
CA ILE A 572 20.33 -6.56 9.52
C ILE A 572 21.71 -7.08 9.16
N PHE A 573 21.90 -7.48 7.90
CA PHE A 573 23.24 -7.90 7.47
C PHE A 573 24.21 -6.73 7.36
N ASP A 574 23.71 -5.51 7.16
CA ASP A 574 24.59 -4.34 7.21
C ASP A 574 25.07 -4.07 8.63
N LYS A 575 24.18 -4.23 9.62
CA LYS A 575 24.58 -4.14 11.02
C LYS A 575 25.52 -5.28 11.42
N ALA A 576 25.37 -6.44 10.78
CA ALA A 576 26.30 -7.55 11.02
C ALA A 576 27.68 -7.25 10.44
N ARG A 577 27.73 -6.72 9.21
CA ARG A 577 28.99 -6.36 8.59
C ARG A 577 29.66 -5.14 9.23
N ALA A 578 28.89 -4.28 9.91
CA ALA A 578 29.47 -3.11 10.54
C ALA A 578 30.22 -3.48 11.82
N ALA A 579 29.61 -4.26 12.69
CA ALA A 579 30.21 -4.65 13.96
C ALA A 579 30.91 -6.00 13.83
N ALA A 580 32.00 -6.01 13.07
CA ALA A 580 32.77 -7.22 12.87
C ALA A 580 33.76 -7.41 14.01
N PRO A 581 33.88 -8.63 14.55
CA PRO A 581 33.12 -9.85 14.22
C PRO A 581 31.79 -9.94 14.98
N THR A 582 30.89 -10.78 14.49
CA THR A 582 29.61 -11.00 15.15
C THR A 582 29.12 -12.40 14.81
N VAL A 583 27.99 -12.79 15.42
CA VAL A 583 27.35 -14.07 15.16
C VAL A 583 25.87 -13.80 14.90
N VAL A 584 25.38 -14.20 13.73
CA VAL A 584 23.98 -14.01 13.35
C VAL A 584 23.29 -15.37 13.51
N PHE A 585 22.50 -15.51 14.57
CA PHE A 585 21.80 -16.77 14.84
C PHE A 585 20.43 -16.70 14.18
N LEU A 586 20.32 -17.32 12.99
CA LEU A 586 19.05 -17.41 12.28
C LEU A 586 18.26 -18.58 12.86
N ASP A 587 17.39 -18.28 13.83
CA ASP A 587 16.61 -19.31 14.48
C ASP A 587 15.38 -19.66 13.65
N GLU A 588 15.09 -20.96 13.57
CA GLU A 588 13.94 -21.55 12.88
C GLU A 588 13.92 -21.15 11.41
N LEU A 589 14.94 -21.66 10.69
CA LEU A 589 15.12 -21.40 9.26
C LEU A 589 14.08 -22.11 8.36
N ASP A 590 13.07 -22.80 8.89
CA ASP A 590 11.99 -23.37 8.09
C ASP A 590 10.92 -22.33 7.73
N SER A 591 11.10 -21.08 8.14
CA SER A 591 10.22 -19.98 7.76
C SER A 591 10.88 -18.97 6.85
N ILE A 592 12.21 -18.85 6.87
CA ILE A 592 12.94 -17.95 5.98
C ILE A 592 13.38 -18.73 4.76
N ALA A 593 14.11 -19.83 4.98
CA ALA A 593 14.60 -20.67 3.89
C ALA A 593 13.61 -21.81 3.63
N LYS A 594 12.41 -21.42 3.24
CA LYS A 594 11.37 -22.37 2.90
C LYS A 594 11.65 -22.99 1.54
N ALA A 595 11.27 -24.27 1.40
CA ALA A 595 11.38 -24.95 0.12
C ALA A 595 10.41 -24.33 -0.88
N ARG A 596 10.84 -24.22 -2.14
CA ARG A 596 10.06 -23.50 -3.14
C ARG A 596 8.84 -24.31 -3.58
N GLY A 597 9.07 -25.47 -4.18
CA GLY A 597 7.98 -26.27 -4.71
C GLY A 597 7.28 -25.61 -5.89
N GLY A 601 2.09 -21.99 -8.72
CA GLY A 601 1.09 -21.70 -7.69
C GLY A 601 1.72 -21.19 -6.41
N ASP A 602 1.66 -19.88 -6.17
CA ASP A 602 2.25 -19.25 -4.96
C ASP A 602 1.36 -18.08 -4.52
N ALA A 603 1.89 -17.23 -3.64
CA ALA A 603 1.13 -16.06 -3.12
C ALA A 603 1.59 -14.79 -3.85
N GLY A 604 2.57 -14.93 -4.77
CA GLY A 604 3.08 -13.80 -5.52
C GLY A 604 4.58 -13.79 -5.69
N GLY A 605 5.33 -14.61 -4.95
CA GLY A 605 6.76 -14.67 -5.09
C GLY A 605 7.50 -13.78 -4.09
N ALA A 606 7.05 -13.79 -2.83
CA ALA A 606 7.71 -13.02 -1.79
C ALA A 606 8.74 -13.84 -1.04
N SER A 607 8.43 -15.12 -0.74
CA SER A 607 9.39 -15.99 -0.08
C SER A 607 10.56 -16.30 -1.01
N ASP A 608 10.31 -16.35 -2.32
CA ASP A 608 11.39 -16.49 -3.29
C ASP A 608 12.30 -15.27 -3.29
N ARG A 609 11.73 -14.07 -3.16
CA ARG A 609 12.54 -12.86 -3.04
C ARG A 609 13.33 -12.84 -1.73
N VAL A 610 12.75 -13.38 -0.65
CA VAL A 610 13.45 -13.45 0.62
C VAL A 610 14.64 -14.40 0.53
N VAL A 611 14.43 -15.57 -0.08
CA VAL A 611 15.49 -16.55 -0.27
C VAL A 611 16.58 -16.02 -1.20
N ASN A 612 16.18 -15.30 -2.26
CA ASN A 612 17.17 -14.73 -3.19
C ASN A 612 17.97 -13.61 -2.53
N GLN A 613 17.31 -12.78 -1.71
CA GLN A 613 18.03 -11.72 -1.00
C GLN A 613 18.99 -12.30 0.04
N LEU A 614 18.58 -13.36 0.73
CA LEU A 614 19.48 -14.02 1.68
C LEU A 614 20.64 -14.69 0.96
N LEU A 615 20.42 -15.21 -0.25
CA LEU A 615 21.49 -15.85 -1.00
C LEU A 615 22.49 -14.82 -1.53
N THR A 616 22.01 -13.70 -2.06
CA THR A 616 22.93 -12.68 -2.56
C THR A 616 23.52 -11.82 -1.44
N GLU A 617 22.97 -11.88 -0.23
CA GLU A 617 23.60 -11.24 0.92
C GLU A 617 24.48 -12.19 1.71
N MET A 618 24.41 -13.49 1.45
CA MET A 618 25.28 -14.47 2.09
C MET A 618 26.43 -14.92 1.19
N ASP A 619 26.37 -14.61 -0.11
CA ASP A 619 27.45 -14.99 -1.02
C ASP A 619 28.57 -13.97 -1.07
N GLY A 620 28.34 -12.75 -0.60
CA GLY A 620 29.37 -11.73 -0.58
C GLY A 620 30.17 -11.71 0.71
N MET A 621 30.61 -12.89 1.15
CA MET A 621 31.39 -13.03 2.39
C MET A 621 32.79 -13.49 2.02
N ASN A 622 33.72 -12.54 1.94
CA ASN A 622 35.11 -12.85 1.67
C ASN A 622 35.84 -13.14 2.98
N ALA A 623 37.18 -13.14 2.94
CA ALA A 623 37.97 -13.32 4.15
C ALA A 623 37.86 -12.13 5.09
N LYS A 624 37.47 -10.95 4.58
CA LYS A 624 37.27 -9.79 5.41
C LYS A 624 35.92 -9.84 6.11
N LYS A 625 35.84 -9.16 7.26
CA LYS A 625 34.65 -8.87 8.09
C LYS A 625 34.11 -10.09 8.83
N ASN A 626 34.61 -11.29 8.51
CA ASN A 626 34.56 -12.57 9.25
C ASN A 626 33.31 -12.85 10.08
N VAL A 627 32.12 -12.67 9.49
CA VAL A 627 30.88 -12.93 10.21
C VAL A 627 30.57 -14.43 10.17
N PHE A 628 29.63 -14.86 10.99
CA PHE A 628 29.27 -16.28 11.08
C PHE A 628 27.77 -16.39 11.26
N VAL A 629 27.14 -17.26 10.46
CA VAL A 629 25.71 -17.46 10.47
C VAL A 629 25.42 -18.83 11.07
N ILE A 630 24.61 -18.86 12.14
CA ILE A 630 24.26 -20.09 12.83
C ILE A 630 22.76 -20.35 12.64
N GLY A 631 22.42 -21.57 12.23
CA GLY A 631 21.03 -21.95 12.06
C GLY A 631 20.69 -23.15 12.94
N ALA A 632 19.43 -23.23 13.33
CA ALA A 632 18.95 -24.32 14.18
C ALA A 632 17.46 -24.53 13.91
N THR A 633 17.13 -25.63 13.23
CA THR A 633 15.76 -25.94 12.86
C THR A 633 15.31 -27.23 13.53
N ASN A 634 13.99 -27.44 13.54
CA ASN A 634 13.44 -28.70 14.03
C ASN A 634 13.24 -29.68 12.88
N ARG A 635 12.69 -29.22 11.77
CA ARG A 635 12.47 -30.06 10.60
C ARG A 635 13.52 -29.74 9.55
N PRO A 636 14.49 -30.64 9.31
CA PRO A 636 15.52 -30.35 8.30
C PRO A 636 15.13 -30.68 6.88
N ASP A 637 13.94 -31.25 6.65
CA ASP A 637 13.55 -31.62 5.30
C ASP A 637 13.09 -30.42 4.49
N GLN A 638 12.61 -29.37 5.14
CA GLN A 638 12.04 -28.21 4.47
C GLN A 638 13.07 -27.11 4.22
N ILE A 639 14.35 -27.38 4.46
CA ILE A 639 15.39 -26.40 4.19
C ILE A 639 15.78 -26.45 2.73
N ASP A 640 16.06 -25.28 2.15
CA ASP A 640 16.39 -25.17 0.74
C ASP A 640 17.75 -25.80 0.45
N PRO A 641 17.87 -26.69 -0.54
CA PRO A 641 19.20 -27.16 -0.96
C PRO A 641 20.06 -26.07 -1.57
N ALA A 642 19.46 -24.97 -2.06
CA ALA A 642 20.25 -23.83 -2.52
C ALA A 642 20.94 -23.10 -1.38
N ILE A 643 20.40 -23.15 -0.16
CA ILE A 643 21.07 -22.61 1.00
C ILE A 643 21.84 -23.68 1.77
N LEU A 644 21.58 -24.96 1.52
CA LEU A 644 22.36 -26.05 2.08
C LEU A 644 23.51 -26.47 1.17
N ARG A 645 23.86 -25.65 0.18
CA ARG A 645 24.91 -25.93 -0.77
C ARG A 645 26.29 -25.79 -0.11
N PRO A 646 27.23 -26.67 -0.43
CA PRO A 646 28.62 -26.45 -0.02
C PRO A 646 29.20 -25.22 -0.71
N GLY A 647 29.87 -24.38 0.08
CA GLY A 647 30.32 -23.08 -0.37
C GLY A 647 29.50 -21.93 0.16
N ARG A 648 28.26 -22.17 0.59
CA ARG A 648 27.43 -21.17 1.26
C ARG A 648 27.17 -21.53 2.72
N LEU A 649 26.67 -22.74 2.98
CA LEU A 649 26.48 -23.23 4.34
C LEU A 649 26.69 -24.74 4.29
N ASP A 650 27.89 -25.17 4.66
CA ASP A 650 28.32 -26.55 4.45
C ASP A 650 28.33 -27.41 5.71
N GLN A 651 28.51 -26.81 6.88
CA GLN A 651 28.60 -27.59 8.11
C GLN A 651 27.22 -28.09 8.54
N LEU A 652 27.22 -29.29 9.13
CA LEU A 652 25.97 -29.94 9.56
C LEU A 652 26.30 -30.78 10.80
N ILE A 653 26.06 -30.19 11.97
CA ILE A 653 26.26 -30.89 13.24
C ILE A 653 24.93 -31.48 13.69
N TYR A 654 24.89 -32.80 13.85
CA TYR A 654 23.73 -33.49 14.37
C TYR A 654 23.81 -33.56 15.89
N VAL A 655 22.71 -33.18 16.55
CA VAL A 655 22.65 -33.21 18.00
C VAL A 655 21.74 -34.36 18.41
N PRO A 656 22.30 -35.52 18.75
CA PRO A 656 21.47 -36.70 18.97
C PRO A 656 20.84 -36.71 20.36
N LEU A 657 20.06 -37.75 20.61
CA LEU A 657 19.45 -37.94 21.92
C LEU A 657 20.54 -38.30 22.94
N PRO A 658 20.40 -37.89 24.20
CA PRO A 658 21.45 -38.16 25.18
C PRO A 658 21.52 -39.62 25.58
N ASP A 659 22.74 -40.08 25.86
CA ASP A 659 23.01 -41.44 26.30
C ASP A 659 22.91 -41.48 27.83
N GLU A 660 23.42 -42.56 28.44
CA GLU A 660 23.38 -42.69 29.90
C GLU A 660 24.27 -41.65 30.57
N ASN A 661 25.52 -41.51 30.11
CA ASN A 661 26.44 -40.55 30.69
C ASN A 661 26.04 -39.11 30.38
N ALA A 662 25.52 -38.86 29.18
CA ALA A 662 25.02 -37.53 28.85
C ALA A 662 23.77 -37.18 29.65
N ARG A 663 22.92 -38.18 29.94
CA ARG A 663 21.74 -37.95 30.75
C ARG A 663 22.13 -37.67 32.21
N LEU A 664 23.15 -38.37 32.71
CA LEU A 664 23.65 -38.09 34.05
C LEU A 664 24.29 -36.71 34.12
N SER A 665 24.98 -36.30 33.06
CA SER A 665 25.56 -34.95 33.02
C SER A 665 24.48 -33.87 32.94
N ILE A 666 23.38 -34.15 32.24
CA ILE A 666 22.25 -33.22 32.18
C ILE A 666 21.59 -33.10 33.56
N LEU A 667 21.40 -34.23 34.23
CA LEU A 667 20.79 -34.22 35.56
C LEU A 667 21.70 -33.58 36.60
N ASN A 668 23.02 -33.64 36.39
CA ASN A 668 23.95 -32.98 37.29
C ASN A 668 24.08 -31.49 37.00
N ALA A 669 23.94 -31.07 35.74
CA ALA A 669 24.05 -29.66 35.39
C ALA A 669 22.76 -28.89 35.64
N GLN A 670 21.61 -29.56 35.60
CA GLN A 670 20.36 -28.89 35.90
C GLN A 670 20.18 -28.67 37.40
N LEU A 671 20.89 -29.44 38.22
CA LEU A 671 20.80 -29.35 39.68
C LEU A 671 22.02 -28.66 40.28
N ARG A 672 22.54 -27.62 39.62
CA ARG A 672 23.75 -26.96 40.10
C ARG A 672 23.46 -26.09 41.31
N LYS A 673 22.66 -25.05 41.13
CA LYS A 673 22.33 -24.12 42.22
C LYS A 673 21.06 -24.53 42.95
N THR A 674 20.98 -25.79 43.35
CA THR A 674 19.85 -26.32 44.10
C THR A 674 20.32 -26.93 45.41
N PRO A 675 19.59 -26.73 46.51
CA PRO A 675 19.93 -27.40 47.77
C PRO A 675 19.54 -28.87 47.74
N LEU A 676 20.39 -29.70 47.15
CA LEU A 676 20.07 -31.11 46.97
C LEU A 676 20.35 -31.90 48.24
N GLU A 677 19.71 -33.07 48.33
CA GLU A 677 19.92 -33.96 49.46
C GLU A 677 21.30 -34.61 49.34
N PRO A 678 22.04 -34.73 50.45
CA PRO A 678 23.32 -35.45 50.38
C PRO A 678 23.17 -36.94 50.13
N GLY A 679 22.12 -37.55 50.65
CA GLY A 679 21.85 -38.96 50.40
C GLY A 679 20.94 -39.19 49.22
N LEU A 680 21.26 -38.58 48.07
CA LEU A 680 20.46 -38.69 46.87
C LEU A 680 21.38 -38.88 45.67
N GLU A 681 21.08 -39.89 44.86
CA GLU A 681 21.83 -40.19 43.65
C GLU A 681 20.92 -40.07 42.44
N LEU A 682 21.51 -39.76 41.29
CA LEU A 682 20.79 -39.58 40.04
C LEU A 682 21.03 -40.72 39.05
N THR A 683 21.79 -41.74 39.46
CA THR A 683 22.06 -42.86 38.57
C THR A 683 20.82 -43.73 38.34
N ALA A 684 19.92 -43.78 39.31
CA ALA A 684 18.67 -44.51 39.12
C ALA A 684 17.75 -43.79 38.15
N ILE A 685 17.74 -42.45 38.20
CA ILE A 685 16.97 -41.67 37.24
C ILE A 685 17.59 -41.76 35.85
N ALA A 686 18.91 -41.88 35.79
CA ALA A 686 19.57 -42.01 34.49
C ALA A 686 19.35 -43.40 33.88
N LYS A 687 19.30 -44.44 34.72
CA LYS A 687 19.13 -45.80 34.22
C LYS A 687 17.69 -46.17 33.94
N ALA A 688 16.74 -45.66 34.72
CA ALA A 688 15.34 -46.03 34.52
C ALA A 688 14.71 -45.33 33.32
N THR A 689 15.30 -44.24 32.84
CA THR A 689 14.79 -43.50 31.69
C THR A 689 15.79 -43.65 30.55
N GLN A 690 15.35 -44.23 29.44
CA GLN A 690 16.21 -44.52 28.30
C GLN A 690 16.01 -43.58 27.12
N GLY A 691 14.76 -43.29 26.77
CA GLY A 691 14.48 -42.43 25.64
C GLY A 691 13.97 -41.06 26.05
N PHE A 692 14.51 -40.53 27.14
CA PHE A 692 14.09 -39.22 27.63
C PHE A 692 14.97 -38.14 27.03
N SER A 693 14.69 -36.88 27.36
CA SER A 693 15.47 -35.76 26.87
C SER A 693 15.59 -34.70 27.97
N GLY A 694 16.35 -33.65 27.67
CA GLY A 694 16.64 -32.64 28.66
C GLY A 694 15.44 -31.80 29.03
N ALA A 695 14.51 -31.61 28.08
CA ALA A 695 13.31 -30.82 28.35
C ALA A 695 12.39 -31.50 29.36
N ASP A 696 12.08 -32.78 29.14
CA ASP A 696 11.29 -33.52 30.10
C ASP A 696 12.06 -33.86 31.37
N LEU A 697 13.40 -33.91 31.33
CA LEU A 697 14.15 -34.02 32.58
C LEU A 697 14.04 -32.75 33.41
N LEU A 698 14.08 -31.58 32.75
CA LEU A 698 13.81 -30.32 33.42
C LEU A 698 12.37 -30.26 33.94
N TYR A 699 11.44 -30.86 33.20
CA TYR A 699 10.05 -30.96 33.67
C TYR A 699 9.95 -31.82 34.92
N ILE A 700 10.73 -32.90 35.00
CA ILE A 700 10.76 -33.76 36.19
C ILE A 700 11.32 -33.00 37.38
N VAL A 701 12.42 -32.27 37.17
CA VAL A 701 13.05 -31.51 38.26
C VAL A 701 12.12 -30.37 38.71
N GLN A 702 11.41 -29.75 37.77
CA GLN A 702 10.47 -28.68 38.12
C GLN A 702 9.25 -29.21 38.85
N ARG A 703 8.77 -30.40 38.51
CA ARG A 703 7.67 -31.00 39.27
C ARG A 703 8.11 -31.42 40.67
N ALA A 704 9.36 -31.88 40.81
CA ALA A 704 9.88 -32.17 42.15
C ALA A 704 10.02 -30.90 42.98
N ALA A 705 10.45 -29.80 42.35
CA ALA A 705 10.54 -28.53 43.06
C ALA A 705 9.16 -27.98 43.41
N LYS A 706 8.16 -28.21 42.55
CA LYS A 706 6.79 -27.80 42.84
C LYS A 706 6.21 -28.61 44.00
N TYR A 707 6.50 -29.91 44.05
CA TYR A 707 6.06 -30.73 45.18
C TYR A 707 6.74 -30.31 46.48
N ALA A 708 8.02 -29.96 46.41
CA ALA A 708 8.72 -29.47 47.60
C ALA A 708 8.19 -28.12 48.05
N ILE A 709 7.82 -27.25 47.11
CA ILE A 709 7.22 -25.96 47.46
C ILE A 709 5.83 -26.14 48.06
N LYS A 710 5.05 -27.10 47.55
CA LYS A 710 3.74 -27.41 48.13
C LYS A 710 3.88 -27.97 49.55
N ASP A 711 4.89 -28.83 49.77
CA ASP A 711 5.15 -29.35 51.11
C ASP A 711 5.60 -28.25 52.06
N SER A 712 6.39 -27.29 51.55
CA SER A 712 6.83 -26.16 52.37
C SER A 712 5.66 -25.25 52.73
N ILE A 713 4.73 -25.05 51.79
CA ILE A 713 3.56 -24.21 52.06
C ILE A 713 2.63 -24.89 53.06
N GLU A 714 2.46 -26.22 52.93
CA GLU A 714 1.64 -26.96 53.89
C GLU A 714 2.27 -26.96 55.29
N ALA A 715 3.59 -27.11 55.36
CA ALA A 715 4.25 -27.05 56.66
C ALA A 715 4.22 -25.65 57.25
N HIS A 716 4.26 -24.61 56.41
CA HIS A 716 4.20 -23.24 56.91
C HIS A 716 2.82 -22.91 57.44
N ARG A 717 1.75 -23.35 56.75
CA ARG A 717 0.41 -23.08 57.27
C ARG A 717 0.10 -23.95 58.48
N GLN A 718 0.70 -25.15 58.56
CA GLN A 718 0.56 -25.96 59.78
C GLN A 718 1.28 -25.31 60.96
N HIS A 719 2.45 -24.71 60.72
CA HIS A 719 3.16 -23.99 61.77
C HIS A 719 2.40 -22.74 62.20
N GLU A 720 1.79 -22.04 61.24
CA GLU A 720 0.97 -20.87 61.58
C GLU A 720 -0.27 -21.25 62.37
N ALA A 721 -0.90 -22.39 62.03
CA ALA A 721 -2.07 -22.84 62.79
C ALA A 721 -1.68 -23.30 64.18
N GLU A 722 -0.55 -23.99 64.33
CA GLU A 722 -0.11 -24.43 65.65
C GLU A 722 0.47 -23.28 66.48
N LYS A 723 0.85 -22.16 65.84
CA LYS A 723 1.27 -20.99 66.59
C LYS A 723 0.08 -20.15 67.03
N GLU A 724 -0.93 -20.03 66.17
CA GLU A 724 -2.12 -19.26 66.53
C GLU A 724 -3.01 -20.01 67.52
N VAL A 725 -3.04 -21.35 67.44
CA VAL A 725 -3.84 -22.14 68.35
C VAL A 725 -2.94 -22.93 69.30
N GLU A 744 8.75 -24.41 67.47
CA GLU A 744 8.97 -23.73 66.19
C GLU A 744 10.02 -24.47 65.36
N PRO A 745 9.71 -24.70 64.07
CA PRO A 745 10.68 -25.36 63.18
C PRO A 745 11.80 -24.44 62.73
N GLU A 746 12.61 -24.92 61.80
CA GLU A 746 13.76 -24.15 61.30
C GLU A 746 13.32 -23.11 60.28
N VAL A 747 14.28 -22.54 59.55
CA VAL A 747 13.97 -21.48 58.59
C VAL A 747 13.24 -22.04 57.37
N ASP A 748 13.33 -23.36 57.15
CA ASP A 748 12.50 -24.06 56.19
C ASP A 748 12.34 -25.49 56.68
N PRO A 749 11.10 -26.00 56.80
CA PRO A 749 10.92 -27.38 57.25
C PRO A 749 11.40 -28.43 56.27
N VAL A 750 11.43 -28.11 54.97
CA VAL A 750 12.02 -29.00 53.98
C VAL A 750 13.23 -28.29 53.34
N PRO A 751 14.42 -28.41 53.95
CA PRO A 751 15.58 -27.70 53.41
C PRO A 751 16.14 -28.30 52.13
N TYR A 752 15.77 -29.53 51.78
CA TYR A 752 16.27 -30.16 50.59
C TYR A 752 15.13 -30.87 49.87
N ILE A 753 15.38 -31.21 48.61
CA ILE A 753 14.42 -31.98 47.82
C ILE A 753 14.66 -33.46 48.12
N THR A 754 13.69 -34.10 48.75
CA THR A 754 13.83 -35.48 49.18
C THR A 754 13.67 -36.43 48.01
N LYS A 755 13.89 -37.72 48.26
CA LYS A 755 13.70 -38.75 47.26
C LYS A 755 12.21 -39.00 46.98
N GLU A 756 11.35 -38.76 47.96
CA GLU A 756 9.91 -38.94 47.76
C GLU A 756 9.35 -37.90 46.79
N HIS A 757 9.93 -36.70 46.77
CA HIS A 757 9.51 -35.68 45.81
C HIS A 757 9.85 -36.09 44.39
N PHE A 758 11.03 -36.69 44.18
CA PHE A 758 11.41 -37.17 42.86
C PHE A 758 10.57 -38.38 42.46
N ALA A 759 10.29 -39.27 43.42
CA ALA A 759 9.45 -40.43 43.14
C ALA A 759 8.01 -40.06 42.85
N GLU A 760 7.52 -38.96 43.39
CA GLU A 760 6.19 -38.46 43.07
C GLU A 760 6.16 -37.62 41.80
N ALA A 761 7.26 -36.96 41.46
CA ALA A 761 7.35 -36.20 40.21
C ALA A 761 7.55 -37.08 39.00
N MET A 762 8.19 -38.24 39.17
CA MET A 762 8.38 -39.17 38.06
C MET A 762 7.18 -40.09 37.83
N LYS A 763 6.08 -39.89 38.55
CA LYS A 763 4.88 -40.69 38.33
C LYS A 763 4.17 -40.28 37.04
N THR A 764 4.20 -39.00 36.69
CA THR A 764 3.57 -38.51 35.47
C THR A 764 4.63 -37.98 34.51
N ALA A 765 5.73 -38.70 34.38
CA ALA A 765 6.89 -38.26 33.58
C ALA A 765 6.82 -38.93 32.21
N LYS A 766 6.19 -38.25 31.26
CA LYS A 766 6.13 -38.73 29.89
C LYS A 766 7.44 -38.40 29.16
N ARG A 767 7.55 -38.87 27.92
CA ARG A 767 8.69 -38.55 27.08
C ARG A 767 8.30 -37.51 26.04
N SER A 768 9.30 -36.81 25.51
CA SER A 768 9.04 -35.69 24.61
C SER A 768 8.78 -36.16 23.18
N VAL A 769 9.76 -36.82 22.58
CA VAL A 769 9.71 -37.19 21.17
C VAL A 769 9.09 -38.57 21.02
N SER A 770 8.41 -38.77 19.88
CA SER A 770 7.78 -40.05 19.58
C SER A 770 8.79 -40.96 18.89
N ASP A 771 8.30 -42.07 18.34
CA ASP A 771 9.17 -43.04 17.68
C ASP A 771 9.35 -42.77 16.19
N ALA A 772 8.32 -42.24 15.52
CA ALA A 772 8.41 -42.00 14.09
C ALA A 772 9.30 -40.81 13.76
N GLU A 773 9.36 -39.82 14.65
CA GLU A 773 10.25 -38.68 14.43
C GLU A 773 11.71 -39.10 14.50
N LEU A 774 12.03 -40.04 15.41
CA LEU A 774 13.38 -40.59 15.45
C LEU A 774 13.71 -41.38 14.20
N ARG A 775 12.71 -42.07 13.62
CA ARG A 775 12.93 -42.77 12.35
C ARG A 775 13.19 -41.79 11.21
N ARG A 776 12.46 -40.67 11.19
CA ARG A 776 12.67 -39.65 10.16
C ARG A 776 14.04 -38.99 10.31
N TYR A 777 14.46 -38.72 11.55
CA TYR A 777 15.76 -38.10 11.77
C TYR A 777 16.90 -39.07 11.47
N GLU A 778 16.70 -40.37 11.74
CA GLU A 778 17.69 -41.37 11.38
C GLU A 778 17.78 -41.54 9.87
N ALA A 779 16.64 -41.44 9.17
CA ALA A 779 16.65 -41.52 7.71
C ALA A 779 17.34 -40.31 7.10
N TYR A 780 17.12 -39.11 7.67
CA TYR A 780 17.81 -37.92 7.18
C TYR A 780 19.30 -37.97 7.49
N SER A 781 19.69 -38.54 8.64
CA SER A 781 21.10 -38.66 8.96
C SER A 781 21.79 -39.71 8.10
N GLN A 782 21.05 -40.76 7.69
CA GLN A 782 21.62 -41.74 6.77
C GLN A 782 21.69 -41.20 5.34
N GLN A 783 20.76 -40.32 4.97
CA GLN A 783 20.81 -39.72 3.63
C GLN A 783 21.91 -38.68 3.54
N MET A 784 22.08 -37.87 4.59
CA MET A 784 23.14 -36.85 4.60
C MET A 784 24.37 -37.36 5.33
N LYS B 31 26.37 12.41 61.71
CA LYS B 31 25.18 13.27 61.62
C LYS B 31 25.44 14.64 62.22
N LYS B 32 25.42 15.66 61.36
CA LYS B 32 25.58 17.04 61.83
C LYS B 32 24.28 17.47 62.52
N ASP B 33 24.37 17.94 63.78
CA ASP B 33 23.16 18.25 64.55
C ASP B 33 22.46 19.54 64.13
N ASN B 34 22.67 19.96 62.89
CA ASN B 34 22.12 21.21 62.39
C ASN B 34 20.82 21.02 61.61
N MET B 35 20.39 19.77 61.48
CA MET B 35 19.13 19.46 60.79
C MET B 35 18.14 18.82 61.74
N LEU B 36 16.91 19.31 61.73
CA LEU B 36 15.91 18.93 62.72
C LEU B 36 14.53 18.70 62.09
N LEU B 37 13.72 17.90 62.77
CA LEU B 37 12.39 17.54 62.28
C LEU B 37 11.33 18.54 62.77
N VAL B 38 10.21 18.61 62.08
CA VAL B 38 9.12 19.52 62.43
C VAL B 38 8.21 18.88 63.47
N ASP B 39 7.90 19.61 64.53
CA ASP B 39 7.03 19.13 65.60
C ASP B 39 5.89 20.13 65.83
N ASP B 40 4.90 19.74 66.63
CA ASP B 40 3.78 20.63 66.93
C ASP B 40 4.24 21.86 67.70
N ALA B 41 3.42 22.90 67.71
CA ALA B 41 3.82 24.19 68.28
C ALA B 41 3.17 24.46 69.63
N ILE B 42 4.00 24.82 70.61
CA ILE B 42 3.53 25.31 71.89
C ILE B 42 3.27 26.82 71.79
N ASN B 43 4.30 27.56 71.40
CA ASN B 43 4.18 28.99 71.19
C ASN B 43 3.34 29.27 69.94
N ASP B 44 2.18 29.89 70.15
CA ASP B 44 1.21 30.09 69.08
C ASP B 44 1.53 31.31 68.21
N ASP B 45 2.63 31.99 68.52
CA ASP B 45 3.03 33.17 67.75
C ASP B 45 3.44 32.76 66.33
N ASN B 46 3.30 33.68 65.39
CA ASN B 46 3.64 33.41 64.00
C ASN B 46 5.15 33.28 63.79
N SER B 47 5.87 34.36 64.03
CA SER B 47 7.31 34.39 63.80
C SER B 47 8.08 33.85 65.01
N VAL B 48 8.10 32.53 65.15
CA VAL B 48 8.83 31.91 66.24
C VAL B 48 9.01 30.41 66.03
N ILE B 49 10.14 29.88 66.48
CA ILE B 49 10.35 28.44 66.58
C ILE B 49 10.94 28.16 67.96
N ALA B 50 10.72 26.94 68.45
CA ALA B 50 11.18 26.57 69.79
C ALA B 50 12.23 25.47 69.73
N ILE B 51 13.41 25.79 70.28
CA ILE B 51 14.48 24.82 70.46
C ILE B 51 14.64 24.51 71.94
N ASN B 52 15.23 23.37 72.25
CA ASN B 52 15.50 23.00 73.64
C ASN B 52 16.87 23.50 74.07
N SER B 53 17.05 23.66 75.37
CA SER B 53 18.29 24.20 75.91
C SER B 53 19.51 23.30 75.63
N ASN B 54 19.32 21.98 75.71
CA ASN B 54 20.44 21.11 75.31
C ASN B 54 20.76 21.20 73.82
N THR B 55 19.89 21.86 73.06
CA THR B 55 20.15 22.13 71.65
C THR B 55 20.91 23.44 71.52
N MET B 56 20.72 24.33 72.49
CA MET B 56 21.36 25.64 72.48
C MET B 56 22.85 25.54 72.77
N ASP B 57 23.23 24.62 73.66
CA ASP B 57 24.65 24.43 73.98
C ASP B 57 25.31 23.59 72.88
N LYS B 58 24.50 22.83 72.16
CA LYS B 58 24.99 22.03 71.04
C LYS B 58 25.15 22.91 69.80
N LEU B 59 24.45 24.04 69.78
CA LEU B 59 24.62 25.04 68.73
C LEU B 59 24.29 26.42 69.27
N GLU B 60 25.32 27.25 69.45
CA GLU B 60 25.20 28.56 70.07
C GLU B 60 24.14 29.46 69.42
N LEU B 61 23.02 29.64 70.13
CA LEU B 61 21.98 30.58 69.74
C LEU B 61 21.23 31.07 70.97
N PHE B 62 20.41 32.10 70.79
CA PHE B 62 19.77 32.77 71.91
C PHE B 62 18.27 33.03 71.71
N ARG B 63 17.67 33.63 72.72
CA ARG B 63 16.24 33.86 72.76
C ARG B 63 15.78 34.90 71.75
N GLY B 64 16.65 35.87 71.47
CA GLY B 64 16.33 36.94 70.54
C GLY B 64 16.84 36.64 69.14
N ASP B 65 17.71 35.66 69.02
CA ASP B 65 18.34 35.33 67.75
C ASP B 65 17.31 35.03 66.65
N THR B 66 17.51 35.64 65.49
CA THR B 66 16.66 35.42 64.33
C THR B 66 17.32 34.41 63.40
N VAL B 67 16.67 33.28 63.18
CA VAL B 67 17.26 32.17 62.46
C VAL B 67 16.56 31.88 61.14
N LEU B 68 17.33 31.51 60.12
CA LEU B 68 16.79 31.18 58.81
C LEU B 68 16.47 29.69 58.72
N VAL B 69 15.19 29.39 58.47
CA VAL B 69 14.74 28.02 58.25
C VAL B 69 14.63 27.76 56.76
N LYS B 70 15.34 26.74 56.27
CA LYS B 70 15.27 26.35 54.87
C LYS B 70 14.80 24.90 54.77
N GLY B 71 13.58 24.72 54.26
CA GLY B 71 12.97 23.40 54.17
C GLY B 71 13.01 22.84 52.76
N LYS B 72 11.98 22.06 52.42
CA LYS B 72 11.90 21.41 51.12
C LYS B 72 11.32 22.35 50.07
N LYS B 73 11.34 21.91 48.82
CA LYS B 73 10.84 22.71 47.70
C LYS B 73 11.63 24.00 47.53
N ARG B 74 12.87 24.00 48.03
CA ARG B 74 13.78 25.12 47.85
C ARG B 74 13.23 26.43 48.42
N LYS B 75 12.50 26.33 49.52
CA LYS B 75 11.90 27.51 50.16
C LYS B 75 12.55 27.81 51.50
N ASP B 76 12.27 29.00 52.02
CA ASP B 76 12.88 29.46 53.26
C ASP B 76 11.91 30.27 54.12
N THR B 77 12.35 30.57 55.34
CA THR B 77 11.60 31.43 56.25
C THR B 77 12.51 31.87 57.40
N VAL B 78 12.12 32.94 58.09
CA VAL B 78 12.90 33.46 59.20
C VAL B 78 12.04 33.54 60.46
N LEU B 79 12.59 33.09 61.58
CA LEU B 79 11.86 33.04 62.84
C LEU B 79 12.76 33.29 64.05
N ILE B 80 12.14 33.50 65.21
CA ILE B 80 12.87 33.71 66.45
C ILE B 80 12.98 32.39 67.22
N VAL B 81 14.20 32.03 67.60
CA VAL B 81 14.43 30.84 68.41
C VAL B 81 14.15 31.16 69.88
N LEU B 82 13.56 30.21 70.59
CA LEU B 82 13.24 30.38 72.00
C LEU B 82 13.37 29.06 72.76
N ILE B 83 14.00 29.11 73.92
CA ILE B 83 14.23 27.91 74.73
C ILE B 83 12.91 27.26 75.15
N ASP B 84 12.74 26.00 74.79
CA ASP B 84 11.54 25.23 75.15
C ASP B 84 11.92 23.90 75.78
N ASP B 85 11.50 23.70 77.02
CA ASP B 85 11.85 22.50 77.78
C ASP B 85 11.25 21.24 77.17
N GLU B 86 10.03 21.36 76.66
CA GLU B 86 9.31 20.21 76.13
C GLU B 86 9.82 19.76 74.76
N LEU B 87 10.51 20.65 74.07
CA LEU B 87 10.92 20.44 72.68
C LEU B 87 11.71 19.14 72.46
N GLU B 88 12.71 18.90 73.32
CA GLU B 88 13.62 17.76 73.18
C GLU B 88 14.49 17.91 71.92
N ASP B 89 15.80 18.02 72.14
CA ASP B 89 16.74 18.28 71.05
C ASP B 89 16.84 17.13 70.06
N GLY B 90 16.33 17.37 68.86
CA GLY B 90 16.25 16.38 67.78
C GLY B 90 15.30 16.90 66.71
N ALA B 91 14.33 17.70 67.14
CA ALA B 91 13.29 18.23 66.26
C ALA B 91 12.74 19.51 66.90
N CYS B 92 12.20 20.41 66.06
CA CYS B 92 11.80 21.73 66.55
C CYS B 92 10.30 21.98 66.41
N ARG B 93 9.78 22.81 67.30
CA ARG B 93 8.38 23.20 67.28
C ARG B 93 8.19 24.45 66.42
N ILE B 94 7.26 24.37 65.47
CA ILE B 94 6.91 25.52 64.65
C ILE B 94 5.41 25.50 64.34
N ASN B 95 4.76 26.65 64.48
CA ASN B 95 3.33 26.76 64.24
C ASN B 95 3.01 26.46 62.79
N ARG B 96 1.73 26.24 62.50
CA ARG B 96 1.31 25.77 61.19
C ARG B 96 1.58 26.79 60.08
N VAL B 97 1.79 28.04 60.46
CA VAL B 97 2.04 29.11 59.49
C VAL B 97 3.47 29.03 58.94
N VAL B 98 4.43 28.89 59.84
CA VAL B 98 5.82 28.67 59.46
C VAL B 98 5.95 27.36 58.69
N ARG B 99 5.34 26.33 59.25
CA ARG B 99 5.32 25.00 58.66
C ARG B 99 4.79 25.01 57.23
N ASN B 100 3.85 25.91 56.95
CA ASN B 100 3.27 26.01 55.61
C ASN B 100 4.20 26.71 54.62
N ASN B 101 4.82 27.80 55.06
CA ASN B 101 5.72 28.57 54.21
C ASN B 101 6.92 27.75 53.76
N LEU B 102 7.29 26.74 54.56
CA LEU B 102 8.40 25.86 54.22
C LEU B 102 7.94 24.65 53.41
N ARG B 103 6.64 24.52 53.22
CA ARG B 103 6.04 23.39 52.50
C ARG B 103 6.39 22.06 53.15
N ILE B 104 6.37 22.04 54.48
CA ILE B 104 6.66 20.83 55.25
C ILE B 104 5.43 20.41 56.06
N ARG B 105 5.52 19.23 56.66
CA ARG B 105 4.46 18.69 57.50
C ARG B 105 5.04 18.29 58.85
N LEU B 106 4.17 17.96 59.80
CA LEU B 106 4.61 17.43 61.07
C LEU B 106 5.26 16.06 60.86
N GLY B 107 6.58 16.00 60.97
CA GLY B 107 7.32 14.77 60.74
C GLY B 107 8.18 14.84 59.48
N ASP B 108 8.63 16.05 59.15
CA ASP B 108 9.53 16.27 58.03
C ASP B 108 10.78 16.97 58.51
N LEU B 109 11.89 16.73 57.82
CA LEU B 109 13.18 17.28 58.22
C LEU B 109 13.44 18.64 57.57
N VAL B 110 14.09 19.52 58.33
CA VAL B 110 14.48 20.84 57.84
C VAL B 110 15.86 21.20 58.35
N THR B 111 16.59 22.00 57.57
CA THR B 111 17.89 22.49 57.99
C THR B 111 17.74 23.89 58.58
N ILE B 112 18.29 24.08 59.77
CA ILE B 112 18.22 25.36 60.46
C ILE B 112 19.61 25.97 60.53
N HIS B 113 19.70 27.28 60.34
CA HIS B 113 20.98 27.98 60.42
C HIS B 113 20.75 29.48 60.62
N PRO B 114 21.59 30.12 61.44
CA PRO B 114 21.31 31.52 61.79
C PRO B 114 21.82 32.52 60.75
N CYS B 115 21.11 33.64 60.65
CA CYS B 115 21.48 34.73 59.74
C CYS B 115 21.28 36.07 60.43
N PRO B 116 22.37 36.68 60.92
CA PRO B 116 22.31 38.05 61.44
C PRO B 116 22.70 39.08 60.38
N ASP B 117 23.09 38.61 59.21
CA ASP B 117 23.38 39.50 58.08
C ASP B 117 22.15 40.33 57.73
N ILE B 118 20.97 39.73 57.93
CA ILE B 118 19.71 40.44 57.74
C ILE B 118 19.62 41.59 58.73
N LYS B 119 19.02 42.70 58.30
CA LYS B 119 18.87 43.87 59.15
C LYS B 119 17.55 44.56 58.88
N TYR B 120 17.31 45.65 59.58
CA TYR B 120 15.99 46.26 59.65
C TYR B 120 15.48 46.69 58.27
N ALA B 121 14.18 46.51 58.06
CA ALA B 121 13.58 46.75 56.76
C ALA B 121 13.52 48.22 56.36
N THR B 122 13.50 48.46 55.05
CA THR B 122 13.29 49.80 54.54
C THR B 122 11.81 49.96 54.22
N ARG B 123 11.23 48.90 53.64
CA ARG B 123 9.81 48.88 53.33
C ARG B 123 9.34 47.45 53.11
N ILE B 124 8.01 47.25 53.18
CA ILE B 124 7.42 45.93 53.04
C ILE B 124 6.14 46.00 52.21
N SER B 125 5.83 44.89 51.54
CA SER B 125 4.74 44.83 50.57
C SER B 125 3.87 43.59 50.81
N VAL B 126 2.87 43.75 51.66
CA VAL B 126 1.95 42.65 51.99
C VAL B 126 0.59 42.88 51.33
N LEU B 127 -0.07 41.79 50.94
CA LEU B 127 -1.38 41.85 50.32
C LEU B 127 -2.29 40.76 50.87
N PRO B 128 -3.55 41.11 51.19
CA PRO B 128 -4.49 40.12 51.74
C PRO B 128 -4.97 39.14 50.68
N ILE B 129 -5.06 37.86 51.04
CA ILE B 129 -5.60 36.85 50.14
C ILE B 129 -7.12 37.01 50.12
N ALA B 130 -7.69 36.97 48.91
CA ALA B 130 -9.08 37.37 48.68
C ALA B 130 -10.09 36.68 49.59
N ASP B 131 -10.04 35.36 49.66
CA ASP B 131 -11.07 34.60 50.36
C ASP B 131 -11.02 34.77 51.89
N THR B 132 -9.95 35.38 52.38
CA THR B 132 -9.82 35.63 53.82
C THR B 132 -10.33 37.02 54.21
N ILE B 133 -10.76 37.80 53.22
CA ILE B 133 -11.26 39.15 53.45
C ILE B 133 -12.62 39.37 52.78
N GLU B 134 -13.15 38.33 52.15
CA GLU B 134 -14.49 38.41 51.56
C GLU B 134 -15.52 38.74 52.63
N GLY B 135 -16.10 39.92 52.54
CA GLY B 135 -17.11 40.35 53.49
C GLY B 135 -16.84 41.73 54.07
N ILE B 136 -15.61 41.94 54.52
CA ILE B 136 -15.23 43.20 55.16
C ILE B 136 -14.45 44.10 54.20
N THR B 137 -14.23 45.34 54.65
CA THR B 137 -13.45 46.31 53.90
C THR B 137 -12.85 47.32 54.88
N GLY B 138 -12.15 48.33 54.35
CA GLY B 138 -11.63 49.40 55.17
C GLY B 138 -10.16 49.28 55.51
N ASN B 139 -9.79 49.84 56.65
CA ASN B 139 -8.38 49.96 57.05
C ASN B 139 -7.82 48.67 57.64
N LEU B 140 -7.22 47.85 56.78
CA LEU B 140 -6.61 46.61 57.24
C LEU B 140 -5.33 46.87 58.03
N PHE B 141 -4.67 47.98 57.72
CA PHE B 141 -3.42 48.32 58.39
C PHE B 141 -3.63 48.60 59.88
N ASP B 142 -4.51 49.55 60.18
CA ASP B 142 -4.76 49.95 61.55
C ASP B 142 -5.28 48.78 62.38
N VAL B 143 -6.11 47.94 61.76
CA VAL B 143 -6.74 46.83 62.47
C VAL B 143 -5.80 45.63 62.66
N PHE B 144 -5.30 45.10 61.55
CA PHE B 144 -4.52 43.86 61.57
C PHE B 144 -3.01 44.08 61.59
N LEU B 145 -2.51 44.76 60.57
CA LEU B 145 -1.06 44.86 60.36
C LEU B 145 -0.34 45.71 61.41
N LYS B 146 -0.95 46.81 61.81
CA LYS B 146 -0.32 47.75 62.72
C LYS B 146 -0.01 47.09 64.08
N PRO B 147 -1.00 46.46 64.72
CA PRO B 147 -0.69 45.83 66.01
C PRO B 147 0.11 44.53 65.88
N TYR B 148 0.10 43.92 64.71
CA TYR B 148 0.78 42.64 64.50
C TYR B 148 2.30 42.80 64.43
N PHE B 149 2.76 43.84 63.73
CA PHE B 149 4.18 44.08 63.55
C PHE B 149 4.78 44.99 64.61
N VAL B 150 3.92 45.68 65.36
CA VAL B 150 4.36 46.72 66.29
C VAL B 150 5.29 46.20 67.39
N GLU B 151 6.46 46.82 67.49
CA GLU B 151 7.42 46.56 68.58
C GLU B 151 7.91 45.11 68.67
N ALA B 152 7.52 44.28 67.72
CA ALA B 152 7.95 42.89 67.70
C ALA B 152 9.17 42.72 66.79
N TYR B 153 9.42 43.75 65.98
CA TYR B 153 10.32 43.68 64.84
C TYR B 153 10.43 42.26 64.29
N ARG B 154 9.35 41.81 63.68
CA ARG B 154 9.26 40.46 63.16
C ARG B 154 10.24 40.25 62.02
N PRO B 155 10.86 39.07 61.94
CA PRO B 155 11.74 38.76 60.80
C PRO B 155 10.97 38.08 59.67
N VAL B 156 10.55 38.84 58.66
CA VAL B 156 9.72 38.28 57.59
C VAL B 156 10.58 37.86 56.40
N ARG B 157 9.91 37.41 55.35
CA ARG B 157 10.58 36.93 54.15
C ARG B 157 9.66 37.14 52.95
N LYS B 158 10.24 37.29 51.76
CA LYS B 158 9.45 37.40 50.54
C LYS B 158 8.88 36.03 50.17
N GLY B 159 7.57 35.98 49.96
CA GLY B 159 6.87 34.74 49.67
C GLY B 159 6.13 34.21 50.88
N ASP B 160 6.46 34.76 52.05
CA ASP B 160 5.79 34.36 53.28
C ASP B 160 4.31 34.70 53.26
N HIS B 161 3.51 33.82 53.86
CA HIS B 161 2.09 34.09 54.09
C HIS B 161 1.80 33.95 55.58
N PHE B 162 1.55 35.08 56.24
CA PHE B 162 1.30 35.09 57.67
C PHE B 162 -0.18 35.30 57.98
N VAL B 163 -0.52 35.18 59.26
CA VAL B 163 -1.91 35.18 59.70
C VAL B 163 -2.10 36.13 60.88
N VAL B 164 -3.16 36.95 60.82
CA VAL B 164 -3.48 37.89 61.88
C VAL B 164 -4.93 37.74 62.31
N ARG B 165 -5.13 37.44 63.59
CA ARG B 165 -6.46 37.24 64.14
C ARG B 165 -7.00 38.49 64.81
N GLY B 166 -8.20 38.90 64.39
CA GLY B 166 -8.84 40.09 64.93
C GLY B 166 -10.13 40.39 64.20
N GLY B 167 -11.09 40.97 64.91
CA GLY B 167 -12.38 41.32 64.33
C GLY B 167 -13.18 40.09 63.96
N MET B 168 -13.14 39.08 64.83
CA MET B 168 -13.89 37.84 64.65
C MET B 168 -13.56 37.12 63.35
N ARG B 169 -12.31 37.21 62.92
CA ARG B 169 -11.83 36.45 61.77
C ARG B 169 -10.31 36.50 61.68
N GLN B 170 -9.74 35.66 60.83
CA GLN B 170 -8.29 35.62 60.64
C GLN B 170 -7.94 35.87 59.18
N VAL B 171 -7.22 36.97 58.94
CA VAL B 171 -6.84 37.35 57.59
C VAL B 171 -5.45 36.83 57.25
N GLU B 172 -5.26 36.44 55.99
CA GLU B 172 -3.97 35.98 55.51
C GLU B 172 -3.39 36.95 54.49
N PHE B 173 -2.23 37.51 54.81
CA PHE B 173 -1.49 38.36 53.89
C PHE B 173 -0.30 37.60 53.32
N LYS B 174 0.14 37.96 52.12
CA LYS B 174 1.37 37.41 51.56
C LYS B 174 2.38 38.52 51.31
N VAL B 175 3.58 38.34 51.85
CA VAL B 175 4.67 39.29 51.60
C VAL B 175 5.08 39.21 50.14
N VAL B 176 4.79 40.26 49.39
CA VAL B 176 5.05 40.31 47.97
C VAL B 176 6.41 40.90 47.66
N ASP B 177 6.88 41.81 48.51
CA ASP B 177 8.16 42.48 48.29
C ASP B 177 8.73 43.13 49.54
N VAL B 178 10.05 43.07 49.65
CA VAL B 178 10.81 43.81 50.65
C VAL B 178 11.96 44.51 49.95
N GLU B 179 12.47 45.59 50.52
CA GLU B 179 13.56 46.33 49.88
C GLU B 179 14.92 45.71 50.24
N PRO B 180 15.14 45.32 51.51
CA PRO B 180 16.43 44.76 51.93
C PRO B 180 16.55 43.27 51.61
N GLU B 181 16.72 42.98 50.31
CA GLU B 181 16.90 41.60 49.76
C GLU B 181 15.64 40.76 49.96
N GLU B 182 15.81 39.43 49.97
CA GLU B 182 14.70 38.46 50.15
C GLU B 182 14.10 38.55 51.55
N TYR B 183 14.92 38.73 52.59
CA TYR B 183 14.42 38.72 53.96
C TYR B 183 14.84 39.97 54.73
N ALA B 184 13.97 40.44 55.62
CA ALA B 184 14.26 41.62 56.43
C ALA B 184 13.40 41.65 57.70
N VAL B 185 13.69 42.62 58.56
CA VAL B 185 13.04 42.75 59.87
C VAL B 185 12.12 43.98 59.89
N VAL B 186 11.08 43.93 60.72
CA VAL B 186 10.04 44.97 60.73
C VAL B 186 10.10 45.89 61.97
N ALA B 187 11.22 46.58 62.14
CA ALA B 187 11.35 47.55 63.22
C ALA B 187 10.29 48.66 63.12
N GLN B 188 10.06 49.39 64.23
CA GLN B 188 9.04 50.45 64.21
C GLN B 188 9.23 51.49 63.12
N ASP B 189 10.46 51.68 62.65
CA ASP B 189 10.74 52.65 61.59
C ASP B 189 10.49 52.08 60.20
N THR B 190 10.35 50.76 60.11
CA THR B 190 10.13 50.11 58.83
C THR B 190 8.77 50.50 58.27
N ILE B 191 8.72 50.76 56.97
CA ILE B 191 7.52 51.28 56.31
C ILE B 191 6.67 50.16 55.72
N ILE B 192 5.53 49.89 56.35
CA ILE B 192 4.64 48.83 55.90
C ILE B 192 3.63 49.34 54.88
N HIS B 193 3.75 48.86 53.64
CA HIS B 193 2.81 49.21 52.58
C HIS B 193 1.87 48.04 52.27
N TRP B 194 0.59 48.23 52.58
CA TRP B 194 -0.44 47.31 52.13
C TRP B 194 -1.28 48.04 51.08
N GLU B 195 -1.79 47.22 50.14
CA GLU B 195 -2.68 47.58 49.00
C GLU B 195 -3.96 46.72 49.11
N GLY B 196 -5.06 47.11 48.43
CA GLY B 196 -6.36 46.43 48.62
C GLY B 196 -6.82 45.39 47.59
N GLU B 197 -6.01 45.05 46.58
CA GLU B 197 -6.44 44.05 45.55
C GLU B 197 -6.15 42.62 46.09
N PRO B 198 -7.13 41.68 46.12
CA PRO B 198 -6.94 40.35 46.78
C PRO B 198 -6.66 39.22 45.76
N ILE B 199 -6.80 37.91 46.10
CA ILE B 199 -6.49 37.02 44.99
C ILE B 199 -7.00 35.61 45.28
N ASN B 200 -6.89 34.75 44.25
CA ASN B 200 -7.26 33.31 44.35
C ASN B 200 -6.10 32.50 44.96
N ARG B 201 -6.45 31.34 45.52
CA ARG B 201 -5.57 30.42 46.30
C ARG B 201 -4.88 29.43 45.36
N GLU B 202 -4.95 29.69 44.05
CA GLU B 202 -4.29 28.84 43.03
C GLU B 202 -2.77 28.84 43.26
N ASP B 203 -2.19 29.98 43.65
CA ASP B 203 -0.74 30.10 43.91
C ASP B 203 -0.30 29.10 44.98
N GLU B 204 -1.07 28.93 46.08
CA GLU B 204 -0.59 27.95 47.05
C GLU B 204 -0.32 26.60 46.41
N GLU B 205 -1.21 26.12 45.55
CA GLU B 205 -1.06 24.79 44.95
C GLU B 205 0.23 24.69 44.15
N ASN B 206 0.53 25.70 43.33
CA ASN B 206 1.79 25.71 42.60
C ASN B 206 2.99 25.71 43.52
N ASN B 207 2.79 25.97 44.81
CA ASN B 207 3.82 25.71 45.80
C ASN B 207 3.83 24.25 46.23
N MET B 208 2.65 23.65 46.38
CA MET B 208 2.57 22.26 46.82
C MET B 208 2.74 21.29 45.66
N ASN B 209 2.22 21.61 44.47
CA ASN B 209 2.49 20.74 43.34
C ASN B 209 3.91 20.85 42.83
N GLU B 210 4.66 21.86 43.27
CA GLU B 210 6.01 21.83 42.69
C GLU B 210 6.34 20.36 42.91
N VAL B 211 6.71 19.65 41.85
CA VAL B 211 7.04 18.20 41.95
C VAL B 211 8.56 18.06 42.18
N GLY B 212 8.95 17.52 43.35
CA GLY B 212 10.37 17.33 43.68
C GLY B 212 10.85 15.93 43.32
N TYR B 213 11.77 15.37 44.10
CA TYR B 213 12.26 14.02 43.83
C TYR B 213 11.68 12.98 44.75
N ASP B 214 10.80 13.37 45.67
CA ASP B 214 10.12 12.45 46.56
C ASP B 214 8.73 12.07 46.03
N ASP B 215 8.60 11.99 44.72
CA ASP B 215 7.31 11.72 44.08
C ASP B 215 7.38 10.63 43.03
N ILE B 216 8.59 10.30 42.56
CA ILE B 216 8.77 9.29 41.49
C ILE B 216 9.31 7.99 42.12
N GLY B 217 8.69 7.54 43.21
CA GLY B 217 9.12 6.31 43.90
C GLY B 217 8.80 5.06 43.09
N GLY B 218 9.79 4.18 42.92
CA GLY B 218 9.61 2.95 42.19
C GLY B 218 10.59 2.75 41.05
N CYS B 219 11.27 3.82 40.63
CA CYS B 219 12.31 3.79 39.60
C CYS B 219 13.57 4.47 40.14
N ARG B 220 13.96 4.06 41.35
CA ARG B 220 15.02 4.74 42.10
C ARG B 220 16.39 4.61 41.42
N LYS B 221 16.65 3.47 40.78
CA LYS B 221 17.94 3.27 40.13
C LYS B 221 18.10 4.18 38.92
N GLN B 222 17.07 4.25 38.06
CA GLN B 222 17.10 5.15 36.91
C GLN B 222 17.07 6.62 37.35
N MET B 223 16.36 6.91 38.44
CA MET B 223 16.33 8.26 38.98
C MET B 223 17.71 8.70 39.49
N ALA B 224 18.43 7.79 40.15
CA ALA B 224 19.79 8.10 40.60
C ALA B 224 20.75 8.22 39.41
N GLN B 225 20.55 7.38 38.38
CA GLN B 225 21.39 7.44 37.19
C GLN B 225 21.19 8.74 36.41
N ILE B 226 19.97 9.29 36.41
CA ILE B 226 19.74 10.59 35.79
C ILE B 226 20.25 11.71 36.69
N ARG B 227 19.96 11.62 37.99
CA ARG B 227 20.29 12.68 38.95
C ARG B 227 21.80 12.86 39.09
N GLU B 228 22.58 11.79 38.93
CA GLU B 228 24.04 11.89 38.97
C GLU B 228 24.56 12.77 37.83
N MET B 229 24.24 12.42 36.59
CA MET B 229 24.72 13.16 35.43
C MET B 229 24.06 14.52 35.25
N VAL B 230 22.98 14.81 35.96
CA VAL B 230 22.47 16.18 36.00
C VAL B 230 23.10 17.02 37.12
N GLU B 231 23.21 16.51 38.34
CA GLU B 231 23.59 17.30 39.49
C GLU B 231 25.08 17.35 39.76
N LEU B 232 25.80 16.23 39.62
CA LEU B 232 27.22 16.22 39.96
C LEU B 232 28.12 17.04 39.03
N PRO B 233 27.89 17.14 37.69
CA PRO B 233 28.67 18.14 36.94
C PRO B 233 28.08 19.55 36.99
N LEU B 234 27.06 19.77 37.82
CA LEU B 234 26.46 21.08 37.98
C LEU B 234 26.61 21.65 39.38
N ARG B 235 26.71 20.82 40.41
CA ARG B 235 26.88 21.30 41.77
C ARG B 235 28.36 21.50 42.10
N HIS B 236 29.16 20.45 41.95
CA HIS B 236 30.60 20.51 42.19
C HIS B 236 31.31 19.88 41.00
N PRO B 237 31.65 20.67 39.98
CA PRO B 237 32.38 20.14 38.82
C PRO B 237 33.88 19.99 39.03
N GLN B 238 34.40 20.30 40.21
CA GLN B 238 35.82 20.14 40.50
C GLN B 238 36.22 18.66 40.54
N LEU B 239 35.30 17.77 40.91
CA LEU B 239 35.58 16.34 40.88
C LEU B 239 35.79 15.85 39.45
N PHE B 240 34.94 16.30 38.53
CA PHE B 240 35.09 15.96 37.12
C PHE B 240 36.26 16.69 36.47
N LYS B 241 36.65 17.85 36.97
CA LYS B 241 37.85 18.52 36.49
C LYS B 241 39.13 17.88 37.02
N ALA B 242 39.07 17.23 38.18
CA ALA B 242 40.21 16.52 38.74
C ALA B 242 40.32 15.09 38.24
N ILE B 243 39.23 14.49 37.76
CA ILE B 243 39.31 13.13 37.25
C ILE B 243 39.96 13.11 35.87
N GLY B 244 39.99 14.24 35.16
CA GLY B 244 40.72 14.37 33.92
C GLY B 244 39.85 14.56 32.69
N ILE B 245 38.69 13.93 32.62
CA ILE B 245 37.88 13.96 31.40
C ILE B 245 36.53 14.62 31.67
N LYS B 246 35.71 14.75 30.61
CA LYS B 246 34.41 15.40 30.52
C LYS B 246 33.30 14.43 30.92
N PRO B 247 32.26 14.92 31.60
CA PRO B 247 31.12 14.07 31.94
C PRO B 247 30.23 13.84 30.72
N PRO B 248 29.40 12.80 30.74
CA PRO B 248 28.43 12.63 29.63
C PRO B 248 27.36 13.70 29.65
N ARG B 249 27.01 14.18 28.46
CA ARG B 249 26.07 15.28 28.29
C ARG B 249 24.91 14.87 27.39
N GLY B 250 24.34 13.69 27.67
CA GLY B 250 23.22 13.20 26.89
C GLY B 250 22.55 12.00 27.51
N VAL B 251 21.22 12.01 27.56
CA VAL B 251 20.44 10.93 28.15
C VAL B 251 19.10 10.83 27.42
N LEU B 252 18.73 9.59 27.09
CA LEU B 252 17.50 9.31 26.35
C LEU B 252 16.63 8.39 27.19
N MET B 253 15.46 8.88 27.58
CA MET B 253 14.49 8.05 28.31
C MET B 253 13.61 7.32 27.31
N TYR B 254 13.47 6.01 27.50
CA TYR B 254 12.60 5.20 26.66
C TYR B 254 11.90 4.15 27.52
N GLY B 255 10.67 3.82 27.13
CA GLY B 255 9.89 2.84 27.86
C GLY B 255 8.44 2.86 27.46
N PRO B 256 7.59 2.14 28.20
CA PRO B 256 6.15 2.14 27.91
C PRO B 256 5.53 3.46 28.31
N PRO B 257 4.39 3.82 27.69
CA PRO B 257 3.73 5.08 28.07
C PRO B 257 3.08 4.97 29.44
N GLY B 258 3.18 6.04 30.22
CA GLY B 258 2.67 6.03 31.58
C GLY B 258 3.63 5.34 32.53
N THR B 259 4.84 5.87 32.64
CA THR B 259 5.84 5.29 33.53
C THR B 259 6.41 6.36 34.44
N GLY B 260 6.58 7.57 33.91
CA GLY B 260 7.05 8.68 34.71
C GLY B 260 8.23 9.44 34.14
N LYS B 261 8.45 9.33 32.83
CA LYS B 261 9.56 10.05 32.20
C LYS B 261 9.30 11.55 32.14
N THR B 262 8.08 11.95 31.78
CA THR B 262 7.74 13.36 31.77
C THR B 262 7.68 13.94 33.18
N LEU B 263 7.24 13.13 34.15
CA LEU B 263 7.25 13.57 35.55
C LEU B 263 8.68 13.72 36.06
N MET B 264 9.58 12.84 35.63
CA MET B 264 10.99 12.96 36.01
C MET B 264 11.63 14.18 35.40
N ALA B 265 11.30 14.49 34.13
CA ALA B 265 11.80 15.70 33.50
C ALA B 265 11.22 16.96 34.15
N ARG B 266 9.96 16.91 34.60
CA ARG B 266 9.36 18.04 35.30
C ARG B 266 9.99 18.23 36.67
N ALA B 267 10.34 17.13 37.35
CA ALA B 267 11.02 17.24 38.64
C ALA B 267 12.45 17.75 38.47
N VAL B 268 13.09 17.40 37.34
CA VAL B 268 14.42 17.94 37.03
C VAL B 268 14.33 19.44 36.77
N ALA B 269 13.30 19.87 36.04
CA ALA B 269 13.11 21.29 35.77
C ALA B 269 12.72 22.07 37.02
N ASN B 270 12.03 21.42 37.97
CA ASN B 270 11.59 22.11 39.17
C ASN B 270 12.64 22.11 40.29
N GLU B 271 13.54 21.11 40.30
CA GLU B 271 14.50 21.00 41.41
C GLU B 271 15.66 21.97 41.23
N THR B 272 16.33 21.92 40.08
CA THR B 272 17.50 22.75 39.86
C THR B 272 17.10 24.19 39.59
N GLY B 273 17.97 25.12 40.02
CA GLY B 273 17.73 26.53 39.84
C GLY B 273 18.35 27.09 38.57
N ALA B 274 18.82 26.21 37.71
CA ALA B 274 19.41 26.62 36.44
C ALA B 274 18.32 26.89 35.41
N PHE B 275 18.73 27.32 34.22
CA PHE B 275 17.80 27.60 33.14
C PHE B 275 17.27 26.30 32.54
N PHE B 276 16.05 26.35 32.03
CA PHE B 276 15.39 25.19 31.45
C PHE B 276 14.61 25.62 30.21
N PHE B 277 14.88 24.98 29.09
CA PHE B 277 14.17 25.23 27.84
C PHE B 277 13.38 23.99 27.45
N LEU B 278 12.11 24.18 27.11
CA LEU B 278 11.20 23.10 26.77
C LEU B 278 10.98 23.08 25.27
N ILE B 279 11.35 21.97 24.62
CA ILE B 279 11.17 21.78 23.19
C ILE B 279 10.25 20.58 23.00
N ASN B 280 9.09 20.80 22.40
CA ASN B 280 8.15 19.72 22.12
C ASN B 280 8.52 19.06 20.79
N GLY B 281 7.76 18.05 20.40
CA GLY B 281 8.06 17.30 19.20
C GLY B 281 7.80 18.05 17.91
N PRO B 282 6.53 18.27 17.57
CA PRO B 282 6.21 18.98 16.32
C PRO B 282 6.06 20.48 16.49
N GLU B 283 6.47 21.01 17.64
CA GLU B 283 6.39 22.45 17.88
C GLU B 283 7.46 23.23 17.13
N VAL B 284 8.50 22.57 16.63
CA VAL B 284 9.57 23.26 15.93
C VAL B 284 9.27 23.45 14.46
N MET B 285 8.31 22.70 13.92
CA MET B 285 7.98 22.78 12.50
C MET B 285 7.23 24.07 12.17
N SER B 286 7.43 24.55 10.95
CA SER B 286 6.78 25.78 10.50
C SER B 286 6.57 25.69 9.00
N LYS B 287 5.70 26.58 8.50
CA LYS B 287 5.31 26.53 7.10
C LYS B 287 6.39 27.10 6.17
N MET B 288 7.26 27.97 6.69
CA MET B 288 8.27 28.59 5.86
C MET B 288 9.40 27.60 5.55
N ALA B 289 9.98 27.78 4.37
CA ALA B 289 11.08 26.92 3.91
C ALA B 289 12.36 27.37 4.60
N GLY B 290 12.79 26.62 5.60
CA GLY B 290 13.97 26.95 6.36
C GLY B 290 13.70 27.63 7.68
N GLU B 291 12.55 27.38 8.31
CA GLU B 291 12.21 28.00 9.59
C GLU B 291 12.37 27.05 10.77
N SER B 292 12.24 25.74 10.56
CA SER B 292 12.42 24.80 11.66
C SER B 292 13.87 24.71 12.09
N GLU B 293 14.80 24.75 11.14
CA GLU B 293 16.22 24.78 11.46
C GLU B 293 16.60 26.08 12.16
N SER B 294 16.00 27.20 11.74
CA SER B 294 16.24 28.48 12.41
C SER B 294 15.68 28.48 13.82
N ASN B 295 14.52 27.84 14.03
CA ASN B 295 13.96 27.74 15.37
C ASN B 295 14.81 26.85 16.27
N LEU B 296 15.34 25.76 15.73
CA LEU B 296 16.23 24.89 16.49
C LEU B 296 17.53 25.60 16.85
N ARG B 297 18.08 26.37 15.90
CA ARG B 297 19.31 27.13 16.15
C ARG B 297 19.08 28.23 17.18
N LYS B 298 17.92 28.90 17.11
CA LYS B 298 17.61 29.93 18.10
C LYS B 298 17.37 29.35 19.48
N ALA B 299 16.73 28.17 19.56
CA ALA B 299 16.53 27.51 20.85
C ALA B 299 17.84 27.06 21.46
N PHE B 300 18.75 26.53 20.63
CA PHE B 300 20.06 26.10 21.13
C PHE B 300 20.92 27.31 21.53
N GLU B 301 20.81 28.42 20.79
CA GLU B 301 21.57 29.61 21.13
C GLU B 301 21.02 30.27 22.40
N GLU B 302 19.71 30.19 22.62
CA GLU B 302 19.13 30.71 23.85
C GLU B 302 19.48 29.81 25.04
N ALA B 303 19.58 28.50 24.82
CA ALA B 303 19.97 27.59 25.90
C ALA B 303 21.46 27.66 26.21
N GLU B 304 22.29 28.06 25.25
CA GLU B 304 23.73 28.13 25.47
C GLU B 304 24.19 29.51 25.93
N LYS B 305 23.52 30.58 25.49
CA LYS B 305 24.02 31.93 25.74
C LYS B 305 23.74 32.38 27.17
N ASN B 306 22.55 32.07 27.68
CA ASN B 306 22.11 32.60 28.96
C ASN B 306 22.84 31.97 30.14
N ALA B 307 22.75 30.65 30.26
CA ALA B 307 23.30 29.94 31.42
C ALA B 307 23.56 28.49 31.01
N PRO B 308 24.35 27.75 31.79
CA PRO B 308 24.36 26.28 31.61
C PRO B 308 22.99 25.70 31.92
N ALA B 309 22.31 25.22 30.88
CA ALA B 309 20.90 24.89 30.95
C ALA B 309 20.65 23.42 30.62
N ILE B 310 19.40 23.03 30.77
CA ILE B 310 18.93 21.68 30.47
C ILE B 310 17.85 21.77 29.41
N ILE B 311 18.05 21.06 28.31
CA ILE B 311 17.10 21.04 27.19
C ILE B 311 16.34 19.72 27.22
N PHE B 312 15.02 19.80 27.17
CA PHE B 312 14.16 18.62 27.16
C PHE B 312 13.48 18.52 25.80
N ILE B 313 13.68 17.40 25.13
CA ILE B 313 13.09 17.14 23.81
C ILE B 313 12.03 16.07 24.00
N ASP B 314 10.78 16.51 24.17
CA ASP B 314 9.68 15.58 24.38
C ASP B 314 9.13 15.09 23.04
N GLU B 315 8.87 13.78 22.96
CA GLU B 315 8.32 13.09 21.79
C GLU B 315 9.20 13.29 20.56
N ILE B 316 10.40 12.73 20.66
CA ILE B 316 11.41 12.86 19.61
C ILE B 316 11.10 12.04 18.36
N ASP B 317 10.11 11.15 18.41
CA ASP B 317 9.73 10.33 17.26
C ASP B 317 9.10 11.14 16.13
N SER B 318 8.55 12.31 16.41
CA SER B 318 8.08 13.22 15.38
C SER B 318 9.18 14.14 14.87
N ILE B 319 10.38 14.04 15.44
CA ILE B 319 11.53 14.84 15.03
C ILE B 319 12.53 14.00 14.24
N ALA B 320 12.72 12.74 14.62
CA ALA B 320 13.66 11.83 13.97
C ALA B 320 12.90 10.68 13.34
N PRO B 321 12.63 10.75 12.02
CA PRO B 321 11.99 9.62 11.33
C PRO B 321 12.98 8.59 10.81
N LYS B 322 14.21 8.59 11.37
CA LYS B 322 15.35 7.69 11.15
C LYS B 322 16.07 7.96 9.82
N ARG B 323 15.60 8.92 9.01
CA ARG B 323 16.26 9.43 7.80
C ARG B 323 16.50 8.38 6.72
N ASP B 324 15.84 7.23 6.82
CA ASP B 324 15.97 6.17 5.82
C ASP B 324 14.61 5.61 5.41
N LYS B 325 13.54 5.96 6.11
CA LYS B 325 12.19 5.53 5.75
C LYS B 325 11.30 6.67 5.31
N THR B 326 11.60 7.90 5.70
CA THR B 326 10.82 9.05 5.25
C THR B 326 11.15 9.39 3.79
N ASN B 327 10.24 10.12 3.15
CA ASN B 327 10.41 10.51 1.77
C ASN B 327 10.38 12.02 1.57
N GLY B 328 10.31 12.80 2.65
CA GLY B 328 10.30 14.23 2.56
C GLY B 328 11.70 14.84 2.57
N GLU B 329 11.73 16.14 2.75
CA GLU B 329 12.98 16.90 2.80
C GLU B 329 13.14 17.68 4.09
N VAL B 330 12.06 18.22 4.63
CA VAL B 330 12.12 19.04 5.84
C VAL B 330 12.49 18.20 7.06
N GLU B 331 12.02 16.95 7.10
CA GLU B 331 12.36 16.07 8.22
C GLU B 331 13.83 15.69 8.20
N ARG B 332 14.38 15.40 7.01
CA ARG B 332 15.80 15.09 6.89
C ARG B 332 16.66 16.32 7.18
N ARG B 333 16.16 17.51 6.81
CA ARG B 333 16.87 18.75 7.14
C ARG B 333 16.88 19.00 8.65
N VAL B 334 15.77 18.69 9.33
CA VAL B 334 15.70 18.84 10.77
C VAL B 334 16.61 17.83 11.48
N VAL B 335 16.67 16.58 11.00
CA VAL B 335 17.55 15.58 11.59
C VAL B 335 19.02 15.96 11.37
N SER B 336 19.35 16.46 10.18
CA SER B 336 20.72 16.89 9.91
C SER B 336 21.10 18.12 10.73
N GLN B 337 20.15 19.04 10.97
CA GLN B 337 20.42 20.18 11.84
C GLN B 337 20.61 19.76 13.29
N LEU B 338 19.85 18.75 13.73
CA LEU B 338 20.02 18.24 15.09
C LEU B 338 21.37 17.52 15.24
N LEU B 339 21.78 16.78 14.21
CA LEU B 339 23.08 16.11 14.25
C LEU B 339 24.24 17.10 14.17
N THR B 340 24.04 18.24 13.48
CA THR B 340 25.06 19.27 13.44
C THR B 340 25.15 20.02 14.76
N LEU B 341 24.01 20.40 15.34
CA LEU B 341 24.01 21.18 16.57
C LEU B 341 24.38 20.32 17.79
N MET B 342 24.19 19.00 17.70
CA MET B 342 24.48 18.15 18.85
C MET B 342 25.93 17.70 18.91
N ASP B 343 26.58 17.54 17.75
CA ASP B 343 27.97 17.09 17.73
C ASP B 343 28.65 17.70 16.51
N GLY B 344 29.71 18.47 16.75
CA GLY B 344 30.44 19.10 15.66
C GLY B 344 31.23 20.27 16.17
N MET B 345 31.55 21.18 15.26
CA MET B 345 32.21 22.43 15.62
C MET B 345 31.21 23.37 16.26
N LYS B 346 31.54 23.85 17.47
CA LYS B 346 30.65 24.62 18.35
C LYS B 346 29.34 23.86 18.58
N ALA B 347 29.49 22.68 19.17
CA ALA B 347 28.36 21.79 19.40
C ALA B 347 27.61 22.17 20.67
N ARG B 348 28.28 22.08 21.82
CA ARG B 348 27.63 22.28 23.11
C ARG B 348 28.64 22.88 24.07
N SER B 349 28.22 23.91 24.81
CA SER B 349 29.08 24.57 25.79
C SER B 349 28.40 24.44 27.16
N ASN B 350 28.68 23.33 27.84
CA ASN B 350 28.24 23.01 29.20
C ASN B 350 26.70 23.03 29.32
N VAL B 351 26.07 22.33 28.37
CA VAL B 351 24.62 22.13 28.39
C VAL B 351 24.33 20.65 28.16
N VAL B 352 23.23 20.17 28.72
CA VAL B 352 22.83 18.77 28.62
C VAL B 352 21.49 18.71 27.88
N VAL B 353 21.23 17.59 27.23
CA VAL B 353 19.98 17.38 26.50
C VAL B 353 19.34 16.08 26.99
N ILE B 354 18.04 16.15 27.30
CA ILE B 354 17.25 14.99 27.71
C ILE B 354 16.15 14.80 26.68
N ALA B 355 15.90 13.53 26.34
CA ALA B 355 14.86 13.19 25.39
C ALA B 355 14.01 12.05 25.94
N ALA B 356 12.73 12.07 25.60
CA ALA B 356 11.79 11.05 26.03
C ALA B 356 11.01 10.55 24.82
N THR B 357 10.70 9.26 24.83
CA THR B 357 10.02 8.63 23.70
C THR B 357 9.24 7.42 24.20
N ASN B 358 8.35 6.94 23.34
CA ASN B 358 7.58 5.73 23.60
C ASN B 358 8.14 4.50 22.89
N ARG B 359 8.69 4.67 21.69
CA ARG B 359 9.36 3.60 20.98
C ARG B 359 10.82 3.96 20.76
N PRO B 360 11.78 3.11 21.14
CA PRO B 360 13.18 3.46 20.98
C PRO B 360 13.76 3.07 19.62
N ASN B 361 13.02 2.26 18.87
CA ASN B 361 13.54 1.74 17.60
C ASN B 361 13.35 2.72 16.45
N SER B 362 12.52 3.75 16.62
CA SER B 362 12.27 4.73 15.58
C SER B 362 13.19 5.95 15.70
N ILE B 363 14.34 5.79 16.35
CA ILE B 363 15.30 6.87 16.54
C ILE B 363 16.49 6.58 15.64
N ASP B 364 17.11 7.65 15.14
CA ASP B 364 18.21 7.54 14.19
C ASP B 364 19.45 6.92 14.85
N PRO B 365 20.13 6.00 14.15
CA PRO B 365 21.37 5.42 14.72
C PRO B 365 22.50 6.42 14.87
N ALA B 366 22.53 7.50 14.09
CA ALA B 366 23.50 8.55 14.31
C ALA B 366 23.12 9.44 15.49
N LEU B 367 21.84 9.51 15.83
CA LEU B 367 21.40 10.21 17.03
C LEU B 367 21.51 9.34 18.28
N ARG B 368 21.64 8.02 18.11
CA ARG B 368 21.85 7.10 19.24
C ARG B 368 23.32 6.80 19.45
N ARG B 369 24.18 7.76 19.17
CA ARG B 369 25.63 7.61 19.26
C ARG B 369 26.17 8.36 20.48
N PHE B 370 27.44 8.14 20.77
CA PHE B 370 28.09 8.82 21.88
C PHE B 370 28.32 10.29 21.54
N GLY B 371 28.08 11.15 22.53
CA GLY B 371 28.21 12.58 22.34
C GLY B 371 26.86 13.26 22.23
N ARG B 372 25.92 12.59 21.57
CA ARG B 372 24.56 13.09 21.42
C ARG B 372 23.61 12.43 22.41
N PHE B 373 23.48 11.10 22.35
CA PHE B 373 22.68 10.32 23.29
C PHE B 373 23.41 9.00 23.54
N ASP B 374 24.24 8.98 24.57
CA ASP B 374 25.05 7.80 24.86
C ASP B 374 24.43 6.92 25.95
N ARG B 375 23.90 7.51 26.99
CA ARG B 375 23.27 6.77 28.08
C ARG B 375 21.79 6.64 27.84
N GLU B 376 21.31 5.41 27.77
CA GLU B 376 19.90 5.11 27.52
C GLU B 376 19.32 4.48 28.78
N VAL B 377 18.66 5.29 29.60
CA VAL B 377 18.04 4.80 30.82
C VAL B 377 16.77 4.04 30.47
N ASP B 378 16.55 2.90 31.15
CA ASP B 378 15.43 2.02 30.87
C ASP B 378 14.48 2.06 32.06
N ILE B 379 13.45 2.88 31.96
CA ILE B 379 12.46 3.04 33.01
C ILE B 379 11.30 2.11 32.65
N GLY B 380 11.35 0.87 33.16
CA GLY B 380 10.36 -0.14 32.83
C GLY B 380 9.22 -0.18 33.83
N ILE B 381 8.55 -1.34 33.84
CA ILE B 381 7.43 -1.55 34.76
C ILE B 381 7.94 -1.69 36.18
N PRO B 382 7.24 -1.20 37.19
CA PRO B 382 7.74 -1.31 38.56
C PRO B 382 7.50 -2.71 39.13
N ASP B 383 8.16 -2.97 40.25
CA ASP B 383 7.96 -4.22 40.97
C ASP B 383 6.81 -4.03 41.96
N ALA B 384 6.60 -5.01 42.83
CA ALA B 384 5.57 -4.89 43.86
C ALA B 384 5.91 -3.79 44.86
N THR B 385 7.20 -3.68 45.23
CA THR B 385 7.62 -2.60 46.11
C THR B 385 7.53 -1.24 45.42
N GLY B 386 7.77 -1.20 44.11
CA GLY B 386 7.59 0.05 43.38
C GLY B 386 6.13 0.46 43.29
N ARG B 387 5.23 -0.51 43.09
CA ARG B 387 3.80 -0.21 43.08
C ARG B 387 3.32 0.21 44.47
N LEU B 388 3.89 -0.38 45.52
CA LEU B 388 3.58 0.04 46.88
C LEU B 388 4.07 1.46 47.15
N GLU B 389 5.23 1.82 46.60
CA GLU B 389 5.75 3.18 46.76
C GLU B 389 4.89 4.20 46.02
N VAL B 390 4.43 3.85 44.81
CA VAL B 390 3.54 4.74 44.06
C VAL B 390 2.19 4.88 44.76
N LEU B 391 1.70 3.78 45.37
CA LEU B 391 0.47 3.84 46.14
C LEU B 391 0.62 4.70 47.39
N ARG B 392 1.79 4.65 48.04
CA ARG B 392 2.02 5.49 49.21
C ARG B 392 2.21 6.95 48.83
N ILE B 393 2.72 7.20 47.62
CA ILE B 393 2.86 8.58 47.16
C ILE B 393 1.50 9.18 46.81
N HIS B 394 0.66 8.42 46.11
CA HIS B 394 -0.62 8.93 45.64
C HIS B 394 -1.70 8.95 46.73
N THR B 395 -1.44 8.36 47.89
CA THR B 395 -2.39 8.37 48.99
C THR B 395 -1.86 9.12 50.21
N LYS B 396 -1.00 10.12 49.98
CA LYS B 396 -0.45 10.92 51.06
C LYS B 396 -1.15 12.28 51.21
N ASN B 397 -1.97 12.67 50.24
CA ASN B 397 -2.70 13.93 50.30
C ASN B 397 -4.19 13.72 50.50
N MET B 398 -4.59 12.58 51.06
CA MET B 398 -6.00 12.25 51.25
C MET B 398 -6.17 11.43 52.51
N LYS B 399 -7.31 11.62 53.18
CA LYS B 399 -7.65 10.86 54.38
C LYS B 399 -8.42 9.62 53.98
N LEU B 400 -7.80 8.45 54.13
CA LEU B 400 -8.41 7.23 53.59
C LEU B 400 -9.26 6.51 54.63
N ALA B 401 -8.62 5.97 55.67
CA ALA B 401 -9.25 5.03 56.60
C ALA B 401 -8.33 4.68 57.76
N ASP B 402 -8.82 3.85 58.67
CA ASP B 402 -7.99 3.22 59.68
C ASP B 402 -7.74 1.74 59.41
N ASP B 403 -8.35 1.18 58.36
CA ASP B 403 -8.22 -0.23 58.03
C ASP B 403 -7.79 -0.45 56.57
N VAL B 404 -7.33 0.59 55.88
CA VAL B 404 -6.91 0.43 54.50
C VAL B 404 -5.56 -0.27 54.46
N ASP B 405 -5.37 -1.14 53.46
CA ASP B 405 -4.14 -1.94 53.34
C ASP B 405 -3.55 -1.68 51.96
N LEU B 406 -2.53 -0.83 51.92
CA LEU B 406 -1.84 -0.56 50.67
C LEU B 406 -0.91 -1.69 50.25
N GLU B 407 -0.43 -2.49 51.22
CA GLU B 407 0.45 -3.60 50.89
C GLU B 407 -0.29 -4.72 50.19
N ALA B 408 -1.48 -5.07 50.68
CA ALA B 408 -2.30 -6.08 50.01
C ALA B 408 -2.83 -5.57 48.68
N LEU B 409 -3.05 -4.26 48.57
CA LEU B 409 -3.48 -3.68 47.30
C LEU B 409 -2.35 -3.71 46.28
N ALA B 410 -1.11 -3.50 46.72
CA ALA B 410 0.03 -3.59 45.82
C ALA B 410 0.34 -5.03 45.45
N ALA B 411 0.14 -5.98 46.37
CA ALA B 411 0.35 -7.38 46.06
C ALA B 411 -0.81 -8.00 45.28
N GLU B 412 -1.96 -7.33 45.23
CA GLU B 412 -3.11 -7.84 44.48
C GLU B 412 -3.05 -7.45 43.01
N THR B 413 -2.63 -6.22 42.70
CA THR B 413 -2.46 -5.81 41.32
C THR B 413 -1.23 -6.47 40.73
N HIS B 414 -1.23 -6.68 39.41
CA HIS B 414 -0.18 -7.46 38.77
C HIS B 414 0.40 -6.82 37.51
N GLY B 415 -0.34 -5.97 36.82
CA GLY B 415 0.16 -5.39 35.58
C GLY B 415 0.05 -3.88 35.51
N TYR B 416 -0.20 -3.26 36.66
CA TYR B 416 -0.35 -1.80 36.69
C TYR B 416 1.01 -1.13 36.63
N VAL B 417 1.10 -0.06 35.85
CA VAL B 417 2.34 0.69 35.65
C VAL B 417 2.02 2.18 35.62
N GLY B 418 2.71 2.96 36.46
CA GLY B 418 2.67 4.41 36.41
C GLY B 418 1.35 5.05 36.79
N ALA B 419 0.66 5.61 35.79
CA ALA B 419 -0.55 6.40 36.04
C ALA B 419 -1.76 5.53 36.30
N ASP B 420 -1.67 4.21 36.13
CA ASP B 420 -2.78 3.32 36.39
C ASP B 420 -3.12 3.24 37.89
N ILE B 421 -2.12 3.38 38.76
CA ILE B 421 -2.36 3.44 40.19
C ILE B 421 -3.10 4.74 40.56
N ALA B 422 -2.74 5.85 39.92
CA ALA B 422 -3.49 7.10 40.11
C ALA B 422 -4.90 7.00 39.57
N SER B 423 -5.09 6.26 38.47
CA SER B 423 -6.44 6.02 37.96
C SER B 423 -7.26 5.17 38.92
N LEU B 424 -6.62 4.17 39.54
CA LEU B 424 -7.27 3.35 40.56
C LEU B 424 -7.69 4.19 41.77
N CYS B 425 -6.81 5.08 42.22
CA CYS B 425 -7.11 5.92 43.38
C CYS B 425 -8.20 6.93 43.07
N SER B 426 -8.16 7.52 41.85
CA SER B 426 -9.19 8.47 41.46
C SER B 426 -10.54 7.79 41.26
N GLU B 427 -10.55 6.56 40.74
CA GLU B 427 -11.81 5.82 40.60
C GLU B 427 -12.38 5.42 41.95
N ALA B 428 -11.51 5.04 42.91
CA ALA B 428 -11.99 4.72 44.25
C ALA B 428 -12.55 5.96 44.95
N ALA B 429 -11.88 7.10 44.80
CA ALA B 429 -12.39 8.34 45.40
C ALA B 429 -13.68 8.81 44.74
N MET B 430 -13.81 8.62 43.42
CA MET B 430 -15.04 9.00 42.73
C MET B 430 -16.19 8.09 43.12
N GLN B 431 -15.92 6.80 43.32
CA GLN B 431 -16.96 5.89 43.79
C GLN B 431 -17.34 6.19 45.23
N GLN B 432 -16.39 6.63 46.05
CA GLN B 432 -16.72 7.04 47.42
C GLN B 432 -17.59 8.29 47.43
N ILE B 433 -17.28 9.26 46.55
CA ILE B 433 -18.08 10.48 46.44
C ILE B 433 -19.49 10.16 45.94
N ARG B 434 -19.60 9.28 44.94
CA ARG B 434 -20.92 8.90 44.43
C ARG B 434 -21.68 7.97 45.38
N GLU B 435 -20.98 7.34 46.33
CA GLU B 435 -21.65 6.52 47.33
C GLU B 435 -22.15 7.34 48.51
N LYS B 436 -21.41 8.38 48.89
CA LYS B 436 -21.75 9.20 50.06
C LYS B 436 -22.54 10.44 49.67
N MET B 437 -23.40 10.35 48.66
CA MET B 437 -24.23 11.46 48.23
C MET B 437 -25.70 11.09 48.10
N ASP B 438 -26.10 9.91 48.60
CA ASP B 438 -27.49 9.48 48.52
C ASP B 438 -28.28 9.76 49.79
N LEU B 439 -27.61 9.87 50.94
CA LEU B 439 -28.30 10.22 52.17
C LEU B 439 -28.69 11.69 52.18
N ILE B 440 -27.89 12.54 51.56
CA ILE B 440 -28.23 13.94 51.37
C ILE B 440 -28.74 14.14 49.95
N ASP B 441 -29.37 15.29 49.71
CA ASP B 441 -29.95 15.59 48.40
C ASP B 441 -28.87 16.05 47.41
N LEU B 442 -29.31 16.60 46.27
CA LEU B 442 -28.35 17.09 45.28
C LEU B 442 -27.63 18.33 45.78
N ASP B 443 -28.37 19.25 46.41
CA ASP B 443 -27.85 20.48 47.03
C ASP B 443 -27.10 21.35 46.02
N GLU B 444 -27.87 21.86 45.05
CA GLU B 444 -27.32 22.69 44.00
C GLU B 444 -26.80 24.03 44.49
N ASP B 445 -27.21 24.48 45.67
CA ASP B 445 -26.73 25.75 46.23
C ASP B 445 -25.37 25.56 46.89
N GLU B 446 -25.31 24.75 47.94
CA GLU B 446 -24.08 24.58 48.71
C GLU B 446 -24.16 23.30 49.52
N ILE B 447 -23.08 22.52 49.50
CA ILE B 447 -22.94 21.35 50.36
C ILE B 447 -22.41 21.83 51.70
N ASP B 448 -23.14 21.52 52.77
CA ASP B 448 -22.80 22.00 54.11
C ASP B 448 -21.54 21.31 54.65
N ALA B 449 -21.08 21.81 55.80
CA ALA B 449 -19.83 21.39 56.39
C ALA B 449 -19.90 20.02 57.07
N GLU B 450 -21.07 19.39 57.12
CA GLU B 450 -21.18 18.08 57.74
C GLU B 450 -20.70 16.96 56.82
N VAL B 451 -20.76 17.18 55.51
CA VAL B 451 -20.34 16.17 54.55
C VAL B 451 -18.87 16.34 54.17
N LEU B 452 -18.34 17.55 54.32
CA LEU B 452 -16.95 17.82 53.95
C LEU B 452 -15.97 17.13 54.89
N ASP B 453 -16.29 17.08 56.18
CA ASP B 453 -15.43 16.39 57.13
C ASP B 453 -15.88 14.94 57.30
N SER B 454 -14.91 14.10 57.67
CA SER B 454 -15.09 12.66 57.96
C SER B 454 -15.71 11.92 56.78
N LEU B 455 -15.09 12.09 55.61
CA LEU B 455 -15.56 11.39 54.41
C LEU B 455 -15.13 9.93 54.44
N GLY B 456 -13.82 9.68 54.41
CA GLY B 456 -13.29 8.34 54.53
C GLY B 456 -13.33 7.56 53.24
N VAL B 457 -12.20 6.96 52.86
CA VAL B 457 -12.12 6.10 51.69
C VAL B 457 -11.78 4.71 52.20
N THR B 458 -12.81 3.86 52.33
CA THR B 458 -12.63 2.53 52.91
C THR B 458 -12.05 1.58 51.88
N MET B 459 -11.85 0.32 52.27
CA MET B 459 -11.23 -0.68 51.41
C MET B 459 -12.18 -1.25 50.37
N ASP B 460 -13.50 -1.18 50.60
CA ASP B 460 -14.44 -1.71 49.62
C ASP B 460 -14.49 -0.84 48.36
N ASN B 461 -14.27 0.47 48.51
CA ASN B 461 -14.15 1.34 47.33
C ASN B 461 -12.92 0.98 46.50
N PHE B 462 -11.79 0.67 47.16
CA PHE B 462 -10.60 0.25 46.44
C PHE B 462 -10.76 -1.12 45.80
N ARG B 463 -11.49 -2.03 46.45
CA ARG B 463 -11.75 -3.34 45.85
C ARG B 463 -12.68 -3.22 44.64
N PHE B 464 -13.68 -2.33 44.71
CA PHE B 464 -14.57 -2.11 43.57
C PHE B 464 -13.82 -1.45 42.42
N ALA B 465 -12.94 -0.48 42.73
CA ALA B 465 -12.15 0.16 41.69
C ALA B 465 -11.09 -0.76 41.11
N LEU B 466 -10.62 -1.75 41.87
CA LEU B 466 -9.68 -2.72 41.35
C LEU B 466 -10.38 -3.78 40.50
N GLY B 467 -11.59 -4.18 40.87
CA GLY B 467 -12.37 -5.08 40.05
C GLY B 467 -13.06 -4.44 38.88
N ASN B 468 -13.09 -3.11 38.82
CA ASN B 468 -13.72 -2.38 37.72
C ASN B 468 -12.69 -1.61 36.89
N SER B 469 -11.48 -2.14 36.74
CA SER B 469 -10.45 -1.48 35.96
C SER B 469 -9.53 -2.53 35.36
N ASN B 470 -8.60 -2.05 34.53
CA ASN B 470 -7.68 -2.90 33.78
C ASN B 470 -6.40 -2.12 33.55
N PRO B 471 -5.28 -2.81 33.29
CA PRO B 471 -4.05 -2.11 32.89
C PRO B 471 -4.22 -1.40 31.55
N SER B 472 -3.44 -0.33 31.38
CA SER B 472 -3.55 0.53 30.21
C SER B 472 -3.02 -0.12 28.94
N ALA B 473 -2.18 -1.15 29.05
CA ALA B 473 -1.67 -1.84 27.88
C ALA B 473 -2.60 -2.94 27.41
N LEU B 474 -3.40 -3.51 28.32
CA LEU B 474 -4.32 -4.59 28.02
C LEU B 474 -5.76 -4.12 27.83
N ARG B 475 -5.96 -2.84 27.51
CA ARG B 475 -7.30 -2.34 27.29
C ARG B 475 -7.87 -2.79 25.95
N GLU B 476 -7.03 -3.15 24.99
CA GLU B 476 -7.50 -3.58 23.69
C GLU B 476 -8.04 -5.00 23.71
N THR B 477 -7.44 -5.88 24.49
CA THR B 477 -7.79 -7.31 24.52
C THR B 477 -8.57 -7.66 25.78
N VAL B 478 -9.44 -6.76 26.23
CA VAL B 478 -10.28 -7.02 27.40
C VAL B 478 -11.36 -8.02 27.02
N VAL B 479 -11.55 -9.03 27.87
CA VAL B 479 -12.51 -10.09 27.61
C VAL B 479 -13.80 -9.76 28.37
N GLU B 480 -14.93 -10.29 27.89
CA GLU B 480 -16.20 -10.09 28.58
C GLU B 480 -16.23 -10.91 29.86
N SER B 481 -16.71 -10.28 30.94
CA SER B 481 -16.68 -10.88 32.27
C SER B 481 -17.78 -11.92 32.39
N VAL B 482 -17.43 -13.19 32.16
CA VAL B 482 -18.36 -14.28 32.43
C VAL B 482 -18.40 -14.54 33.94
N ASN B 483 -19.56 -14.97 34.43
CA ASN B 483 -19.81 -15.09 35.86
C ASN B 483 -19.89 -16.57 36.23
N VAL B 484 -18.74 -17.17 36.53
CA VAL B 484 -18.66 -18.52 37.06
C VAL B 484 -17.80 -18.49 38.32
N THR B 485 -17.74 -19.63 39.00
CA THR B 485 -16.90 -19.84 40.17
C THR B 485 -16.26 -21.22 40.07
N TRP B 486 -15.46 -21.56 41.09
CA TRP B 486 -14.83 -22.89 41.13
C TRP B 486 -15.83 -23.99 41.45
N ASP B 487 -16.89 -23.71 42.20
CA ASP B 487 -17.91 -24.71 42.47
C ASP B 487 -18.93 -24.83 41.34
N ASP B 488 -18.89 -23.91 40.36
CA ASP B 488 -19.71 -24.04 39.18
C ASP B 488 -19.23 -25.16 38.27
N VAL B 489 -17.92 -25.41 38.24
CA VAL B 489 -17.35 -26.49 37.44
C VAL B 489 -17.47 -27.76 38.29
N GLY B 490 -18.50 -28.55 38.02
CA GLY B 490 -18.70 -29.77 38.76
C GLY B 490 -17.71 -30.86 38.38
N GLY B 491 -17.25 -31.58 39.39
CA GLY B 491 -16.26 -32.62 39.19
C GLY B 491 -14.88 -32.04 38.90
N LEU B 492 -14.00 -32.94 38.44
CA LEU B 492 -12.61 -32.64 38.06
C LEU B 492 -11.85 -32.01 39.22
N ASP B 493 -11.84 -32.70 40.36
CA ASP B 493 -11.27 -32.14 41.58
C ASP B 493 -9.75 -32.07 41.50
N GLU B 494 -9.11 -33.16 41.10
CA GLU B 494 -7.65 -33.19 41.00
C GLU B 494 -7.13 -32.31 39.89
N ILE B 495 -7.82 -32.28 38.74
CA ILE B 495 -7.45 -31.41 37.63
C ILE B 495 -7.60 -29.95 38.02
N LYS B 496 -8.69 -29.61 38.71
CA LYS B 496 -8.94 -28.25 39.15
C LYS B 496 -7.90 -27.80 40.17
N GLU B 497 -7.59 -28.67 41.14
CA GLU B 497 -6.60 -28.32 42.17
C GLU B 497 -5.20 -28.18 41.57
N GLU B 498 -4.83 -29.07 40.64
CA GLU B 498 -3.51 -29.01 40.03
C GLU B 498 -3.36 -27.78 39.15
N LEU B 499 -4.39 -27.44 38.37
CA LEU B 499 -4.35 -26.24 37.53
C LEU B 499 -4.32 -24.98 38.39
N LYS B 500 -5.11 -24.95 39.47
CA LYS B 500 -5.18 -23.78 40.34
C LYS B 500 -3.85 -23.56 41.06
N GLU B 501 -3.21 -24.63 41.55
CA GLU B 501 -1.93 -24.45 42.21
C GLU B 501 -0.80 -24.15 41.22
N THR B 502 -0.88 -24.69 39.99
CA THR B 502 0.15 -24.41 38.99
C THR B 502 0.06 -22.96 38.53
N VAL B 503 -1.14 -22.37 38.53
CA VAL B 503 -1.23 -20.95 38.26
C VAL B 503 -0.84 -20.09 39.46
N GLU B 504 -1.30 -20.42 40.68
CA GLU B 504 -1.14 -19.53 41.81
C GLU B 504 0.21 -19.66 42.52
N TYR B 505 1.01 -20.67 42.20
CA TYR B 505 2.28 -20.81 42.92
C TYR B 505 3.36 -19.77 42.55
N PRO B 506 3.74 -19.53 41.30
CA PRO B 506 4.83 -18.56 41.07
C PRO B 506 4.42 -17.11 41.15
N VAL B 507 3.12 -16.80 41.27
CA VAL B 507 2.67 -15.41 41.39
C VAL B 507 2.45 -14.99 42.82
N LEU B 508 2.60 -15.90 43.78
CA LEU B 508 2.43 -15.59 45.19
C LEU B 508 3.66 -15.89 46.04
N HIS B 509 4.43 -16.92 45.68
CA HIS B 509 5.64 -17.30 46.41
C HIS B 509 6.80 -17.44 45.44
N PRO B 510 7.45 -16.33 45.05
CA PRO B 510 8.63 -16.44 44.19
C PRO B 510 9.90 -16.69 44.99
N ASP B 511 9.84 -16.45 46.30
CA ASP B 511 11.02 -16.59 47.16
C ASP B 511 11.46 -18.05 47.29
N GLN B 512 10.51 -18.97 47.41
CA GLN B 512 10.86 -20.39 47.41
C GLN B 512 11.36 -20.85 46.04
N TYR B 513 10.84 -20.26 44.96
CA TYR B 513 11.27 -20.62 43.62
C TYR B 513 12.69 -20.13 43.31
N THR B 514 13.11 -19.00 43.86
CA THR B 514 14.49 -18.59 43.72
C THR B 514 15.38 -19.15 44.83
N LYS B 515 14.80 -19.68 45.90
CA LYS B 515 15.59 -20.42 46.88
C LYS B 515 15.98 -21.80 46.35
N PHE B 516 15.05 -22.48 45.68
CA PHE B 516 15.37 -23.74 45.03
C PHE B 516 16.16 -23.56 43.73
N GLY B 517 16.19 -22.34 43.18
CA GLY B 517 16.99 -22.06 42.01
C GLY B 517 16.48 -22.63 40.71
N LEU B 518 15.16 -22.70 40.55
CA LEU B 518 14.55 -23.26 39.35
C LEU B 518 13.39 -22.39 38.90
N SER B 519 13.18 -22.34 37.58
CA SER B 519 12.08 -21.64 36.93
C SER B 519 10.81 -22.48 37.01
N PRO B 520 9.65 -21.87 37.22
CA PRO B 520 8.41 -22.63 37.36
C PRO B 520 7.89 -23.11 36.00
N SER B 521 6.90 -23.99 36.06
CA SER B 521 6.24 -24.47 34.86
C SER B 521 5.32 -23.39 34.30
N LYS B 522 5.13 -23.42 32.98
CA LYS B 522 4.41 -22.35 32.29
C LYS B 522 3.14 -22.83 31.61
N GLY B 523 3.22 -23.86 30.77
CA GLY B 523 2.07 -24.24 29.96
C GLY B 523 1.27 -25.38 30.53
N VAL B 524 0.04 -25.49 30.02
CA VAL B 524 -0.88 -26.57 30.36
C VAL B 524 -1.85 -26.74 29.19
N LEU B 525 -2.08 -28.00 28.80
CA LEU B 525 -2.93 -28.31 27.66
C LEU B 525 -4.02 -29.27 28.09
N PHE B 526 -5.27 -28.91 27.82
CA PHE B 526 -6.41 -29.79 28.06
C PHE B 526 -6.85 -30.43 26.76
N TYR B 527 -7.15 -31.73 26.83
CA TYR B 527 -7.60 -32.47 25.67
C TYR B 527 -8.50 -33.61 26.11
N GLY B 528 -9.49 -33.93 25.29
CA GLY B 528 -10.42 -34.98 25.58
C GLY B 528 -11.67 -34.92 24.71
N PRO B 529 -12.78 -35.46 25.21
CA PRO B 529 -14.04 -35.38 24.46
C PRO B 529 -14.60 -33.98 24.49
N PRO B 530 -15.34 -33.58 23.45
CA PRO B 530 -15.93 -32.23 23.44
C PRO B 530 -17.09 -32.12 24.40
N GLY B 531 -17.23 -30.93 24.99
CA GLY B 531 -18.28 -30.70 25.98
C GLY B 531 -18.00 -31.39 27.29
N THR B 532 -16.84 -31.09 27.88
CA THR B 532 -16.41 -31.72 29.11
C THR B 532 -16.05 -30.72 30.20
N GLY B 533 -15.61 -29.52 29.86
CA GLY B 533 -15.30 -28.52 30.86
C GLY B 533 -13.97 -27.82 30.69
N LYS B 534 -13.38 -27.92 29.49
CA LYS B 534 -12.12 -27.24 29.23
C LYS B 534 -12.31 -25.72 29.15
N THR B 535 -13.28 -25.28 28.34
CA THR B 535 -13.59 -23.86 28.26
C THR B 535 -14.19 -23.34 29.55
N LEU B 536 -14.90 -24.20 30.29
CA LEU B 536 -15.42 -23.81 31.60
C LEU B 536 -14.30 -23.64 32.61
N LEU B 537 -13.27 -24.49 32.54
CA LEU B 537 -12.10 -24.32 33.40
C LEU B 537 -11.33 -23.06 33.03
N ALA B 538 -11.24 -22.75 31.74
CA ALA B 538 -10.64 -21.50 31.29
C ALA B 538 -11.42 -20.27 31.75
N LYS B 539 -12.76 -20.35 31.75
CA LYS B 539 -13.57 -19.24 32.26
C LYS B 539 -13.42 -19.09 33.77
N ALA B 540 -13.30 -20.21 34.49
CA ALA B 540 -13.10 -20.15 35.93
C ALA B 540 -11.73 -19.59 36.28
N VAL B 541 -10.74 -19.85 35.43
CA VAL B 541 -9.44 -19.21 35.58
C VAL B 541 -9.53 -17.72 35.27
N ALA B 542 -10.32 -17.35 34.25
CA ALA B 542 -10.42 -15.97 33.83
C ALA B 542 -11.18 -15.09 34.82
N THR B 543 -12.11 -15.68 35.58
CA THR B 543 -13.06 -14.85 36.32
C THR B 543 -12.55 -14.43 37.70
N GLU B 544 -11.66 -15.21 38.33
CA GLU B 544 -11.32 -14.96 39.72
C GLU B 544 -9.83 -15.07 40.07
N VAL B 545 -9.00 -15.59 39.19
CA VAL B 545 -7.57 -15.68 39.48
C VAL B 545 -6.93 -14.31 39.21
N SER B 546 -5.99 -13.93 40.07
CA SER B 546 -5.40 -12.58 40.11
C SER B 546 -4.58 -12.24 38.88
N ALA B 547 -4.18 -13.21 38.07
CA ALA B 547 -3.40 -12.91 36.87
C ALA B 547 -4.29 -12.31 35.79
N ASN B 548 -3.70 -11.45 34.97
CA ASN B 548 -4.43 -10.83 33.88
C ASN B 548 -4.69 -11.86 32.77
N PHE B 549 -5.86 -11.73 32.15
CA PHE B 549 -6.35 -12.73 31.20
C PHE B 549 -6.42 -12.13 29.81
N ILE B 550 -5.71 -12.74 28.87
CA ILE B 550 -5.78 -12.39 27.46
C ILE B 550 -6.39 -13.57 26.72
N SER B 551 -7.62 -13.41 26.26
CA SER B 551 -8.32 -14.46 25.54
C SER B 551 -8.19 -14.26 24.04
N VAL B 552 -8.03 -15.36 23.31
CA VAL B 552 -7.83 -15.33 21.88
C VAL B 552 -8.38 -16.62 21.29
N LYS B 553 -9.11 -16.50 20.17
CA LYS B 553 -9.67 -17.65 19.48
C LYS B 553 -8.59 -18.27 18.59
N GLY B 554 -8.91 -19.37 17.92
CA GLY B 554 -7.96 -20.07 17.10
C GLY B 554 -7.56 -19.33 15.83
N PRO B 555 -8.47 -19.26 14.85
CA PRO B 555 -8.14 -18.59 13.58
C PRO B 555 -8.44 -17.09 13.60
N GLU B 556 -8.57 -16.50 14.79
CA GLU B 556 -8.94 -15.09 14.89
C GLU B 556 -7.81 -14.16 14.46
N LEU B 557 -6.56 -14.51 14.77
CA LEU B 557 -5.44 -13.61 14.53
C LEU B 557 -4.86 -13.71 13.12
N LEU B 558 -5.51 -14.44 12.21
CA LEU B 558 -5.00 -14.54 10.85
C LEU B 558 -5.41 -13.32 10.04
N SER B 559 -4.71 -13.11 8.93
CA SER B 559 -4.96 -11.98 8.05
C SER B 559 -4.57 -12.34 6.63
N MET B 560 -5.11 -11.59 5.66
CA MET B 560 -4.87 -11.86 4.25
C MET B 560 -3.55 -11.30 3.75
N TRP B 561 -2.89 -10.44 4.51
CA TRP B 561 -1.63 -9.85 4.07
C TRP B 561 -0.47 -10.79 4.38
N TYR B 562 0.74 -10.34 4.07
CA TYR B 562 1.95 -11.15 4.19
C TYR B 562 2.71 -10.72 5.44
N GLY B 563 2.55 -11.47 6.52
CA GLY B 563 3.24 -11.21 7.77
C GLY B 563 2.39 -10.61 8.86
N GLU B 564 1.15 -10.22 8.57
CA GLU B 564 0.28 -9.62 9.57
C GLU B 564 -0.16 -10.62 10.63
N SER B 565 -0.26 -11.90 10.29
CA SER B 565 -0.60 -12.92 11.28
C SER B 565 0.53 -13.10 12.29
N GLU B 566 1.78 -13.16 11.80
CA GLU B 566 2.93 -13.25 12.70
C GLU B 566 3.11 -11.96 13.49
N SER B 567 2.78 -10.81 12.90
CA SER B 567 2.83 -9.55 13.63
C SER B 567 1.78 -9.50 14.74
N ASN B 568 0.59 -10.05 14.49
CA ASN B 568 -0.45 -10.11 15.51
C ASN B 568 -0.07 -11.08 16.62
N ILE B 569 0.57 -12.21 16.27
CA ILE B 569 1.04 -13.16 17.28
C ILE B 569 2.13 -12.53 18.15
N ARG B 570 3.07 -11.81 17.52
CA ARG B 570 4.12 -11.12 18.26
C ARG B 570 3.57 -10.00 19.13
N ASP B 571 2.55 -9.27 18.65
CA ASP B 571 1.95 -8.22 19.46
C ASP B 571 1.16 -8.78 20.64
N ILE B 572 0.48 -9.91 20.44
CA ILE B 572 -0.25 -10.55 21.53
C ILE B 572 0.71 -11.07 22.59
N PHE B 573 1.80 -11.71 22.17
CA PHE B 573 2.78 -12.20 23.13
C PHE B 573 3.57 -11.08 23.80
N ASP B 574 3.81 -9.97 23.11
CA ASP B 574 4.47 -8.82 23.72
C ASP B 574 3.57 -8.12 24.73
N LYS B 575 2.26 -8.02 24.44
CA LYS B 575 1.33 -7.49 25.44
C LYS B 575 1.16 -8.46 26.60
N ALA B 576 1.34 -9.77 26.36
CA ALA B 576 1.26 -10.73 27.44
C ALA B 576 2.46 -10.62 28.38
N ARG B 577 3.66 -10.55 27.82
CA ARG B 577 4.87 -10.44 28.63
C ARG B 577 5.16 -9.02 29.09
N ALA B 578 4.41 -8.03 28.61
CA ALA B 578 4.62 -6.65 29.05
C ALA B 578 4.02 -6.42 30.43
N ALA B 579 2.73 -6.71 30.59
CA ALA B 579 2.06 -6.59 31.88
C ALA B 579 2.06 -7.93 32.62
N ALA B 580 3.26 -8.49 32.76
CA ALA B 580 3.42 -9.78 33.40
C ALA B 580 3.15 -9.67 34.90
N PRO B 581 2.53 -10.69 35.51
CA PRO B 581 2.09 -11.99 34.99
C PRO B 581 0.74 -11.99 34.30
N THR B 582 0.70 -12.54 33.09
CA THR B 582 -0.54 -12.79 32.36
C THR B 582 -0.73 -14.29 32.14
N VAL B 583 -1.97 -14.66 31.85
CA VAL B 583 -2.31 -16.04 31.47
C VAL B 583 -3.06 -15.98 30.14
N VAL B 584 -2.65 -16.81 29.19
CA VAL B 584 -3.17 -16.79 27.82
C VAL B 584 -3.96 -18.07 27.57
N PHE B 585 -5.12 -17.93 26.94
CA PHE B 585 -5.97 -19.07 26.59
C PHE B 585 -5.98 -19.19 25.08
N LEU B 586 -5.18 -20.12 24.55
CA LEU B 586 -5.13 -20.39 23.11
C LEU B 586 -6.11 -21.51 22.81
N ASP B 587 -7.38 -21.14 22.63
CA ASP B 587 -8.42 -22.12 22.34
C ASP B 587 -8.30 -22.60 20.90
N GLU B 588 -8.50 -23.91 20.71
CA GLU B 588 -8.49 -24.59 19.42
C GLU B 588 -7.15 -24.40 18.70
N LEU B 589 -6.14 -25.07 19.25
CA LEU B 589 -4.78 -24.99 18.70
C LEU B 589 -4.66 -25.69 17.36
N ASP B 590 -5.63 -26.54 17.01
CA ASP B 590 -5.58 -27.29 15.76
C ASP B 590 -5.97 -26.46 14.53
N SER B 591 -6.12 -25.14 14.66
CA SER B 591 -6.45 -24.30 13.52
C SER B 591 -5.24 -23.52 13.00
N ILE B 592 -4.40 -23.01 13.91
CA ILE B 592 -3.22 -22.26 13.49
C ILE B 592 -1.93 -23.05 13.72
N ALA B 593 -1.94 -23.96 14.69
CA ALA B 593 -0.77 -24.75 15.03
C ALA B 593 -1.03 -26.19 14.58
N LYS B 594 -0.73 -26.45 13.31
CA LYS B 594 -0.87 -27.78 12.73
C LYS B 594 0.51 -28.39 12.52
N ALA B 595 0.56 -29.55 11.87
CA ALA B 595 1.83 -30.13 11.48
C ALA B 595 2.43 -29.34 10.30
N ARG B 596 3.73 -29.50 10.12
CA ARG B 596 4.47 -28.79 9.09
C ARG B 596 4.77 -29.72 7.93
N GLY B 597 4.54 -29.25 6.71
CA GLY B 597 4.80 -30.05 5.53
C GLY B 597 3.71 -31.04 5.18
N GLY B 598 2.51 -30.87 5.72
CA GLY B 598 1.42 -31.80 5.45
C GLY B 598 0.53 -31.43 4.28
N SER B 599 0.62 -30.20 3.79
CA SER B 599 -0.22 -29.74 2.69
C SER B 599 0.65 -29.50 1.46
N LEU B 600 0.28 -30.13 0.35
CA LEU B 600 1.00 -29.91 -0.90
C LEU B 600 0.65 -28.55 -1.50
N GLY B 601 -0.64 -28.23 -1.57
CA GLY B 601 -1.08 -26.93 -2.04
C GLY B 601 -1.50 -26.04 -0.90
N ASP B 602 -0.81 -24.92 -0.72
CA ASP B 602 -1.06 -24.02 0.41
C ASP B 602 -0.97 -22.59 -0.11
N ALA B 603 -0.93 -21.63 0.82
CA ALA B 603 -0.86 -20.21 0.50
C ALA B 603 0.57 -19.69 0.45
N GLY B 604 1.53 -20.54 0.09
CA GLY B 604 2.92 -20.15 0.08
C GLY B 604 3.63 -20.38 1.39
N GLY B 605 3.15 -21.29 2.22
CA GLY B 605 3.75 -21.57 3.50
C GLY B 605 3.53 -20.47 4.52
N ALA B 606 2.28 -20.25 4.91
CA ALA B 606 1.93 -19.25 5.91
C ALA B 606 1.61 -19.85 7.28
N SER B 607 0.90 -20.99 7.32
CA SER B 607 0.64 -21.65 8.60
C SER B 607 1.92 -22.22 9.20
N ASP B 608 2.88 -22.59 8.36
CA ASP B 608 4.20 -22.98 8.86
C ASP B 608 4.92 -21.80 9.52
N ARG B 609 4.80 -20.61 8.95
CA ARG B 609 5.36 -19.42 9.59
C ARG B 609 4.63 -19.06 10.87
N VAL B 610 3.32 -19.32 10.91
CA VAL B 610 2.53 -19.05 12.13
C VAL B 610 2.96 -19.99 13.26
N VAL B 611 3.10 -21.29 12.96
CA VAL B 611 3.49 -22.23 14.00
C VAL B 611 4.96 -22.06 14.35
N ASN B 612 5.79 -21.57 13.42
CA ASN B 612 7.18 -21.27 13.75
C ASN B 612 7.28 -20.05 14.65
N GLN B 613 6.45 -19.03 14.42
CA GLN B 613 6.39 -17.88 15.31
C GLN B 613 5.87 -18.26 16.69
N LEU B 614 4.92 -19.19 16.76
CA LEU B 614 4.42 -19.66 18.05
C LEU B 614 5.49 -20.44 18.80
N LEU B 615 6.22 -21.32 18.09
CA LEU B 615 7.29 -22.08 18.71
C LEU B 615 8.46 -21.21 19.14
N THR B 616 8.71 -20.12 18.39
CA THR B 616 9.80 -19.22 18.75
C THR B 616 9.42 -18.32 19.92
N GLU B 617 8.18 -17.82 19.93
CA GLU B 617 7.73 -16.97 21.03
C GLU B 617 7.49 -17.76 22.31
N MET B 618 7.21 -19.05 22.22
CA MET B 618 7.05 -19.86 23.42
C MET B 618 8.37 -20.35 23.98
N ASP B 619 9.42 -20.47 23.15
CA ASP B 619 10.75 -20.83 23.63
C ASP B 619 11.73 -20.28 22.59
N GLY B 620 12.53 -19.30 23.01
CA GLY B 620 13.52 -18.69 22.13
C GLY B 620 14.52 -17.90 22.93
N MET B 621 14.89 -16.73 22.40
CA MET B 621 15.80 -15.82 23.11
C MET B 621 15.00 -14.81 23.93
N ASN B 622 14.21 -15.35 24.86
CA ASN B 622 13.32 -14.55 25.69
C ASN B 622 13.67 -14.75 27.16
N ALA B 623 13.27 -13.78 27.98
CA ALA B 623 13.51 -13.87 29.41
C ALA B 623 12.58 -14.84 30.10
N LYS B 624 11.36 -15.00 29.58
CA LYS B 624 10.30 -15.86 30.11
C LYS B 624 9.99 -15.54 31.57
N LYS B 625 9.55 -14.29 31.78
CA LYS B 625 9.22 -13.80 33.12
C LYS B 625 8.04 -14.55 33.72
N ASN B 626 6.85 -14.38 33.13
CA ASN B 626 5.65 -15.09 33.57
C ASN B 626 4.67 -15.10 32.41
N VAL B 627 4.61 -16.23 31.70
CA VAL B 627 3.66 -16.44 30.60
C VAL B 627 3.04 -17.82 30.80
N PHE B 628 1.72 -17.85 30.94
CA PHE B 628 0.97 -19.09 31.15
C PHE B 628 0.03 -19.28 29.97
N VAL B 629 0.46 -20.09 29.00
CA VAL B 629 -0.39 -20.42 27.86
C VAL B 629 -1.26 -21.63 28.21
N ILE B 630 -2.50 -21.61 27.74
CA ILE B 630 -3.46 -22.69 27.99
C ILE B 630 -4.02 -23.13 26.64
N GLY B 631 -3.92 -24.43 26.36
CA GLY B 631 -4.50 -25.00 25.16
C GLY B 631 -5.67 -25.90 25.50
N ALA B 632 -6.73 -25.78 24.69
CA ALA B 632 -7.93 -26.61 24.86
C ALA B 632 -8.36 -27.08 23.47
N THR B 633 -7.84 -28.23 23.08
CA THR B 633 -8.07 -28.78 21.75
C THR B 633 -8.75 -30.15 21.87
N ASN B 634 -9.83 -30.34 21.12
CA ASN B 634 -10.61 -31.57 21.18
C ASN B 634 -10.08 -32.65 20.23
N ARG B 635 -8.89 -32.45 19.66
CA ARG B 635 -8.25 -33.48 18.84
C ARG B 635 -6.74 -33.29 18.94
N PRO B 636 -6.05 -34.07 19.76
CA PRO B 636 -4.60 -33.91 19.92
C PRO B 636 -3.76 -34.57 18.84
N ASP B 637 -4.35 -35.01 17.73
CA ASP B 637 -3.56 -35.66 16.68
C ASP B 637 -2.95 -34.65 15.73
N GLN B 638 -3.65 -33.55 15.47
CA GLN B 638 -3.19 -32.55 14.51
C GLN B 638 -2.23 -31.54 15.11
N ILE B 639 -1.86 -31.68 16.37
CA ILE B 639 -0.91 -30.77 17.00
C ILE B 639 0.50 -31.13 16.57
N ASP B 640 1.35 -30.12 16.40
CA ASP B 640 2.75 -30.34 16.06
C ASP B 640 3.46 -31.01 17.25
N PRO B 641 4.36 -31.96 17.00
CA PRO B 641 5.02 -32.66 18.12
C PRO B 641 6.07 -31.83 18.84
N ALA B 642 6.40 -30.65 18.30
CA ALA B 642 7.35 -29.75 18.93
C ALA B 642 6.69 -28.79 19.91
N ILE B 643 5.37 -28.74 19.94
CA ILE B 643 4.66 -27.90 20.90
C ILE B 643 4.32 -28.67 22.17
N LEU B 644 4.06 -29.97 22.04
CA LEU B 644 3.83 -30.84 23.19
C LEU B 644 5.12 -31.19 23.93
N ARG B 645 6.28 -30.78 23.40
CA ARG B 645 7.54 -30.90 24.12
C ARG B 645 7.49 -30.05 25.40
N PRO B 646 8.03 -30.56 26.51
CA PRO B 646 8.09 -29.75 27.74
C PRO B 646 8.98 -28.53 27.57
N GLY B 647 8.66 -27.48 28.33
CA GLY B 647 9.23 -26.17 28.14
C GLY B 647 8.31 -25.20 27.42
N ARG B 648 7.40 -25.71 26.60
CA ARG B 648 6.36 -24.91 25.96
C ARG B 648 4.97 -25.30 26.46
N LEU B 649 4.60 -26.58 26.34
CA LEU B 649 3.35 -27.11 26.86
C LEU B 649 3.66 -28.48 27.46
N ASP B 650 3.99 -28.50 28.75
CA ASP B 650 4.42 -29.72 29.42
C ASP B 650 3.26 -30.46 30.08
N GLN B 651 2.28 -29.73 30.61
CA GLN B 651 1.15 -30.35 31.31
C GLN B 651 0.10 -30.74 30.28
N LEU B 652 0.12 -32.01 29.87
CA LEU B 652 -0.89 -32.56 28.96
C LEU B 652 -1.95 -33.24 29.81
N ILE B 653 -2.95 -32.47 30.23
CA ILE B 653 -4.00 -32.95 31.12
C ILE B 653 -5.12 -33.54 30.28
N TYR B 654 -5.39 -34.82 30.48
CA TYR B 654 -6.50 -35.51 29.84
C TYR B 654 -7.73 -35.36 30.74
N VAL B 655 -8.80 -34.78 30.19
CA VAL B 655 -10.02 -34.57 30.95
C VAL B 655 -11.02 -35.64 30.56
N PRO B 656 -11.22 -36.67 31.37
CA PRO B 656 -12.02 -37.83 30.95
C PRO B 656 -13.52 -37.56 31.12
N LEU B 657 -14.29 -38.58 30.76
CA LEU B 657 -15.73 -38.52 30.95
C LEU B 657 -16.06 -38.69 32.43
N PRO B 658 -17.10 -38.00 32.93
CA PRO B 658 -17.44 -38.13 34.35
C PRO B 658 -18.09 -39.47 34.65
N ASP B 659 -17.82 -39.97 35.85
CA ASP B 659 -18.41 -41.20 36.35
C ASP B 659 -19.65 -40.87 37.20
N GLU B 660 -20.13 -41.88 37.95
CA GLU B 660 -21.35 -41.73 38.71
C GLU B 660 -21.19 -40.77 39.89
N ASN B 661 -19.96 -40.64 40.42
CA ASN B 661 -19.71 -39.71 41.51
C ASN B 661 -19.45 -38.29 41.02
N ALA B 662 -19.10 -38.10 39.75
CA ALA B 662 -18.88 -36.76 39.21
C ALA B 662 -20.10 -36.20 38.52
N ARG B 663 -20.96 -37.06 37.94
CA ARG B 663 -22.19 -36.58 37.32
C ARG B 663 -23.16 -36.02 38.35
N LEU B 664 -23.14 -36.57 39.58
CA LEU B 664 -23.96 -36.02 40.65
C LEU B 664 -23.50 -34.62 41.04
N SER B 665 -22.19 -34.40 41.10
CA SER B 665 -21.67 -33.08 41.41
C SER B 665 -21.91 -32.10 40.27
N ILE B 666 -21.87 -32.58 39.02
CA ILE B 666 -22.19 -31.72 37.87
C ILE B 666 -23.66 -31.32 37.90
N LEU B 667 -24.55 -32.25 38.22
CA LEU B 667 -25.97 -31.94 38.33
C LEU B 667 -26.27 -31.04 39.52
N ASN B 668 -25.48 -31.16 40.60
CA ASN B 668 -25.63 -30.25 41.73
C ASN B 668 -25.10 -28.85 41.42
N ALA B 669 -24.04 -28.75 40.61
CA ALA B 669 -23.51 -27.44 40.26
C ALA B 669 -24.35 -26.72 39.21
N GLN B 670 -24.96 -27.48 38.29
CA GLN B 670 -25.81 -26.87 37.28
C GLN B 670 -27.16 -26.44 37.84
N LEU B 671 -27.63 -27.11 38.89
CA LEU B 671 -28.88 -26.77 39.55
C LEU B 671 -28.67 -25.95 40.82
N ARG B 672 -27.68 -25.07 40.82
CA ARG B 672 -27.31 -24.33 42.03
C ARG B 672 -28.28 -23.18 42.29
N LYS B 673 -28.67 -22.44 41.25
CA LYS B 673 -29.47 -21.23 41.41
C LYS B 673 -30.91 -21.42 40.93
N THR B 674 -31.50 -22.60 41.18
CA THR B 674 -32.86 -22.84 40.78
C THR B 674 -33.67 -23.42 41.95
N PRO B 675 -34.97 -23.11 42.01
CA PRO B 675 -35.83 -23.82 42.98
C PRO B 675 -36.10 -25.25 42.54
N LEU B 676 -35.93 -26.17 43.48
CA LEU B 676 -36.06 -27.59 43.21
C LEU B 676 -37.03 -28.23 44.19
N GLU B 677 -37.53 -29.40 43.81
CA GLU B 677 -38.42 -30.15 44.68
C GLU B 677 -37.62 -30.75 45.85
N PRO B 678 -38.13 -30.65 47.07
CA PRO B 678 -37.41 -31.25 48.21
C PRO B 678 -37.36 -32.77 48.18
N GLY B 679 -38.32 -33.41 47.53
CA GLY B 679 -38.28 -34.86 47.38
C GLY B 679 -37.55 -35.36 46.17
N LEU B 680 -37.10 -34.48 45.29
CA LEU B 680 -36.41 -34.88 44.08
C LEU B 680 -34.94 -35.19 44.37
N GLU B 681 -34.47 -36.32 43.88
CA GLU B 681 -33.08 -36.72 44.00
C GLU B 681 -32.44 -36.84 42.63
N LEU B 682 -31.12 -36.60 42.58
CA LEU B 682 -30.35 -36.69 41.35
C LEU B 682 -29.55 -37.98 41.28
N THR B 683 -29.71 -38.87 42.26
CA THR B 683 -28.97 -40.14 42.27
C THR B 683 -29.42 -41.06 41.15
N ALA B 684 -30.73 -41.11 40.88
CA ALA B 684 -31.24 -41.93 39.77
C ALA B 684 -30.83 -41.35 38.43
N ILE B 685 -30.73 -40.02 38.31
CA ILE B 685 -30.25 -39.42 37.07
C ILE B 685 -28.77 -39.67 36.88
N ALA B 686 -27.99 -39.69 37.97
CA ALA B 686 -26.56 -39.98 37.85
C ALA B 686 -26.31 -41.46 37.59
N LYS B 687 -27.20 -42.34 38.06
CA LYS B 687 -27.01 -43.78 37.88
C LYS B 687 -27.57 -44.29 36.56
N ALA B 688 -28.59 -43.62 36.00
CA ALA B 688 -29.15 -44.05 34.73
C ALA B 688 -28.21 -43.71 33.58
N THR B 689 -27.73 -42.47 33.54
CA THR B 689 -26.80 -42.06 32.49
C THR B 689 -25.39 -42.54 32.83
N GLN B 690 -24.77 -43.26 31.91
CA GLN B 690 -23.42 -43.78 32.12
C GLN B 690 -22.40 -43.30 31.10
N GLY B 691 -22.81 -43.00 29.87
CA GLY B 691 -21.89 -42.48 28.88
C GLY B 691 -22.20 -41.05 28.51
N PHE B 692 -22.96 -40.38 29.38
CA PHE B 692 -23.37 -39.00 29.14
C PHE B 692 -22.24 -38.03 29.47
N SER B 693 -22.50 -36.76 29.24
CA SER B 693 -21.52 -35.70 29.49
C SER B 693 -22.20 -34.52 30.16
N GLY B 694 -21.39 -33.50 30.47
CA GLY B 694 -21.93 -32.29 31.08
C GLY B 694 -22.83 -31.51 30.16
N ALA B 695 -22.55 -31.53 28.86
CA ALA B 695 -23.44 -30.89 27.89
C ALA B 695 -24.78 -31.62 27.80
N ASP B 696 -24.75 -32.96 27.92
CA ASP B 696 -25.99 -33.73 27.94
C ASP B 696 -26.80 -33.48 29.21
N LEU B 697 -26.12 -33.35 30.35
CA LEU B 697 -26.83 -33.04 31.60
C LEU B 697 -27.40 -31.63 31.57
N LEU B 698 -26.67 -30.69 30.97
CA LEU B 698 -27.20 -29.34 30.78
C LEU B 698 -28.39 -29.33 29.83
N TYR B 699 -28.37 -30.20 28.80
CA TYR B 699 -29.51 -30.32 27.90
C TYR B 699 -30.72 -30.92 28.60
N ILE B 700 -30.50 -31.87 29.51
CA ILE B 700 -31.58 -32.45 30.31
C ILE B 700 -32.20 -31.39 31.22
N VAL B 701 -31.34 -30.59 31.86
CA VAL B 701 -31.80 -29.52 32.75
C VAL B 701 -32.57 -28.46 31.97
N GLN B 702 -32.07 -28.12 30.77
CA GLN B 702 -32.75 -27.11 29.94
C GLN B 702 -34.08 -27.62 29.40
N ARG B 703 -34.18 -28.90 29.06
CA ARG B 703 -35.46 -29.45 28.61
C ARG B 703 -36.46 -29.53 29.76
N ALA B 704 -36.00 -29.85 30.97
CA ALA B 704 -36.89 -29.85 32.14
C ALA B 704 -37.36 -28.44 32.45
N ALA B 705 -36.48 -27.44 32.32
CA ALA B 705 -36.87 -26.06 32.53
C ALA B 705 -37.83 -25.57 31.44
N LYS B 706 -37.65 -26.03 30.20
CA LYS B 706 -38.56 -25.66 29.13
C LYS B 706 -39.94 -26.27 29.35
N TYR B 707 -39.99 -27.52 29.82
CA TYR B 707 -41.27 -28.15 30.14
C TYR B 707 -41.95 -27.46 31.33
N ALA B 708 -41.16 -27.03 32.32
CA ALA B 708 -41.73 -26.30 33.46
C ALA B 708 -42.27 -24.93 33.03
N ILE B 709 -41.56 -24.25 32.11
CA ILE B 709 -42.03 -22.97 31.59
C ILE B 709 -43.28 -23.15 30.75
N LYS B 710 -43.37 -24.24 29.98
CA LYS B 710 -44.58 -24.54 29.20
C LYS B 710 -45.77 -24.83 30.11
N ASP B 711 -45.55 -25.59 31.18
CA ASP B 711 -46.62 -25.85 32.15
C ASP B 711 -47.04 -24.57 32.88
N SER B 712 -46.08 -23.70 33.18
CA SER B 712 -46.39 -22.44 33.85
C SER B 712 -47.18 -21.50 32.95
N ILE B 713 -46.83 -21.42 31.67
CA ILE B 713 -47.56 -20.53 30.78
C ILE B 713 -48.92 -21.13 30.43
N GLU B 714 -49.05 -22.47 30.46
CA GLU B 714 -50.36 -23.08 30.27
C GLU B 714 -51.27 -22.82 31.46
N ALA B 715 -50.72 -22.91 32.67
CA ALA B 715 -51.50 -22.56 33.87
C ALA B 715 -51.84 -21.07 33.91
N HIS B 716 -50.95 -20.21 33.41
CA HIS B 716 -51.24 -18.79 33.35
C HIS B 716 -52.35 -18.49 32.35
N ARG B 717 -52.34 -19.18 31.20
CA ARG B 717 -53.41 -18.99 30.22
C ARG B 717 -54.74 -19.52 30.73
N GLN B 718 -54.72 -20.65 31.46
CA GLN B 718 -55.95 -21.17 32.04
C GLN B 718 -56.47 -20.30 33.17
N HIS B 719 -55.58 -19.67 33.94
CA HIS B 719 -56.02 -18.76 34.99
C HIS B 719 -56.57 -17.47 34.42
N GLU B 720 -55.98 -16.97 33.32
CA GLU B 720 -56.51 -15.79 32.66
C GLU B 720 -57.80 -16.08 31.91
N ALA B 721 -58.01 -17.32 31.46
CA ALA B 721 -59.29 -17.68 30.86
C ALA B 721 -60.38 -17.81 31.92
N GLU B 722 -60.11 -18.56 32.99
CA GLU B 722 -61.06 -18.71 34.07
C GLU B 722 -60.64 -17.89 35.29
N ASP B 748 -48.50 -18.06 41.81
CA ASP B 748 -47.54 -18.81 41.01
C ASP B 748 -47.87 -20.30 41.08
N PRO B 749 -48.33 -20.86 39.96
CA PRO B 749 -48.79 -22.26 39.99
C PRO B 749 -47.67 -23.28 40.05
N VAL B 750 -46.56 -23.04 39.34
CA VAL B 750 -45.45 -23.99 39.30
C VAL B 750 -44.25 -23.37 40.01
N PRO B 751 -44.04 -23.66 41.30
CA PRO B 751 -42.95 -23.00 42.03
C PRO B 751 -41.58 -23.59 41.78
N TYR B 752 -41.51 -24.88 41.46
CA TYR B 752 -40.24 -25.54 41.23
C TYR B 752 -40.40 -26.57 40.11
N ILE B 753 -39.30 -27.21 39.75
CA ILE B 753 -39.32 -28.29 38.77
C ILE B 753 -39.71 -29.59 39.48
N THR B 754 -40.78 -30.22 39.02
CA THR B 754 -41.27 -31.45 39.63
C THR B 754 -40.54 -32.65 39.02
N LYS B 755 -40.97 -33.86 39.40
CA LYS B 755 -40.38 -35.08 38.87
C LYS B 755 -40.91 -35.44 37.50
N GLU B 756 -42.13 -35.03 37.16
CA GLU B 756 -42.69 -35.33 35.85
C GLU B 756 -41.97 -34.55 34.74
N HIS B 757 -41.48 -33.35 35.05
CA HIS B 757 -40.72 -32.59 34.07
C HIS B 757 -39.39 -33.28 33.75
N PHE B 758 -38.72 -33.81 34.76
CA PHE B 758 -37.47 -34.55 34.52
C PHE B 758 -37.74 -35.87 33.83
N ALA B 759 -38.86 -36.54 34.17
CA ALA B 759 -39.22 -37.79 33.51
C ALA B 759 -39.62 -37.59 32.05
N GLU B 760 -40.17 -36.43 31.70
CA GLU B 760 -40.46 -36.12 30.31
C GLU B 760 -39.25 -35.54 29.57
N ALA B 761 -38.29 -34.95 30.28
CA ALA B 761 -37.08 -34.44 29.65
C ALA B 761 -36.03 -35.52 29.42
N MET B 762 -36.05 -36.59 30.21
CA MET B 762 -35.10 -37.68 30.05
C MET B 762 -35.53 -38.71 29.00
N LYS B 763 -36.54 -38.40 28.19
CA LYS B 763 -36.98 -39.30 27.14
C LYS B 763 -36.37 -39.00 25.79
N THR B 764 -35.99 -37.74 25.54
CA THR B 764 -35.37 -37.33 24.29
C THR B 764 -33.94 -36.84 24.53
N ALA B 765 -33.20 -37.55 25.38
CA ALA B 765 -31.84 -37.17 25.75
C ALA B 765 -30.87 -38.27 25.33
N LYS B 766 -29.82 -37.89 24.62
CA LYS B 766 -28.84 -38.83 24.10
C LYS B 766 -27.44 -38.35 24.41
N ARG B 767 -26.47 -39.25 24.22
CA ARG B 767 -25.08 -38.93 24.48
C ARG B 767 -24.49 -38.14 23.32
N SER B 768 -23.46 -37.34 23.62
CA SER B 768 -22.80 -36.54 22.60
C SER B 768 -21.76 -37.37 21.85
N VAL B 769 -20.76 -37.89 22.57
CA VAL B 769 -19.69 -38.64 21.94
C VAL B 769 -20.15 -40.06 21.65
N SER B 770 -19.62 -40.64 20.57
CA SER B 770 -19.94 -42.01 20.20
C SER B 770 -18.95 -42.97 20.85
N ASP B 771 -18.96 -44.23 20.42
CA ASP B 771 -18.06 -45.23 20.96
C ASP B 771 -16.71 -45.26 20.25
N ALA B 772 -16.66 -44.86 18.98
CA ALA B 772 -15.40 -44.88 18.25
C ALA B 772 -14.48 -43.74 18.67
N GLU B 773 -15.04 -42.56 18.93
CA GLU B 773 -14.22 -41.43 19.37
C GLU B 773 -13.69 -41.64 20.79
N LEU B 774 -14.50 -42.27 21.65
CA LEU B 774 -14.03 -42.63 22.98
C LEU B 774 -12.90 -43.64 22.91
N ARG B 775 -13.00 -44.60 21.98
CA ARG B 775 -11.92 -45.55 21.76
C ARG B 775 -10.67 -44.88 21.21
N ARG B 776 -10.83 -43.86 20.37
CA ARG B 776 -9.68 -43.11 19.86
C ARG B 776 -9.00 -42.32 20.97
N TYR B 777 -9.80 -41.72 21.87
CA TYR B 777 -9.22 -40.97 22.98
C TYR B 777 -8.54 -41.88 23.98
N GLU B 778 -9.11 -43.06 24.24
CA GLU B 778 -8.43 -44.04 25.11
C GLU B 778 -7.19 -44.61 24.43
N ALA B 779 -7.19 -44.71 23.10
CA ALA B 779 -5.99 -45.14 22.39
C ALA B 779 -4.89 -44.09 22.47
N TYR B 780 -5.23 -42.82 22.38
CA TYR B 780 -4.23 -41.76 22.53
C TYR B 780 -3.71 -41.70 23.96
N SER B 781 -4.60 -41.92 24.94
CA SER B 781 -4.17 -41.94 26.34
C SER B 781 -3.27 -43.13 26.63
N GLN B 782 -3.57 -44.30 26.06
CA GLN B 782 -2.70 -45.46 26.22
C GLN B 782 -1.40 -45.31 25.44
N GLN B 783 -1.39 -44.56 24.34
CA GLN B 783 -0.14 -44.25 23.66
C GLN B 783 0.73 -43.32 24.49
N MET B 784 0.10 -42.34 25.16
CA MET B 784 0.84 -41.45 26.05
C MET B 784 1.34 -42.19 27.29
N LYS B 785 0.60 -43.20 27.75
CA LYS B 785 1.06 -44.04 28.85
C LYS B 785 2.12 -45.04 28.43
N ALA B 786 2.12 -45.47 27.16
CA ALA B 786 3.21 -46.26 26.63
C ALA B 786 4.45 -45.42 26.38
N SER B 787 4.29 -44.10 26.23
CA SER B 787 5.41 -43.18 26.29
C SER B 787 5.95 -43.02 27.71
N ARG B 788 5.20 -43.47 28.71
CA ARG B 788 5.64 -43.51 30.11
C ARG B 788 6.12 -44.92 30.48
N GLY B 789 6.77 -45.61 29.55
CA GLY B 789 7.24 -46.95 29.81
C GLY B 789 8.44 -46.98 30.74
N GLN B 790 8.68 -48.17 31.29
CA GLN B 790 9.76 -48.46 32.25
C GLN B 790 9.66 -47.56 33.47
N PHE B 791 8.50 -47.61 34.11
CA PHE B 791 8.24 -46.85 35.33
C PHE B 791 7.59 -47.78 36.36
N SER B 792 8.03 -47.65 37.60
CA SER B 792 7.65 -48.56 38.67
C SER B 792 7.67 -47.78 39.98
N ASN B 793 7.76 -48.50 41.10
CA ASN B 793 7.90 -47.87 42.41
C ASN B 793 9.19 -47.06 42.56
N PHE B 794 10.21 -47.39 41.75
CA PHE B 794 11.45 -46.62 41.61
C PHE B 794 12.22 -46.52 42.94
N ASN B 795 12.69 -47.68 43.40
CA ASN B 795 13.60 -47.72 44.53
C ASN B 795 14.96 -47.19 44.10
N PHE B 796 15.59 -46.40 44.97
CA PHE B 796 16.89 -45.80 44.66
C PHE B 796 18.03 -46.77 44.97
N LYS C 31 -39.52 13.91 49.78
CA LYS C 31 -39.99 14.77 48.70
C LYS C 31 -40.22 16.20 49.18
N LYS C 32 -39.41 17.12 48.69
CA LYS C 32 -39.60 18.54 49.01
C LYS C 32 -40.82 19.06 48.26
N ASP C 33 -41.79 19.67 48.97
CA ASP C 33 -43.05 20.07 48.35
C ASP C 33 -42.93 21.33 47.48
N ASN C 34 -41.73 21.61 47.00
CA ASN C 34 -41.49 22.83 46.22
C ASN C 34 -41.52 22.58 44.71
N MET C 35 -41.76 21.33 44.31
CA MET C 35 -41.86 20.98 42.89
C MET C 35 -43.26 20.46 42.58
N LEU C 36 -43.84 20.97 41.50
CA LEU C 36 -45.25 20.72 41.18
C LEU C 36 -45.46 20.46 39.70
N LEU C 37 -46.54 19.75 39.38
CA LEU C 37 -46.85 19.37 38.01
C LEU C 37 -47.73 20.43 37.34
N VAL C 38 -47.72 20.45 36.01
CA VAL C 38 -48.51 21.42 35.25
C VAL C 38 -49.93 20.90 35.03
N ASP C 39 -50.92 21.75 35.30
CA ASP C 39 -52.33 21.41 35.14
C ASP C 39 -53.03 22.44 34.26
N ASP C 40 -54.25 22.15 33.84
CA ASP C 40 -55.02 23.09 33.03
C ASP C 40 -55.30 24.38 33.78
N ALA C 41 -55.63 25.44 33.05
CA ALA C 41 -55.79 26.77 33.64
C ALA C 41 -57.24 27.19 33.79
N ILE C 42 -57.59 27.63 35.00
CA ILE C 42 -58.88 28.26 35.25
C ILE C 42 -58.79 29.74 34.93
N ASN C 43 -57.85 30.43 35.57
CA ASN C 43 -57.59 31.84 35.30
C ASN C 43 -56.95 32.01 33.92
N ASP C 44 -57.67 32.67 33.02
CA ASP C 44 -57.26 32.78 31.63
C ASP C 44 -56.24 33.88 31.40
N ASP C 45 -55.85 34.58 32.48
CA ASP C 45 -54.88 35.66 32.37
C ASP C 45 -53.51 35.11 31.99
N ASN C 46 -52.69 35.94 31.35
CA ASN C 46 -51.37 35.51 30.91
C ASN C 46 -50.41 35.33 32.09
N SER C 47 -50.13 36.41 32.79
CA SER C 47 -49.17 36.39 33.89
C SER C 47 -49.84 35.96 35.20
N VAL C 48 -50.07 34.66 35.34
CA VAL C 48 -50.67 34.13 36.56
C VAL C 48 -50.56 32.61 36.64
N ILE C 49 -50.40 32.11 37.87
CA ILE C 49 -50.51 30.68 38.15
C ILE C 49 -51.39 30.53 39.38
N ALA C 50 -52.04 29.38 39.50
CA ALA C 50 -52.95 29.14 40.61
C ALA C 50 -52.46 28.01 41.52
N ILE C 51 -52.29 28.35 42.78
CA ILE C 51 -51.96 27.39 43.83
C ILE C 51 -53.16 27.24 44.74
N ASN C 52 -53.22 26.11 45.47
CA ASN C 52 -54.29 25.89 46.42
C ASN C 52 -53.88 26.39 47.80
N SER C 53 -54.88 26.68 48.63
CA SER C 53 -54.62 27.26 49.96
C SER C 53 -53.84 26.30 50.86
N ASN C 54 -54.13 24.99 50.80
CA ASN C 54 -53.29 24.06 51.57
C ASN C 54 -51.86 23.99 51.06
N THR C 55 -51.61 24.60 49.90
CA THR C 55 -50.25 24.72 49.37
C THR C 55 -49.61 25.99 49.90
N MET C 56 -50.44 26.98 50.21
CA MET C 56 -49.97 28.26 50.71
C MET C 56 -49.45 28.16 52.14
N ASP C 57 -50.09 27.34 52.96
CA ASP C 57 -49.63 27.14 54.33
C ASP C 57 -48.43 26.19 54.35
N LYS C 58 -48.32 25.36 53.30
CA LYS C 58 -47.20 24.45 53.16
C LYS C 58 -45.97 25.18 52.62
N LEU C 59 -46.21 26.33 51.98
CA LEU C 59 -45.14 27.22 51.54
C LEU C 59 -45.64 28.66 51.48
N GLU C 60 -45.17 29.47 52.42
CA GLU C 60 -45.63 30.84 52.60
C GLU C 60 -45.55 31.69 51.33
N LEU C 61 -46.72 31.96 50.75
CA LEU C 61 -46.84 32.88 49.62
C LEU C 61 -48.24 33.52 49.62
N PHE C 62 -48.41 34.54 48.78
CA PHE C 62 -49.64 35.33 48.81
C PHE C 62 -50.23 35.61 47.42
N ARG C 63 -51.34 36.31 47.42
CA ARG C 63 -52.12 36.57 46.21
C ARG C 63 -51.39 37.52 45.25
N GLY C 64 -50.60 38.44 45.81
CA GLY C 64 -49.88 39.42 45.02
C GLY C 64 -48.46 38.98 44.72
N ASP C 65 -47.99 37.96 45.44
CA ASP C 65 -46.62 37.48 45.31
C ASP C 65 -46.26 37.10 43.88
N THR C 66 -45.11 37.59 43.41
CA THR C 66 -44.60 37.27 42.09
C THR C 66 -43.57 36.16 42.20
N VAL C 67 -43.84 35.02 41.56
CA VAL C 67 -43.02 33.82 41.73
C VAL C 67 -42.31 33.42 40.45
N LEU C 68 -41.08 32.93 40.59
CA LEU C 68 -40.28 32.48 39.45
C LEU C 68 -40.52 31.00 39.18
N VAL C 69 -41.01 30.71 37.98
CA VAL C 69 -41.20 29.33 37.53
C VAL C 69 -40.02 28.92 36.66
N LYS C 70 -39.35 27.85 37.04
CA LYS C 70 -38.22 27.32 36.26
C LYS C 70 -38.53 25.86 35.86
N GLY C 71 -38.75 25.66 34.56
CA GLY C 71 -39.13 24.36 34.03
C GLY C 71 -37.98 23.65 33.36
N LYS C 72 -38.31 22.87 32.34
CA LYS C 72 -37.31 22.09 31.60
C LYS C 72 -36.64 22.94 30.53
N LYS C 73 -35.61 22.38 29.90
CA LYS C 73 -34.85 23.05 28.85
C LYS C 73 -34.16 24.31 29.39
N ARG C 74 -33.94 24.33 30.70
CA ARG C 74 -33.20 25.41 31.35
C ARG C 74 -33.84 26.78 31.14
N LYS C 75 -35.16 26.81 31.10
CA LYS C 75 -35.90 28.06 30.88
C LYS C 75 -36.67 28.48 32.12
N ASP C 76 -37.14 29.73 32.12
CA ASP C 76 -37.82 30.29 33.28
C ASP C 76 -38.97 31.21 32.87
N THR C 77 -39.75 31.63 33.87
CA THR C 77 -40.83 32.59 33.68
C THR C 77 -41.28 33.12 35.05
N VAL C 78 -41.97 34.27 35.04
CA VAL C 78 -42.45 34.89 36.27
C VAL C 78 -43.95 35.11 36.20
N LEU C 79 -44.65 34.75 37.27
CA LEU C 79 -46.11 34.84 37.30
C LEU C 79 -46.62 35.20 38.70
N ILE C 80 -47.90 35.54 38.77
CA ILE C 80 -48.56 35.86 40.05
C ILE C 80 -49.27 34.63 40.59
N VAL C 81 -48.98 34.28 41.83
CA VAL C 81 -49.67 33.17 42.50
C VAL C 81 -51.03 33.64 43.01
N LEU C 82 -52.03 32.78 42.93
CA LEU C 82 -53.38 33.10 43.39
C LEU C 82 -54.07 31.86 43.93
N ILE C 83 -54.73 32.02 45.08
CA ILE C 83 -55.40 30.91 45.74
C ILE C 83 -56.52 30.33 44.87
N ASP C 84 -56.42 29.03 44.58
CA ASP C 84 -57.43 28.34 43.77
C ASP C 84 -57.90 27.07 44.48
N ASP C 85 -59.18 27.00 44.78
CA ASP C 85 -59.75 25.88 45.52
C ASP C 85 -59.68 24.57 44.73
N GLU C 86 -59.87 24.67 43.42
CA GLU C 86 -59.93 23.48 42.56
C GLU C 86 -58.54 22.89 42.30
N LEU C 87 -57.51 23.69 42.50
CA LEU C 87 -56.14 23.33 42.12
C LEU C 87 -55.66 22.00 42.73
N GLU C 88 -55.88 21.82 44.03
CA GLU C 88 -55.40 20.66 44.77
C GLU C 88 -53.87 20.67 44.85
N ASP C 89 -53.35 20.76 46.07
CA ASP C 89 -51.91 20.90 46.29
C ASP C 89 -51.13 19.65 45.91
N GLY C 90 -50.37 19.77 44.82
CA GLY C 90 -49.59 18.69 44.22
C GLY C 90 -49.13 19.11 42.83
N ALA C 91 -49.93 19.98 42.21
CA ALA C 91 -49.68 20.44 40.85
C ALA C 91 -50.38 21.78 40.67
N CYS C 92 -49.88 22.61 39.73
CA CYS C 92 -50.37 23.98 39.60
C CYS C 92 -51.02 24.24 38.24
N ARG C 93 -51.97 25.18 38.24
CA ARG C 93 -52.64 25.59 37.03
C ARG C 93 -51.89 26.75 36.37
N ILE C 94 -51.58 26.60 35.09
CA ILE C 94 -50.96 27.66 34.31
C ILE C 94 -51.50 27.65 32.88
N ASN C 95 -51.85 28.81 32.37
CA ASN C 95 -52.38 28.92 31.01
C ASN C 95 -51.35 28.49 29.97
N ARG C 96 -51.81 28.27 28.75
CA ARG C 96 -50.96 27.67 27.73
C ARG C 96 -49.79 28.58 27.34
N VAL C 97 -49.87 29.86 27.67
CA VAL C 97 -48.81 30.80 27.34
C VAL C 97 -47.61 30.65 28.26
N VAL C 98 -47.87 30.57 29.56
CA VAL C 98 -46.84 30.29 30.55
C VAL C 98 -46.25 28.91 30.30
N ARG C 99 -47.15 27.95 30.11
CA ARG C 99 -46.79 26.57 29.84
C ARG C 99 -45.85 26.45 28.64
N ASN C 100 -46.02 27.33 27.65
CA ASN C 100 -45.19 27.31 26.46
C ASN C 100 -43.80 27.88 26.70
N ASN C 101 -43.74 29.00 27.42
CA ASN C 101 -42.48 29.66 27.72
C ASN C 101 -41.53 28.77 28.53
N LEU C 102 -42.11 27.85 29.29
CA LEU C 102 -41.34 26.91 30.10
C LEU C 102 -41.01 25.63 29.32
N ARG C 103 -41.55 25.52 28.11
CA ARG C 103 -41.36 24.33 27.27
C ARG C 103 -41.86 23.07 27.97
N ILE C 104 -43.00 23.17 28.64
CA ILE C 104 -43.61 22.05 29.32
C ILE C 104 -44.98 21.74 28.74
N ARG C 105 -45.56 20.63 29.17
CA ARG C 105 -46.88 20.20 28.72
C ARG C 105 -47.75 19.91 29.94
N LEU C 106 -49.04 19.71 29.70
CA LEU C 106 -49.93 19.29 30.77
C LEU C 106 -49.55 17.89 31.25
N GLY C 107 -48.96 17.83 32.43
CA GLY C 107 -48.49 16.56 33.00
C GLY C 107 -46.98 16.49 33.05
N ASP C 108 -46.34 17.65 33.22
CA ASP C 108 -44.89 17.73 33.39
C ASP C 108 -44.57 18.46 34.69
N LEU C 109 -43.44 18.12 35.28
CA LEU C 109 -43.04 18.67 36.56
C LEU C 109 -42.22 19.95 36.39
N VAL C 110 -42.43 20.90 37.31
CA VAL C 110 -41.69 22.15 37.34
C VAL C 110 -41.36 22.53 38.78
N THR C 111 -40.23 23.22 38.95
CA THR C 111 -39.85 23.74 40.26
C THR C 111 -40.29 25.19 40.39
N ILE C 112 -40.99 25.49 41.48
CA ILE C 112 -41.50 26.83 41.73
C ILE C 112 -40.76 27.41 42.93
N HIS C 113 -40.43 28.70 42.87
CA HIS C 113 -39.76 29.38 43.97
C HIS C 113 -39.90 30.89 43.83
N PRO C 114 -40.09 31.60 44.95
CA PRO C 114 -40.39 33.04 44.84
C PRO C 114 -39.15 33.91 44.69
N CYS C 115 -39.32 35.03 44.00
CA CYS C 115 -38.26 36.01 43.80
C CYS C 115 -38.81 37.42 43.95
N PRO C 116 -38.59 38.05 45.11
CA PRO C 116 -38.94 39.47 45.28
C PRO C 116 -37.74 40.38 45.02
N ASP C 117 -36.58 39.79 44.75
CA ASP C 117 -35.39 40.55 44.37
C ASP C 117 -35.66 41.36 43.11
N ILE C 118 -36.50 40.81 42.24
CA ILE C 118 -36.95 41.53 41.04
C ILE C 118 -37.72 42.77 41.44
N LYS C 119 -37.56 43.84 40.67
CA LYS C 119 -38.24 45.09 40.95
C LYS C 119 -38.63 45.78 39.65
N TYR C 120 -39.26 46.95 39.78
CA TYR C 120 -39.94 47.59 38.67
C TYR C 120 -39.01 47.88 37.50
N ALA C 121 -39.53 47.71 36.29
CA ALA C 121 -38.72 47.83 35.09
C ALA C 121 -38.28 49.24 34.78
N THR C 122 -37.15 49.37 34.08
CA THR C 122 -36.70 50.65 33.57
C THR C 122 -37.19 50.80 32.14
N ARG C 123 -37.12 49.71 31.38
CA ARG C 123 -37.59 49.68 30.01
C ARG C 123 -37.80 48.25 29.54
N ILE C 124 -38.57 48.08 28.47
CA ILE C 124 -38.89 46.77 27.93
C ILE C 124 -38.86 46.78 26.41
N SER C 125 -38.57 45.61 25.83
CA SER C 125 -38.32 45.48 24.40
C SER C 125 -39.11 44.30 23.83
N VAL C 126 -40.34 44.55 23.41
CA VAL C 126 -41.20 43.52 22.84
C VAL C 126 -41.35 43.71 21.34
N LEU C 127 -41.46 42.60 20.61
CA LEU C 127 -41.63 42.62 19.17
C LEU C 127 -42.68 41.62 18.72
N PRO C 128 -43.57 42.02 17.80
CA PRO C 128 -44.62 41.11 17.33
C PRO C 128 -44.07 40.03 16.40
N ILE C 129 -44.56 38.81 16.55
CA ILE C 129 -44.18 37.73 15.66
C ILE C 129 -44.94 37.92 14.35
N ALA C 130 -44.23 37.76 13.23
CA ALA C 130 -44.72 38.17 11.92
C ALA C 130 -46.09 37.59 11.55
N ASP C 131 -46.26 36.28 11.69
CA ASP C 131 -47.46 35.62 11.21
C ASP C 131 -48.70 35.95 12.04
N THR C 132 -48.50 36.59 13.18
CA THR C 132 -49.63 36.97 14.05
C THR C 132 -50.08 38.41 13.78
N ILE C 133 -49.40 39.08 12.86
CA ILE C 133 -49.72 40.47 12.49
C ILE C 133 -49.84 40.65 10.98
N GLU C 134 -49.70 39.55 10.23
CA GLU C 134 -49.90 39.60 8.78
C GLU C 134 -51.32 40.06 8.47
N GLY C 135 -51.43 41.25 7.88
CA GLY C 135 -52.72 41.79 7.50
C GLY C 135 -52.93 43.21 7.99
N ILE C 136 -52.65 43.45 9.27
CA ILE C 136 -52.86 44.75 9.87
C ILE C 136 -51.55 45.54 10.00
N THR C 137 -51.69 46.81 10.38
CA THR C 137 -50.56 47.68 10.62
C THR C 137 -50.97 48.78 11.61
N GLY C 138 -50.06 49.70 11.88
CA GLY C 138 -50.37 50.84 12.72
C GLY C 138 -49.89 50.73 14.16
N ASN C 139 -50.62 51.39 15.06
CA ASN C 139 -50.21 51.53 16.45
C ASN C 139 -50.53 50.29 17.29
N LEU C 140 -49.57 49.38 17.38
CA LEU C 140 -49.75 48.17 18.19
C LEU C 140 -49.73 48.48 19.67
N PHE C 141 -49.01 49.54 20.04
CA PHE C 141 -48.89 49.92 21.44
C PHE C 141 -50.22 50.35 22.02
N ASP C 142 -50.84 51.35 21.41
CA ASP C 142 -52.11 51.89 21.90
C ASP C 142 -53.20 50.82 21.94
N VAL C 143 -53.19 49.94 20.94
CA VAL C 143 -54.22 48.93 20.81
C VAL C 143 -54.00 47.74 21.75
N PHE C 144 -52.86 47.08 21.61
CA PHE C 144 -52.59 45.83 22.33
C PHE C 144 -51.79 46.01 23.61
N LEU C 145 -50.59 46.58 23.49
CA LEU C 145 -49.64 46.63 24.60
C LEU C 145 -50.07 47.56 25.73
N LYS C 146 -50.63 48.71 25.37
CA LYS C 146 -50.97 49.72 26.37
C LYS C 146 -52.01 49.20 27.36
N PRO C 147 -53.14 48.66 26.88
CA PRO C 147 -54.13 48.16 27.85
C PRO C 147 -53.73 46.84 28.51
N TYR C 148 -52.80 46.10 27.90
CA TYR C 148 -52.39 44.80 28.43
C TYR C 148 -51.52 44.92 29.67
N PHE C 149 -50.60 45.89 29.65
CA PHE C 149 -49.66 46.06 30.75
C PHE C 149 -50.16 47.07 31.79
N VAL C 150 -51.17 47.85 31.43
CA VAL C 150 -51.63 48.97 32.25
C VAL C 150 -52.12 48.54 33.65
N GLU C 151 -51.52 49.13 34.67
CA GLU C 151 -51.96 48.98 36.06
C GLU C 151 -51.92 47.54 36.58
N ALA C 152 -51.41 46.61 35.78
CA ALA C 152 -51.30 45.21 36.19
C ALA C 152 -49.91 44.93 36.74
N TYR C 153 -48.99 45.87 36.51
CA TYR C 153 -47.56 45.67 36.68
C TYR C 153 -47.17 44.20 36.53
N ARG C 154 -47.28 43.71 35.30
CA ARG C 154 -47.02 42.31 35.01
C ARG C 154 -45.55 41.98 35.25
N PRO C 155 -45.27 40.78 35.78
CA PRO C 155 -43.89 40.33 35.93
C PRO C 155 -43.40 39.56 34.70
N VAL C 156 -42.70 40.23 33.79
CA VAL C 156 -42.28 39.58 32.55
C VAL C 156 -40.87 39.03 32.67
N ARG C 157 -40.36 38.49 31.55
CA ARG C 157 -39.05 37.86 31.51
C ARG C 157 -38.50 37.96 30.10
N LYS C 158 -37.18 37.99 29.96
CA LYS C 158 -36.56 37.99 28.64
C LYS C 158 -36.66 36.60 28.02
N GLY C 159 -37.19 36.56 26.79
CA GLY C 159 -37.42 35.31 26.09
C GLY C 159 -38.89 34.92 26.12
N ASP C 160 -39.66 35.58 26.98
CA ASP C 160 -41.09 35.32 27.08
C ASP C 160 -41.81 35.69 25.80
N HIS C 161 -42.83 34.90 25.46
CA HIS C 161 -43.73 35.21 24.37
C HIS C 161 -45.16 35.23 24.91
N PHE C 162 -45.74 36.42 24.99
CA PHE C 162 -47.09 36.58 25.54
C PHE C 162 -48.10 36.86 24.44
N VAL C 163 -49.38 36.87 24.83
CA VAL C 163 -50.48 36.96 23.88
C VAL C 163 -51.48 38.02 24.30
N VAL C 164 -51.90 38.84 23.33
CA VAL C 164 -52.88 39.90 23.59
C VAL C 164 -54.02 39.83 22.59
N ARG C 165 -55.24 39.66 23.10
CA ARG C 165 -56.42 39.54 22.26
C ARG C 165 -57.14 40.88 22.11
N GLY C 166 -57.39 41.26 20.85
CA GLY C 166 -58.07 42.51 20.56
C GLY C 166 -58.10 42.77 19.06
N GLY C 167 -59.15 43.45 18.60
CA GLY C 167 -59.29 43.75 17.19
C GLY C 167 -59.53 42.50 16.35
N MET C 168 -60.33 41.58 16.88
CA MET C 168 -60.71 40.36 16.18
C MET C 168 -59.50 39.50 15.81
N ARG C 169 -58.47 39.51 16.64
CA ARG C 169 -57.31 38.64 16.47
C ARG C 169 -56.45 38.65 17.73
N GLN C 170 -55.51 37.71 17.80
CA GLN C 170 -54.59 37.62 18.93
C GLN C 170 -53.14 37.72 18.45
N VAL C 171 -52.45 38.77 18.90
CA VAL C 171 -51.08 39.00 18.49
C VAL C 171 -50.11 38.42 19.52
N GLU C 172 -48.98 37.90 19.03
CA GLU C 172 -47.94 37.36 19.90
C GLU C 172 -46.69 38.21 19.81
N PHE C 173 -46.28 38.78 20.95
CA PHE C 173 -45.04 39.52 21.07
C PHE C 173 -44.01 38.68 21.81
N LYS C 174 -42.73 38.90 21.54
CA LYS C 174 -41.65 38.27 22.31
C LYS C 174 -40.80 39.33 22.99
N VAL C 175 -40.65 39.18 24.31
CA VAL C 175 -39.77 40.07 25.07
C VAL C 175 -38.33 39.84 24.66
N VAL C 176 -37.76 40.82 23.97
CA VAL C 176 -36.41 40.71 23.44
C VAL C 176 -35.37 41.25 24.42
N ASP C 177 -35.76 42.23 25.24
CA ASP C 177 -34.83 42.84 26.18
C ASP C 177 -35.52 43.61 27.31
N VAL C 178 -34.93 43.52 28.49
CA VAL C 178 -35.30 44.35 29.64
C VAL C 178 -34.03 44.95 30.23
N GLU C 179 -34.15 46.07 30.91
CA GLU C 179 -32.97 46.71 31.48
C GLU C 179 -32.61 46.10 32.84
N PRO C 180 -33.60 45.84 33.71
CA PRO C 180 -33.34 45.31 35.05
C PRO C 180 -33.14 43.79 35.04
N GLU C 181 -31.99 43.35 34.51
CA GLU C 181 -31.56 41.93 34.42
C GLU C 181 -32.48 41.14 33.48
N GLU C 182 -32.52 39.82 33.69
CA GLU C 182 -33.35 38.88 32.88
C GLU C 182 -34.85 39.14 33.09
N TYR C 183 -35.27 39.41 34.33
CA TYR C 183 -36.70 39.55 34.62
C TYR C 183 -37.01 40.87 35.35
N ALA C 184 -38.17 41.44 35.05
CA ALA C 184 -38.59 42.69 35.68
C ALA C 184 -40.10 42.86 35.62
N VAL C 185 -40.59 43.92 36.28
CA VAL C 185 -42.02 44.18 36.41
C VAL C 185 -42.41 45.42 35.59
N VAL C 186 -43.65 45.48 35.15
CA VAL C 186 -44.11 46.54 34.24
C VAL C 186 -45.04 47.57 34.90
N ALA C 187 -44.53 48.26 35.92
CA ALA C 187 -45.27 49.33 36.56
C ALA C 187 -45.65 50.44 35.57
N GLN C 188 -46.63 51.28 35.92
CA GLN C 188 -47.05 52.36 35.01
C GLN C 188 -45.92 53.29 34.56
N ASP C 189 -44.86 53.40 35.36
CA ASP C 189 -43.73 54.25 35.01
C ASP C 189 -42.74 53.55 34.09
N THR C 190 -42.86 52.23 33.96
CA THR C 190 -41.95 51.46 33.13
C THR C 190 -42.16 51.82 31.66
N ILE C 191 -41.05 51.95 30.93
CA ILE C 191 -41.09 52.42 29.55
C ILE C 191 -41.15 51.26 28.55
N ILE C 192 -42.31 51.09 27.92
CA ILE C 192 -42.50 50.00 26.96
C ILE C 192 -42.10 50.43 25.55
N HIS C 193 -41.05 49.82 25.02
CA HIS C 193 -40.61 50.08 23.65
C HIS C 193 -40.95 48.92 22.73
N TRP C 194 -41.88 49.15 21.81
CA TRP C 194 -42.13 48.21 20.71
C TRP C 194 -41.61 48.85 19.43
N GLU C 195 -41.15 47.96 18.54
CA GLU C 195 -40.62 48.21 17.16
C GLU C 195 -41.45 47.39 16.16
N GLY C 196 -41.46 47.76 14.86
CA GLY C 196 -42.34 47.08 13.88
C GLY C 196 -41.71 46.16 12.83
N GLU C 197 -40.41 45.88 12.84
CA GLU C 197 -39.82 44.97 11.80
C GLU C 197 -40.02 43.51 12.24
N PRO C 198 -41.26 42.95 12.16
CA PRO C 198 -41.52 41.62 12.73
C PRO C 198 -40.77 40.52 12.00
N ILE C 199 -40.75 39.31 12.55
CA ILE C 199 -39.95 38.21 11.92
C ILE C 199 -40.81 36.96 11.71
N ASN C 200 -40.40 36.12 10.77
CA ASN C 200 -40.77 34.68 10.75
C ASN C 200 -40.18 33.98 11.96
N ARG C 201 -40.85 32.97 12.53
CA ARG C 201 -40.40 32.39 13.83
C ARG C 201 -39.31 31.32 13.71
N GLU C 202 -38.29 31.56 12.88
CA GLU C 202 -37.16 30.60 12.78
C GLU C 202 -36.45 30.59 14.13
N ASP C 203 -36.25 31.79 14.71
CA ASP C 203 -35.56 31.97 16.01
C ASP C 203 -36.37 31.28 17.10
N GLU C 204 -37.70 31.41 17.07
CA GLU C 204 -38.57 30.77 18.10
C GLU C 204 -38.39 29.25 18.00
N GLU C 205 -38.38 28.72 16.78
CA GLU C 205 -38.22 27.24 16.63
C GLU C 205 -36.85 26.82 17.20
N ASN C 206 -35.80 27.60 16.90
CA ASN C 206 -34.44 27.27 17.38
C ASN C 206 -34.41 27.28 18.90
N ASN C 207 -35.04 28.28 19.53
CA ASN C 207 -35.06 28.41 21.01
C ASN C 207 -35.77 27.20 21.61
N MET C 208 -36.89 26.79 21.00
CA MET C 208 -37.66 25.63 21.52
C MET C 208 -36.83 24.34 21.41
N ASN C 209 -36.10 24.18 20.30
CA ASN C 209 -35.31 22.95 20.02
C ASN C 209 -34.17 22.67 21.00
N GLU C 210 -33.45 23.70 21.46
CA GLU C 210 -32.22 23.48 22.26
C GLU C 210 -32.42 22.06 22.80
N VAL C 211 -31.45 21.17 22.55
CA VAL C 211 -31.53 19.76 23.03
C VAL C 211 -31.26 19.75 24.55
N GLY C 212 -32.14 19.12 25.32
CA GLY C 212 -31.98 19.07 26.79
C GLY C 212 -31.54 17.70 27.27
N TYR C 213 -30.98 17.64 28.49
CA TYR C 213 -30.52 16.39 29.09
C TYR C 213 -31.56 15.30 29.07
N ASP C 214 -32.84 15.64 28.92
CA ASP C 214 -33.92 14.66 29.00
C ASP C 214 -34.34 14.14 27.63
N ASP C 215 -33.41 14.07 26.68
CA ASP C 215 -33.67 13.53 25.36
C ASP C 215 -32.76 12.36 25.02
N ILE C 216 -31.86 12.00 25.92
CA ILE C 216 -30.90 10.89 25.66
C ILE C 216 -31.26 9.69 26.54
N GLY C 217 -32.54 9.59 26.91
CA GLY C 217 -33.01 8.48 27.77
C GLY C 217 -32.78 7.12 27.14
N GLY C 218 -32.13 6.22 27.88
CA GLY C 218 -31.88 4.86 27.44
C GLY C 218 -30.53 4.32 27.87
N CYS C 219 -29.58 5.21 28.18
CA CYS C 219 -28.26 4.82 28.69
C CYS C 219 -28.02 5.57 30.00
N ARG C 220 -28.55 5.02 31.09
CA ARG C 220 -28.56 5.72 32.37
C ARG C 220 -27.18 5.73 33.02
N LYS C 221 -26.49 4.57 32.98
CA LYS C 221 -25.18 4.47 33.62
C LYS C 221 -24.14 5.29 32.88
N GLN C 222 -24.15 5.24 31.54
CA GLN C 222 -23.21 6.03 30.76
C GLN C 222 -23.52 7.51 30.85
N MET C 223 -24.82 7.86 30.90
CA MET C 223 -25.23 9.25 31.07
C MET C 223 -24.77 9.80 32.42
N ALA C 224 -24.92 9.01 33.48
CA ALA C 224 -24.45 9.43 34.81
C ALA C 224 -22.93 9.50 34.86
N GLN C 225 -22.23 8.58 34.19
CA GLN C 225 -20.78 8.57 34.22
C GLN C 225 -20.19 9.76 33.46
N ILE C 226 -20.87 10.22 32.41
CA ILE C 226 -20.42 11.43 31.75
C ILE C 226 -20.78 12.67 32.57
N ARG C 227 -22.06 12.76 32.99
CA ARG C 227 -22.59 13.93 33.68
C ARG C 227 -21.92 14.17 35.03
N GLU C 228 -21.38 13.13 35.66
CA GLU C 228 -20.67 13.29 36.93
C GLU C 228 -19.43 14.15 36.76
N MET C 229 -18.49 13.73 35.90
CA MET C 229 -17.29 14.53 35.69
C MET C 229 -17.53 15.77 34.86
N VAL C 230 -18.67 15.90 34.18
CA VAL C 230 -18.99 17.19 33.56
C VAL C 230 -19.54 18.20 34.58
N GLU C 231 -20.46 17.80 35.44
CA GLU C 231 -21.22 18.72 36.27
C GLU C 231 -20.65 18.92 37.68
N LEU C 232 -20.14 17.86 38.31
CA LEU C 232 -19.69 17.98 39.70
C LEU C 232 -18.44 18.83 39.91
N PRO C 233 -17.38 18.85 39.03
CA PRO C 233 -16.31 19.82 39.27
C PRO C 233 -16.62 21.24 38.81
N LEU C 234 -17.87 21.52 38.43
CA LEU C 234 -18.28 22.86 38.05
C LEU C 234 -19.32 23.47 38.99
N ARG C 235 -20.20 22.66 39.57
CA ARG C 235 -21.18 23.19 40.51
C ARG C 235 -20.54 23.48 41.86
N HIS C 236 -19.98 22.46 42.50
CA HIS C 236 -19.32 22.64 43.79
C HIS C 236 -18.05 21.80 43.86
N PRO C 237 -16.87 22.42 43.80
CA PRO C 237 -15.62 21.68 43.94
C PRO C 237 -15.14 21.46 45.37
N GLN C 238 -16.00 21.68 46.36
CA GLN C 238 -15.59 21.53 47.76
C GLN C 238 -15.35 20.07 48.12
N LEU C 239 -16.06 19.15 47.46
CA LEU C 239 -15.84 17.72 47.70
C LEU C 239 -14.45 17.30 47.21
N PHE C 240 -14.04 17.79 46.06
CA PHE C 240 -12.71 17.52 45.55
C PHE C 240 -11.62 18.28 46.29
N LYS C 241 -11.94 19.45 46.85
CA LYS C 241 -10.97 20.15 47.69
C LYS C 241 -10.81 19.49 49.05
N ALA C 242 -11.85 18.82 49.55
CA ALA C 242 -11.76 18.11 50.81
C ALA C 242 -11.14 16.73 50.65
N ILE C 243 -11.41 16.04 49.55
CA ILE C 243 -10.84 14.71 49.35
C ILE C 243 -9.41 14.80 48.82
N GLY C 244 -9.00 15.96 48.31
CA GLY C 244 -7.64 16.21 47.90
C GLY C 244 -7.31 15.77 46.48
N ILE C 245 -7.92 14.69 45.98
CA ILE C 245 -7.58 14.16 44.67
C ILE C 245 -8.29 14.98 43.59
N LYS C 246 -7.77 14.91 42.36
CA LYS C 246 -8.31 15.60 41.20
C LYS C 246 -9.24 14.68 40.42
N PRO C 247 -10.34 15.19 39.87
CA PRO C 247 -11.28 14.35 39.14
C PRO C 247 -10.74 13.95 37.79
N PRO C 248 -11.23 12.86 37.20
CA PRO C 248 -10.81 12.50 35.84
C PRO C 248 -11.33 13.49 34.81
N ARG C 249 -10.51 13.70 33.78
CA ARG C 249 -10.78 14.71 32.75
C ARG C 249 -10.67 14.10 31.36
N GLY C 250 -11.32 12.95 31.16
CA GLY C 250 -11.30 12.31 29.85
C GLY C 250 -12.47 11.37 29.61
N VAL C 251 -13.17 11.56 28.50
CA VAL C 251 -14.29 10.72 28.10
C VAL C 251 -14.00 10.16 26.72
N LEU C 252 -14.16 8.85 26.56
CA LEU C 252 -14.06 8.18 25.28
C LEU C 252 -15.35 7.40 25.05
N MET C 253 -16.23 7.93 24.21
CA MET C 253 -17.52 7.32 23.94
C MET C 253 -17.40 6.44 22.69
N TYR C 254 -17.35 5.13 22.90
CA TYR C 254 -17.25 4.17 21.80
C TYR C 254 -18.48 3.27 21.79
N GLY C 255 -18.72 2.66 20.63
CA GLY C 255 -19.84 1.76 20.46
C GLY C 255 -20.29 1.65 19.03
N PRO C 256 -21.49 1.09 18.82
CA PRO C 256 -22.03 1.00 17.45
C PRO C 256 -22.47 2.37 16.96
N PRO C 257 -22.49 2.58 15.64
CA PRO C 257 -22.92 3.89 15.12
C PRO C 257 -24.42 4.08 15.27
N GLY C 258 -24.80 5.32 15.58
CA GLY C 258 -26.19 5.65 15.80
C GLY C 258 -26.68 5.24 17.17
N THR C 259 -26.04 5.75 18.21
CA THR C 259 -26.37 5.39 19.58
C THR C 259 -26.63 6.59 20.47
N GLY C 260 -26.02 7.75 20.21
CA GLY C 260 -26.31 8.93 21.00
C GLY C 260 -25.11 9.67 21.54
N LYS C 261 -23.91 9.39 21.02
CA LYS C 261 -22.72 10.08 21.48
C LYS C 261 -22.69 11.54 21.01
N THR C 262 -23.07 11.79 19.76
CA THR C 262 -23.15 13.16 19.27
C THR C 262 -24.29 13.93 19.94
N LEU C 263 -25.40 13.24 20.25
CA LEU C 263 -26.49 13.87 20.97
C LEU C 263 -26.08 14.20 22.41
N MET C 264 -25.27 13.33 23.03
CA MET C 264 -24.77 13.60 24.36
C MET C 264 -23.81 14.79 24.37
N ALA C 265 -22.94 14.87 23.36
CA ALA C 265 -22.04 16.01 23.24
C ALA C 265 -22.80 17.30 22.96
N ARG C 266 -23.88 17.22 22.18
CA ARG C 266 -24.70 18.40 21.91
C ARG C 266 -25.45 18.85 23.16
N ALA C 267 -25.94 17.91 23.98
CA ALA C 267 -26.62 18.29 25.21
C ALA C 267 -25.65 18.88 26.23
N VAL C 268 -24.43 18.34 26.27
CA VAL C 268 -23.38 18.91 27.12
C VAL C 268 -23.02 20.33 26.66
N ALA C 269 -22.94 20.54 25.35
CA ALA C 269 -22.68 21.87 24.81
C ALA C 269 -23.86 22.83 25.02
N ASN C 270 -25.08 22.31 25.14
CA ASN C 270 -26.26 23.16 25.22
C ASN C 270 -26.68 23.51 26.64
N GLU C 271 -26.45 22.65 27.63
CA GLU C 271 -26.88 22.99 28.98
C GLU C 271 -25.75 23.47 29.89
N THR C 272 -24.56 22.89 29.77
CA THR C 272 -23.45 23.31 30.62
C THR C 272 -22.94 24.69 30.20
N GLY C 273 -22.94 25.62 31.15
CA GLY C 273 -22.60 27.01 30.93
C GLY C 273 -21.13 27.34 30.77
N ALA C 274 -20.27 26.33 30.73
CA ALA C 274 -18.86 26.58 30.45
C ALA C 274 -18.65 26.81 28.96
N PHE C 275 -17.42 27.22 28.62
CA PHE C 275 -17.08 27.42 27.22
C PHE C 275 -16.98 26.08 26.50
N PHE C 276 -17.40 26.06 25.24
CA PHE C 276 -17.36 24.85 24.43
C PHE C 276 -16.56 25.08 23.16
N PHE C 277 -15.91 24.02 22.69
CA PHE C 277 -15.14 24.06 21.46
C PHE C 277 -15.20 22.68 20.82
N LEU C 278 -15.84 22.59 19.66
CA LEU C 278 -15.96 21.33 18.93
C LEU C 278 -14.89 21.25 17.86
N ILE C 279 -14.23 20.10 17.78
CA ILE C 279 -13.19 19.83 16.80
C ILE C 279 -13.61 18.61 15.99
N ASN C 280 -13.71 18.78 14.68
CA ASN C 280 -14.00 17.66 13.80
C ASN C 280 -12.72 16.85 13.57
N GLY C 281 -12.84 15.68 12.95
CA GLY C 281 -11.71 14.80 12.77
C GLY C 281 -10.69 15.32 11.79
N PRO C 282 -11.02 15.31 10.49
CA PRO C 282 -10.12 15.90 9.50
C PRO C 282 -10.42 17.36 9.22
N GLU C 283 -10.51 18.19 10.27
CA GLU C 283 -10.74 19.62 10.08
C GLU C 283 -9.48 20.45 10.30
N VAL C 284 -8.53 19.97 11.10
CA VAL C 284 -7.30 20.70 11.33
C VAL C 284 -6.25 20.46 10.26
N MET C 285 -6.45 19.45 9.40
CA MET C 285 -5.46 19.08 8.40
C MET C 285 -5.37 20.14 7.30
N SER C 286 -4.16 20.62 7.05
CA SER C 286 -3.90 21.63 6.04
C SER C 286 -2.74 21.18 5.17
N LYS C 287 -2.63 21.79 3.99
CA LYS C 287 -1.62 21.39 3.02
C LYS C 287 -0.24 21.89 3.38
N MET C 288 -0.14 22.89 4.26
CA MET C 288 1.15 23.42 4.65
C MET C 288 1.85 22.47 5.62
N ALA C 289 3.18 22.43 5.52
CA ALA C 289 3.99 21.58 6.38
C ALA C 289 4.08 22.22 7.75
N GLY C 290 3.43 21.61 8.74
CA GLY C 290 3.42 22.12 10.09
C GLY C 290 2.27 23.05 10.42
N GLU C 291 1.13 22.90 9.75
CA GLU C 291 -0.02 23.76 9.98
C GLU C 291 -1.12 23.09 10.80
N SER C 292 -1.24 21.77 10.73
CA SER C 292 -2.26 21.05 11.49
C SER C 292 -1.95 21.07 12.98
N GLU C 293 -0.67 20.88 13.32
CA GLU C 293 -0.25 20.93 14.71
C GLU C 293 -0.37 22.35 15.27
N SER C 294 -0.11 23.37 14.44
CA SER C 294 -0.34 24.75 14.85
C SER C 294 -1.81 25.04 15.04
N ASN C 295 -2.68 24.46 14.20
CA ASN C 295 -4.13 24.63 14.37
C ASN C 295 -4.61 23.95 15.66
N LEU C 296 -4.07 22.78 15.97
CA LEU C 296 -4.42 22.09 17.22
C LEU C 296 -3.93 22.88 18.44
N ARG C 297 -2.72 23.45 18.34
CA ARG C 297 -2.20 24.28 19.43
C ARG C 297 -3.02 25.55 19.63
N LYS C 298 -3.43 26.19 18.53
CA LYS C 298 -4.26 27.38 18.63
C LYS C 298 -5.65 27.06 19.17
N ALA C 299 -6.20 25.88 18.82
CA ALA C 299 -7.49 25.48 19.35
C ALA C 299 -7.41 25.20 20.84
N PHE C 300 -6.35 24.51 21.29
CA PHE C 300 -6.20 24.22 22.72
C PHE C 300 -5.91 25.48 23.52
N GLU C 301 -5.11 26.41 22.98
CA GLU C 301 -4.86 27.66 23.68
C GLU C 301 -6.08 28.57 23.69
N GLU C 302 -6.94 28.49 22.67
CA GLU C 302 -8.19 29.23 22.70
C GLU C 302 -9.17 28.63 23.71
N ALA C 303 -9.18 27.30 23.84
CA ALA C 303 -10.03 26.67 24.83
C ALA C 303 -9.53 26.90 26.25
N GLU C 304 -8.21 27.05 26.42
CA GLU C 304 -7.65 27.27 27.75
C GLU C 304 -7.63 28.75 28.14
N LYS C 305 -7.63 29.65 27.16
CA LYS C 305 -7.48 31.08 27.46
C LYS C 305 -8.76 31.68 28.03
N ASN C 306 -9.92 31.28 27.52
CA ASN C 306 -11.17 31.95 27.87
C ASN C 306 -11.64 31.57 29.27
N ALA C 307 -11.89 30.27 29.50
CA ALA C 307 -12.51 29.79 30.72
C ALA C 307 -12.16 28.33 30.91
N PRO C 308 -12.46 27.72 32.06
CA PRO C 308 -12.48 26.25 32.13
C PRO C 308 -13.52 25.70 31.17
N ALA C 309 -13.05 25.00 30.14
CA ALA C 309 -13.85 24.69 28.97
C ALA C 309 -13.90 23.18 28.74
N ILE C 310 -14.76 22.79 27.80
CA ILE C 310 -14.93 21.42 27.37
C ILE C 310 -14.57 21.32 25.89
N ILE C 311 -13.71 20.37 25.55
CA ILE C 311 -13.24 20.17 24.18
C ILE C 311 -13.80 18.85 23.69
N PHE C 312 -14.58 18.91 22.61
CA PHE C 312 -15.16 17.71 22.00
C PHE C 312 -14.46 17.47 20.66
N ILE C 313 -13.56 16.48 20.64
CA ILE C 313 -12.88 16.08 19.41
C ILE C 313 -13.63 14.88 18.86
N ASP C 314 -14.39 15.10 17.79
CA ASP C 314 -15.21 14.05 17.18
C ASP C 314 -14.42 13.33 16.10
N GLU C 315 -14.67 12.02 15.99
CA GLU C 315 -14.09 11.13 14.98
C GLU C 315 -12.56 11.14 15.04
N ILE C 316 -12.05 10.59 16.15
CA ILE C 316 -10.62 10.60 16.43
C ILE C 316 -9.89 9.45 15.74
N ASP C 317 -10.61 8.69 14.91
CA ASP C 317 -10.00 7.63 14.11
C ASP C 317 -9.29 8.16 12.86
N SER C 318 -9.37 9.47 12.60
CA SER C 318 -8.69 10.07 11.47
C SER C 318 -7.45 10.86 11.85
N ILE C 319 -7.22 11.10 13.15
CA ILE C 319 -6.05 11.84 13.60
C ILE C 319 -5.28 11.00 14.61
N ALA C 320 -5.51 9.68 14.60
CA ALA C 320 -4.77 8.79 15.48
C ALA C 320 -4.63 7.40 14.87
N PRO C 321 -3.76 7.21 13.86
CA PRO C 321 -3.60 5.88 13.27
C PRO C 321 -2.54 5.04 13.96
N LYS C 322 -2.56 5.00 15.30
CA LYS C 322 -1.82 4.05 16.15
C LYS C 322 -0.30 4.14 16.09
N ARG C 323 0.25 5.03 15.27
CA ARG C 323 1.68 5.36 15.11
C ARG C 323 2.51 4.17 14.57
N ASP C 324 1.91 3.04 14.27
CA ASP C 324 2.65 1.87 13.81
C ASP C 324 2.16 1.34 12.47
N LYS C 325 0.85 1.35 12.23
CA LYS C 325 0.32 0.87 10.96
C LYS C 325 0.33 1.95 9.89
N THR C 326 0.47 3.22 10.27
CA THR C 326 0.51 4.30 9.31
C THR C 326 1.88 4.38 8.64
N ASN C 327 1.94 5.15 7.55
CA ASN C 327 3.17 5.30 6.79
C ASN C 327 3.58 6.76 6.57
N GLY C 328 2.72 7.73 6.85
CA GLY C 328 3.03 9.13 6.63
C GLY C 328 3.84 9.72 7.77
N GLU C 329 3.97 11.04 7.74
CA GLU C 329 4.72 11.78 8.74
C GLU C 329 3.82 12.80 9.43
N VAL C 330 2.87 13.35 8.68
CA VAL C 330 1.93 14.33 9.22
C VAL C 330 1.02 13.70 10.25
N GLU C 331 0.62 12.43 10.03
CA GLU C 331 -0.23 11.73 11.00
C GLU C 331 0.53 11.46 12.29
N ARG C 332 1.80 11.06 12.19
CA ARG C 332 2.62 10.83 13.37
C ARG C 332 2.89 12.12 14.12
N ARG C 333 3.10 13.22 13.41
CA ARG C 333 3.32 14.51 14.08
C ARG C 333 2.04 15.03 14.72
N VAL C 334 0.87 14.76 14.13
CA VAL C 334 -0.40 15.13 14.75
C VAL C 334 -0.64 14.29 16.02
N VAL C 335 -0.28 13.00 15.96
CA VAL C 335 -0.39 12.13 17.13
C VAL C 335 0.54 12.60 18.25
N SER C 336 1.77 13.00 17.89
CA SER C 336 2.71 13.51 18.89
C SER C 336 2.28 14.86 19.44
N GLN C 337 1.66 15.70 18.62
CA GLN C 337 1.12 16.98 19.09
C GLN C 337 -0.01 16.77 20.08
N LEU C 338 -0.90 15.81 19.80
CA LEU C 338 -1.99 15.50 20.71
C LEU C 338 -1.47 14.89 22.01
N LEU C 339 -0.48 14.00 21.91
CA LEU C 339 0.06 13.32 23.09
C LEU C 339 0.86 14.27 23.98
N THR C 340 1.52 15.26 23.38
CA THR C 340 2.23 16.27 24.16
C THR C 340 1.31 17.33 24.73
N LEU C 341 0.32 17.79 23.96
CA LEU C 341 -0.56 18.86 24.39
C LEU C 341 -1.64 18.37 25.34
N MET C 342 -1.89 17.06 25.39
CA MET C 342 -2.90 16.54 26.31
C MET C 342 -2.32 16.18 27.68
N ASP C 343 -1.09 15.67 27.73
CA ASP C 343 -0.46 15.33 29.01
C ASP C 343 1.05 15.48 28.87
N GLY C 344 1.58 16.59 29.37
CA GLY C 344 3.00 16.84 29.41
C GLY C 344 3.36 17.85 30.47
N MET C 345 4.29 18.75 30.18
CA MET C 345 4.57 19.86 31.06
C MET C 345 3.59 21.01 30.80
N LYS C 346 3.09 21.60 31.89
CA LYS C 346 1.94 22.51 31.98
C LYS C 346 0.82 22.14 31.02
N ALA C 347 0.34 20.90 31.12
CA ALA C 347 -0.55 20.28 30.14
C ALA C 347 -1.92 20.93 30.04
N ARG C 348 -2.72 20.86 31.10
CA ARG C 348 -4.13 21.23 31.02
C ARG C 348 -4.51 21.94 32.30
N SER C 349 -4.95 23.19 32.18
CA SER C 349 -5.37 23.99 33.33
C SER C 349 -6.89 24.01 33.37
N ASN C 350 -7.45 22.98 34.03
CA ASN C 350 -8.89 22.83 34.32
C ASN C 350 -9.72 22.79 33.04
N VAL C 351 -9.34 21.90 32.11
CA VAL C 351 -10.12 21.63 30.90
C VAL C 351 -10.27 20.12 30.75
N VAL C 352 -11.38 19.72 30.15
CA VAL C 352 -11.74 18.32 30.00
C VAL C 352 -11.98 18.02 28.53
N VAL C 353 -11.46 16.90 28.04
CA VAL C 353 -11.59 16.51 26.65
C VAL C 353 -12.56 15.33 26.55
N ILE C 354 -13.45 15.39 25.56
CA ILE C 354 -14.40 14.33 25.26
C ILE C 354 -14.18 13.88 23.83
N ALA C 355 -14.12 12.57 23.61
CA ALA C 355 -13.93 12.03 22.28
C ALA C 355 -15.06 11.06 21.95
N ALA C 356 -15.34 10.93 20.66
CA ALA C 356 -16.35 10.02 20.16
C ALA C 356 -15.79 9.26 18.97
N THR C 357 -16.04 7.95 18.94
CA THR C 357 -15.47 7.09 17.91
C THR C 357 -16.41 5.94 17.60
N ASN C 358 -16.30 5.41 16.39
CA ASN C 358 -17.06 4.23 16.00
C ASN C 358 -16.29 2.94 16.25
N ARG C 359 -14.96 3.00 16.29
CA ARG C 359 -14.13 1.85 16.62
C ARG C 359 -13.08 2.25 17.65
N PRO C 360 -13.00 1.56 18.78
CA PRO C 360 -12.03 1.95 19.82
C PRO C 360 -10.67 1.29 19.65
N ASN C 361 -10.58 0.31 18.75
CA ASN C 361 -9.36 -0.48 18.63
C ASN C 361 -8.28 0.23 17.81
N SER C 362 -8.66 1.08 16.85
CA SER C 362 -7.67 1.80 16.04
C SER C 362 -7.33 3.15 16.66
N ILE C 363 -7.00 3.14 17.95
CA ILE C 363 -6.58 4.31 18.69
C ILE C 363 -5.24 3.95 19.33
N ASP C 364 -4.37 4.95 19.48
CA ASP C 364 -3.07 4.75 20.09
C ASP C 364 -3.23 4.39 21.57
N PRO C 365 -2.55 3.33 22.05
CA PRO C 365 -2.61 3.00 23.49
C PRO C 365 -1.99 4.06 24.38
N ALA C 366 -1.12 4.92 23.86
CA ALA C 366 -0.68 6.09 24.61
C ALA C 366 -1.76 7.16 24.71
N LEU C 367 -2.67 7.21 23.73
CA LEU C 367 -3.82 8.09 23.80
C LEU C 367 -4.97 7.48 24.60
N ARG C 368 -4.96 6.17 24.81
CA ARG C 368 -5.95 5.49 25.64
C ARG C 368 -5.49 5.36 27.09
N ARG C 369 -4.69 6.31 27.57
CA ARG C 369 -4.03 6.26 28.86
C ARG C 369 -4.75 7.18 29.85
N PHE C 370 -4.37 7.06 31.12
CA PHE C 370 -4.92 7.92 32.16
C PHE C 370 -4.38 9.34 32.01
N GLY C 371 -5.27 10.31 32.23
CA GLY C 371 -4.90 11.71 32.08
C GLY C 371 -5.39 12.28 30.77
N ARG C 372 -5.35 11.47 29.71
CA ARG C 372 -5.82 11.91 28.41
C ARG C 372 -7.23 11.39 28.13
N PHE C 373 -7.38 10.06 28.11
CA PHE C 373 -8.67 9.40 27.89
C PHE C 373 -8.67 8.16 28.80
N ASP C 374 -9.24 8.32 30.00
CA ASP C 374 -9.13 7.30 31.03
C ASP C 374 -10.41 6.49 31.24
N ARG C 375 -11.54 7.16 31.45
CA ARG C 375 -12.81 6.49 31.65
C ARG C 375 -13.51 6.31 30.31
N GLU C 376 -13.60 5.06 29.84
CA GLU C 376 -14.20 4.75 28.56
C GLU C 376 -15.62 4.23 28.79
N VAL C 377 -16.60 5.09 28.55
CA VAL C 377 -17.99 4.69 28.67
C VAL C 377 -18.38 3.87 27.44
N ASP C 378 -19.35 2.98 27.61
CA ASP C 378 -19.77 2.04 26.57
C ASP C 378 -21.26 2.27 26.31
N ILE C 379 -21.58 3.24 25.45
CA ILE C 379 -22.96 3.52 25.08
C ILE C 379 -23.32 2.50 24.01
N GLY C 380 -23.96 1.40 24.43
CA GLY C 380 -24.20 0.26 23.57
C GLY C 380 -25.66 0.10 23.17
N ILE C 381 -25.96 -1.14 22.77
CA ILE C 381 -27.31 -1.47 22.29
C ILE C 381 -28.29 -1.45 23.45
N PRO C 382 -29.40 -0.70 23.35
CA PRO C 382 -30.32 -0.59 24.50
C PRO C 382 -31.18 -1.82 24.73
N ASP C 383 -32.09 -1.71 25.68
CA ASP C 383 -32.99 -2.78 26.09
C ASP C 383 -34.43 -2.38 25.78
N ALA C 384 -35.38 -3.16 26.31
CA ALA C 384 -36.80 -2.89 26.08
C ALA C 384 -37.22 -1.56 26.72
N THR C 385 -36.80 -1.33 27.96
CA THR C 385 -37.11 -0.06 28.61
C THR C 385 -36.35 1.11 27.99
N GLY C 386 -35.15 0.87 27.43
CA GLY C 386 -34.46 1.94 26.74
C GLY C 386 -35.13 2.32 25.43
N ARG C 387 -35.61 1.31 24.68
CA ARG C 387 -36.35 1.59 23.46
C ARG C 387 -37.70 2.23 23.77
N LEU C 388 -38.31 1.87 24.91
CA LEU C 388 -39.54 2.54 25.32
C LEU C 388 -39.28 3.99 25.70
N GLU C 389 -38.14 4.27 26.32
CA GLU C 389 -37.78 5.65 26.64
C GLU C 389 -37.50 6.46 25.38
N VAL C 390 -36.86 5.85 24.39
CA VAL C 390 -36.60 6.54 23.12
C VAL C 390 -37.91 6.79 22.36
N LEU C 391 -38.83 5.82 22.42
CA LEU C 391 -40.14 5.99 21.80
C LEU C 391 -40.96 7.08 22.50
N ARG C 392 -40.90 7.15 23.83
CA ARG C 392 -41.62 8.20 24.54
C ARG C 392 -40.96 9.57 24.37
N ILE C 393 -39.65 9.61 24.11
CA ILE C 393 -38.99 10.88 23.86
C ILE C 393 -39.29 11.39 22.45
N HIS C 394 -39.23 10.53 21.45
CA HIS C 394 -39.41 10.94 20.06
C HIS C 394 -40.86 11.14 19.67
N THR C 395 -41.82 10.69 20.48
CA THR C 395 -43.22 10.87 20.16
C THR C 395 -43.92 11.72 21.21
N LYS C 396 -43.27 12.78 21.68
CA LYS C 396 -43.84 13.69 22.65
C LYS C 396 -44.19 15.04 22.07
N ASN C 397 -43.78 15.33 20.83
CA ASN C 397 -44.09 16.60 20.18
C ASN C 397 -45.13 16.47 19.08
N MET C 398 -45.49 15.25 18.69
CA MET C 398 -46.45 15.03 17.62
C MET C 398 -47.83 14.74 18.19
N LYS C 399 -48.86 15.17 17.48
CA LYS C 399 -50.24 14.80 17.80
C LYS C 399 -50.45 13.37 17.32
N LEU C 400 -50.19 12.39 18.20
CA LEU C 400 -50.09 11.02 17.74
C LEU C 400 -51.44 10.36 17.54
N ALA C 401 -52.16 10.11 18.64
CA ALA C 401 -53.39 9.32 18.62
C ALA C 401 -54.11 9.32 19.96
N ASP C 402 -55.18 8.54 20.04
CA ASP C 402 -55.81 8.18 21.31
C ASP C 402 -55.88 6.66 21.47
N ASP C 403 -55.22 5.91 20.58
CA ASP C 403 -55.30 4.45 20.61
C ASP C 403 -53.97 3.76 20.31
N VAL C 404 -52.87 4.50 20.24
CA VAL C 404 -51.56 3.91 19.93
C VAL C 404 -50.80 3.68 21.23
N ASP C 405 -50.39 2.44 21.46
CA ASP C 405 -49.57 2.08 22.61
C ASP C 405 -48.13 1.91 22.18
N LEU C 406 -47.21 2.27 23.07
CA LEU C 406 -45.79 2.18 22.79
C LEU C 406 -45.11 0.98 23.43
N GLU C 407 -45.80 0.27 24.33
CA GLU C 407 -45.21 -0.89 24.99
C GLU C 407 -45.05 -2.06 24.03
N ALA C 408 -46.06 -2.34 23.22
CA ALA C 408 -45.95 -3.40 22.23
C ALA C 408 -44.97 -3.02 21.12
N LEU C 409 -44.87 -1.72 20.80
CA LEU C 409 -43.90 -1.27 19.81
C LEU C 409 -42.46 -1.42 20.33
N ALA C 410 -42.26 -1.15 21.61
CA ALA C 410 -40.95 -1.33 22.23
C ALA C 410 -40.62 -2.80 22.48
N ALA C 411 -41.62 -3.66 22.63
CA ALA C 411 -41.39 -5.08 22.84
C ALA C 411 -41.18 -5.85 21.54
N GLU C 412 -41.84 -5.45 20.45
CA GLU C 412 -41.67 -6.12 19.18
C GLU C 412 -40.45 -5.61 18.41
N THR C 413 -39.89 -4.47 18.81
CA THR C 413 -38.63 -4.00 18.25
C THR C 413 -37.47 -4.66 19.00
N HIS C 414 -36.59 -5.35 18.27
CA HIS C 414 -35.61 -6.22 18.90
C HIS C 414 -34.17 -5.73 18.77
N GLY C 415 -33.70 -5.50 17.55
CA GLY C 415 -32.30 -5.21 17.36
C GLY C 415 -31.99 -3.83 16.82
N TYR C 416 -32.83 -2.85 17.14
CA TYR C 416 -32.63 -1.50 16.66
C TYR C 416 -31.55 -0.81 17.49
N VAL C 417 -30.71 -0.01 16.83
CA VAL C 417 -29.56 0.60 17.49
C VAL C 417 -29.91 1.84 18.30
N GLY C 418 -31.18 2.26 18.31
CA GLY C 418 -31.59 3.45 19.00
C GLY C 418 -31.74 4.67 18.13
N ALA C 419 -31.11 4.68 16.95
CA ALA C 419 -31.26 5.77 16.00
C ALA C 419 -32.21 5.41 14.86
N ASP C 420 -32.67 4.16 14.81
CA ASP C 420 -33.68 3.75 13.84
C ASP C 420 -35.09 3.93 14.35
N ILE C 421 -35.26 4.26 15.63
CA ILE C 421 -36.58 4.53 16.18
C ILE C 421 -37.14 5.84 15.60
N ALA C 422 -36.28 6.84 15.44
CA ALA C 422 -36.70 8.09 14.81
C ALA C 422 -37.01 7.89 13.34
N SER C 423 -36.28 6.98 12.68
CA SER C 423 -36.62 6.61 11.30
C SER C 423 -37.96 5.88 11.22
N LEU C 424 -38.26 5.05 12.22
CA LEU C 424 -39.56 4.38 12.30
C LEU C 424 -40.70 5.37 12.44
N CYS C 425 -40.55 6.34 13.35
CA CYS C 425 -41.60 7.35 13.53
C CYS C 425 -41.72 8.28 12.32
N SER C 426 -40.59 8.59 11.67
CA SER C 426 -40.63 9.42 10.47
C SER C 426 -41.30 8.69 9.31
N GLU C 427 -41.05 7.37 9.20
CA GLU C 427 -41.69 6.58 8.16
C GLU C 427 -43.19 6.43 8.42
N ALA C 428 -43.58 6.30 9.69
CA ALA C 428 -45.00 6.24 10.03
C ALA C 428 -45.71 7.55 9.75
N ALA C 429 -45.06 8.68 10.07
CA ALA C 429 -45.65 9.99 9.78
C ALA C 429 -45.73 10.25 8.28
N MET C 430 -44.71 9.84 7.53
CA MET C 430 -44.73 9.99 6.08
C MET C 430 -45.78 9.09 5.43
N GLN C 431 -46.00 7.90 5.99
CA GLN C 431 -47.04 7.02 5.49
C GLN C 431 -48.43 7.60 5.77
N GLN C 432 -48.62 8.21 6.94
CA GLN C 432 -49.90 8.85 7.25
C GLN C 432 -50.15 10.06 6.36
N ILE C 433 -49.09 10.85 6.11
CA ILE C 433 -49.21 12.01 5.23
C ILE C 433 -49.50 11.59 3.79
N ARG C 434 -48.85 10.51 3.33
CA ARG C 434 -49.11 9.99 1.98
C ARG C 434 -50.50 9.38 1.86
N GLU C 435 -51.04 8.85 2.97
CA GLU C 435 -52.41 8.36 2.96
C GLU C 435 -53.41 9.51 2.91
N LYS C 436 -53.11 10.61 3.62
CA LYS C 436 -54.00 11.76 3.63
C LYS C 436 -53.88 12.60 2.36
N MET C 437 -52.82 12.44 1.59
CA MET C 437 -52.58 13.26 0.40
C MET C 437 -53.27 12.71 -0.85
N ASP C 438 -53.57 11.41 -0.89
CA ASP C 438 -54.12 10.79 -2.09
C ASP C 438 -55.63 10.85 -2.17
N LEU C 439 -56.34 10.68 -1.05
CA LEU C 439 -57.80 10.72 -1.08
C LEU C 439 -58.31 12.14 -1.24
N ILE C 440 -57.99 13.01 -0.29
CA ILE C 440 -58.33 14.42 -0.42
C ILE C 440 -57.32 15.08 -1.35
N ASP C 441 -57.79 16.03 -2.15
CA ASP C 441 -56.95 16.68 -3.15
C ASP C 441 -55.87 17.53 -2.48
N LEU C 442 -54.71 17.63 -3.15
CA LEU C 442 -53.54 18.23 -2.52
C LEU C 442 -53.64 19.74 -2.44
N ASP C 443 -54.35 20.37 -3.39
CA ASP C 443 -54.53 21.82 -3.50
C ASP C 443 -53.17 22.54 -3.57
N GLU C 444 -52.48 22.31 -4.69
CA GLU C 444 -51.08 22.70 -4.87
C GLU C 444 -50.83 24.19 -4.79
N ASP C 445 -51.86 25.03 -4.94
CA ASP C 445 -51.67 26.47 -4.73
C ASP C 445 -51.57 26.80 -3.25
N GLU C 446 -52.50 26.32 -2.44
CA GLU C 446 -52.45 26.45 -1.00
C GLU C 446 -53.30 25.35 -0.38
N ILE C 447 -52.73 24.68 0.61
CA ILE C 447 -53.36 23.53 1.25
C ILE C 447 -54.45 24.04 2.19
N ASP C 448 -55.62 23.40 2.13
CA ASP C 448 -56.73 23.77 2.99
C ASP C 448 -56.44 23.38 4.44
N ALA C 449 -56.64 24.32 5.35
CA ALA C 449 -56.24 24.15 6.75
C ALA C 449 -57.24 23.35 7.58
N GLU C 450 -58.31 22.84 6.97
CA GLU C 450 -59.27 22.06 7.74
C GLU C 450 -58.72 20.66 8.06
N VAL C 451 -57.95 20.09 7.13
CA VAL C 451 -57.40 18.77 7.34
C VAL C 451 -56.17 18.78 8.25
N LEU C 452 -55.58 19.96 8.48
CA LEU C 452 -54.38 20.04 9.32
C LEU C 452 -54.69 19.88 10.80
N ASP C 453 -55.92 20.21 11.23
CA ASP C 453 -56.28 20.09 12.63
C ASP C 453 -56.55 18.64 13.04
N SER C 454 -56.85 17.75 12.09
CA SER C 454 -57.13 16.35 12.37
C SER C 454 -56.29 15.49 11.42
N LEU C 455 -55.05 15.20 11.82
CA LEU C 455 -54.18 14.33 11.06
C LEU C 455 -53.87 13.04 11.80
N GLY C 456 -53.27 13.14 12.99
CA GLY C 456 -52.96 11.98 13.82
C GLY C 456 -51.91 11.04 13.25
N VAL C 457 -51.57 10.01 14.02
CA VAL C 457 -50.74 8.89 13.56
C VAL C 457 -51.40 7.63 14.12
N THR C 458 -51.91 6.76 13.24
CA THR C 458 -52.67 5.60 13.67
C THR C 458 -51.72 4.44 13.97
N MET C 459 -52.30 3.30 14.35
CA MET C 459 -51.49 2.16 14.78
C MET C 459 -51.05 1.31 13.58
N ASP C 460 -51.89 1.19 12.56
CA ASP C 460 -51.51 0.43 11.37
C ASP C 460 -50.41 1.11 10.57
N ASN C 461 -50.28 2.43 10.69
CA ASN C 461 -49.12 3.13 10.10
C ASN C 461 -47.83 2.70 10.79
N PHE C 462 -47.85 2.59 12.13
CA PHE C 462 -46.69 2.11 12.85
C PHE C 462 -46.41 0.64 12.55
N ARG C 463 -47.46 -0.16 12.35
CA ARG C 463 -47.25 -1.57 12.00
C ARG C 463 -46.66 -1.72 10.61
N PHE C 464 -47.10 -0.90 9.66
CA PHE C 464 -46.54 -0.92 8.31
C PHE C 464 -45.11 -0.41 8.31
N ALA C 465 -44.81 0.59 9.15
CA ALA C 465 -43.44 1.09 9.25
C ALA C 465 -42.53 0.08 9.93
N LEU C 466 -43.07 -0.72 10.85
CA LEU C 466 -42.26 -1.78 11.46
C LEU C 466 -42.02 -2.93 10.48
N GLY C 467 -43.05 -3.29 9.71
CA GLY C 467 -42.89 -4.32 8.70
C GLY C 467 -42.09 -3.89 7.49
N ASN C 468 -41.90 -2.59 7.27
CA ASN C 468 -41.14 -2.08 6.14
C ASN C 468 -39.85 -1.39 6.57
N SER C 469 -39.16 -1.97 7.55
CA SER C 469 -37.89 -1.43 8.02
C SER C 469 -37.02 -2.56 8.52
N ASN C 470 -35.80 -2.21 8.93
CA ASN C 470 -34.80 -3.17 9.39
C ASN C 470 -33.80 -2.43 10.25
N PRO C 471 -33.08 -3.13 11.13
CA PRO C 471 -31.98 -2.47 11.86
C PRO C 471 -30.86 -2.05 10.92
N SER C 472 -30.15 -0.98 11.32
CA SER C 472 -29.11 -0.40 10.48
C SER C 472 -27.86 -1.26 10.41
N ALA C 473 -27.69 -2.22 11.31
CA ALA C 473 -26.53 -3.11 11.25
C ALA C 473 -26.74 -4.32 10.35
N LEU C 474 -28.00 -4.70 10.12
CA LEU C 474 -28.32 -5.86 9.30
C LEU C 474 -28.87 -5.48 7.93
N ARG C 475 -28.48 -4.30 7.42
CA ARG C 475 -28.95 -3.86 6.11
C ARG C 475 -28.19 -4.51 4.95
N GLU C 476 -27.07 -5.17 5.22
CA GLU C 476 -26.29 -5.82 4.18
C GLU C 476 -26.61 -7.29 4.01
N THR C 477 -27.16 -7.95 5.03
CA THR C 477 -27.55 -9.35 4.97
C THR C 477 -29.07 -9.48 5.04
N VAL C 478 -29.77 -8.63 4.30
CA VAL C 478 -31.23 -8.61 4.32
C VAL C 478 -31.75 -9.81 3.52
N VAL C 479 -32.75 -10.49 4.09
CA VAL C 479 -33.37 -11.62 3.41
C VAL C 479 -34.44 -11.10 2.46
N GLU C 480 -34.50 -11.68 1.26
CA GLU C 480 -35.52 -11.31 0.30
C GLU C 480 -36.90 -11.73 0.79
N SER C 481 -37.93 -10.98 0.37
CA SER C 481 -39.27 -11.11 0.92
C SER C 481 -39.94 -12.35 0.34
N VAL C 482 -39.84 -13.46 1.08
CA VAL C 482 -40.61 -14.66 0.75
C VAL C 482 -41.95 -14.59 1.47
N ASN C 483 -42.95 -15.26 0.90
CA ASN C 483 -44.32 -15.20 1.40
C ASN C 483 -44.84 -16.61 1.63
N VAL C 484 -44.63 -17.12 2.85
CA VAL C 484 -45.20 -18.39 3.27
C VAL C 484 -45.88 -18.17 4.62
N THR C 485 -46.50 -19.24 5.12
CA THR C 485 -47.36 -19.19 6.29
C THR C 485 -47.18 -20.50 7.05
N TRP C 486 -47.32 -20.44 8.39
CA TRP C 486 -47.35 -21.65 9.21
C TRP C 486 -48.48 -22.59 8.82
N ASP C 487 -49.59 -22.07 8.29
CA ASP C 487 -50.67 -22.89 7.75
C ASP C 487 -50.40 -23.35 6.32
N ASP C 488 -49.32 -22.86 5.70
CA ASP C 488 -48.94 -23.31 4.37
C ASP C 488 -47.97 -24.47 4.42
N VAL C 489 -47.49 -24.85 5.60
CA VAL C 489 -46.63 -26.01 5.78
C VAL C 489 -47.49 -27.09 6.41
N GLY C 490 -48.06 -27.96 5.57
CA GLY C 490 -48.91 -29.03 6.07
C GLY C 490 -48.13 -30.10 6.80
N GLY C 491 -48.82 -30.77 7.72
CA GLY C 491 -48.22 -31.82 8.53
C GLY C 491 -47.17 -31.29 9.48
N LEU C 492 -46.45 -32.25 10.09
CA LEU C 492 -45.32 -32.01 11.00
C LEU C 492 -45.72 -31.10 12.17
N ASP C 493 -46.82 -31.46 12.84
CA ASP C 493 -47.36 -30.60 13.89
C ASP C 493 -46.46 -30.57 15.12
N GLU C 494 -45.88 -31.72 15.48
CA GLU C 494 -44.97 -31.77 16.62
C GLU C 494 -43.68 -31.01 16.34
N ILE C 495 -43.18 -31.11 15.10
CA ILE C 495 -41.98 -30.37 14.71
C ILE C 495 -42.25 -28.87 14.69
N LYS C 496 -43.43 -28.47 14.20
CA LYS C 496 -43.79 -27.06 14.15
C LYS C 496 -43.97 -26.47 15.55
N GLU C 497 -44.64 -27.21 16.45
CA GLU C 497 -44.81 -26.69 17.80
C GLU C 497 -43.52 -26.70 18.60
N GLU C 498 -42.62 -27.66 18.32
CA GLU C 498 -41.32 -27.66 19.00
C GLU C 498 -40.44 -26.52 18.52
N LEU C 499 -40.48 -26.23 17.21
CA LEU C 499 -39.74 -25.09 16.68
C LEU C 499 -40.30 -23.77 17.17
N LYS C 500 -41.63 -23.66 17.28
CA LYS C 500 -42.24 -22.45 17.81
C LYS C 500 -41.92 -22.26 19.28
N GLU C 501 -41.88 -23.36 20.05
CA GLU C 501 -41.48 -23.29 21.46
C GLU C 501 -40.04 -22.82 21.61
N THR C 502 -39.12 -23.48 20.88
CA THR C 502 -37.70 -23.17 20.91
C THR C 502 -37.40 -21.75 20.44
N VAL C 503 -38.18 -21.20 19.51
CA VAL C 503 -37.99 -19.84 19.06
C VAL C 503 -38.60 -18.82 20.02
N GLU C 504 -39.84 -19.01 20.46
CA GLU C 504 -40.58 -17.96 21.13
C GLU C 504 -40.67 -18.09 22.64
N TYR C 505 -40.01 -19.08 23.26
CA TYR C 505 -39.98 -19.04 24.73
C TYR C 505 -38.97 -18.05 25.32
N PRO C 506 -37.71 -17.95 24.88
CA PRO C 506 -36.85 -16.90 25.44
C PRO C 506 -37.13 -15.50 24.91
N VAL C 507 -37.98 -15.36 23.89
CA VAL C 507 -38.33 -14.04 23.39
C VAL C 507 -39.50 -13.42 24.15
N LEU C 508 -40.57 -14.19 24.35
CA LEU C 508 -41.78 -13.68 24.99
C LEU C 508 -41.72 -13.73 26.52
N HIS C 509 -41.05 -14.72 27.09
CA HIS C 509 -40.96 -14.88 28.55
C HIS C 509 -39.51 -14.93 29.00
N PRO C 510 -38.86 -13.78 29.18
CA PRO C 510 -37.51 -13.78 29.77
C PRO C 510 -37.55 -13.84 31.29
N ASP C 511 -38.71 -13.50 31.87
CA ASP C 511 -38.84 -13.44 33.32
C ASP C 511 -38.82 -14.83 33.95
N GLN C 512 -39.44 -15.81 33.30
CA GLN C 512 -39.38 -17.18 33.82
C GLN C 512 -37.98 -17.76 33.68
N TYR C 513 -37.26 -17.41 32.62
CA TYR C 513 -35.90 -17.91 32.44
C TYR C 513 -34.93 -17.26 33.42
N THR C 514 -35.14 -15.99 33.76
CA THR C 514 -34.30 -15.36 34.77
C THR C 514 -34.77 -15.64 36.20
N LYS C 515 -35.98 -16.19 36.37
CA LYS C 515 -36.41 -16.65 37.69
C LYS C 515 -35.88 -18.05 37.97
N PHE C 516 -35.92 -18.93 36.96
CA PHE C 516 -35.33 -20.26 37.12
C PHE C 516 -33.80 -20.22 37.08
N GLY C 517 -33.21 -19.15 36.57
CA GLY C 517 -31.77 -18.99 36.58
C GLY C 517 -31.02 -19.90 35.63
N LEU C 518 -31.62 -20.23 34.48
CA LEU C 518 -31.01 -21.11 33.51
C LEU C 518 -31.06 -20.48 32.12
N SER C 519 -30.10 -20.85 31.28
CA SER C 519 -30.01 -20.36 29.92
C SER C 519 -30.87 -21.22 28.99
N PRO C 520 -31.56 -20.61 28.03
CA PRO C 520 -32.43 -21.39 27.15
C PRO C 520 -31.66 -22.11 26.06
N SER C 521 -32.30 -23.15 25.52
CA SER C 521 -31.75 -23.87 24.39
C SER C 521 -31.92 -23.05 23.11
N LYS C 522 -30.89 -23.08 22.26
CA LYS C 522 -30.87 -22.21 21.10
C LYS C 522 -30.75 -22.96 19.78
N GLY C 523 -29.93 -24.01 19.71
CA GLY C 523 -29.68 -24.68 18.45
C GLY C 523 -30.72 -25.73 18.10
N VAL C 524 -30.83 -25.99 16.79
CA VAL C 524 -31.71 -27.04 16.26
C VAL C 524 -31.18 -27.42 14.87
N LEU C 525 -31.16 -28.73 14.58
CA LEU C 525 -30.67 -29.23 13.32
C LEU C 525 -31.77 -30.04 12.63
N PHE C 526 -31.90 -29.85 11.32
CA PHE C 526 -32.89 -30.57 10.52
C PHE C 526 -32.14 -31.50 9.56
N TYR C 527 -32.44 -32.80 9.66
CA TYR C 527 -31.84 -33.79 8.77
C TYR C 527 -32.91 -34.78 8.33
N GLY C 528 -32.76 -35.27 7.10
CA GLY C 528 -33.72 -36.19 6.53
C GLY C 528 -33.61 -36.27 5.03
N PRO C 529 -34.61 -36.86 4.37
CA PRO C 529 -34.57 -36.98 2.92
C PRO C 529 -34.87 -35.65 2.27
N PRO C 530 -34.34 -35.42 1.06
CA PRO C 530 -34.62 -34.16 0.36
C PRO C 530 -36.05 -34.13 -0.18
N GLY C 531 -36.58 -32.91 -0.28
CA GLY C 531 -37.96 -32.73 -0.70
C GLY C 531 -38.92 -33.05 0.41
N THR C 532 -38.66 -32.49 1.60
CA THR C 532 -39.48 -32.79 2.77
C THR C 532 -40.02 -31.54 3.46
N GLY C 533 -39.33 -30.42 3.45
CA GLY C 533 -39.85 -29.21 4.06
C GLY C 533 -38.93 -28.55 5.07
N LYS C 534 -37.64 -28.87 5.03
CA LYS C 534 -36.67 -28.23 5.92
C LYS C 534 -36.47 -26.77 5.53
N THR C 535 -36.22 -26.52 4.25
CA THR C 535 -36.12 -25.14 3.76
C THR C 535 -37.46 -24.42 3.83
N LEU C 536 -38.56 -25.15 3.70
CA LEU C 536 -39.88 -24.54 3.88
C LEU C 536 -40.12 -24.17 5.34
N LEU C 537 -39.63 -24.98 6.28
CA LEU C 537 -39.72 -24.62 7.68
C LEU C 537 -38.82 -23.43 8.01
N ALA C 538 -37.67 -23.35 7.35
CA ALA C 538 -36.80 -22.18 7.52
C ALA C 538 -37.45 -20.92 6.95
N LYS C 539 -38.17 -21.03 5.83
CA LYS C 539 -38.87 -19.88 5.27
C LYS C 539 -40.05 -19.47 6.15
N ALA C 540 -40.76 -20.45 6.70
CA ALA C 540 -41.88 -20.16 7.62
C ALA C 540 -41.37 -19.54 8.92
N VAL C 541 -40.16 -19.87 9.34
CA VAL C 541 -39.52 -19.14 10.42
C VAL C 541 -39.20 -17.72 9.98
N ALA C 542 -38.60 -17.56 8.79
CA ALA C 542 -38.16 -16.26 8.30
C ALA C 542 -39.31 -15.31 8.01
N THR C 543 -40.53 -15.80 7.89
CA THR C 543 -41.66 -14.92 7.62
C THR C 543 -42.19 -14.27 8.90
N GLU C 544 -42.55 -15.09 9.91
CA GLU C 544 -43.37 -14.55 11.00
C GLU C 544 -42.93 -14.96 12.40
N VAL C 545 -41.63 -15.05 12.68
CA VAL C 545 -41.18 -15.18 14.06
C VAL C 545 -41.02 -13.78 14.65
N SER C 546 -40.83 -13.71 15.97
CA SER C 546 -40.61 -12.45 16.66
C SER C 546 -39.12 -12.18 16.86
N ALA C 547 -38.30 -12.55 15.88
CA ALA C 547 -36.86 -12.30 15.93
C ALA C 547 -36.36 -11.98 14.53
N ASN C 548 -35.18 -11.38 14.47
CA ASN C 548 -34.57 -11.06 13.18
C ASN C 548 -33.99 -12.31 12.53
N PHE C 549 -33.84 -12.27 11.21
CA PHE C 549 -33.40 -13.41 10.43
C PHE C 549 -32.13 -13.06 9.65
N ILE C 550 -31.13 -13.93 9.75
CA ILE C 550 -29.90 -13.83 8.96
C ILE C 550 -29.66 -15.18 8.30
N SER C 551 -29.68 -15.21 6.97
CA SER C 551 -29.59 -16.46 6.23
C SER C 551 -28.32 -16.47 5.37
N VAL C 552 -27.73 -17.66 5.26
CA VAL C 552 -26.58 -17.89 4.39
C VAL C 552 -26.82 -19.17 3.60
N LYS C 553 -26.03 -19.33 2.55
CA LYS C 553 -26.00 -20.58 1.81
C LYS C 553 -24.85 -21.43 2.35
N GLY C 554 -24.53 -22.53 1.67
CA GLY C 554 -23.49 -23.41 2.14
C GLY C 554 -22.09 -22.84 2.00
N PRO C 555 -21.58 -22.75 0.76
CA PRO C 555 -20.24 -22.19 0.56
C PRO C 555 -20.22 -20.68 0.35
N GLU C 556 -21.31 -20.00 0.72
CA GLU C 556 -21.44 -18.58 0.44
C GLU C 556 -20.45 -17.72 1.20
N LEU C 557 -20.06 -18.14 2.41
CA LEU C 557 -19.16 -17.35 3.24
C LEU C 557 -17.70 -17.76 3.09
N LEU C 558 -17.33 -18.38 1.98
CA LEU C 558 -15.94 -18.77 1.73
C LEU C 558 -15.31 -17.82 0.71
N SER C 559 -14.01 -17.59 0.87
CA SER C 559 -13.28 -16.68 -0.01
C SER C 559 -11.95 -17.31 -0.39
N MET C 560 -11.27 -16.70 -1.35
CA MET C 560 -10.02 -17.22 -1.87
C MET C 560 -8.79 -16.73 -1.12
N TRP C 561 -8.92 -15.68 -0.30
CA TRP C 561 -7.79 -15.17 0.44
C TRP C 561 -7.58 -15.98 1.71
N TYR C 562 -6.56 -15.59 2.49
CA TYR C 562 -6.17 -16.30 3.70
C TYR C 562 -6.86 -15.66 4.89
N GLY C 563 -7.85 -16.35 5.46
CA GLY C 563 -8.55 -15.86 6.62
C GLY C 563 -9.75 -14.97 6.35
N GLU C 564 -10.07 -14.71 5.09
CA GLU C 564 -11.23 -13.90 4.77
C GLU C 564 -12.53 -14.63 5.06
N SER C 565 -12.55 -15.96 4.92
CA SER C 565 -13.73 -16.73 5.32
C SER C 565 -13.92 -16.69 6.83
N GLU C 566 -12.81 -16.74 7.58
CA GLU C 566 -12.87 -16.59 9.03
C GLU C 566 -13.36 -15.21 9.44
N SER C 567 -12.91 -14.16 8.73
CA SER C 567 -13.38 -12.81 8.99
C SER C 567 -14.85 -12.66 8.66
N ASN C 568 -15.33 -13.31 7.59
CA ASN C 568 -16.75 -13.25 7.26
C ASN C 568 -17.60 -13.97 8.29
N ILE C 569 -17.13 -15.13 8.78
CA ILE C 569 -17.84 -15.86 9.83
C ILE C 569 -17.91 -15.04 11.11
N ARG C 570 -16.77 -14.44 11.51
CA ARG C 570 -16.73 -13.63 12.72
C ARG C 570 -17.59 -12.38 12.61
N ASP C 571 -17.59 -11.73 11.44
CA ASP C 571 -18.42 -10.53 11.26
C ASP C 571 -19.90 -10.87 11.24
N ILE C 572 -20.29 -11.98 10.60
CA ILE C 572 -21.72 -12.29 10.56
C ILE C 572 -22.20 -12.81 11.91
N PHE C 573 -21.34 -13.46 12.70
CA PHE C 573 -21.75 -13.84 14.04
C PHE C 573 -21.76 -12.67 15.01
N ASP C 574 -20.86 -11.70 14.85
CA ASP C 574 -20.92 -10.48 15.64
C ASP C 574 -22.14 -9.64 15.30
N LYS C 575 -22.54 -9.62 14.02
CA LYS C 575 -23.77 -8.93 13.65
C LYS C 575 -25.02 -9.70 14.07
N ALA C 576 -24.93 -11.03 14.19
CA ALA C 576 -26.05 -11.80 14.71
C ALA C 576 -26.22 -11.64 16.21
N ARG C 577 -25.12 -11.59 16.97
CA ARG C 577 -25.20 -11.44 18.41
C ARG C 577 -25.25 -9.99 18.87
N ALA C 578 -25.03 -9.03 17.97
CA ALA C 578 -25.09 -7.63 18.36
C ALA C 578 -26.54 -7.15 18.44
N ALA C 579 -27.30 -7.35 17.38
CA ALA C 579 -28.70 -6.93 17.32
C ALA C 579 -29.63 -8.06 17.75
N ALA C 580 -29.33 -8.62 18.93
CA ALA C 580 -30.05 -9.76 19.50
C ALA C 580 -31.48 -9.38 19.87
N PRO C 581 -32.44 -10.32 19.74
CA PRO C 581 -32.32 -11.71 19.26
C PRO C 581 -32.46 -11.90 17.74
N THR C 582 -31.52 -12.64 17.17
CA THR C 582 -31.59 -13.10 15.79
C THR C 582 -31.54 -14.62 15.75
N VAL C 583 -31.97 -15.18 14.62
CA VAL C 583 -31.87 -16.60 14.35
C VAL C 583 -31.10 -16.77 13.05
N VAL C 584 -30.10 -17.66 13.06
CA VAL C 584 -29.18 -17.85 11.93
C VAL C 584 -29.52 -19.18 11.28
N PHE C 585 -29.78 -19.15 9.97
CA PHE C 585 -30.09 -20.34 9.19
C PHE C 585 -28.82 -20.77 8.47
N LEU C 586 -28.05 -21.65 9.11
CA LEU C 586 -26.85 -22.20 8.50
C LEU C 586 -27.25 -23.33 7.55
N ASP C 587 -27.52 -22.98 6.29
CA ASP C 587 -27.91 -23.95 5.29
C ASP C 587 -26.69 -24.71 4.80
N GLU C 588 -26.84 -26.01 4.57
CA GLU C 588 -25.81 -26.93 4.09
C GLU C 588 -24.61 -26.96 5.05
N LEU C 589 -24.89 -27.50 6.24
CA LEU C 589 -23.84 -27.76 7.22
C LEU C 589 -22.84 -28.81 6.73
N ASP C 590 -23.25 -29.67 5.79
CA ASP C 590 -22.30 -30.55 5.11
C ASP C 590 -21.29 -29.73 4.29
N SER C 591 -21.72 -28.62 3.71
CA SER C 591 -20.81 -27.78 2.93
C SER C 591 -19.94 -26.92 3.84
N ILE C 592 -20.55 -26.26 4.82
CA ILE C 592 -19.81 -25.29 5.61
C ILE C 592 -18.96 -25.99 6.69
N ALA C 593 -19.24 -27.25 7.01
CA ALA C 593 -18.57 -27.95 8.11
C ALA C 593 -18.33 -29.42 7.76
N LYS C 594 -17.07 -29.76 7.48
CA LYS C 594 -16.65 -31.17 7.47
C LYS C 594 -16.32 -31.59 8.89
N ALA C 595 -15.82 -32.81 9.09
CA ALA C 595 -15.55 -33.21 10.46
C ALA C 595 -14.21 -32.65 10.94
N ARG C 596 -13.11 -33.21 10.42
CA ARG C 596 -11.74 -32.68 10.54
C ARG C 596 -10.79 -33.50 9.68
N GLY C 597 -9.95 -32.82 8.90
CA GLY C 597 -8.82 -33.44 8.21
C GLY C 597 -9.15 -34.58 7.26
N GLY C 598 -10.32 -34.55 6.62
CA GLY C 598 -10.74 -35.66 5.79
C GLY C 598 -9.98 -35.82 4.50
N SER C 599 -9.34 -34.75 4.01
CA SER C 599 -8.57 -34.84 2.79
C SER C 599 -7.19 -35.41 3.06
N LEU C 600 -6.73 -36.29 2.16
CA LEU C 600 -5.35 -36.77 2.24
C LEU C 600 -4.37 -35.65 1.92
N GLY C 601 -4.60 -34.94 0.83
CA GLY C 601 -3.87 -33.72 0.54
C GLY C 601 -4.71 -32.51 0.85
N ASP C 602 -4.21 -31.63 1.71
CA ASP C 602 -5.00 -30.48 2.15
C ASP C 602 -5.02 -29.39 1.08
N ALA C 603 -6.05 -28.56 1.15
CA ALA C 603 -6.21 -27.42 0.25
C ALA C 603 -5.67 -26.12 0.86
N GLY C 604 -4.65 -26.21 1.70
CA GLY C 604 -4.12 -25.07 2.41
C GLY C 604 -4.49 -25.03 3.89
N GLY C 605 -5.31 -25.98 4.35
CA GLY C 605 -5.75 -25.99 5.73
C GLY C 605 -6.70 -24.86 6.04
N ALA C 606 -7.87 -24.86 5.39
CA ALA C 606 -8.85 -23.81 5.57
C ALA C 606 -10.21 -24.31 6.04
N SER C 607 -10.64 -25.52 5.62
CA SER C 607 -11.92 -26.05 6.08
C SER C 607 -11.89 -26.40 7.56
N ASP C 608 -10.74 -26.90 8.04
CA ASP C 608 -10.57 -27.14 9.47
C ASP C 608 -10.60 -25.85 10.27
N ARG C 609 -10.07 -24.76 9.71
CA ARG C 609 -10.14 -23.46 10.36
C ARG C 609 -11.56 -22.90 10.36
N VAL C 610 -12.32 -23.15 9.29
CA VAL C 610 -13.73 -22.74 9.27
C VAL C 610 -14.53 -23.52 10.31
N VAL C 611 -14.24 -24.82 10.45
CA VAL C 611 -14.91 -25.64 11.45
C VAL C 611 -14.55 -25.18 12.86
N ASN C 612 -13.27 -24.84 13.08
CA ASN C 612 -12.83 -24.37 14.40
C ASN C 612 -13.44 -23.01 14.74
N GLN C 613 -13.55 -22.11 13.76
CA GLN C 613 -14.18 -20.82 13.99
C GLN C 613 -15.68 -20.96 14.24
N LEU C 614 -16.33 -21.91 13.57
CA LEU C 614 -17.75 -22.17 13.84
C LEU C 614 -17.95 -22.74 15.24
N LEU C 615 -17.06 -23.65 15.67
CA LEU C 615 -17.15 -24.23 17.00
C LEU C 615 -16.85 -23.19 18.08
N THR C 616 -15.97 -22.24 17.79
CA THR C 616 -15.67 -21.19 18.75
C THR C 616 -16.77 -20.14 18.82
N GLU C 617 -17.38 -19.79 17.68
CA GLU C 617 -18.41 -18.76 17.69
C GLU C 617 -19.73 -19.29 18.20
N MET C 618 -20.02 -20.58 18.01
CA MET C 618 -21.27 -21.12 18.50
C MET C 618 -21.22 -21.41 19.99
N ASP C 619 -20.05 -21.78 20.52
CA ASP C 619 -19.89 -21.99 21.96
C ASP C 619 -18.41 -21.75 22.29
N GLY C 620 -18.11 -20.58 22.83
CA GLY C 620 -16.75 -20.22 23.19
C GLY C 620 -16.73 -19.24 24.33
N MET C 621 -15.80 -18.29 24.27
CA MET C 621 -15.66 -17.27 25.31
C MET C 621 -16.41 -16.01 24.90
N ASN C 622 -17.73 -16.12 24.86
CA ASN C 622 -18.62 -15.02 24.50
C ASN C 622 -19.66 -14.84 25.60
N ALA C 623 -20.58 -13.90 25.38
CA ALA C 623 -21.65 -13.66 26.32
C ALA C 623 -22.86 -14.55 26.10
N LYS C 624 -23.11 -14.96 24.85
CA LYS C 624 -24.21 -15.84 24.44
C LYS C 624 -25.57 -15.26 24.86
N LYS C 625 -25.87 -14.09 24.28
CA LYS C 625 -27.09 -13.39 24.59
C LYS C 625 -28.30 -14.09 23.98
N ASN C 626 -28.36 -14.11 22.64
CA ASN C 626 -29.43 -14.80 21.93
C ASN C 626 -28.93 -15.12 20.53
N VAL C 627 -28.48 -16.36 20.31
CA VAL C 627 -28.03 -16.81 19.00
C VAL C 627 -28.64 -18.17 18.67
N PHE C 628 -29.72 -18.16 17.89
CA PHE C 628 -30.39 -19.40 17.49
C PHE C 628 -29.81 -19.88 16.17
N VAL C 629 -29.34 -21.13 16.14
CA VAL C 629 -28.70 -21.70 14.95
C VAL C 629 -29.62 -22.78 14.39
N ILE C 630 -30.14 -22.56 13.19
CA ILE C 630 -30.97 -23.53 12.49
C ILE C 630 -30.13 -24.14 11.37
N GLY C 631 -29.97 -25.46 11.41
CA GLY C 631 -29.21 -26.15 10.37
C GLY C 631 -30.05 -27.15 9.61
N ALA C 632 -30.02 -27.06 8.27
CA ALA C 632 -30.78 -27.96 7.41
C ALA C 632 -29.81 -28.65 6.46
N THR C 633 -29.63 -29.96 6.64
CA THR C 633 -28.76 -30.76 5.79
C THR C 633 -29.48 -32.04 5.37
N ASN C 634 -28.92 -32.69 4.36
CA ASN C 634 -29.43 -33.97 3.88
C ASN C 634 -28.32 -35.01 3.83
N ARG C 635 -27.30 -34.83 4.66
CA ARG C 635 -26.17 -35.76 4.75
C ARG C 635 -25.57 -35.69 6.14
N PRO C 636 -26.13 -36.39 7.12
CA PRO C 636 -25.66 -36.26 8.51
C PRO C 636 -24.42 -37.07 8.82
N ASP C 637 -23.84 -37.80 7.86
CA ASP C 637 -22.66 -38.61 8.14
C ASP C 637 -21.39 -37.77 8.15
N GLN C 638 -21.35 -36.69 7.37
CA GLN C 638 -20.17 -35.85 7.25
C GLN C 638 -20.22 -34.62 8.15
N ILE C 639 -20.89 -34.72 9.29
CA ILE C 639 -21.01 -33.61 10.23
C ILE C 639 -20.14 -33.90 11.44
N ASP C 640 -19.55 -32.86 12.00
CA ASP C 640 -18.66 -32.99 13.14
C ASP C 640 -19.44 -33.40 14.39
N PRO C 641 -18.99 -34.43 15.12
CA PRO C 641 -19.59 -34.72 16.43
C PRO C 641 -19.38 -33.63 17.46
N ALA C 642 -18.37 -32.77 17.30
CA ALA C 642 -18.21 -31.60 18.16
C ALA C 642 -19.24 -30.52 17.88
N ILE C 643 -19.86 -30.51 16.70
CA ILE C 643 -20.93 -29.57 16.41
C ILE C 643 -22.30 -30.23 16.52
N LEU C 644 -22.31 -31.55 16.67
CA LEU C 644 -23.59 -32.27 16.91
C LEU C 644 -23.86 -32.29 18.43
N ARG C 645 -22.89 -31.79 19.22
CA ARG C 645 -22.94 -31.76 20.71
C ARG C 645 -23.78 -30.59 21.25
N PRO C 646 -24.55 -30.81 22.34
CA PRO C 646 -25.36 -29.77 23.00
C PRO C 646 -24.54 -28.54 23.34
N GLY C 647 -25.24 -27.41 23.44
CA GLY C 647 -24.63 -26.11 23.55
C GLY C 647 -24.50 -25.39 22.22
N ARG C 648 -24.32 -26.12 21.13
CA ARG C 648 -24.32 -25.56 19.80
C ARG C 648 -25.52 -26.03 18.98
N LEU C 649 -25.70 -27.34 18.85
CA LEU C 649 -26.85 -27.94 18.15
C LEU C 649 -27.24 -29.19 18.94
N ASP C 650 -28.20 -29.03 19.85
CA ASP C 650 -28.62 -30.14 20.71
C ASP C 650 -29.81 -30.89 20.13
N GLN C 651 -30.79 -30.18 19.58
CA GLN C 651 -32.00 -30.81 19.06
C GLN C 651 -31.72 -31.35 17.67
N LEU C 652 -31.60 -32.68 17.56
CA LEU C 652 -31.40 -33.34 16.28
C LEU C 652 -32.77 -33.79 15.77
N ILE C 653 -33.51 -32.83 15.21
CA ILE C 653 -34.86 -33.08 14.73
C ILE C 653 -34.78 -33.84 13.41
N TYR C 654 -35.41 -35.01 13.36
CA TYR C 654 -35.49 -35.82 12.15
C TYR C 654 -36.86 -35.60 11.53
N VAL C 655 -36.88 -35.08 10.31
CA VAL C 655 -38.13 -34.82 9.60
C VAL C 655 -38.36 -35.99 8.64
N PRO C 656 -39.28 -36.90 8.93
CA PRO C 656 -39.43 -38.11 8.13
C PRO C 656 -40.35 -37.91 6.93
N LEU C 657 -40.55 -39.01 6.21
CA LEU C 657 -41.51 -38.99 5.10
C LEU C 657 -42.92 -38.93 5.66
N PRO C 658 -43.85 -38.29 4.96
CA PRO C 658 -45.21 -38.17 5.49
C PRO C 658 -45.99 -39.48 5.42
N ASP C 659 -46.86 -39.67 6.40
CA ASP C 659 -47.80 -40.78 6.41
C ASP C 659 -49.07 -40.35 5.68
N GLU C 660 -50.17 -41.11 5.87
CA GLU C 660 -51.42 -40.82 5.17
C GLU C 660 -52.03 -39.49 5.60
N ASN C 661 -52.06 -39.22 6.91
CA ASN C 661 -52.66 -37.99 7.40
C ASN C 661 -51.81 -36.77 7.05
N ALA C 662 -50.49 -36.89 7.18
CA ALA C 662 -49.61 -35.79 6.76
C ALA C 662 -49.65 -35.57 5.26
N ARG C 663 -49.81 -36.64 4.49
CA ARG C 663 -49.98 -36.54 3.04
C ARG C 663 -51.27 -35.83 2.67
N LEU C 664 -52.36 -36.14 3.39
CA LEU C 664 -53.61 -35.42 3.18
C LEU C 664 -53.51 -33.96 3.55
N SER C 665 -52.77 -33.63 4.63
CA SER C 665 -52.66 -32.23 5.03
C SER C 665 -51.77 -31.45 4.08
N ILE C 666 -50.71 -32.06 3.54
CA ILE C 666 -49.90 -31.32 2.58
C ILE C 666 -50.59 -31.23 1.23
N LEU C 667 -51.48 -32.19 0.91
CA LEU C 667 -52.28 -32.06 -0.30
C LEU C 667 -53.34 -30.97 -0.14
N ASN C 668 -53.87 -30.79 1.07
CA ASN C 668 -54.81 -29.69 1.31
C ASN C 668 -54.11 -28.35 1.44
N ALA C 669 -52.84 -28.34 1.87
CA ALA C 669 -52.09 -27.09 2.03
C ALA C 669 -51.48 -26.60 0.73
N GLN C 670 -51.01 -27.50 -0.14
CA GLN C 670 -50.53 -27.09 -1.44
C GLN C 670 -51.65 -26.66 -2.38
N LEU C 671 -52.87 -27.09 -2.11
CA LEU C 671 -54.06 -26.67 -2.87
C LEU C 671 -54.89 -25.66 -2.09
N ARG C 672 -54.22 -24.75 -1.38
CA ARG C 672 -54.94 -23.81 -0.51
C ARG C 672 -55.63 -22.72 -1.31
N LYS C 673 -54.91 -22.07 -2.23
CA LYS C 673 -55.46 -20.98 -3.04
C LYS C 673 -55.57 -21.46 -4.48
N THR C 674 -56.68 -22.14 -4.78
CA THR C 674 -56.99 -22.65 -6.11
C THR C 674 -58.47 -23.00 -6.16
N PRO C 675 -59.11 -22.87 -7.32
CA PRO C 675 -60.46 -23.42 -7.47
C PRO C 675 -60.41 -24.91 -7.81
N LEU C 676 -61.34 -25.65 -7.20
CA LEU C 676 -61.36 -27.10 -7.34
C LEU C 676 -62.80 -27.56 -7.55
N GLU C 677 -62.92 -28.80 -8.03
CA GLU C 677 -64.23 -29.41 -8.18
C GLU C 677 -64.75 -29.84 -6.81
N PRO C 678 -66.05 -29.65 -6.53
CA PRO C 678 -66.59 -30.04 -5.22
C PRO C 678 -66.64 -31.54 -5.00
N GLY C 679 -66.58 -32.36 -6.05
CA GLY C 679 -66.60 -33.80 -5.88
C GLY C 679 -65.22 -34.42 -5.84
N LEU C 680 -64.18 -33.60 -5.68
CA LEU C 680 -62.82 -34.08 -5.64
C LEU C 680 -62.50 -34.71 -4.30
N GLU C 681 -61.95 -35.92 -4.33
CA GLU C 681 -61.59 -36.67 -3.13
C GLU C 681 -60.09 -36.93 -3.16
N LEU C 682 -59.36 -36.37 -2.20
CA LEU C 682 -57.92 -36.53 -2.12
C LEU C 682 -57.50 -37.77 -1.34
N THR C 683 -58.46 -38.55 -0.84
CA THR C 683 -58.13 -39.73 -0.04
C THR C 683 -57.53 -40.84 -0.89
N ALA C 684 -57.98 -40.98 -2.14
CA ALA C 684 -57.40 -41.98 -3.02
C ALA C 684 -55.98 -41.59 -3.45
N ILE C 685 -55.73 -40.28 -3.60
CA ILE C 685 -54.38 -39.81 -3.91
C ILE C 685 -53.47 -39.99 -2.70
N ALA C 686 -54.00 -39.79 -1.50
CA ALA C 686 -53.20 -39.99 -0.29
C ALA C 686 -52.95 -41.46 0.00
N LYS C 687 -53.83 -42.35 -0.44
CA LYS C 687 -53.66 -43.78 -0.15
C LYS C 687 -52.95 -44.54 -1.26
N ALA C 688 -52.98 -44.05 -2.50
CA ALA C 688 -52.42 -44.81 -3.60
C ALA C 688 -50.91 -44.64 -3.75
N THR C 689 -50.38 -43.48 -3.37
CA THR C 689 -48.96 -43.21 -3.55
C THR C 689 -48.11 -43.97 -2.54
N GLN C 690 -48.34 -43.70 -1.25
CA GLN C 690 -47.83 -44.37 -0.05
C GLN C 690 -46.30 -44.42 0.06
N GLY C 691 -45.57 -43.73 -0.83
CA GLY C 691 -44.12 -43.66 -0.74
C GLY C 691 -43.60 -42.32 -1.22
N PHE C 692 -44.52 -41.39 -1.47
CA PHE C 692 -44.18 -40.12 -2.10
C PHE C 692 -43.72 -39.11 -1.04
N SER C 693 -43.41 -37.90 -1.50
CA SER C 693 -42.98 -36.81 -0.64
C SER C 693 -43.66 -35.52 -1.07
N GLY C 694 -43.33 -34.43 -0.37
CA GLY C 694 -43.94 -33.15 -0.65
C GLY C 694 -43.55 -32.58 -2.00
N ALA C 695 -42.30 -32.75 -2.41
CA ALA C 695 -41.86 -32.28 -3.71
C ALA C 695 -42.51 -33.06 -4.84
N ASP C 696 -42.69 -34.37 -4.65
CA ASP C 696 -43.35 -35.19 -5.67
C ASP C 696 -44.85 -34.88 -5.76
N LEU C 697 -45.50 -34.60 -4.62
CA LEU C 697 -46.90 -34.18 -4.68
C LEU C 697 -47.05 -32.80 -5.26
N LEU C 698 -46.07 -31.91 -5.03
CA LEU C 698 -46.07 -30.61 -5.70
C LEU C 698 -45.87 -30.77 -7.21
N TYR C 699 -45.07 -31.76 -7.62
CA TYR C 699 -44.91 -32.06 -9.05
C TYR C 699 -46.21 -32.58 -9.64
N ILE C 700 -46.96 -33.39 -8.88
CA ILE C 700 -48.26 -33.89 -9.31
C ILE C 700 -49.24 -32.74 -9.50
N VAL C 701 -49.29 -31.83 -8.52
CA VAL C 701 -50.19 -30.68 -8.57
C VAL C 701 -49.81 -29.74 -9.72
N GLN C 702 -48.50 -29.57 -9.96
CA GLN C 702 -48.04 -28.74 -11.07
C GLN C 702 -48.34 -29.37 -12.43
N ARG C 703 -48.27 -30.70 -12.54
CA ARG C 703 -48.64 -31.36 -13.79
C ARG C 703 -50.14 -31.26 -14.04
N ALA C 704 -50.94 -31.37 -12.98
CA ALA C 704 -52.39 -31.19 -13.13
C ALA C 704 -52.73 -29.75 -13.52
N ALA C 705 -52.01 -28.77 -12.95
CA ALA C 705 -52.22 -27.38 -13.32
C ALA C 705 -51.78 -27.10 -14.76
N LYS C 706 -50.69 -27.72 -15.20
CA LYS C 706 -50.23 -27.55 -16.58
C LYS C 706 -51.21 -28.18 -17.57
N TYR C 707 -51.78 -29.33 -17.21
CA TYR C 707 -52.79 -29.96 -18.07
C TYR C 707 -54.08 -29.14 -18.12
N ALA C 708 -54.47 -28.55 -16.98
CA ALA C 708 -55.65 -27.67 -16.98
C ALA C 708 -55.39 -26.40 -17.77
N ILE C 709 -54.17 -25.87 -17.74
CA ILE C 709 -53.81 -24.70 -18.52
C ILE C 709 -53.81 -25.01 -20.01
N LYS C 710 -53.31 -26.20 -20.39
CA LYS C 710 -53.34 -26.62 -21.79
C LYS C 710 -54.77 -26.82 -22.28
N ASP C 711 -55.63 -27.41 -21.44
CA ASP C 711 -57.04 -27.57 -21.82
C ASP C 711 -57.75 -26.22 -21.93
N SER C 712 -57.41 -25.26 -21.05
CA SER C 712 -58.00 -23.93 -21.13
C SER C 712 -57.54 -23.19 -22.37
N ILE C 713 -56.27 -23.35 -22.75
CA ILE C 713 -55.73 -22.70 -23.95
C ILE C 713 -56.38 -23.29 -25.20
N GLU C 714 -56.54 -24.62 -25.23
CA GLU C 714 -57.18 -25.27 -26.37
C GLU C 714 -58.64 -24.89 -26.49
N ALA C 715 -59.35 -24.82 -25.36
CA ALA C 715 -60.77 -24.45 -25.38
C ALA C 715 -60.97 -22.99 -25.75
N HIS C 716 -60.07 -22.11 -25.28
CA HIS C 716 -60.16 -20.70 -25.66
C HIS C 716 -59.84 -20.48 -27.12
N ARG C 717 -58.86 -21.23 -27.67
CA ARG C 717 -58.55 -21.14 -29.10
C ARG C 717 -59.70 -21.67 -29.94
N GLN C 718 -60.36 -22.74 -29.48
CA GLN C 718 -61.51 -23.27 -30.20
C GLN C 718 -62.69 -22.30 -30.18
N HIS C 719 -62.99 -21.72 -29.01
CA HIS C 719 -64.09 -20.79 -28.87
C HIS C 719 -63.80 -19.42 -29.49
N GLU C 720 -62.54 -19.09 -29.75
CA GLU C 720 -62.20 -17.86 -30.46
C GLU C 720 -62.05 -18.07 -31.97
N ALA C 721 -61.81 -19.31 -32.42
CA ALA C 721 -61.80 -19.59 -33.85
C ALA C 721 -63.22 -19.81 -34.36
N GLU C 722 -64.00 -20.61 -33.66
CA GLU C 722 -65.38 -20.88 -34.06
C GLU C 722 -66.36 -20.53 -32.93
N ASP C 748 -64.68 -17.80 -19.32
CA ASP C 748 -63.84 -18.87 -18.83
C ASP C 748 -64.43 -20.24 -19.18
N PRO C 749 -63.73 -21.00 -20.02
CA PRO C 749 -64.25 -22.33 -20.38
C PRO C 749 -64.18 -23.32 -19.24
N VAL C 750 -63.08 -23.35 -18.49
CA VAL C 750 -62.94 -24.20 -17.32
C VAL C 750 -62.66 -23.34 -16.09
N PRO C 751 -63.50 -23.37 -15.06
CA PRO C 751 -63.28 -22.49 -13.91
C PRO C 751 -62.51 -23.14 -12.76
N TYR C 752 -62.24 -24.45 -12.87
CA TYR C 752 -61.51 -25.16 -11.83
C TYR C 752 -60.75 -26.33 -12.46
N ILE C 753 -60.02 -27.04 -11.60
CA ILE C 753 -59.32 -28.26 -12.02
C ILE C 753 -60.23 -29.45 -11.75
N THR C 754 -60.39 -30.31 -12.76
CA THR C 754 -61.27 -31.46 -12.66
C THR C 754 -60.50 -32.69 -12.19
N LYS C 755 -61.23 -33.79 -12.00
CA LYS C 755 -60.59 -35.05 -11.61
C LYS C 755 -59.86 -35.68 -12.78
N GLU C 756 -60.28 -35.38 -14.01
CA GLU C 756 -59.64 -35.93 -15.20
C GLU C 756 -58.21 -35.42 -15.36
N HIS C 757 -57.98 -34.15 -14.98
CA HIS C 757 -56.64 -33.58 -15.05
C HIS C 757 -55.70 -34.25 -14.06
N PHE C 758 -56.18 -34.53 -12.85
CA PHE C 758 -55.37 -35.26 -11.87
C PHE C 758 -55.15 -36.71 -12.31
N ALA C 759 -56.16 -37.31 -12.95
CA ALA C 759 -56.02 -38.69 -13.41
C ALA C 759 -55.02 -38.82 -14.56
N GLU C 760 -54.93 -37.80 -15.43
CA GLU C 760 -53.92 -37.86 -16.48
C GLU C 760 -52.57 -37.32 -16.02
N ALA C 761 -52.54 -36.55 -14.92
CA ALA C 761 -51.27 -36.10 -14.38
C ALA C 761 -50.60 -37.14 -13.50
N MET C 762 -51.37 -38.07 -12.92
CA MET C 762 -50.82 -39.14 -12.09
C MET C 762 -50.39 -40.35 -12.90
N LYS C 763 -50.12 -40.19 -14.20
CA LYS C 763 -49.64 -41.29 -15.03
C LYS C 763 -48.11 -41.36 -15.05
N THR C 764 -47.44 -40.22 -14.90
CA THR C 764 -45.99 -40.15 -14.91
C THR C 764 -45.40 -39.80 -13.56
N ALA C 765 -46.15 -39.95 -12.48
CA ALA C 765 -45.64 -39.63 -11.15
C ALA C 765 -44.67 -40.71 -10.69
N LYS C 766 -43.51 -40.26 -10.17
CA LYS C 766 -42.47 -41.16 -9.74
C LYS C 766 -41.90 -40.66 -8.41
N ARG C 767 -41.41 -41.61 -7.61
CA ARG C 767 -40.83 -41.27 -6.32
C ARG C 767 -39.48 -40.59 -6.50
N SER C 768 -39.10 -39.79 -5.49
CA SER C 768 -37.82 -39.10 -5.50
C SER C 768 -36.71 -39.94 -4.87
N VAL C 769 -36.87 -40.30 -3.61
CA VAL C 769 -35.86 -41.08 -2.89
C VAL C 769 -35.94 -42.53 -3.31
N SER C 770 -34.81 -43.22 -3.26
CA SER C 770 -34.74 -44.64 -3.60
C SER C 770 -34.94 -45.47 -2.33
N ASP C 771 -34.71 -46.77 -2.44
CA ASP C 771 -34.83 -47.68 -1.30
C ASP C 771 -33.51 -47.90 -0.58
N ALA C 772 -32.43 -47.24 -1.01
CA ALA C 772 -31.14 -47.33 -0.35
C ALA C 772 -30.83 -46.11 0.52
N GLU C 773 -31.16 -44.90 0.02
CA GLU C 773 -30.99 -43.70 0.83
C GLU C 773 -31.95 -43.70 2.01
N LEU C 774 -33.17 -44.23 1.82
CA LEU C 774 -34.08 -44.41 2.94
C LEU C 774 -33.55 -45.41 3.95
N ARG C 775 -32.88 -46.46 3.47
CA ARG C 775 -32.23 -47.42 4.37
C ARG C 775 -31.11 -46.75 5.17
N ARG C 776 -30.35 -45.87 4.52
CA ARG C 776 -29.28 -45.15 5.21
C ARG C 776 -29.83 -44.19 6.25
N TYR C 777 -30.94 -43.51 5.92
CA TYR C 777 -31.53 -42.56 6.87
C TYR C 777 -32.16 -43.28 8.05
N GLU C 778 -32.84 -44.41 7.81
CA GLU C 778 -33.40 -45.17 8.92
C GLU C 778 -32.32 -45.86 9.74
N ALA C 779 -31.18 -46.21 9.12
CA ALA C 779 -30.07 -46.77 9.89
C ALA C 779 -29.43 -45.70 10.77
N TYR C 780 -29.31 -44.46 10.26
CA TYR C 780 -28.81 -43.38 11.09
C TYR C 780 -29.77 -43.04 12.22
N SER C 781 -31.08 -43.09 11.95
CA SER C 781 -32.07 -42.85 13.01
C SER C 781 -32.06 -43.97 14.06
N GLN C 782 -31.86 -45.21 13.63
CA GLN C 782 -31.76 -46.32 14.58
C GLN C 782 -30.47 -46.26 15.36
N GLN C 783 -29.38 -45.74 14.76
CA GLN C 783 -28.15 -45.53 15.53
C GLN C 783 -28.31 -44.40 16.54
N MET C 784 -29.04 -43.34 16.18
CA MET C 784 -29.33 -42.28 17.13
C MET C 784 -30.24 -42.75 18.25
N LYS C 785 -31.14 -43.69 17.96
CA LYS C 785 -31.97 -44.27 19.02
C LYS C 785 -31.19 -45.27 19.86
N ALA C 786 -30.19 -45.94 19.27
CA ALA C 786 -29.30 -46.82 20.01
C ALA C 786 -28.29 -46.05 20.85
N SER C 787 -28.10 -44.76 20.57
CA SER C 787 -27.36 -43.88 21.47
C SER C 787 -28.17 -43.53 22.72
N ARG C 788 -29.45 -43.85 22.74
CA ARG C 788 -30.33 -43.66 23.91
C ARG C 788 -30.47 -44.96 24.70
N GLY C 789 -29.41 -45.76 24.77
CA GLY C 789 -29.46 -47.01 25.47
C GLY C 789 -29.43 -46.86 26.98
N GLN C 790 -29.68 -47.99 27.65
CA GLN C 790 -29.75 -48.10 29.12
C GLN C 790 -30.80 -47.15 29.69
N PHE C 791 -31.95 -47.09 29.03
CA PHE C 791 -33.03 -46.20 29.42
C PHE C 791 -34.35 -46.95 29.44
N SER C 792 -35.31 -46.40 30.15
CA SER C 792 -36.63 -47.00 30.30
C SER C 792 -37.64 -45.86 30.47
N ASN C 793 -38.82 -46.21 31.00
CA ASN C 793 -39.84 -45.21 31.33
C ASN C 793 -39.39 -44.24 32.43
N PHE C 794 -38.48 -44.69 33.31
CA PHE C 794 -37.84 -43.88 34.36
C PHE C 794 -38.87 -43.29 35.32
N ASN C 795 -39.56 -44.19 36.00
CA ASN C 795 -40.53 -43.83 37.03
C ASN C 795 -39.81 -43.73 38.37
N PHE C 796 -39.97 -42.59 39.04
CA PHE C 796 -39.33 -42.37 40.33
C PHE C 796 -39.98 -43.18 41.43
N LYS D 31 -62.66 15.02 -11.92
CA LYS D 31 -61.88 15.67 -12.97
C LYS D 31 -62.22 17.16 -13.09
N LYS D 32 -61.26 18.01 -12.75
CA LYS D 32 -61.45 19.45 -12.91
C LYS D 32 -61.37 19.80 -14.40
N ASP D 33 -62.41 20.48 -14.92
CA ASP D 33 -62.48 20.74 -16.37
C ASP D 33 -61.53 21.83 -16.86
N ASN D 34 -60.45 22.07 -16.12
CA ASN D 34 -59.52 23.14 -16.44
C ASN D 34 -58.30 22.63 -17.21
N MET D 35 -58.25 21.33 -17.47
CA MET D 35 -57.15 20.73 -18.24
C MET D 35 -57.68 20.11 -19.53
N LEU D 36 -57.01 20.43 -20.64
CA LEU D 36 -57.51 20.08 -21.96
C LEU D 36 -56.40 19.55 -22.88
N LEU D 37 -56.79 18.76 -23.88
CA LEU D 37 -55.85 18.14 -24.80
C LEU D 37 -55.60 19.05 -26.01
N VAL D 38 -54.47 18.85 -26.68
CA VAL D 38 -54.11 19.65 -27.85
C VAL D 38 -54.73 19.04 -29.12
N ASP D 39 -55.36 19.90 -29.92
CA ASP D 39 -56.01 19.49 -31.17
C ASP D 39 -55.51 20.34 -32.33
N ASP D 40 -55.83 19.94 -33.56
CA ASP D 40 -55.42 20.70 -34.74
C ASP D 40 -56.04 22.09 -34.73
N ALA D 41 -55.45 22.99 -35.51
CA ALA D 41 -55.86 24.40 -35.51
C ALA D 41 -56.69 24.79 -36.72
N ILE D 42 -57.83 25.42 -36.45
CA ILE D 42 -58.63 26.04 -37.50
C ILE D 42 -58.12 27.46 -37.75
N ASN D 43 -58.08 28.26 -36.70
CA ASN D 43 -57.54 29.61 -36.78
C ASN D 43 -56.03 29.57 -36.96
N ASP D 44 -55.56 30.04 -38.11
CA ASP D 44 -54.16 29.92 -38.49
C ASP D 44 -53.28 31.01 -37.85
N ASP D 45 -53.90 31.89 -37.07
CA ASP D 45 -53.16 32.97 -36.41
C ASP D 45 -52.20 32.39 -35.37
N ASN D 46 -51.13 33.13 -35.09
CA ASN D 46 -50.12 32.69 -34.14
C ASN D 46 -50.63 32.73 -32.71
N SER D 47 -50.94 33.94 -32.23
CA SER D 47 -51.37 34.14 -30.85
C SER D 47 -52.88 33.91 -30.71
N VAL D 48 -53.29 32.65 -30.69
CA VAL D 48 -54.71 32.31 -30.52
C VAL D 48 -54.91 30.84 -30.20
N ILE D 49 -55.92 30.56 -29.37
CA ILE D 49 -56.40 29.21 -29.16
C ILE D 49 -57.92 29.23 -29.26
N ALA D 50 -58.51 28.10 -29.63
CA ALA D 50 -59.96 28.01 -29.82
C ALA D 50 -60.61 27.08 -28.81
N ILE D 51 -61.54 27.64 -28.04
CA ILE D 51 -62.38 26.88 -27.13
C ILE D 51 -63.79 26.85 -27.66
N ASN D 52 -64.58 25.86 -27.22
CA ASN D 52 -65.98 25.77 -27.62
C ASN D 52 -66.86 26.51 -26.62
N SER D 53 -68.04 26.91 -27.08
CA SER D 53 -68.94 27.71 -26.26
C SER D 53 -69.43 26.95 -25.01
N ASN D 54 -69.70 25.63 -25.14
CA ASN D 54 -70.03 24.89 -23.92
C ASN D 54 -68.86 24.78 -22.96
N THR D 55 -67.67 25.18 -23.40
CA THR D 55 -66.50 25.25 -22.54
C THR D 55 -66.45 26.62 -21.86
N MET D 56 -67.02 27.62 -22.53
CA MET D 56 -67.02 28.98 -22.02
C MET D 56 -67.98 29.14 -20.84
N ASP D 57 -69.11 28.45 -20.87
CA ASP D 57 -70.05 28.50 -19.76
C ASP D 57 -69.56 27.61 -18.63
N LYS D 58 -68.74 26.62 -18.96
CA LYS D 58 -68.14 25.73 -17.97
C LYS D 58 -66.95 26.41 -17.29
N LEU D 59 -66.40 27.42 -17.95
CA LEU D 59 -65.35 28.25 -17.37
C LEU D 59 -65.37 29.64 -17.99
N GLU D 60 -65.81 30.61 -17.20
CA GLU D 60 -66.02 31.98 -17.67
C GLU D 60 -64.81 32.60 -18.34
N LEU D 61 -64.88 32.74 -19.67
CA LEU D 61 -63.88 33.45 -20.46
C LEU D 61 -64.52 34.02 -21.71
N PHE D 62 -63.78 34.88 -22.40
CA PHE D 62 -64.33 35.62 -23.53
C PHE D 62 -63.43 35.64 -24.76
N ARG D 63 -63.93 36.31 -25.80
CA ARG D 63 -63.27 36.32 -27.11
C ARG D 63 -61.97 37.12 -27.08
N GLY D 64 -61.91 38.14 -26.24
CA GLY D 64 -60.73 38.99 -26.14
C GLY D 64 -59.80 38.55 -25.03
N ASP D 65 -60.29 37.69 -24.15
CA ASP D 65 -59.53 37.25 -22.98
C ASP D 65 -58.19 36.62 -23.37
N THR D 66 -57.14 37.07 -22.69
CA THR D 66 -55.80 36.54 -22.89
C THR D 66 -55.49 35.50 -21.81
N VAL D 67 -55.24 34.27 -22.24
CA VAL D 67 -55.11 33.15 -21.32
C VAL D 67 -53.71 32.56 -21.32
N LEU D 68 -53.26 32.13 -20.14
CA LEU D 68 -51.93 31.52 -19.99
C LEU D 68 -52.02 30.00 -20.16
N VAL D 69 -51.31 29.49 -21.16
CA VAL D 69 -51.19 28.06 -21.38
C VAL D 69 -49.90 27.54 -20.77
N LYS D 70 -50.01 26.57 -19.87
CA LYS D 70 -48.84 25.95 -19.26
C LYS D 70 -48.85 24.45 -19.55
N GLY D 71 -47.90 24.02 -20.38
CA GLY D 71 -47.82 22.63 -20.81
C GLY D 71 -46.73 21.86 -20.10
N LYS D 72 -46.15 20.89 -20.81
CA LYS D 72 -45.11 20.04 -20.23
C LYS D 72 -43.74 20.71 -20.31
N LYS D 73 -42.75 20.08 -19.69
CA LYS D 73 -41.38 20.60 -19.65
C LYS D 73 -41.32 21.95 -18.94
N ARG D 74 -42.30 22.20 -18.08
CA ARG D 74 -42.33 23.40 -17.24
C ARG D 74 -42.30 24.69 -18.05
N LYS D 75 -42.95 24.67 -19.21
CA LYS D 75 -43.00 25.84 -20.10
C LYS D 75 -44.39 26.44 -20.17
N ASP D 76 -44.47 27.66 -20.72
CA ASP D 76 -45.73 28.39 -20.77
C ASP D 76 -45.87 29.18 -22.07
N THR D 77 -47.07 29.74 -22.26
CA THR D 77 -47.35 30.62 -23.40
C THR D 77 -48.65 31.37 -23.15
N VAL D 78 -48.85 32.46 -23.88
CA VAL D 78 -50.06 33.26 -23.73
C VAL D 78 -50.76 33.43 -25.08
N LEU D 79 -52.08 33.24 -25.09
CA LEU D 79 -52.86 33.29 -26.33
C LEU D 79 -54.26 33.86 -26.09
N ILE D 80 -54.94 34.17 -27.19
CA ILE D 80 -56.30 34.69 -27.14
C ILE D 80 -57.31 33.54 -27.33
N VAL D 81 -58.24 33.41 -26.40
CA VAL D 81 -59.31 32.41 -26.53
C VAL D 81 -60.39 32.93 -27.47
N LEU D 82 -60.95 32.02 -28.27
CA LEU D 82 -62.01 32.38 -29.22
C LEU D 82 -62.99 31.24 -29.39
N ILE D 83 -64.27 31.56 -29.38
CA ILE D 83 -65.32 30.56 -29.49
C ILE D 83 -65.25 29.81 -30.82
N ASP D 84 -65.13 28.49 -30.74
CA ASP D 84 -65.06 27.63 -31.93
C ASP D 84 -66.05 26.48 -31.82
N ASP D 85 -66.99 26.43 -32.75
CA ASP D 85 -68.06 25.43 -32.74
C ASP D 85 -67.53 24.01 -32.92
N GLU D 86 -66.51 23.87 -33.76
CA GLU D 86 -65.96 22.56 -34.10
C GLU D 86 -65.10 21.97 -32.99
N LEU D 87 -64.62 22.83 -32.10
CA LEU D 87 -63.64 22.45 -31.08
C LEU D 87 -64.07 21.27 -30.21
N GLU D 88 -65.32 21.31 -29.72
CA GLU D 88 -65.84 20.30 -28.78
C GLU D 88 -65.10 20.37 -27.45
N ASP D 89 -65.84 20.69 -26.40
CA ASP D 89 -65.27 20.91 -25.07
C ASP D 89 -64.70 19.64 -24.47
N GLY D 90 -63.37 19.59 -24.38
CA GLY D 90 -62.59 18.45 -23.89
C GLY D 90 -61.13 18.65 -24.25
N ALA D 91 -60.91 19.38 -25.35
CA ALA D 91 -59.57 19.60 -25.89
C ALA D 91 -59.61 20.87 -26.73
N CYS D 92 -58.46 21.53 -26.88
CA CYS D 92 -58.41 22.85 -27.52
C CYS D 92 -57.58 22.86 -28.80
N ARG D 93 -57.96 23.73 -29.71
CA ARG D 93 -57.23 23.92 -30.96
C ARG D 93 -56.13 24.98 -30.79
N ILE D 94 -54.90 24.61 -31.16
CA ILE D 94 -53.79 25.55 -31.16
C ILE D 94 -52.86 25.27 -32.34
N ASN D 95 -52.46 26.32 -33.03
CA ASN D 95 -51.58 26.19 -34.18
C ASN D 95 -50.24 25.61 -33.78
N ARG D 96 -49.46 25.16 -34.77
CA ARG D 96 -48.23 24.43 -34.51
C ARG D 96 -47.18 25.30 -33.80
N VAL D 97 -47.35 26.61 -33.86
CA VAL D 97 -46.38 27.52 -33.23
C VAL D 97 -46.56 27.57 -31.72
N VAL D 98 -47.80 27.70 -31.27
CA VAL D 98 -48.13 27.62 -29.86
C VAL D 98 -47.79 26.25 -29.31
N ARG D 99 -48.23 25.24 -30.07
CA ARG D 99 -47.98 23.84 -29.75
C ARG D 99 -46.49 23.55 -29.54
N ASN D 100 -45.65 24.24 -30.29
CA ASN D 100 -44.20 24.05 -30.19
C ASN D 100 -43.62 24.69 -28.95
N ASN D 101 -44.05 25.92 -28.66
CA ASN D 101 -43.55 26.66 -27.50
C ASN D 101 -43.86 25.96 -26.18
N LEU D 102 -44.93 25.15 -26.18
CA LEU D 102 -45.32 24.39 -25.00
C LEU D 102 -44.66 23.01 -24.97
N ARG D 103 -43.93 22.68 -26.03
CA ARG D 103 -43.28 21.37 -26.17
C ARG D 103 -44.29 20.23 -26.08
N ILE D 104 -45.44 20.42 -26.72
CA ILE D 104 -46.48 19.41 -26.76
C ILE D 104 -46.74 18.95 -28.20
N ARG D 105 -47.55 17.91 -28.34
CA ARG D 105 -47.91 17.37 -29.65
C ARG D 105 -49.42 17.28 -29.74
N LEU D 106 -49.94 16.98 -30.94
CA LEU D 106 -51.36 16.73 -31.10
C LEU D 106 -51.74 15.45 -30.37
N GLY D 107 -52.44 15.60 -29.25
CA GLY D 107 -52.83 14.48 -28.42
C GLY D 107 -52.10 14.47 -27.09
N ASP D 108 -51.76 15.65 -26.59
CA ASP D 108 -51.14 15.80 -25.28
C ASP D 108 -51.97 16.75 -24.43
N LEU D 109 -51.92 16.56 -23.13
CA LEU D 109 -52.72 17.34 -22.20
C LEU D 109 -51.99 18.60 -21.74
N VAL D 110 -52.75 19.68 -21.56
CA VAL D 110 -52.23 20.94 -21.06
C VAL D 110 -53.22 21.57 -20.09
N THR D 111 -52.69 22.32 -19.12
CA THR D 111 -53.53 23.06 -18.19
C THR D 111 -53.68 24.50 -18.66
N ILE D 112 -54.92 24.96 -18.75
CA ILE D 112 -55.22 26.31 -19.20
C ILE D 112 -55.78 27.12 -18.03
N HIS D 113 -55.37 28.38 -17.94
CA HIS D 113 -55.88 29.26 -16.88
C HIS D 113 -55.63 30.71 -17.24
N PRO D 114 -56.59 31.60 -16.91
CA PRO D 114 -56.46 32.98 -17.39
C PRO D 114 -55.57 33.86 -16.51
N CYS D 115 -54.94 34.84 -17.15
CA CYS D 115 -54.09 35.80 -16.46
C CYS D 115 -54.32 37.20 -17.01
N PRO D 116 -55.10 38.03 -16.31
CA PRO D 116 -55.25 39.44 -16.68
C PRO D 116 -54.29 40.34 -15.91
N ASP D 117 -53.52 39.74 -14.98
CA ASP D 117 -52.49 40.47 -14.25
C ASP D 117 -51.46 41.03 -15.22
N ILE D 118 -51.23 40.33 -16.32
CA ILE D 118 -50.37 40.81 -17.39
C ILE D 118 -50.94 42.08 -17.99
N LYS D 119 -50.07 43.00 -18.37
CA LYS D 119 -50.50 44.26 -18.95
C LYS D 119 -49.53 44.71 -20.04
N TYR D 120 -49.81 45.86 -20.63
CA TYR D 120 -49.14 46.27 -21.87
C TYR D 120 -47.63 46.40 -21.69
N ALA D 121 -46.90 46.00 -22.73
CA ALA D 121 -45.45 45.94 -22.67
C ALA D 121 -44.77 47.30 -22.61
N THR D 122 -43.58 47.32 -22.03
CA THR D 122 -42.76 48.52 -22.04
C THR D 122 -41.78 48.42 -23.22
N ARG D 123 -41.25 47.21 -23.41
CA ARG D 123 -40.34 46.93 -24.51
C ARG D 123 -40.24 45.43 -24.76
N ILE D 124 -39.75 45.06 -25.94
CA ILE D 124 -39.65 43.66 -26.34
C ILE D 124 -38.34 43.42 -27.09
N SER D 125 -37.85 42.17 -27.00
CA SER D 125 -36.54 41.80 -27.49
C SER D 125 -36.61 40.52 -28.32
N VAL D 126 -36.87 40.66 -29.61
CA VAL D 126 -36.97 39.51 -30.51
C VAL D 126 -35.75 39.44 -31.43
N LEU D 127 -35.36 38.22 -31.76
CA LEU D 127 -34.22 38.00 -32.64
C LEU D 127 -34.51 36.88 -33.65
N PRO D 128 -34.15 37.10 -34.93
CA PRO D 128 -34.42 36.09 -35.96
C PRO D 128 -33.49 34.89 -35.84
N ILE D 129 -34.03 33.69 -36.03
CA ILE D 129 -33.22 32.49 -36.04
C ILE D 129 -32.48 32.42 -37.37
N ALA D 130 -31.19 32.10 -37.32
CA ALA D 130 -30.29 32.26 -38.46
C ALA D 130 -30.77 31.59 -39.74
N ASP D 131 -31.14 30.31 -39.66
CA ASP D 131 -31.45 29.54 -40.86
C ASP D 131 -32.76 29.96 -41.53
N THR D 132 -33.54 30.80 -40.85
CA THR D 132 -34.79 31.29 -41.41
C THR D 132 -34.63 32.64 -42.11
N ILE D 133 -33.40 33.17 -42.07
CA ILE D 133 -33.09 34.47 -42.70
C ILE D 133 -31.86 34.38 -43.59
N GLU D 134 -31.29 33.19 -43.72
CA GLU D 134 -30.16 32.97 -44.64
C GLU D 134 -30.57 33.33 -46.06
N GLY D 135 -29.98 34.39 -46.59
CA GLY D 135 -30.26 34.82 -47.95
C GLY D 135 -30.60 36.29 -48.04
N ILE D 136 -31.51 36.75 -47.18
CA ILE D 136 -31.96 38.14 -47.20
C ILE D 136 -31.29 38.97 -46.12
N THR D 137 -31.52 40.28 -46.19
CA THR D 137 -31.00 41.22 -45.20
C THR D 137 -31.92 42.45 -45.17
N GLY D 138 -31.55 43.45 -44.38
CA GLY D 138 -32.27 44.70 -44.35
C GLY D 138 -33.25 44.85 -43.20
N ASN D 139 -34.30 45.63 -43.43
CA ASN D 139 -35.25 46.02 -42.38
C ASN D 139 -36.27 44.93 -42.09
N LEU D 140 -35.98 44.08 -41.11
CA LEU D 140 -36.90 43.02 -40.73
C LEU D 140 -38.11 43.58 -39.97
N PHE D 141 -37.90 44.72 -39.31
CA PHE D 141 -38.97 45.33 -38.53
C PHE D 141 -40.11 45.81 -39.42
N ASP D 142 -39.78 46.67 -40.39
CA ASP D 142 -40.78 47.25 -41.28
C ASP D 142 -41.52 46.16 -42.05
N VAL D 143 -40.79 45.12 -42.46
CA VAL D 143 -41.35 44.07 -43.29
C VAL D 143 -42.18 43.07 -42.49
N PHE D 144 -41.56 42.43 -41.49
CA PHE D 144 -42.19 41.34 -40.76
C PHE D 144 -42.83 41.77 -39.44
N LEU D 145 -42.01 42.34 -38.55
CA LEU D 145 -42.46 42.60 -37.17
C LEU D 145 -43.52 43.70 -37.08
N LYS D 146 -43.35 44.75 -37.87
CA LYS D 146 -44.24 45.92 -37.78
C LYS D 146 -45.69 45.54 -38.09
N PRO D 147 -45.95 44.88 -39.24
CA PRO D 147 -47.34 44.53 -39.53
C PRO D 147 -47.86 43.35 -38.70
N TYR D 148 -46.95 42.56 -38.13
CA TYR D 148 -47.35 41.37 -37.36
C TYR D 148 -47.93 41.73 -36.00
N PHE D 149 -47.30 42.70 -35.33
CA PHE D 149 -47.73 43.10 -33.99
C PHE D 149 -48.74 44.26 -34.00
N VAL D 150 -48.86 44.93 -35.15
CA VAL D 150 -49.65 46.15 -35.25
C VAL D 150 -51.13 45.95 -34.91
N GLU D 151 -51.61 46.73 -33.95
CA GLU D 151 -53.04 46.80 -33.60
C GLU D 151 -53.64 45.47 -33.13
N ALA D 152 -52.81 44.45 -32.99
CA ALA D 152 -53.28 43.14 -32.53
C ALA D 152 -53.06 43.01 -31.03
N TYR D 153 -52.26 43.92 -30.48
CA TYR D 153 -51.68 43.80 -29.14
C TYR D 153 -51.55 42.34 -28.72
N ARG D 154 -50.63 41.64 -29.38
CA ARG D 154 -50.42 40.22 -29.14
C ARG D 154 -49.91 39.98 -27.73
N PRO D 155 -50.36 38.90 -27.09
CA PRO D 155 -49.83 38.53 -25.77
C PRO D 155 -48.64 37.58 -25.89
N VAL D 156 -47.42 38.10 -25.84
CA VAL D 156 -46.24 37.26 -26.03
C VAL D 156 -45.67 36.78 -24.70
N ARG D 157 -44.54 36.08 -24.78
CA ARG D 157 -43.90 35.50 -23.60
C ARG D 157 -42.40 35.37 -23.87
N LYS D 158 -41.61 35.42 -22.81
CA LYS D 158 -40.16 35.22 -22.96
C LYS D 158 -39.87 33.74 -23.21
N GLY D 159 -39.12 33.47 -24.27
CA GLY D 159 -38.81 32.11 -24.68
C GLY D 159 -39.65 31.69 -25.87
N ASP D 160 -40.69 32.46 -26.16
CA ASP D 160 -41.56 32.17 -27.30
C ASP D 160 -40.80 32.30 -28.62
N HIS D 161 -41.15 31.42 -29.56
CA HIS D 161 -40.66 31.51 -30.93
C HIS D 161 -41.86 31.58 -31.88
N PHE D 162 -42.07 32.75 -32.47
CA PHE D 162 -43.22 32.97 -33.35
C PHE D 162 -42.78 33.01 -34.81
N VAL D 163 -43.77 33.05 -35.70
CA VAL D 163 -43.54 32.93 -37.14
C VAL D 163 -44.27 34.03 -37.90
N VAL D 164 -43.57 34.66 -38.85
CA VAL D 164 -44.17 35.71 -39.66
C VAL D 164 -43.92 35.43 -41.14
N ARG D 165 -45.01 35.32 -41.90
CA ARG D 165 -44.93 35.01 -43.33
C ARG D 165 -45.01 36.27 -44.17
N GLY D 166 -44.04 36.42 -45.07
CA GLY D 166 -43.98 37.58 -45.95
C GLY D 166 -42.69 37.58 -46.77
N GLY D 167 -42.77 38.13 -47.97
CA GLY D 167 -41.61 38.19 -48.85
C GLY D 167 -41.19 36.81 -49.33
N MET D 168 -42.18 35.97 -49.64
CA MET D 168 -41.94 34.63 -50.17
C MET D 168 -41.11 33.75 -49.23
N ARG D 169 -41.27 33.95 -47.93
CA ARG D 169 -40.64 33.10 -46.93
C ARG D 169 -41.25 33.36 -45.55
N GLN D 170 -40.93 32.47 -44.60
CA GLN D 170 -41.42 32.61 -43.24
C GLN D 170 -40.25 32.66 -42.25
N VAL D 171 -40.13 33.79 -41.56
CA VAL D 171 -39.04 34.00 -40.62
C VAL D 171 -39.48 33.63 -39.21
N GLU D 172 -38.55 33.08 -38.44
CA GLU D 172 -38.80 32.73 -37.05
C GLU D 172 -37.97 33.60 -36.11
N PHE D 173 -38.65 34.36 -35.26
CA PHE D 173 -37.99 35.15 -34.23
C PHE D 173 -38.20 34.48 -32.88
N LYS D 174 -37.27 34.69 -31.95
CA LYS D 174 -37.44 34.25 -30.57
C LYS D 174 -37.43 35.43 -29.60
N VAL D 175 -38.48 35.52 -28.79
CA VAL D 175 -38.56 36.55 -27.76
C VAL D 175 -37.49 36.29 -26.71
N VAL D 176 -36.48 37.16 -26.68
CA VAL D 176 -35.35 37.00 -25.79
C VAL D 176 -35.57 37.74 -24.47
N ASP D 177 -36.33 38.83 -24.51
CA ASP D 177 -36.56 39.63 -23.30
C ASP D 177 -37.77 40.55 -23.41
N VAL D 178 -38.47 40.69 -22.29
CA VAL D 178 -39.52 41.69 -22.13
C VAL D 178 -39.28 42.42 -20.81
N GLU D 179 -39.78 43.64 -20.69
CA GLU D 179 -39.55 44.41 -19.47
C GLU D 179 -40.60 44.05 -18.40
N PRO D 180 -41.89 43.91 -18.77
CA PRO D 180 -42.95 43.62 -17.80
C PRO D 180 -43.03 42.13 -17.46
N GLU D 181 -42.04 41.65 -16.70
CA GLU D 181 -41.91 40.25 -16.22
C GLU D 181 -41.71 39.28 -17.38
N GLU D 182 -42.07 38.01 -17.16
CA GLU D 182 -41.94 36.93 -18.17
C GLU D 182 -42.87 37.17 -19.37
N TYR D 183 -44.10 37.63 -19.12
CA TYR D 183 -45.08 37.77 -20.21
C TYR D 183 -45.68 39.18 -20.27
N ALA D 184 -45.96 39.66 -21.47
CA ALA D 184 -46.55 40.98 -21.65
C ALA D 184 -47.27 41.09 -22.99
N VAL D 185 -47.94 42.23 -23.20
CA VAL D 185 -48.76 42.46 -24.38
C VAL D 185 -48.11 43.53 -25.27
N VAL D 186 -48.38 43.48 -26.57
CA VAL D 186 -47.70 44.35 -27.55
C VAL D 186 -48.62 45.45 -28.12
N ALA D 187 -49.12 46.32 -27.25
CA ALA D 187 -49.92 47.47 -27.69
C ALA D 187 -49.13 48.36 -28.63
N GLN D 188 -49.83 49.23 -29.38
CA GLN D 188 -49.14 50.12 -30.34
C GLN D 188 -48.06 50.99 -29.71
N ASP D 189 -48.17 51.27 -28.41
CA ASP D 189 -47.17 52.08 -27.73
C ASP D 189 -45.96 51.28 -27.26
N THR D 190 -46.09 49.95 -27.28
CA THR D 190 -45.01 49.08 -26.85
C THR D 190 -43.84 49.16 -27.81
N ILE D 191 -42.63 49.20 -27.26
CA ILE D 191 -41.42 49.43 -28.04
C ILE D 191 -40.76 48.12 -28.46
N ILE D 192 -40.86 47.80 -29.75
CA ILE D 192 -40.29 46.57 -30.28
C ILE D 192 -38.84 46.75 -30.72
N HIS D 193 -37.91 46.10 -30.01
CA HIS D 193 -36.50 46.14 -30.36
C HIS D 193 -36.06 44.82 -30.99
N TRP D 194 -35.72 44.86 -32.27
CA TRP D 194 -35.06 43.74 -32.94
C TRP D 194 -33.62 44.17 -33.22
N GLU D 195 -32.74 43.15 -33.18
CA GLU D 195 -31.27 43.19 -33.46
C GLU D 195 -30.96 42.17 -34.58
N GLY D 196 -29.84 42.31 -35.29
CA GLY D 196 -29.55 41.45 -36.46
C GLY D 196 -28.45 40.38 -36.37
N GLU D 197 -27.83 40.15 -35.20
CA GLU D 197 -26.75 39.10 -35.14
C GLU D 197 -27.41 37.73 -34.91
N PRO D 198 -28.06 37.12 -35.94
CA PRO D 198 -28.86 35.90 -35.71
C PRO D 198 -27.99 34.72 -35.32
N ILE D 199 -28.61 33.62 -34.87
CA ILE D 199 -27.79 32.47 -34.38
C ILE D 199 -28.24 31.17 -35.05
N ASN D 200 -27.33 30.18 -35.07
CA ASN D 200 -27.70 28.75 -35.25
C ASN D 200 -28.53 28.28 -34.04
N ARG D 201 -29.46 27.35 -34.27
CA ARG D 201 -30.47 26.90 -33.27
C ARG D 201 -30.01 25.70 -32.43
N GLU D 202 -28.74 25.29 -32.53
CA GLU D 202 -28.29 24.10 -31.75
C GLU D 202 -28.50 24.36 -30.25
N ASP D 203 -28.17 25.56 -29.77
CA ASP D 203 -28.32 25.91 -28.34
C ASP D 203 -29.81 25.83 -27.96
N GLU D 204 -30.70 26.32 -28.84
CA GLU D 204 -32.16 26.30 -28.59
C GLU D 204 -32.63 24.85 -28.47
N GLU D 205 -32.15 23.97 -29.36
CA GLU D 205 -32.54 22.53 -29.33
C GLU D 205 -32.07 21.92 -28.01
N ASN D 206 -30.85 22.27 -27.58
CA ASN D 206 -30.31 21.72 -26.31
C ASN D 206 -31.19 22.17 -25.14
N ASN D 207 -31.60 23.45 -25.15
CA ASN D 207 -32.46 24.00 -24.06
C ASN D 207 -33.80 23.26 -24.06
N MET D 208 -34.36 23.01 -25.24
CA MET D 208 -35.66 22.31 -25.40
C MET D 208 -35.56 20.88 -24.87
N ASN D 209 -34.42 20.21 -25.10
CA ASN D 209 -34.24 18.80 -24.71
C ASN D 209 -34.36 18.61 -23.19
N GLU D 210 -33.78 19.52 -22.39
CA GLU D 210 -33.82 19.36 -20.91
C GLU D 210 -34.75 18.19 -20.61
N VAL D 211 -34.33 17.27 -19.73
CA VAL D 211 -35.19 16.12 -19.34
C VAL D 211 -36.08 16.54 -18.17
N GLY D 212 -37.33 16.04 -18.12
CA GLY D 212 -38.29 16.38 -17.05
C GLY D 212 -38.67 15.15 -16.24
N TYR D 213 -39.76 15.23 -15.45
CA TYR D 213 -40.18 14.08 -14.66
C TYR D 213 -40.81 12.99 -15.50
N ASP D 214 -41.27 13.31 -16.72
CA ASP D 214 -42.00 12.35 -17.55
C ASP D 214 -41.11 11.64 -18.54
N ASP D 215 -39.82 11.46 -18.22
CA ASP D 215 -38.91 10.72 -19.08
C ASP D 215 -38.37 9.46 -18.43
N ILE D 216 -38.76 9.22 -17.18
CA ILE D 216 -38.29 8.04 -16.40
C ILE D 216 -39.48 7.09 -16.23
N GLY D 217 -40.40 7.08 -17.19
CA GLY D 217 -41.59 6.21 -17.13
C GLY D 217 -41.20 4.76 -16.94
N GLY D 218 -41.90 4.05 -16.03
CA GLY D 218 -41.59 2.67 -15.77
C GLY D 218 -41.04 2.40 -14.38
N CYS D 219 -40.67 3.44 -13.64
CA CYS D 219 -40.19 3.34 -12.27
C CYS D 219 -40.94 4.34 -11.39
N ARG D 220 -42.27 4.33 -11.52
CA ARG D 220 -43.11 5.35 -10.90
C ARG D 220 -43.17 5.23 -9.39
N LYS D 221 -42.96 4.04 -8.83
CA LYS D 221 -42.96 3.88 -7.38
C LYS D 221 -41.75 4.57 -6.75
N GLN D 222 -40.55 4.32 -7.29
CA GLN D 222 -39.36 5.01 -6.82
C GLN D 222 -39.39 6.48 -7.17
N MET D 223 -40.01 6.83 -8.31
CA MET D 223 -40.22 8.23 -8.68
C MET D 223 -41.06 8.96 -7.64
N ALA D 224 -42.15 8.34 -7.17
CA ALA D 224 -42.98 8.95 -6.13
C ALA D 224 -42.23 9.00 -4.80
N GLN D 225 -41.48 7.94 -4.47
CA GLN D 225 -40.74 7.87 -3.22
C GLN D 225 -39.63 8.92 -3.13
N ILE D 226 -39.03 9.30 -4.26
CA ILE D 226 -38.05 10.38 -4.25
C ILE D 226 -38.71 11.75 -4.38
N ARG D 227 -39.75 11.84 -5.23
CA ARG D 227 -40.43 13.11 -5.47
C ARG D 227 -41.13 13.63 -4.22
N GLU D 228 -41.57 12.74 -3.33
CA GLU D 228 -42.16 13.16 -2.06
C GLU D 228 -41.17 13.95 -1.22
N MET D 229 -40.02 13.35 -0.90
CA MET D 229 -39.03 14.01 -0.05
C MET D 229 -38.30 15.15 -0.75
N VAL D 230 -38.36 15.23 -2.09
CA VAL D 230 -37.82 16.42 -2.75
C VAL D 230 -38.84 17.57 -2.78
N GLU D 231 -40.09 17.31 -3.14
CA GLU D 231 -41.04 18.38 -3.41
C GLU D 231 -41.80 18.82 -2.16
N LEU D 232 -42.34 17.87 -1.38
CA LEU D 232 -43.22 18.22 -0.27
C LEU D 232 -42.56 19.01 0.88
N PRO D 233 -41.31 18.76 1.30
CA PRO D 233 -40.71 19.68 2.28
C PRO D 233 -40.31 21.03 1.70
N LEU D 234 -40.31 21.21 0.39
CA LEU D 234 -39.91 22.47 -0.23
C LEU D 234 -41.08 23.27 -0.79
N ARG D 235 -42.14 22.61 -1.23
CA ARG D 235 -43.29 23.33 -1.79
C ARG D 235 -44.13 23.97 -0.70
N HIS D 236 -44.66 23.16 0.21
CA HIS D 236 -45.43 23.65 1.35
C HIS D 236 -45.12 22.80 2.57
N PRO D 237 -44.43 23.34 3.57
CA PRO D 237 -44.06 22.55 4.76
C PRO D 237 -45.12 22.58 5.85
N GLN D 238 -46.36 22.95 5.51
CA GLN D 238 -47.42 23.11 6.49
C GLN D 238 -47.82 21.78 7.14
N LEU D 239 -47.82 20.70 6.37
CA LEU D 239 -48.16 19.39 6.94
C LEU D 239 -47.07 18.90 7.87
N PHE D 240 -45.81 19.09 7.48
CA PHE D 240 -44.68 18.70 8.33
C PHE D 240 -44.54 19.57 9.56
N LYS D 241 -45.04 20.81 9.51
CA LYS D 241 -45.07 21.67 10.68
C LYS D 241 -46.27 21.42 11.57
N ALA D 242 -47.38 20.93 11.02
CA ALA D 242 -48.54 20.56 11.82
C ALA D 242 -48.34 19.22 12.51
N ILE D 243 -47.63 18.29 11.86
CA ILE D 243 -47.38 16.99 12.49
C ILE D 243 -46.16 17.06 13.43
N GLY D 244 -45.31 18.07 13.28
CA GLY D 244 -44.15 18.22 14.15
C GLY D 244 -43.08 17.18 13.94
N ILE D 245 -42.91 16.71 12.70
CA ILE D 245 -41.94 15.66 12.38
C ILE D 245 -41.09 16.16 11.21
N LYS D 246 -39.77 16.15 11.40
CA LYS D 246 -38.86 16.53 10.33
C LYS D 246 -38.81 15.45 9.26
N PRO D 247 -38.78 15.82 7.99
CA PRO D 247 -38.79 14.82 6.91
C PRO D 247 -37.42 14.16 6.76
N PRO D 248 -37.35 12.99 6.13
CA PRO D 248 -36.04 12.39 5.83
C PRO D 248 -35.28 13.22 4.81
N ARG D 249 -33.95 13.20 4.94
CA ARG D 249 -33.05 14.01 4.13
C ARG D 249 -31.91 13.17 3.58
N GLY D 250 -32.24 12.02 3.02
CA GLY D 250 -31.22 11.18 2.41
C GLY D 250 -31.77 10.17 1.41
N VAL D 251 -31.19 10.16 0.22
CA VAL D 251 -31.59 9.24 -0.85
C VAL D 251 -30.37 8.42 -1.26
N LEU D 252 -30.58 7.12 -1.43
CA LEU D 252 -29.53 6.23 -1.89
C LEU D 252 -30.13 5.35 -2.99
N MET D 253 -29.85 5.68 -4.24
CA MET D 253 -30.40 4.95 -5.38
C MET D 253 -29.37 3.91 -5.83
N TYR D 254 -29.63 2.65 -5.52
CA TYR D 254 -28.78 1.55 -5.95
C TYR D 254 -29.53 0.68 -6.95
N GLY D 255 -28.88 -0.41 -7.37
CA GLY D 255 -29.45 -1.32 -8.32
C GLY D 255 -28.48 -1.69 -9.42
N PRO D 256 -28.99 -2.27 -10.51
CA PRO D 256 -28.12 -2.65 -11.63
C PRO D 256 -27.65 -1.43 -12.39
N PRO D 257 -26.50 -1.51 -13.08
CA PRO D 257 -26.04 -0.37 -13.87
C PRO D 257 -26.89 -0.17 -15.11
N GLY D 258 -27.32 1.06 -15.34
CA GLY D 258 -28.19 1.38 -16.46
C GLY D 258 -29.66 1.23 -16.15
N THR D 259 -30.11 1.94 -15.12
CA THR D 259 -31.52 1.90 -14.72
C THR D 259 -32.18 3.28 -14.72
N GLY D 260 -31.41 4.35 -14.55
CA GLY D 260 -31.97 5.68 -14.67
C GLY D 260 -31.76 6.58 -13.47
N LYS D 261 -30.77 6.26 -12.64
CA LYS D 261 -30.54 7.05 -11.43
C LYS D 261 -29.96 8.44 -11.77
N THR D 262 -29.02 8.50 -12.72
CA THR D 262 -28.51 9.79 -13.16
C THR D 262 -29.57 10.60 -13.90
N LEU D 263 -30.48 9.92 -14.60
CA LEU D 263 -31.60 10.61 -15.24
C LEU D 263 -32.57 11.17 -14.20
N MET D 264 -32.79 10.43 -13.10
CA MET D 264 -33.63 10.94 -12.03
C MET D 264 -32.98 12.13 -11.33
N ALA D 265 -31.65 12.09 -11.18
CA ALA D 265 -30.92 13.21 -10.60
C ALA D 265 -31.01 14.44 -11.51
N ARG D 266 -30.90 14.24 -12.83
CA ARG D 266 -31.05 15.35 -13.77
C ARG D 266 -32.48 15.88 -13.79
N ALA D 267 -33.47 15.01 -13.59
CA ALA D 267 -34.86 15.44 -13.57
C ALA D 267 -35.17 16.27 -12.32
N VAL D 268 -34.70 15.82 -11.15
CA VAL D 268 -34.90 16.62 -9.94
C VAL D 268 -33.97 17.82 -9.88
N ALA D 269 -32.95 17.87 -10.74
CA ALA D 269 -32.17 19.11 -10.90
C ALA D 269 -32.90 20.12 -11.76
N ASN D 270 -33.46 19.68 -12.89
CA ASN D 270 -34.06 20.61 -13.84
C ASN D 270 -35.47 21.02 -13.43
N GLU D 271 -36.16 20.19 -12.64
CA GLU D 271 -37.56 20.47 -12.33
C GLU D 271 -37.70 21.45 -11.16
N THR D 272 -37.09 21.12 -10.02
CA THR D 272 -37.24 21.93 -8.83
C THR D 272 -36.45 23.23 -8.94
N GLY D 273 -36.88 24.23 -8.18
CA GLY D 273 -36.24 25.53 -8.21
C GLY D 273 -35.17 25.70 -7.15
N ALA D 274 -34.75 24.59 -6.55
CA ALA D 274 -33.69 24.61 -5.56
C ALA D 274 -32.33 24.61 -6.24
N PHE D 275 -31.31 25.03 -5.49
CA PHE D 275 -29.94 25.02 -6.01
C PHE D 275 -29.43 23.59 -6.12
N PHE D 276 -28.67 23.31 -7.18
CA PHE D 276 -28.16 21.97 -7.44
C PHE D 276 -26.64 22.04 -7.54
N PHE D 277 -25.95 21.42 -6.59
CA PHE D 277 -24.50 21.31 -6.60
C PHE D 277 -24.13 19.87 -6.91
N LEU D 278 -23.37 19.67 -7.98
CA LEU D 278 -22.97 18.34 -8.42
C LEU D 278 -21.58 18.00 -7.90
N ILE D 279 -21.47 16.83 -7.26
CA ILE D 279 -20.20 16.33 -6.76
C ILE D 279 -20.00 14.92 -7.32
N ASN D 280 -18.91 14.73 -8.06
CA ASN D 280 -18.62 13.44 -8.66
C ASN D 280 -17.90 12.55 -7.64
N GLY D 281 -17.57 11.34 -8.04
CA GLY D 281 -16.95 10.38 -7.16
C GLY D 281 -15.52 10.70 -6.77
N PRO D 282 -14.58 10.57 -7.71
CA PRO D 282 -13.16 10.84 -7.41
C PRO D 282 -12.68 12.24 -7.77
N GLU D 283 -13.56 13.16 -8.17
CA GLU D 283 -13.12 14.50 -8.55
C GLU D 283 -12.73 15.36 -7.36
N VAL D 284 -13.10 14.96 -6.14
CA VAL D 284 -12.73 15.74 -4.95
C VAL D 284 -11.36 15.35 -4.41
N MET D 285 -10.77 14.26 -4.90
CA MET D 285 -9.51 13.78 -4.39
C MET D 285 -8.34 14.66 -4.87
N SER D 286 -7.23 14.57 -4.15
CA SER D 286 -6.04 15.33 -4.47
C SER D 286 -4.83 14.60 -3.91
N LYS D 287 -3.64 15.14 -4.22
CA LYS D 287 -2.40 14.52 -3.78
C LYS D 287 -1.87 15.09 -2.47
N MET D 288 -2.20 16.34 -2.15
CA MET D 288 -1.72 16.95 -0.92
C MET D 288 -2.48 16.41 0.28
N ALA D 289 -1.84 16.49 1.44
CA ALA D 289 -2.43 16.04 2.69
C ALA D 289 -3.30 17.16 3.25
N GLY D 290 -4.61 16.94 3.28
CA GLY D 290 -5.55 17.93 3.74
C GLY D 290 -6.23 18.74 2.66
N GLU D 291 -6.54 18.14 1.52
CA GLU D 291 -7.15 18.84 0.39
C GLU D 291 -8.49 18.27 -0.04
N SER D 292 -8.67 16.95 0.05
CA SER D 292 -9.95 16.34 -0.32
C SER D 292 -11.03 16.65 0.70
N GLU D 293 -10.68 16.63 1.99
CA GLU D 293 -11.60 17.05 3.03
C GLU D 293 -11.93 18.52 2.93
N SER D 294 -10.96 19.35 2.51
CA SER D 294 -11.21 20.76 2.29
C SER D 294 -12.13 20.99 1.09
N ASN D 295 -11.98 20.17 0.05
CA ASN D 295 -12.88 20.27 -1.10
C ASN D 295 -14.30 19.86 -0.74
N LEU D 296 -14.44 18.80 0.07
CA LEU D 296 -15.76 18.38 0.53
C LEU D 296 -16.40 19.42 1.44
N ARG D 297 -15.60 20.05 2.31
CA ARG D 297 -16.11 21.12 3.17
C ARG D 297 -16.50 22.35 2.38
N LYS D 298 -15.73 22.68 1.34
CA LYS D 298 -16.07 23.81 0.47
C LYS D 298 -17.36 23.54 -0.31
N ALA D 299 -17.54 22.29 -0.77
CA ALA D 299 -18.77 21.93 -1.46
C ALA D 299 -19.98 21.98 -0.53
N PHE D 300 -19.81 21.52 0.72
CA PHE D 300 -20.92 21.54 1.66
C PHE D 300 -21.28 22.96 2.11
N GLU D 301 -20.28 23.82 2.33
CA GLU D 301 -20.59 25.22 2.67
C GLU D 301 -21.13 25.99 1.46
N GLU D 302 -20.75 25.62 0.24
CA GLU D 302 -21.32 26.29 -0.92
C GLU D 302 -22.74 25.83 -1.18
N ALA D 303 -23.07 24.59 -0.81
CA ALA D 303 -24.44 24.13 -0.91
C ALA D 303 -25.32 24.59 0.24
N GLU D 304 -24.73 24.91 1.40
CA GLU D 304 -25.49 25.37 2.55
C GLU D 304 -25.63 26.89 2.63
N LYS D 305 -24.70 27.64 2.05
CA LYS D 305 -24.70 29.09 2.22
C LYS D 305 -25.72 29.78 1.32
N ASN D 306 -25.92 29.26 0.10
CA ASN D 306 -26.72 29.97 -0.89
C ASN D 306 -28.21 29.88 -0.59
N ALA D 307 -28.75 28.67 -0.57
CA ALA D 307 -30.19 28.46 -0.52
C ALA D 307 -30.47 27.06 0.02
N PRO D 308 -31.72 26.71 0.34
CA PRO D 308 -32.05 25.29 0.49
C PRO D 308 -31.80 24.53 -0.82
N ALA D 309 -30.81 23.64 -0.79
CA ALA D 309 -30.24 23.08 -2.00
C ALA D 309 -30.31 21.56 -1.97
N ILE D 310 -29.99 20.97 -3.12
CA ILE D 310 -29.95 19.53 -3.29
C ILE D 310 -28.56 19.14 -3.77
N ILE D 311 -27.92 18.22 -3.05
CA ILE D 311 -26.59 17.73 -3.39
C ILE D 311 -26.73 16.33 -3.96
N PHE D 312 -26.01 16.05 -5.04
CA PHE D 312 -26.01 14.74 -5.68
C PHE D 312 -24.58 14.23 -5.71
N ILE D 313 -24.25 13.36 -4.76
CA ILE D 313 -22.92 12.73 -4.71
C ILE D 313 -23.01 11.47 -5.57
N ASP D 314 -22.54 11.59 -6.81
CA ASP D 314 -22.54 10.44 -7.71
C ASP D 314 -21.35 9.54 -7.41
N GLU D 315 -21.59 8.23 -7.49
CA GLU D 315 -20.60 7.17 -7.28
C GLU D 315 -19.95 7.27 -5.89
N ILE D 316 -20.79 7.05 -4.86
CA ILE D 316 -20.31 7.11 -3.48
C ILE D 316 -19.48 5.90 -3.08
N ASP D 317 -19.45 4.85 -3.90
CA ASP D 317 -18.64 3.67 -3.62
C ASP D 317 -17.16 3.88 -3.90
N SER D 318 -16.79 5.01 -4.50
CA SER D 318 -15.39 5.35 -4.71
C SER D 318 -14.81 6.20 -3.59
N ILE D 319 -15.63 6.72 -2.69
CA ILE D 319 -15.16 7.50 -1.56
C ILE D 319 -15.71 6.91 -0.27
N ALA D 320 -15.98 5.60 -0.28
CA ALA D 320 -16.41 4.88 0.93
C ALA D 320 -15.91 3.44 0.84
N PRO D 321 -14.65 3.20 1.22
CA PRO D 321 -14.10 1.84 1.16
C PRO D 321 -14.34 1.02 2.41
N LYS D 322 -15.30 1.44 3.24
CA LYS D 322 -15.85 0.80 4.46
C LYS D 322 -14.89 0.87 5.64
N ARG D 323 -13.77 1.61 5.53
CA ARG D 323 -12.82 1.91 6.61
C ARG D 323 -12.18 0.70 7.28
N ASP D 324 -12.27 -0.48 6.66
CA ASP D 324 -11.71 -1.69 7.24
C ASP D 324 -10.89 -2.53 6.28
N LYS D 325 -11.14 -2.46 4.97
CA LYS D 325 -10.44 -3.29 4.01
C LYS D 325 -9.30 -2.56 3.30
N THR D 326 -9.17 -1.26 3.51
CA THR D 326 -8.10 -0.47 2.89
C THR D 326 -7.16 0.08 3.95
N ASN D 327 -5.91 0.31 3.54
CA ASN D 327 -4.87 0.76 4.45
C ASN D 327 -4.49 2.23 4.26
N GLY D 328 -5.15 2.94 3.35
CA GLY D 328 -4.84 4.34 3.12
C GLY D 328 -5.54 5.25 4.13
N GLU D 329 -4.78 6.20 4.68
CA GLU D 329 -5.34 7.12 5.66
C GLU D 329 -6.19 8.20 5.00
N VAL D 330 -5.95 8.49 3.73
CA VAL D 330 -6.68 9.55 3.03
C VAL D 330 -8.14 9.14 2.81
N GLU D 331 -8.39 7.87 2.49
CA GLU D 331 -9.75 7.39 2.29
C GLU D 331 -10.53 7.39 3.60
N ARG D 332 -9.88 6.98 4.70
CA ARG D 332 -10.51 7.04 6.01
C ARG D 332 -10.78 8.47 6.44
N ARG D 333 -9.89 9.40 6.09
CA ARG D 333 -10.12 10.81 6.41
C ARG D 333 -11.29 11.38 5.59
N VAL D 334 -11.42 10.97 4.33
CA VAL D 334 -12.56 11.42 3.51
C VAL D 334 -13.87 10.86 4.06
N VAL D 335 -13.87 9.59 4.49
CA VAL D 335 -15.08 8.99 5.05
C VAL D 335 -15.43 9.64 6.39
N SER D 336 -14.42 9.97 7.20
CA SER D 336 -14.66 10.67 8.46
C SER D 336 -15.18 12.08 8.23
N GLN D 337 -14.68 12.78 7.20
CA GLN D 337 -15.20 14.09 6.85
C GLN D 337 -16.65 14.01 6.38
N LEU D 338 -17.00 12.97 5.62
CA LEU D 338 -18.38 12.80 5.16
C LEU D 338 -19.30 12.47 6.32
N LEU D 339 -18.84 11.62 7.25
CA LEU D 339 -19.64 11.24 8.41
C LEU D 339 -19.83 12.42 9.36
N THR D 340 -18.85 13.30 9.45
CA THR D 340 -18.98 14.50 10.26
C THR D 340 -19.86 15.55 9.61
N LEU D 341 -19.72 15.78 8.30
CA LEU D 341 -20.51 16.80 7.62
C LEU D 341 -21.97 16.39 7.45
N MET D 342 -22.25 15.08 7.39
CA MET D 342 -23.63 14.64 7.21
C MET D 342 -24.38 14.45 8.51
N ASP D 343 -23.68 14.19 9.63
CA ASP D 343 -24.35 14.01 10.93
C ASP D 343 -23.38 14.42 12.02
N GLY D 344 -23.58 15.62 12.57
CA GLY D 344 -22.80 16.12 13.68
C GLY D 344 -23.49 17.27 14.38
N MET D 345 -22.73 18.25 14.86
CA MET D 345 -23.30 19.46 15.44
C MET D 345 -23.63 20.43 14.31
N LYS D 346 -24.88 20.94 14.33
CA LYS D 346 -25.54 21.75 13.29
C LYS D 346 -25.19 21.25 11.87
N ALA D 347 -25.51 19.97 11.63
CA ALA D 347 -25.08 19.24 10.45
C ALA D 347 -25.72 19.76 9.17
N ARG D 348 -27.06 19.68 9.07
CA ARG D 348 -27.76 20.01 7.85
C ARG D 348 -28.88 20.99 8.14
N SER D 349 -28.94 22.05 7.34
CA SER D 349 -30.00 23.06 7.43
C SER D 349 -30.61 23.23 6.05
N ASN D 350 -31.79 22.63 5.87
CA ASN D 350 -32.63 22.71 4.66
C ASN D 350 -31.95 22.15 3.41
N VAL D 351 -30.94 21.28 3.57
CA VAL D 351 -30.27 20.65 2.44
C VAL D 351 -30.52 19.16 2.48
N VAL D 352 -30.33 18.51 1.34
CA VAL D 352 -30.60 17.08 1.20
C VAL D 352 -29.59 16.49 0.21
N VAL D 353 -29.05 15.32 0.55
CA VAL D 353 -28.06 14.64 -0.28
C VAL D 353 -28.73 13.45 -0.99
N ILE D 354 -28.24 13.15 -2.20
CA ILE D 354 -28.73 12.05 -3.02
C ILE D 354 -27.53 11.25 -3.51
N ALA D 355 -27.56 9.94 -3.31
CA ALA D 355 -26.48 9.06 -3.73
C ALA D 355 -26.93 8.20 -4.91
N ALA D 356 -25.93 7.67 -5.63
CA ALA D 356 -26.18 6.78 -6.75
C ALA D 356 -24.96 5.88 -6.91
N THR D 357 -25.14 4.57 -6.74
CA THR D 357 -24.04 3.63 -6.82
C THR D 357 -24.52 2.34 -7.46
N ASN D 358 -23.59 1.61 -8.07
CA ASN D 358 -23.93 0.35 -8.72
C ASN D 358 -23.93 -0.83 -7.74
N ARG D 359 -23.05 -0.80 -6.75
CA ARG D 359 -23.02 -1.84 -5.71
C ARG D 359 -23.44 -1.24 -4.38
N PRO D 360 -24.45 -1.79 -3.71
CA PRO D 360 -24.91 -1.22 -2.42
C PRO D 360 -24.24 -1.80 -1.19
N ASN D 361 -23.36 -2.79 -1.32
CA ASN D 361 -22.76 -3.43 -0.16
C ASN D 361 -21.41 -2.83 0.21
N SER D 362 -20.75 -2.13 -0.70
CA SER D 362 -19.43 -1.54 -0.42
C SER D 362 -19.56 -0.11 0.09
N ILE D 363 -20.41 0.09 1.10
CA ILE D 363 -20.61 1.38 1.76
C ILE D 363 -20.58 1.10 3.26
N ASP D 364 -19.96 2.02 4.02
CA ASP D 364 -19.85 1.96 5.47
C ASP D 364 -21.24 1.89 6.11
N PRO D 365 -21.45 1.00 7.08
CA PRO D 365 -22.75 0.98 7.79
C PRO D 365 -23.03 2.24 8.58
N ALA D 366 -22.01 3.00 8.97
CA ALA D 366 -22.23 4.32 9.53
C ALA D 366 -22.71 5.32 8.49
N LEU D 367 -22.42 5.08 7.21
CA LEU D 367 -22.99 5.86 6.12
C LEU D 367 -24.33 5.31 5.63
N ARG D 368 -24.67 4.07 5.96
CA ARG D 368 -25.96 3.47 5.60
C ARG D 368 -26.97 3.58 6.73
N ARG D 369 -26.92 4.69 7.46
CA ARG D 369 -27.67 4.89 8.70
C ARG D 369 -28.71 5.98 8.51
N PHE D 370 -29.62 6.08 9.49
CA PHE D 370 -30.58 7.17 9.50
C PHE D 370 -29.89 8.49 9.81
N GLY D 371 -30.31 9.54 9.11
CA GLY D 371 -29.71 10.84 9.22
C GLY D 371 -28.69 11.14 8.14
N ARG D 372 -28.11 10.10 7.54
CA ARG D 372 -27.17 10.26 6.44
C ARG D 372 -27.74 9.68 5.14
N PHE D 373 -28.08 8.40 5.14
CA PHE D 373 -28.72 7.73 4.00
C PHE D 373 -29.77 6.78 4.58
N ASP D 374 -30.98 7.27 4.74
CA ASP D 374 -32.03 6.49 5.40
C ASP D 374 -33.00 5.85 4.44
N ARG D 375 -33.33 6.51 3.33
CA ARG D 375 -34.26 5.98 2.34
C ARG D 375 -33.44 5.43 1.18
N GLU D 376 -33.17 4.13 1.22
CA GLU D 376 -32.43 3.45 0.16
C GLU D 376 -33.43 2.87 -0.83
N VAL D 377 -33.77 3.66 -1.84
CA VAL D 377 -34.72 3.20 -2.85
C VAL D 377 -34.05 2.19 -3.78
N ASP D 378 -34.86 1.29 -4.33
CA ASP D 378 -34.38 0.20 -5.17
C ASP D 378 -34.91 0.41 -6.59
N ILE D 379 -34.14 1.13 -7.40
CA ILE D 379 -34.50 1.33 -8.82
C ILE D 379 -34.05 0.07 -9.54
N GLY D 380 -34.98 -0.86 -9.68
CA GLY D 380 -34.72 -2.14 -10.29
C GLY D 380 -35.22 -2.22 -11.72
N ILE D 381 -35.18 -3.44 -12.25
CA ILE D 381 -35.61 -3.72 -13.63
C ILE D 381 -37.12 -3.54 -13.72
N PRO D 382 -37.64 -3.07 -14.85
CA PRO D 382 -39.09 -2.90 -14.99
C PRO D 382 -39.77 -4.18 -15.46
N ASP D 383 -41.10 -4.15 -15.41
CA ASP D 383 -41.93 -5.21 -15.94
C ASP D 383 -42.29 -4.88 -17.39
N ALA D 384 -43.26 -5.61 -17.95
CA ALA D 384 -43.66 -5.39 -19.34
C ALA D 384 -44.32 -4.04 -19.54
N THR D 385 -45.06 -3.55 -18.55
CA THR D 385 -45.61 -2.20 -18.63
C THR D 385 -44.51 -1.15 -18.56
N GLY D 386 -43.45 -1.41 -17.78
CA GLY D 386 -42.33 -0.48 -17.75
C GLY D 386 -41.57 -0.45 -19.06
N ARG D 387 -41.39 -1.60 -19.70
CA ARG D 387 -40.82 -1.63 -21.05
C ARG D 387 -41.71 -0.92 -22.06
N LEU D 388 -43.04 -1.04 -21.89
CA LEU D 388 -43.96 -0.32 -22.77
C LEU D 388 -43.82 1.19 -22.59
N GLU D 389 -43.67 1.65 -21.35
CA GLU D 389 -43.48 3.09 -21.13
C GLU D 389 -42.14 3.59 -21.66
N VAL D 390 -41.07 2.80 -21.51
CA VAL D 390 -39.77 3.19 -22.03
C VAL D 390 -39.78 3.23 -23.57
N LEU D 391 -40.45 2.26 -24.20
CA LEU D 391 -40.57 2.24 -25.65
C LEU D 391 -41.46 3.37 -26.16
N ARG D 392 -42.47 3.77 -25.38
CA ARG D 392 -43.30 4.89 -25.77
C ARG D 392 -42.64 6.23 -25.52
N ILE D 393 -41.71 6.32 -24.57
CA ILE D 393 -41.04 7.58 -24.31
C ILE D 393 -39.88 7.80 -25.28
N HIS D 394 -39.08 6.76 -25.54
CA HIS D 394 -37.93 6.93 -26.43
C HIS D 394 -38.32 7.04 -27.90
N THR D 395 -39.52 6.62 -28.27
CA THR D 395 -39.99 6.72 -29.66
C THR D 395 -41.03 7.82 -29.83
N LYS D 396 -40.90 8.93 -29.11
CA LYS D 396 -41.82 10.05 -29.23
C LYS D 396 -41.28 11.17 -30.12
N ASN D 397 -39.99 11.11 -30.50
CA ASN D 397 -39.39 12.13 -31.34
C ASN D 397 -38.97 11.59 -32.70
N MET D 398 -39.27 10.33 -33.00
CA MET D 398 -38.96 9.73 -34.29
C MET D 398 -40.25 9.30 -34.97
N LYS D 399 -40.54 9.90 -36.12
CA LYS D 399 -41.68 9.52 -36.94
C LYS D 399 -41.35 8.19 -37.59
N LEU D 400 -41.69 7.08 -36.91
CA LEU D 400 -41.26 5.73 -37.38
C LEU D 400 -42.16 5.06 -38.43
N ALA D 401 -43.47 4.96 -38.18
CA ALA D 401 -44.38 4.29 -39.11
C ALA D 401 -45.81 4.55 -38.64
N ASP D 402 -46.76 3.86 -39.27
CA ASP D 402 -48.16 3.88 -38.85
C ASP D 402 -48.71 2.48 -38.58
N ASP D 403 -48.04 1.43 -39.08
CA ASP D 403 -48.51 0.07 -38.90
C ASP D 403 -47.55 -0.72 -38.00
N VAL D 404 -47.07 -0.08 -36.94
CA VAL D 404 -46.11 -0.68 -36.02
C VAL D 404 -46.70 -0.61 -34.60
N ASP D 405 -46.46 -1.65 -33.81
CA ASP D 405 -46.91 -1.71 -32.43
C ASP D 405 -45.73 -1.76 -31.48
N LEU D 406 -45.99 -1.36 -30.24
CA LEU D 406 -44.99 -1.40 -29.18
C LEU D 406 -45.31 -2.38 -28.06
N GLU D 407 -46.54 -2.91 -28.01
CA GLU D 407 -46.90 -3.87 -26.98
C GLU D 407 -46.19 -5.20 -27.20
N ALA D 408 -46.15 -5.68 -28.44
CA ALA D 408 -45.43 -6.91 -28.75
C ALA D 408 -43.92 -6.71 -28.64
N LEU D 409 -43.44 -5.50 -28.92
CA LEU D 409 -42.01 -5.21 -28.76
C LEU D 409 -41.62 -5.17 -27.29
N ALA D 410 -42.52 -4.74 -26.42
CA ALA D 410 -42.25 -4.76 -24.99
C ALA D 410 -42.41 -6.16 -24.41
N ALA D 411 -43.34 -6.94 -24.97
CA ALA D 411 -43.58 -8.28 -24.45
C ALA D 411 -42.58 -9.31 -24.98
N GLU D 412 -41.88 -8.99 -26.06
CA GLU D 412 -40.92 -9.95 -26.61
C GLU D 412 -39.65 -10.01 -25.77
N THR D 413 -39.07 -8.86 -25.44
CA THR D 413 -37.83 -8.83 -24.66
C THR D 413 -38.14 -9.07 -23.18
N HIS D 414 -37.13 -9.57 -22.46
CA HIS D 414 -37.29 -9.92 -21.06
C HIS D 414 -36.17 -9.36 -20.19
N GLY D 415 -34.95 -9.25 -20.72
CA GLY D 415 -33.83 -8.83 -19.90
C GLY D 415 -33.30 -7.45 -20.21
N TYR D 416 -34.09 -6.64 -20.92
CA TYR D 416 -33.66 -5.30 -21.30
C TYR D 416 -33.95 -4.34 -20.15
N VAL D 417 -32.89 -3.81 -19.53
CA VAL D 417 -33.03 -2.87 -18.43
C VAL D 417 -32.47 -1.51 -18.85
N GLY D 418 -33.31 -0.48 -18.78
CA GLY D 418 -32.89 0.89 -18.98
C GLY D 418 -32.39 1.27 -20.35
N ALA D 419 -31.08 1.47 -20.47
CA ALA D 419 -30.49 2.00 -21.69
C ALA D 419 -30.39 0.97 -22.81
N ASP D 420 -30.70 -0.30 -22.52
CA ASP D 420 -30.64 -1.32 -23.56
C ASP D 420 -31.73 -1.14 -24.60
N ILE D 421 -32.89 -0.62 -24.19
CA ILE D 421 -33.95 -0.32 -25.15
C ILE D 421 -33.59 0.91 -25.99
N ALA D 422 -32.85 1.86 -25.40
CA ALA D 422 -32.35 2.99 -26.19
C ALA D 422 -31.31 2.54 -27.19
N SER D 423 -30.46 1.57 -26.80
CA SER D 423 -29.53 0.96 -27.75
C SER D 423 -30.26 0.18 -28.83
N LEU D 424 -31.37 -0.46 -28.48
CA LEU D 424 -32.22 -1.14 -29.46
C LEU D 424 -32.78 -0.17 -30.48
N CYS D 425 -33.30 0.97 -30.01
CA CYS D 425 -33.86 1.98 -30.91
C CYS D 425 -32.79 2.62 -31.78
N SER D 426 -31.60 2.87 -31.21
CA SER D 426 -30.50 3.43 -31.99
C SER D 426 -29.99 2.44 -33.04
N GLU D 427 -29.94 1.15 -32.70
CA GLU D 427 -29.50 0.15 -33.67
C GLU D 427 -30.53 -0.06 -34.76
N ALA D 428 -31.82 0.04 -34.43
CA ALA D 428 -32.86 -0.04 -35.45
C ALA D 428 -32.83 1.16 -36.38
N ALA D 429 -32.57 2.36 -35.83
CA ALA D 429 -32.46 3.55 -36.67
C ALA D 429 -31.22 3.49 -37.56
N MET D 430 -30.11 2.98 -37.03
CA MET D 430 -28.90 2.82 -37.85
C MET D 430 -29.07 1.75 -38.92
N GLN D 431 -29.82 0.68 -38.62
CA GLN D 431 -30.12 -0.33 -39.63
C GLN D 431 -31.01 0.24 -40.73
N GLN D 432 -31.98 1.09 -40.36
CA GLN D 432 -32.82 1.74 -41.36
C GLN D 432 -32.02 2.71 -42.23
N ILE D 433 -31.09 3.46 -41.61
CA ILE D 433 -30.25 4.39 -42.37
C ILE D 433 -29.33 3.63 -43.31
N ARG D 434 -28.78 2.49 -42.86
CA ARG D 434 -27.95 1.66 -43.73
C ARG D 434 -28.76 1.00 -44.83
N GLU D 435 -30.04 0.68 -44.58
CA GLU D 435 -30.88 0.11 -45.61
C GLU D 435 -31.29 1.14 -46.65
N LYS D 436 -31.45 2.40 -46.25
CA LYS D 436 -31.78 3.48 -47.17
C LYS D 436 -30.54 4.24 -47.64
N MET D 437 -29.42 3.54 -47.78
CA MET D 437 -28.15 4.13 -48.17
C MET D 437 -27.63 3.64 -49.52
N ASP D 438 -27.88 2.37 -49.86
CA ASP D 438 -27.31 1.78 -51.06
C ASP D 438 -28.24 1.78 -52.26
N LEU D 439 -29.53 2.10 -52.06
CA LEU D 439 -30.47 2.07 -53.18
C LEU D 439 -30.33 3.31 -54.06
N ILE D 440 -30.16 4.48 -53.44
CA ILE D 440 -29.99 5.73 -54.17
C ILE D 440 -28.68 6.37 -53.72
N ASP D 441 -28.30 7.43 -54.42
CA ASP D 441 -27.12 8.20 -54.03
C ASP D 441 -27.42 9.02 -52.79
N LEU D 442 -26.40 9.20 -51.96
CA LEU D 442 -26.56 9.90 -50.70
C LEU D 442 -26.62 11.41 -50.85
N ASP D 443 -26.24 11.95 -52.02
CA ASP D 443 -26.15 13.38 -52.29
C ASP D 443 -25.23 14.08 -51.28
N GLU D 444 -23.95 13.72 -51.37
CA GLU D 444 -22.89 13.98 -50.38
C GLU D 444 -22.69 15.46 -50.04
N ASP D 445 -23.16 16.41 -50.86
CA ASP D 445 -23.10 17.80 -50.45
C ASP D 445 -24.24 18.17 -49.50
N GLU D 446 -25.47 17.76 -49.83
CA GLU D 446 -26.64 17.93 -48.99
C GLU D 446 -27.73 17.00 -49.49
N ILE D 447 -28.37 16.29 -48.56
CA ILE D 447 -29.36 15.30 -48.93
C ILE D 447 -30.64 16.00 -49.38
N ASP D 448 -31.17 15.58 -50.53
CA ASP D 448 -32.37 16.18 -51.09
C ASP D 448 -33.60 15.89 -50.23
N ALA D 449 -34.60 16.76 -50.36
CA ALA D 449 -35.79 16.70 -49.51
C ALA D 449 -36.79 15.65 -49.94
N GLU D 450 -36.58 14.98 -51.08
CA GLU D 450 -37.51 13.96 -51.54
C GLU D 450 -37.40 12.66 -50.74
N VAL D 451 -36.31 12.47 -50.00
CA VAL D 451 -36.15 11.27 -49.19
C VAL D 451 -36.08 11.59 -47.69
N LEU D 452 -35.83 12.85 -47.31
CA LEU D 452 -35.79 13.23 -45.90
C LEU D 452 -37.15 13.18 -45.24
N ASP D 453 -38.23 13.48 -45.98
CA ASP D 453 -39.57 13.35 -45.41
C ASP D 453 -40.05 11.90 -45.43
N SER D 454 -39.73 11.15 -46.47
CA SER D 454 -40.13 9.75 -46.58
C SER D 454 -39.03 8.81 -46.09
N LEU D 455 -38.55 9.01 -44.87
CA LEU D 455 -37.57 8.10 -44.30
C LEU D 455 -38.25 6.86 -43.72
N GLY D 456 -39.05 7.04 -42.68
CA GLY D 456 -39.74 5.94 -42.03
C GLY D 456 -38.85 4.99 -41.23
N VAL D 457 -39.45 4.29 -40.27
CA VAL D 457 -38.77 3.21 -39.56
C VAL D 457 -39.76 2.04 -39.54
N THR D 458 -39.46 1.00 -40.30
CA THR D 458 -40.35 -0.15 -40.38
C THR D 458 -40.13 -1.10 -39.19
N MET D 459 -41.03 -2.07 -39.08
CA MET D 459 -40.91 -3.06 -38.01
C MET D 459 -39.82 -4.08 -38.29
N ASP D 460 -39.38 -4.21 -39.54
CA ASP D 460 -38.31 -5.15 -39.88
C ASP D 460 -36.97 -4.70 -39.28
N ASN D 461 -36.74 -3.39 -39.20
CA ASN D 461 -35.53 -2.89 -38.55
C ASN D 461 -35.57 -3.16 -37.05
N PHE D 462 -36.75 -3.06 -36.45
CA PHE D 462 -36.89 -3.39 -35.03
C PHE D 462 -36.70 -4.87 -34.77
N ARG D 463 -37.17 -5.72 -35.70
CA ARG D 463 -36.93 -7.16 -35.57
C ARG D 463 -35.46 -7.51 -35.77
N PHE D 464 -34.77 -6.80 -36.67
CA PHE D 464 -33.34 -7.01 -36.87
C PHE D 464 -32.56 -6.59 -35.63
N ALA D 465 -32.92 -5.45 -35.03
CA ALA D 465 -32.26 -4.99 -33.83
C ALA D 465 -32.57 -5.88 -32.64
N LEU D 466 -33.76 -6.47 -32.59
CA LEU D 466 -34.15 -7.37 -31.52
C LEU D 466 -33.49 -8.74 -31.65
N GLY D 467 -33.23 -9.19 -32.88
CA GLY D 467 -32.51 -10.44 -33.07
C GLY D 467 -31.00 -10.30 -33.04
N ASN D 468 -30.48 -9.08 -33.17
CA ASN D 468 -29.04 -8.88 -33.19
C ASN D 468 -28.56 -7.99 -32.05
N SER D 469 -29.07 -8.23 -30.84
CA SER D 469 -28.59 -7.51 -29.66
C SER D 469 -28.66 -8.45 -28.47
N ASN D 470 -28.23 -7.93 -27.31
CA ASN D 470 -28.18 -8.70 -26.08
C ASN D 470 -28.42 -7.77 -24.90
N PRO D 471 -28.94 -8.30 -23.79
CA PRO D 471 -28.97 -7.50 -22.55
C PRO D 471 -27.55 -7.21 -22.07
N SER D 472 -27.39 -6.03 -21.44
CA SER D 472 -26.08 -5.59 -20.97
C SER D 472 -25.57 -6.40 -19.78
N ALA D 473 -26.46 -7.01 -19.00
CA ALA D 473 -26.01 -7.79 -17.86
C ALA D 473 -25.51 -9.17 -18.30
N LEU D 474 -26.01 -9.67 -19.44
CA LEU D 474 -25.67 -10.99 -19.94
C LEU D 474 -24.70 -10.93 -21.12
N ARG D 475 -23.85 -9.92 -21.18
CA ARG D 475 -22.89 -9.80 -22.27
C ARG D 475 -21.66 -10.67 -22.08
N GLU D 476 -21.30 -10.98 -20.83
CA GLU D 476 -20.16 -11.85 -20.58
C GLU D 476 -20.47 -13.30 -20.89
N THR D 477 -21.74 -13.69 -20.84
CA THR D 477 -22.18 -15.05 -21.14
C THR D 477 -23.05 -15.06 -22.40
N VAL D 478 -22.64 -14.32 -23.42
CA VAL D 478 -23.39 -14.23 -24.67
C VAL D 478 -23.30 -15.56 -25.43
N VAL D 479 -24.42 -15.96 -26.04
CA VAL D 479 -24.47 -17.15 -26.86
C VAL D 479 -24.11 -16.77 -28.30
N GLU D 480 -23.32 -17.61 -28.95
CA GLU D 480 -22.90 -17.32 -30.32
C GLU D 480 -24.03 -17.59 -31.31
N SER D 481 -23.87 -17.08 -32.53
CA SER D 481 -24.93 -17.09 -33.53
C SER D 481 -25.03 -18.47 -34.17
N VAL D 482 -25.67 -19.39 -33.46
CA VAL D 482 -26.01 -20.70 -33.99
C VAL D 482 -27.45 -20.67 -34.48
N ASN D 483 -27.68 -21.25 -35.66
CA ASN D 483 -28.97 -21.09 -36.35
C ASN D 483 -29.53 -22.46 -36.70
N VAL D 484 -30.44 -22.96 -35.87
CA VAL D 484 -31.26 -24.12 -36.18
C VAL D 484 -32.72 -23.67 -36.16
N THR D 485 -33.61 -24.60 -36.51
CA THR D 485 -35.04 -24.32 -36.57
C THR D 485 -35.77 -25.52 -35.97
N TRP D 486 -37.01 -25.31 -35.54
CA TRP D 486 -37.76 -26.36 -34.84
C TRP D 486 -38.08 -27.54 -35.74
N ASP D 487 -38.24 -27.32 -37.04
CA ASP D 487 -38.49 -28.43 -37.95
C ASP D 487 -37.20 -29.05 -38.48
N ASP D 488 -36.03 -28.50 -38.15
CA ASP D 488 -34.76 -29.03 -38.59
C ASP D 488 -34.33 -30.27 -37.81
N VAL D 489 -34.95 -30.54 -36.67
CA VAL D 489 -34.67 -31.73 -35.88
C VAL D 489 -35.74 -32.78 -36.24
N GLY D 490 -35.29 -33.96 -36.64
CA GLY D 490 -36.21 -35.02 -37.00
C GLY D 490 -36.60 -35.88 -35.81
N GLY D 491 -37.86 -36.31 -35.83
CA GLY D 491 -38.38 -37.14 -34.75
C GLY D 491 -38.56 -36.36 -33.45
N LEU D 492 -38.80 -37.14 -32.39
CA LEU D 492 -38.98 -36.63 -31.02
C LEU D 492 -40.11 -35.59 -30.94
N ASP D 493 -41.26 -35.92 -31.53
CA ASP D 493 -42.35 -34.97 -31.64
C ASP D 493 -43.02 -34.71 -30.28
N GLU D 494 -43.23 -35.75 -29.49
CA GLU D 494 -43.84 -35.57 -28.18
C GLU D 494 -42.86 -34.87 -27.22
N ILE D 495 -41.56 -35.14 -27.38
CA ILE D 495 -40.55 -34.46 -26.57
C ILE D 495 -40.47 -32.98 -26.92
N LYS D 496 -40.55 -32.66 -28.22
CA LYS D 496 -40.55 -31.28 -28.66
C LYS D 496 -41.81 -30.54 -28.22
N GLU D 497 -42.96 -31.23 -28.25
CA GLU D 497 -44.20 -30.61 -27.81
C GLU D 497 -44.20 -30.35 -26.31
N GLU D 498 -43.70 -31.32 -25.52
CA GLU D 498 -43.64 -31.14 -24.08
C GLU D 498 -42.63 -30.06 -23.69
N LEU D 499 -41.50 -29.99 -24.41
CA LEU D 499 -40.51 -28.95 -24.13
C LEU D 499 -41.04 -27.56 -24.51
N LYS D 500 -41.74 -27.46 -25.64
CA LYS D 500 -42.34 -26.20 -26.04
C LYS D 500 -43.41 -25.76 -25.05
N GLU D 501 -44.18 -26.72 -24.53
CA GLU D 501 -45.18 -26.42 -23.50
C GLU D 501 -44.51 -25.89 -22.23
N THR D 502 -43.54 -26.65 -21.70
CA THR D 502 -42.92 -26.29 -20.42
C THR D 502 -41.99 -25.08 -20.53
N VAL D 503 -41.66 -24.63 -21.74
CA VAL D 503 -40.92 -23.37 -21.87
C VAL D 503 -41.88 -22.21 -22.09
N GLU D 504 -42.81 -22.35 -23.05
CA GLU D 504 -43.61 -21.23 -23.51
C GLU D 504 -44.92 -21.05 -22.74
N TYR D 505 -45.21 -21.88 -21.75
CA TYR D 505 -46.42 -21.62 -20.96
C TYR D 505 -46.26 -20.50 -19.92
N PRO D 506 -45.28 -20.48 -19.01
CA PRO D 506 -45.28 -19.40 -18.01
C PRO D 506 -44.76 -18.06 -18.51
N VAL D 507 -44.09 -18.02 -19.67
CA VAL D 507 -43.59 -16.75 -20.18
C VAL D 507 -44.59 -16.06 -21.10
N LEU D 508 -45.62 -16.77 -21.55
CA LEU D 508 -46.64 -16.19 -22.42
C LEU D 508 -47.99 -16.03 -21.74
N HIS D 509 -48.39 -16.98 -20.88
CA HIS D 509 -49.66 -16.93 -20.17
C HIS D 509 -49.42 -17.04 -18.67
N PRO D 510 -49.08 -15.93 -17.99
CA PRO D 510 -48.93 -16.00 -16.53
C PRO D 510 -50.25 -15.82 -15.80
N ASP D 511 -51.29 -15.39 -16.55
CA ASP D 511 -52.58 -15.12 -15.94
C ASP D 511 -53.28 -16.39 -15.47
N GLN D 512 -53.13 -17.48 -16.22
CA GLN D 512 -53.70 -18.76 -15.79
C GLN D 512 -52.97 -19.31 -14.57
N TYR D 513 -51.65 -19.07 -14.49
CA TYR D 513 -50.88 -19.52 -13.34
C TYR D 513 -51.22 -18.70 -12.09
N THR D 514 -51.48 -17.40 -12.26
CA THR D 514 -51.93 -16.60 -11.11
C THR D 514 -53.39 -16.88 -10.75
N LYS D 515 -54.21 -17.35 -11.71
CA LYS D 515 -55.56 -17.75 -11.39
C LYS D 515 -55.57 -19.06 -10.60
N PHE D 516 -54.76 -20.03 -11.01
CA PHE D 516 -54.63 -21.26 -10.25
C PHE D 516 -53.76 -21.10 -9.00
N GLY D 517 -52.96 -20.04 -8.94
CA GLY D 517 -52.17 -19.76 -7.76
C GLY D 517 -51.01 -20.70 -7.50
N LEU D 518 -50.43 -21.26 -8.56
CA LEU D 518 -49.34 -22.22 -8.43
C LEU D 518 -48.17 -21.79 -9.29
N SER D 519 -46.97 -22.23 -8.90
CA SER D 519 -45.71 -21.99 -9.59
C SER D 519 -45.50 -23.03 -10.68
N PRO D 520 -44.94 -22.65 -11.83
CA PRO D 520 -44.77 -23.62 -12.92
C PRO D 520 -43.59 -24.56 -12.70
N SER D 521 -43.46 -25.57 -13.57
CA SER D 521 -42.31 -26.46 -13.54
C SER D 521 -41.12 -25.78 -14.21
N LYS D 522 -39.92 -26.15 -13.75
CA LYS D 522 -38.71 -25.46 -14.18
C LYS D 522 -37.74 -26.36 -14.94
N GLY D 523 -37.38 -27.52 -14.40
CA GLY D 523 -36.27 -28.27 -14.92
C GLY D 523 -36.64 -29.47 -15.77
N VAL D 524 -35.75 -29.80 -16.71
CA VAL D 524 -35.81 -31.02 -17.49
C VAL D 524 -34.42 -31.66 -17.46
N LEU D 525 -34.36 -32.92 -17.90
CA LEU D 525 -33.09 -33.65 -17.90
C LEU D 525 -33.14 -34.68 -19.02
N PHE D 526 -32.39 -34.42 -20.09
CA PHE D 526 -32.29 -35.36 -21.21
C PHE D 526 -31.14 -36.31 -20.96
N TYR D 527 -31.44 -37.61 -20.93
CA TYR D 527 -30.43 -38.64 -20.74
C TYR D 527 -30.65 -39.75 -21.77
N GLY D 528 -29.55 -40.33 -22.24
CA GLY D 528 -29.61 -41.39 -23.22
C GLY D 528 -28.30 -41.58 -23.96
N PRO D 529 -28.36 -42.15 -25.15
CA PRO D 529 -27.14 -42.39 -25.94
C PRO D 529 -26.61 -41.10 -26.53
N PRO D 530 -25.31 -41.03 -26.81
CA PRO D 530 -24.77 -39.84 -27.47
C PRO D 530 -25.16 -39.79 -28.94
N GLY D 531 -25.38 -38.58 -29.44
CA GLY D 531 -25.80 -38.38 -30.81
C GLY D 531 -27.26 -38.73 -31.03
N THR D 532 -28.13 -38.10 -30.24
CA THR D 532 -29.57 -38.34 -30.33
C THR D 532 -30.38 -37.07 -30.46
N GLY D 533 -29.88 -35.91 -30.03
CA GLY D 533 -30.61 -34.68 -30.18
C GLY D 533 -30.72 -33.82 -28.94
N LYS D 534 -29.93 -34.13 -27.91
CA LYS D 534 -29.99 -33.36 -26.66
C LYS D 534 -29.44 -31.95 -26.85
N THR D 535 -28.22 -31.85 -27.38
CA THR D 535 -27.64 -30.54 -27.69
C THR D 535 -28.38 -29.86 -28.84
N LEU D 536 -28.97 -30.66 -29.74
CA LEU D 536 -29.78 -30.07 -30.80
C LEU D 536 -31.08 -29.49 -30.25
N LEU D 537 -31.67 -30.15 -29.24
CA LEU D 537 -32.83 -29.57 -28.58
C LEU D 537 -32.45 -28.34 -27.75
N ALA D 538 -31.23 -28.32 -27.20
CA ALA D 538 -30.75 -27.13 -26.51
C ALA D 538 -30.58 -25.97 -27.48
N LYS D 539 -30.07 -26.24 -28.68
CA LYS D 539 -29.95 -25.20 -29.70
C LYS D 539 -31.32 -24.74 -30.19
N ALA D 540 -32.28 -25.67 -30.28
CA ALA D 540 -33.63 -25.33 -30.72
C ALA D 540 -34.35 -24.48 -29.68
N VAL D 541 -34.04 -24.70 -28.40
CA VAL D 541 -34.51 -23.79 -27.36
C VAL D 541 -33.79 -22.46 -27.49
N ALA D 542 -32.49 -22.48 -27.81
CA ALA D 542 -31.71 -21.25 -27.83
C ALA D 542 -32.06 -20.34 -28.99
N THR D 543 -32.65 -20.86 -30.07
CA THR D 543 -32.76 -20.04 -31.28
C THR D 543 -34.05 -19.20 -31.32
N GLU D 544 -35.20 -19.77 -30.93
CA GLU D 544 -36.45 -19.06 -31.17
C GLU D 544 -37.45 -19.18 -30.01
N VAL D 545 -37.00 -19.01 -28.77
CA VAL D 545 -37.94 -18.81 -27.68
C VAL D 545 -37.80 -17.38 -27.18
N SER D 546 -38.74 -16.94 -26.34
CA SER D 546 -38.72 -15.57 -25.84
C SER D 546 -37.67 -15.34 -24.77
N ALA D 547 -37.40 -16.35 -23.94
CA ALA D 547 -36.48 -16.18 -22.82
C ALA D 547 -35.04 -16.14 -23.31
N ASN D 548 -34.20 -15.44 -22.55
CA ASN D 548 -32.79 -15.32 -22.89
C ASN D 548 -32.06 -16.63 -22.59
N PHE D 549 -31.02 -16.90 -23.38
CA PHE D 549 -30.26 -18.14 -23.27
C PHE D 549 -28.90 -17.84 -22.67
N ILE D 550 -28.59 -18.50 -21.55
CA ILE D 550 -27.30 -18.38 -20.88
C ILE D 550 -26.68 -19.77 -20.91
N SER D 551 -25.82 -20.02 -21.89
CA SER D 551 -25.18 -21.32 -22.03
C SER D 551 -23.99 -21.44 -21.09
N VAL D 552 -23.73 -22.66 -20.65
CA VAL D 552 -22.61 -22.94 -19.75
C VAL D 552 -22.14 -24.37 -20.00
N LYS D 553 -20.83 -24.57 -20.03
CA LYS D 553 -20.26 -25.89 -20.23
C LYS D 553 -20.10 -26.57 -18.87
N GLY D 554 -19.57 -27.80 -18.87
CA GLY D 554 -19.44 -28.55 -17.65
C GLY D 554 -18.37 -28.04 -16.70
N PRO D 555 -17.09 -28.20 -17.08
CA PRO D 555 -16.01 -27.72 -16.21
C PRO D 555 -15.62 -26.27 -16.47
N GLU D 556 -16.48 -25.52 -17.16
CA GLU D 556 -16.16 -24.13 -17.51
C GLU D 556 -16.15 -23.20 -16.31
N LEU D 557 -16.92 -23.51 -15.26
CA LEU D 557 -17.03 -22.62 -14.11
C LEU D 557 -16.08 -22.99 -12.97
N LEU D 558 -15.34 -24.10 -13.09
CA LEU D 558 -14.41 -24.48 -12.04
C LEU D 558 -13.16 -23.61 -12.11
N SER D 559 -12.46 -23.54 -10.98
CA SER D 559 -11.27 -22.68 -10.88
C SER D 559 -10.30 -23.28 -9.88
N MET D 560 -9.12 -22.67 -9.80
CA MET D 560 -8.05 -23.19 -8.95
C MET D 560 -8.26 -22.79 -7.49
N TRP D 561 -8.70 -21.56 -7.25
CA TRP D 561 -8.71 -20.99 -5.91
C TRP D 561 -9.85 -21.57 -5.08
N TYR D 562 -9.84 -21.23 -3.79
CA TYR D 562 -10.78 -21.78 -2.82
C TYR D 562 -12.05 -20.96 -2.85
N GLY D 563 -13.11 -21.50 -3.45
CA GLY D 563 -14.40 -20.85 -3.49
C GLY D 563 -14.72 -20.09 -4.75
N GLU D 564 -13.79 -20.04 -5.71
CA GLU D 564 -14.04 -19.30 -6.95
C GLU D 564 -15.03 -20.01 -7.85
N SER D 565 -15.08 -21.35 -7.80
CA SER D 565 -16.08 -22.08 -8.57
C SER D 565 -17.48 -21.84 -8.03
N GLU D 566 -17.62 -21.82 -6.70
CA GLU D 566 -18.91 -21.51 -6.09
C GLU D 566 -19.29 -20.05 -6.30
N SER D 567 -18.30 -19.15 -6.35
CA SER D 567 -18.57 -17.75 -6.69
C SER D 567 -19.04 -17.62 -8.13
N ASN D 568 -18.47 -18.41 -9.04
CA ASN D 568 -18.92 -18.38 -10.43
C ASN D 568 -20.33 -18.96 -10.58
N ILE D 569 -20.65 -20.00 -9.79
CA ILE D 569 -22.00 -20.57 -9.77
C ILE D 569 -23.00 -19.54 -9.26
N ARG D 570 -22.66 -18.85 -8.16
CA ARG D 570 -23.52 -17.80 -7.62
C ARG D 570 -23.69 -16.64 -8.58
N ASP D 571 -22.61 -16.28 -9.30
CA ASP D 571 -22.68 -15.19 -10.26
C ASP D 571 -23.54 -15.54 -11.47
N ILE D 572 -23.41 -16.75 -12.01
CA ILE D 572 -24.21 -17.12 -13.18
C ILE D 572 -25.67 -17.34 -12.78
N PHE D 573 -25.92 -17.76 -11.54
CA PHE D 573 -27.31 -17.93 -11.12
C PHE D 573 -27.95 -16.59 -10.76
N ASP D 574 -27.17 -15.63 -10.25
CA ASP D 574 -27.68 -14.28 -10.07
C ASP D 574 -27.93 -13.58 -11.40
N LYS D 575 -27.10 -13.87 -12.41
CA LYS D 575 -27.36 -13.34 -13.75
C LYS D 575 -28.56 -14.01 -14.39
N ALA D 576 -28.84 -15.26 -14.04
CA ALA D 576 -30.03 -15.95 -14.55
C ALA D 576 -31.29 -15.40 -13.91
N ARG D 577 -31.33 -15.34 -12.58
CA ARG D 577 -32.53 -14.89 -11.88
C ARG D 577 -32.66 -13.37 -11.82
N ALA D 578 -31.66 -12.62 -12.27
CA ALA D 578 -31.76 -11.16 -12.26
C ALA D 578 -32.61 -10.67 -13.42
N ALA D 579 -32.19 -10.97 -14.65
CA ALA D 579 -32.93 -10.57 -15.85
C ALA D 579 -33.88 -11.67 -16.30
N ALA D 580 -34.71 -12.14 -15.36
CA ALA D 580 -35.67 -13.23 -15.58
C ALA D 580 -36.78 -12.79 -16.53
N PRO D 581 -37.32 -13.72 -17.34
CA PRO D 581 -37.00 -15.14 -17.50
C PRO D 581 -35.80 -15.46 -18.40
N THR D 582 -34.88 -16.26 -17.87
CA THR D 582 -33.81 -16.86 -18.65
C THR D 582 -33.93 -18.39 -18.57
N VAL D 583 -33.20 -19.06 -19.45
CA VAL D 583 -33.12 -20.51 -19.47
C VAL D 583 -31.64 -20.89 -19.45
N VAL D 584 -31.29 -21.82 -18.57
CA VAL D 584 -29.89 -22.20 -18.33
C VAL D 584 -29.69 -23.63 -18.82
N PHE D 585 -28.69 -23.83 -19.67
CA PHE D 585 -28.36 -25.15 -20.20
C PHE D 585 -27.18 -25.71 -19.40
N LEU D 586 -27.49 -26.42 -18.31
CA LEU D 586 -26.46 -27.03 -17.48
C LEU D 586 -25.98 -28.31 -18.17
N ASP D 587 -24.89 -28.19 -18.91
CA ASP D 587 -24.33 -29.33 -19.63
C ASP D 587 -23.33 -30.08 -18.75
N GLU D 588 -23.24 -31.39 -18.97
CA GLU D 588 -22.29 -32.31 -18.33
C GLU D 588 -22.46 -32.31 -16.80
N LEU D 589 -23.63 -32.77 -16.39
CA LEU D 589 -23.90 -33.00 -14.97
C LEU D 589 -23.08 -34.17 -14.42
N ASP D 590 -22.55 -35.04 -15.29
CA ASP D 590 -21.55 -36.01 -14.85
C ASP D 590 -20.27 -35.32 -14.39
N SER D 591 -19.90 -34.23 -15.03
CA SER D 591 -18.73 -33.46 -14.63
C SER D 591 -19.02 -32.54 -13.46
N ILE D 592 -20.23 -31.98 -13.39
CA ILE D 592 -20.52 -31.02 -12.34
C ILE D 592 -20.95 -31.70 -11.04
N ALA D 593 -21.93 -32.60 -11.11
CA ALA D 593 -22.54 -33.15 -9.89
C ALA D 593 -21.71 -34.27 -9.29
N LYS D 594 -21.50 -35.35 -10.05
CA LYS D 594 -20.67 -36.52 -9.74
C LYS D 594 -21.21 -37.37 -8.58
N ALA D 595 -22.38 -37.03 -8.01
CA ALA D 595 -23.11 -37.82 -7.01
C ALA D 595 -22.29 -38.12 -5.77
N ARG D 596 -22.03 -37.08 -4.96
CA ARG D 596 -20.88 -36.88 -4.07
C ARG D 596 -20.31 -38.11 -3.36
N GLY D 597 -21.11 -38.72 -2.49
CA GLY D 597 -20.63 -39.87 -1.72
C GLY D 597 -19.51 -39.48 -0.78
N GLY D 598 -18.35 -40.10 -1.01
CA GLY D 598 -17.14 -39.76 -0.28
C GLY D 598 -15.90 -40.22 -1.03
N SER D 599 -14.92 -39.31 -1.20
CA SER D 599 -13.70 -39.64 -1.93
C SER D 599 -12.43 -39.31 -1.16
N LEU D 600 -12.56 -38.62 -0.02
CA LEU D 600 -11.42 -38.24 0.86
C LEU D 600 -10.34 -37.44 0.11
N GLY D 601 -10.71 -36.35 -0.57
CA GLY D 601 -9.78 -35.55 -1.33
C GLY D 601 -10.28 -34.15 -1.55
N ASP D 602 -9.39 -33.29 -2.06
CA ASP D 602 -9.75 -31.92 -2.38
C ASP D 602 -10.71 -31.83 -3.56
N ALA D 603 -10.60 -32.74 -4.53
CA ALA D 603 -11.55 -32.78 -5.63
C ALA D 603 -12.94 -33.17 -5.14
N GLY D 604 -13.00 -34.10 -4.19
CA GLY D 604 -14.28 -34.45 -3.59
C GLY D 604 -14.85 -33.33 -2.74
N GLY D 605 -13.98 -32.59 -2.05
CA GLY D 605 -14.44 -31.45 -1.28
C GLY D 605 -14.99 -30.33 -2.15
N ALA D 606 -14.30 -30.04 -3.26
CA ALA D 606 -14.79 -29.06 -4.22
C ALA D 606 -16.07 -29.52 -4.90
N SER D 607 -16.19 -30.83 -5.15
CA SER D 607 -17.42 -31.36 -5.73
C SER D 607 -18.60 -31.24 -4.76
N ASP D 608 -18.37 -31.54 -3.48
CA ASP D 608 -19.40 -31.35 -2.46
C ASP D 608 -19.79 -29.88 -2.32
N ARG D 609 -18.81 -28.98 -2.38
CA ARG D 609 -19.11 -27.55 -2.28
C ARG D 609 -19.90 -27.04 -3.48
N VAL D 610 -19.54 -27.45 -4.70
CA VAL D 610 -20.29 -26.98 -5.86
C VAL D 610 -21.67 -27.63 -5.96
N VAL D 611 -21.82 -28.86 -5.43
CA VAL D 611 -23.14 -29.50 -5.45
C VAL D 611 -24.06 -28.82 -4.44
N ASN D 612 -23.55 -28.52 -3.24
CA ASN D 612 -24.36 -27.83 -2.25
C ASN D 612 -24.64 -26.39 -2.65
N GLN D 613 -23.73 -25.76 -3.39
CA GLN D 613 -24.02 -24.44 -3.95
C GLN D 613 -25.11 -24.51 -5.01
N LEU D 614 -25.11 -25.55 -5.83
CA LEU D 614 -26.21 -25.74 -6.79
C LEU D 614 -27.53 -26.02 -6.07
N LEU D 615 -27.46 -26.74 -4.93
CA LEU D 615 -28.68 -27.06 -4.19
C LEU D 615 -29.25 -25.82 -3.51
N THR D 616 -28.40 -24.92 -3.04
CA THR D 616 -28.85 -23.67 -2.44
C THR D 616 -29.14 -22.59 -3.47
N GLU D 617 -28.73 -22.76 -4.71
CA GLU D 617 -29.04 -21.79 -5.75
C GLU D 617 -30.25 -22.16 -6.60
N MET D 618 -30.50 -23.45 -6.83
CA MET D 618 -31.66 -23.84 -7.63
C MET D 618 -32.95 -23.76 -6.83
N ASP D 619 -32.97 -24.38 -5.65
CA ASP D 619 -34.10 -24.30 -4.74
C ASP D 619 -33.53 -23.94 -3.36
N GLY D 620 -33.43 -22.65 -3.09
CA GLY D 620 -32.97 -22.16 -1.81
C GLY D 620 -33.85 -21.04 -1.31
N MET D 621 -33.28 -20.10 -0.57
CA MET D 621 -34.04 -18.97 -0.06
C MET D 621 -33.85 -17.80 -1.02
N ASN D 622 -34.52 -17.90 -2.16
CA ASN D 622 -34.51 -16.86 -3.19
C ASN D 622 -35.95 -16.54 -3.56
N ALA D 623 -36.12 -15.74 -4.61
CA ALA D 623 -37.45 -15.38 -5.09
C ALA D 623 -38.03 -16.41 -6.06
N LYS D 624 -37.16 -17.26 -6.64
CA LYS D 624 -37.45 -18.26 -7.69
C LYS D 624 -38.48 -17.79 -8.72
N LYS D 625 -38.17 -16.63 -9.32
CA LYS D 625 -39.05 -16.01 -10.31
C LYS D 625 -39.19 -16.85 -11.57
N ASN D 626 -38.09 -17.01 -12.32
CA ASN D 626 -38.12 -17.82 -13.55
C ASN D 626 -36.69 -18.27 -13.83
N VAL D 627 -36.37 -19.51 -13.46
CA VAL D 627 -35.08 -20.13 -13.76
C VAL D 627 -35.38 -21.49 -14.37
N PHE D 628 -35.06 -21.66 -15.65
CA PHE D 628 -35.29 -22.92 -16.36
C PHE D 628 -33.96 -23.62 -16.57
N VAL D 629 -33.68 -24.60 -15.72
CA VAL D 629 -32.43 -25.35 -15.82
C VAL D 629 -32.63 -26.55 -16.73
N ILE D 630 -31.85 -26.64 -17.79
CA ILE D 630 -31.90 -27.76 -18.73
C ILE D 630 -30.61 -28.56 -18.56
N GLY D 631 -30.76 -29.84 -18.20
CA GLY D 631 -29.65 -30.75 -18.10
C GLY D 631 -29.61 -31.73 -19.24
N ALA D 632 -28.39 -32.09 -19.65
CA ALA D 632 -28.20 -33.02 -20.76
C ALA D 632 -26.98 -33.89 -20.43
N THR D 633 -27.25 -35.09 -19.93
CA THR D 633 -26.23 -36.04 -19.59
C THR D 633 -26.33 -37.28 -20.48
N ASN D 634 -25.30 -38.13 -20.40
CA ASN D 634 -25.31 -39.41 -21.10
C ASN D 634 -24.95 -40.56 -20.17
N ARG D 635 -24.97 -40.32 -18.86
CA ARG D 635 -24.69 -41.32 -17.84
C ARG D 635 -25.36 -40.90 -16.53
N PRO D 636 -26.64 -41.23 -16.36
CA PRO D 636 -27.38 -40.68 -15.21
C PRO D 636 -27.16 -41.44 -13.90
N ASP D 637 -26.21 -42.38 -13.89
CA ASP D 637 -25.89 -43.09 -12.66
C ASP D 637 -25.02 -42.27 -11.72
N GLN D 638 -24.43 -41.18 -12.19
CA GLN D 638 -23.55 -40.34 -11.38
C GLN D 638 -24.17 -38.97 -11.11
N ILE D 639 -25.48 -38.94 -10.87
CA ILE D 639 -26.18 -37.72 -10.53
C ILE D 639 -26.70 -37.85 -9.11
N ASP D 640 -26.63 -36.74 -8.36
CA ASP D 640 -27.05 -36.73 -6.96
C ASP D 640 -28.57 -36.85 -6.86
N PRO D 641 -29.11 -37.72 -5.99
CA PRO D 641 -30.56 -37.72 -5.74
C PRO D 641 -31.00 -36.66 -4.73
N ALA D 642 -30.45 -35.46 -4.87
CA ALA D 642 -31.03 -34.24 -4.33
C ALA D 642 -31.17 -33.19 -5.41
N ILE D 643 -30.42 -33.30 -6.50
CA ILE D 643 -30.73 -32.59 -7.73
C ILE D 643 -31.69 -33.41 -8.59
N LEU D 644 -31.81 -34.71 -8.30
CA LEU D 644 -32.78 -35.56 -9.03
C LEU D 644 -34.20 -35.31 -8.47
N ARG D 645 -34.28 -34.65 -7.31
CA ARG D 645 -35.56 -34.37 -6.60
C ARG D 645 -36.43 -33.33 -7.31
N PRO D 646 -37.78 -33.51 -7.33
CA PRO D 646 -38.71 -32.56 -7.93
C PRO D 646 -38.59 -31.17 -7.33
N GLY D 647 -38.87 -30.16 -8.16
CA GLY D 647 -38.65 -28.78 -7.81
C GLY D 647 -37.41 -28.18 -8.45
N ARG D 648 -36.41 -29.00 -8.77
CA ARG D 648 -35.22 -28.55 -9.48
C ARG D 648 -35.10 -29.16 -10.87
N LEU D 649 -35.09 -30.50 -10.96
CA LEU D 649 -34.90 -31.22 -12.22
C LEU D 649 -35.90 -32.37 -12.28
N ASP D 650 -37.19 -32.05 -12.08
CA ASP D 650 -38.23 -33.06 -11.92
C ASP D 650 -38.43 -33.88 -13.19
N GLN D 651 -38.39 -33.24 -14.35
CA GLN D 651 -38.64 -33.93 -15.60
C GLN D 651 -37.41 -34.74 -16.01
N LEU D 652 -37.50 -36.06 -15.93
CA LEU D 652 -36.44 -36.96 -16.36
C LEU D 652 -36.84 -37.51 -17.72
N ILE D 653 -36.44 -36.80 -18.78
CA ILE D 653 -36.84 -37.13 -20.13
C ILE D 653 -35.83 -38.10 -20.72
N TYR D 654 -36.30 -39.29 -21.10
CA TYR D 654 -35.47 -40.28 -21.77
C TYR D 654 -35.63 -40.15 -23.27
N VAL D 655 -34.52 -40.01 -23.97
CA VAL D 655 -34.53 -39.85 -25.42
C VAL D 655 -34.01 -41.14 -26.05
N PRO D 656 -34.89 -42.03 -26.51
CA PRO D 656 -34.44 -43.36 -26.96
C PRO D 656 -33.89 -43.36 -28.37
N LEU D 657 -33.53 -44.55 -28.86
CA LEU D 657 -33.04 -44.69 -30.22
C LEU D 657 -34.21 -44.56 -31.20
N PRO D 658 -33.98 -44.01 -32.40
CA PRO D 658 -35.09 -43.83 -33.34
C PRO D 658 -35.55 -45.13 -33.96
N ASP D 659 -36.85 -45.18 -34.27
CA ASP D 659 -37.47 -46.30 -34.95
C ASP D 659 -37.41 -46.06 -36.46
N GLU D 660 -38.18 -46.83 -37.24
CA GLU D 660 -38.16 -46.68 -38.70
C GLU D 660 -38.75 -45.33 -39.13
N ASN D 661 -39.92 -44.98 -38.59
CA ASN D 661 -40.54 -43.70 -38.93
C ASN D 661 -39.76 -42.52 -38.37
N ALA D 662 -39.16 -42.68 -37.19
CA ALA D 662 -38.33 -41.62 -36.62
C ALA D 662 -37.05 -41.42 -37.43
N ARG D 663 -36.47 -42.52 -37.93
CA ARG D 663 -35.29 -42.42 -38.78
C ARG D 663 -35.64 -41.81 -40.14
N LEU D 664 -36.83 -42.11 -40.64
CA LEU D 664 -37.30 -41.47 -41.87
C LEU D 664 -37.50 -39.96 -41.68
N SER D 665 -38.05 -39.57 -40.53
CA SER D 665 -38.20 -38.15 -40.23
C SER D 665 -36.85 -37.46 -40.03
N ILE D 666 -35.88 -38.16 -39.45
CA ILE D 666 -34.54 -37.60 -39.27
C ILE D 666 -33.86 -37.42 -40.62
N LEU D 667 -33.98 -38.42 -41.51
CA LEU D 667 -33.40 -38.33 -42.83
C LEU D 667 -34.09 -37.28 -43.69
N ASN D 668 -35.38 -37.03 -43.44
CA ASN D 668 -36.07 -35.93 -44.13
C ASN D 668 -35.64 -34.58 -43.58
N ALA D 669 -35.35 -34.50 -42.28
CA ALA D 669 -34.93 -33.24 -41.68
C ALA D 669 -33.50 -32.88 -42.05
N GLN D 670 -32.63 -33.88 -42.21
CA GLN D 670 -31.25 -33.60 -42.63
C GLN D 670 -31.19 -33.16 -44.09
N LEU D 671 -32.14 -33.61 -44.91
CA LEU D 671 -32.24 -33.25 -46.31
C LEU D 671 -33.27 -32.16 -46.54
N ARG D 672 -33.38 -31.21 -45.61
CA ARG D 672 -34.38 -30.16 -45.71
C ARG D 672 -34.03 -29.15 -46.80
N LYS D 673 -32.79 -28.67 -46.81
CA LYS D 673 -32.33 -27.68 -47.78
C LYS D 673 -31.16 -28.28 -48.56
N THR D 674 -31.48 -29.00 -49.63
CA THR D 674 -30.48 -29.59 -50.52
C THR D 674 -31.16 -29.87 -51.86
N PRO D 675 -30.42 -29.81 -52.97
CA PRO D 675 -30.97 -30.30 -54.24
C PRO D 675 -30.97 -31.82 -54.29
N LEU D 676 -32.15 -32.42 -54.41
CA LEU D 676 -32.31 -33.86 -54.30
C LEU D 676 -32.90 -34.41 -55.60
N GLU D 677 -32.64 -35.69 -55.84
CA GLU D 677 -33.20 -36.37 -57.00
C GLU D 677 -34.70 -36.57 -56.81
N PRO D 678 -35.50 -36.27 -57.83
CA PRO D 678 -36.97 -36.41 -57.67
C PRO D 678 -37.46 -37.84 -57.60
N GLY D 679 -36.67 -38.81 -58.07
CA GLY D 679 -37.09 -40.20 -58.01
C GLY D 679 -36.35 -40.98 -56.93
N LEU D 680 -36.17 -40.37 -55.77
CA LEU D 680 -35.42 -40.98 -54.67
C LEU D 680 -36.32 -41.08 -53.44
N GLU D 681 -36.29 -42.24 -52.78
CA GLU D 681 -37.02 -42.47 -51.55
C GLU D 681 -36.06 -42.85 -50.43
N LEU D 682 -36.39 -42.42 -49.22
CA LEU D 682 -35.55 -42.66 -48.05
C LEU D 682 -36.02 -43.82 -47.18
N THR D 683 -37.09 -44.51 -47.59
CA THR D 683 -37.62 -45.61 -46.80
C THR D 683 -36.67 -46.81 -46.79
N ALA D 684 -36.07 -47.11 -47.94
CA ALA D 684 -35.08 -48.19 -48.01
C ALA D 684 -33.80 -47.85 -47.25
N ILE D 685 -33.49 -46.56 -47.10
CA ILE D 685 -32.34 -46.16 -46.29
C ILE D 685 -32.68 -46.30 -44.80
N ALA D 686 -33.89 -45.89 -44.41
CA ALA D 686 -34.25 -45.89 -43.00
C ALA D 686 -34.60 -47.28 -42.49
N LYS D 687 -35.00 -48.19 -43.38
CA LYS D 687 -35.46 -49.50 -42.92
C LYS D 687 -34.31 -50.47 -42.69
N ALA D 688 -33.24 -50.37 -43.46
CA ALA D 688 -32.17 -51.38 -43.46
C ALA D 688 -31.04 -51.03 -42.49
N THR D 689 -31.34 -50.31 -41.41
CA THR D 689 -30.34 -49.99 -40.41
C THR D 689 -30.63 -50.65 -39.07
N GLN D 690 -31.80 -50.39 -38.49
CA GLN D 690 -32.39 -51.04 -37.32
C GLN D 690 -31.63 -50.81 -36.01
N GLY D 691 -30.49 -50.13 -36.04
CA GLY D 691 -29.75 -49.85 -34.83
C GLY D 691 -29.04 -48.51 -34.87
N PHE D 692 -29.33 -47.72 -35.90
CA PHE D 692 -28.57 -46.52 -36.19
C PHE D 692 -29.07 -45.35 -35.34
N SER D 693 -28.45 -44.19 -35.53
CA SER D 693 -28.78 -42.98 -34.80
C SER D 693 -28.66 -41.77 -35.73
N GLY D 694 -28.95 -40.60 -35.18
CA GLY D 694 -28.90 -39.38 -35.96
C GLY D 694 -27.50 -38.99 -36.39
N ALA D 695 -26.49 -39.31 -35.57
CA ALA D 695 -25.11 -39.05 -35.95
C ALA D 695 -24.68 -39.96 -37.09
N ASP D 696 -25.12 -41.22 -37.07
CA ASP D 696 -24.79 -42.14 -38.17
C ASP D 696 -25.51 -41.76 -39.45
N LEU D 697 -26.75 -41.28 -39.35
CA LEU D 697 -27.47 -40.83 -40.54
C LEU D 697 -26.87 -39.55 -41.10
N LEU D 698 -26.40 -38.65 -40.22
CA LEU D 698 -25.69 -37.46 -40.66
C LEU D 698 -24.37 -37.81 -41.32
N TYR D 699 -23.68 -38.83 -40.82
CA TYR D 699 -22.45 -39.29 -41.45
C TYR D 699 -22.71 -39.89 -42.82
N ILE D 700 -23.83 -40.63 -42.97
CA ILE D 700 -24.20 -41.19 -44.26
C ILE D 700 -24.51 -40.08 -45.27
N VAL D 701 -25.27 -39.07 -44.83
CA VAL D 701 -25.63 -37.95 -45.72
C VAL D 701 -24.38 -37.13 -46.08
N GLN D 702 -23.45 -36.97 -45.13
CA GLN D 702 -22.22 -36.24 -45.41
C GLN D 702 -21.31 -37.00 -46.36
N ARG D 703 -21.24 -38.34 -46.24
CA ARG D 703 -20.45 -39.12 -47.19
C ARG D 703 -21.08 -39.11 -48.58
N ALA D 704 -22.41 -39.10 -48.66
CA ALA D 704 -23.09 -38.99 -49.95
C ALA D 704 -22.82 -37.65 -50.60
N ALA D 705 -22.84 -36.57 -49.81
CA ALA D 705 -22.53 -35.24 -50.33
C ALA D 705 -21.07 -35.12 -50.72
N LYS D 706 -20.17 -35.79 -50.00
CA LYS D 706 -18.74 -35.77 -50.35
C LYS D 706 -18.49 -36.53 -51.66
N TYR D 707 -19.16 -37.67 -51.84
CA TYR D 707 -19.01 -38.40 -53.10
C TYR D 707 -19.62 -37.63 -54.27
N ALA D 708 -20.76 -36.97 -54.05
CA ALA D 708 -21.37 -36.15 -55.09
C ALA D 708 -20.52 -34.94 -55.45
N ILE D 709 -19.92 -34.28 -54.46
CA ILE D 709 -19.05 -33.15 -54.79
C ILE D 709 -17.71 -33.60 -55.36
N LYS D 710 -17.26 -34.82 -55.07
CA LYS D 710 -16.05 -35.34 -55.72
C LYS D 710 -16.33 -35.64 -57.19
N ASP D 711 -17.49 -36.24 -57.48
CA ASP D 711 -17.90 -36.43 -58.87
C ASP D 711 -18.12 -35.10 -59.59
N SER D 712 -18.61 -34.08 -58.87
CA SER D 712 -18.81 -32.77 -59.47
C SER D 712 -17.48 -32.09 -59.81
N ILE D 713 -16.49 -32.19 -58.91
CA ILE D 713 -15.17 -31.62 -59.18
C ILE D 713 -14.48 -32.38 -60.31
N GLU D 714 -14.63 -33.70 -60.36
CA GLU D 714 -14.04 -34.48 -61.45
C GLU D 714 -14.67 -34.16 -62.80
N ALA D 715 -16.00 -34.00 -62.83
CA ALA D 715 -16.68 -33.65 -64.06
C ALA D 715 -16.39 -32.22 -64.50
N HIS D 716 -16.22 -31.30 -63.54
CA HIS D 716 -15.83 -29.93 -63.88
C HIS D 716 -14.40 -29.87 -64.41
N ARG D 717 -13.50 -30.67 -63.85
CA ARG D 717 -12.14 -30.74 -64.38
C ARG D 717 -12.12 -31.36 -65.77
N GLN D 718 -12.98 -32.35 -66.01
CA GLN D 718 -13.06 -32.97 -67.33
C GLN D 718 -13.62 -31.99 -68.37
N HIS D 719 -14.65 -31.24 -68.00
CA HIS D 719 -15.23 -30.24 -68.90
C HIS D 719 -14.35 -29.02 -69.08
N GLU D 720 -13.46 -28.74 -68.12
CA GLU D 720 -12.48 -27.66 -68.30
C GLU D 720 -11.27 -28.11 -69.11
N ALA D 721 -10.90 -29.40 -69.05
CA ALA D 721 -9.84 -29.91 -69.91
C ALA D 721 -10.31 -30.02 -71.35
N GLU D 722 -11.44 -30.70 -71.57
CA GLU D 722 -12.01 -30.83 -72.90
C GLU D 722 -13.07 -29.75 -73.14
N ASP D 748 -23.67 -26.83 -65.24
CA ASP D 748 -23.80 -27.77 -64.13
C ASP D 748 -23.80 -29.22 -64.64
N PRO D 749 -22.72 -29.94 -64.36
CA PRO D 749 -22.65 -31.34 -64.83
C PRO D 749 -23.57 -32.27 -64.06
N VAL D 750 -23.64 -32.14 -62.74
CA VAL D 750 -24.54 -32.93 -61.91
C VAL D 750 -25.14 -32.05 -60.81
N PRO D 751 -26.46 -31.89 -60.78
CA PRO D 751 -27.08 -30.96 -59.82
C PRO D 751 -27.61 -31.56 -58.53
N TYR D 752 -27.66 -32.89 -58.39
CA TYR D 752 -28.18 -33.49 -57.18
C TYR D 752 -27.40 -34.77 -56.85
N ILE D 753 -27.58 -35.24 -55.62
CA ILE D 753 -26.97 -36.48 -55.17
C ILE D 753 -27.79 -37.65 -55.71
N THR D 754 -27.10 -38.65 -56.24
CA THR D 754 -27.74 -39.77 -56.92
C THR D 754 -27.81 -40.99 -56.01
N LYS D 755 -28.59 -41.98 -56.46
CA LYS D 755 -28.71 -43.23 -55.74
C LYS D 755 -27.41 -44.02 -55.74
N GLU D 756 -26.60 -43.87 -56.79
CA GLU D 756 -25.27 -44.49 -56.81
C GLU D 756 -24.38 -43.87 -55.74
N HIS D 757 -24.46 -42.55 -55.57
CA HIS D 757 -23.70 -41.88 -54.51
C HIS D 757 -24.18 -42.27 -53.12
N PHE D 758 -25.51 -42.44 -52.97
CA PHE D 758 -26.04 -42.89 -51.68
C PHE D 758 -25.65 -44.33 -51.37
N ALA D 759 -25.58 -45.18 -52.41
CA ALA D 759 -25.13 -46.56 -52.20
C ALA D 759 -23.64 -46.62 -51.89
N GLU D 760 -22.84 -45.76 -52.53
CA GLU D 760 -21.43 -45.70 -52.19
C GLU D 760 -21.20 -45.13 -50.80
N ALA D 761 -22.10 -44.27 -50.32
CA ALA D 761 -22.01 -43.79 -48.94
C ALA D 761 -22.41 -44.87 -47.95
N MET D 762 -23.47 -45.62 -48.25
CA MET D 762 -23.94 -46.68 -47.35
C MET D 762 -23.13 -47.97 -47.46
N LYS D 763 -22.19 -48.04 -48.41
CA LYS D 763 -21.25 -49.17 -48.45
C LYS D 763 -20.42 -49.26 -47.18
N THR D 764 -19.97 -48.12 -46.65
CA THR D 764 -19.21 -48.08 -45.41
C THR D 764 -20.06 -47.38 -44.33
N ALA D 765 -20.51 -48.14 -43.35
CA ALA D 765 -21.27 -47.65 -42.22
C ALA D 765 -20.53 -47.93 -40.93
N LYS D 766 -21.06 -47.41 -39.83
CA LYS D 766 -20.37 -47.46 -38.54
C LYS D 766 -21.04 -48.33 -37.51
N ARG D 767 -22.33 -48.08 -37.20
CA ARG D 767 -23.06 -48.61 -36.05
C ARG D 767 -22.25 -48.34 -34.76
N SER D 768 -22.18 -47.05 -34.44
CA SER D 768 -21.22 -46.57 -33.44
C SER D 768 -21.62 -47.00 -32.03
N VAL D 769 -22.92 -47.03 -31.75
CA VAL D 769 -23.39 -47.42 -30.41
C VAL D 769 -23.22 -48.93 -30.25
N SER D 770 -22.54 -49.33 -29.19
CA SER D 770 -22.23 -50.73 -28.94
C SER D 770 -23.44 -51.43 -28.32
N ASP D 771 -23.30 -52.72 -28.04
CA ASP D 771 -24.39 -53.53 -27.53
C ASP D 771 -24.46 -53.58 -26.01
N ALA D 772 -23.54 -52.90 -25.32
CA ALA D 772 -23.54 -52.85 -23.86
C ALA D 772 -24.13 -51.56 -23.32
N GLU D 773 -23.86 -50.44 -23.98
CA GLU D 773 -24.45 -49.16 -23.57
C GLU D 773 -25.94 -49.14 -23.84
N LEU D 774 -26.38 -49.84 -24.88
CA LEU D 774 -27.81 -50.02 -25.15
C LEU D 774 -28.50 -50.75 -24.00
N ARG D 775 -27.89 -51.84 -23.53
CA ARG D 775 -28.45 -52.60 -22.41
C ARG D 775 -28.41 -51.81 -21.12
N ARG D 776 -27.35 -51.00 -20.92
CA ARG D 776 -27.25 -50.19 -19.70
C ARG D 776 -28.32 -49.08 -19.68
N TYR D 777 -28.51 -48.39 -20.81
CA TYR D 777 -29.50 -47.32 -20.86
C TYR D 777 -30.92 -47.85 -20.80
N GLU D 778 -31.20 -48.99 -21.46
CA GLU D 778 -32.53 -49.57 -21.35
C GLU D 778 -32.76 -50.20 -19.99
N ALA D 779 -31.70 -50.62 -19.30
CA ALA D 779 -31.86 -51.11 -17.92
C ALA D 779 -32.16 -49.95 -16.97
N TYR D 780 -31.54 -48.79 -17.19
CA TYR D 780 -31.89 -47.62 -16.39
C TYR D 780 -33.31 -47.14 -16.69
N SER D 781 -33.74 -47.26 -17.96
CA SER D 781 -35.11 -46.92 -18.30
C SER D 781 -36.11 -47.91 -17.66
N GLN D 782 -35.73 -49.19 -17.58
CA GLN D 782 -36.57 -50.17 -16.91
C GLN D 782 -36.61 -49.93 -15.40
N GLN D 783 -35.51 -49.44 -14.83
CA GLN D 783 -35.49 -49.08 -13.42
C GLN D 783 -36.39 -47.88 -13.15
N MET D 784 -36.35 -46.88 -14.04
CA MET D 784 -37.20 -45.70 -13.88
C MET D 784 -38.68 -46.03 -14.12
N LYS D 785 -38.96 -47.03 -14.96
CA LYS D 785 -40.35 -47.46 -15.14
C LYS D 785 -40.81 -48.38 -14.02
N ALA D 786 -39.90 -49.12 -13.38
CA ALA D 786 -40.26 -49.93 -12.22
C ALA D 786 -40.42 -49.09 -10.96
N SER D 787 -39.79 -47.92 -10.90
CA SER D 787 -40.08 -46.96 -9.84
C SER D 787 -41.44 -46.28 -10.02
N ARG D 788 -42.04 -46.42 -11.21
CA ARG D 788 -43.37 -45.89 -11.51
C ARG D 788 -44.46 -46.95 -11.27
N GLY D 789 -44.24 -47.85 -10.31
CA GLY D 789 -45.18 -48.93 -10.07
C GLY D 789 -46.41 -48.48 -9.31
N GLN D 790 -47.43 -49.33 -9.38
CA GLN D 790 -48.76 -49.14 -8.77
C GLN D 790 -49.40 -47.83 -9.25
N PHE D 791 -49.60 -47.75 -10.57
CA PHE D 791 -50.26 -46.62 -11.20
C PHE D 791 -51.11 -47.11 -12.35
N SER D 792 -52.33 -46.60 -12.42
CA SER D 792 -53.33 -47.06 -13.39
C SER D 792 -54.07 -45.83 -13.90
N ASN D 793 -55.25 -46.06 -14.49
CA ASN D 793 -56.09 -44.96 -14.95
C ASN D 793 -56.63 -44.12 -13.79
N PHE D 794 -56.69 -44.70 -12.58
CA PHE D 794 -56.95 -44.02 -11.31
C PHE D 794 -58.32 -43.34 -11.30
N ASN D 795 -59.35 -44.18 -11.39
CA ASN D 795 -60.71 -43.69 -11.25
C ASN D 795 -61.00 -43.35 -9.79
N PHE D 796 -61.50 -42.14 -9.57
CA PHE D 796 -61.80 -41.67 -8.22
C PHE D 796 -63.08 -42.30 -7.69
N LYS E 31 -26.39 12.85 -61.85
CA LYS E 31 -25.00 13.31 -61.81
C LYS E 31 -24.88 14.79 -62.14
N LYS E 32 -24.49 15.59 -61.16
CA LYS E 32 -24.26 17.01 -61.38
C LYS E 32 -22.97 17.19 -62.17
N ASP E 33 -23.02 17.90 -63.31
CA ASP E 33 -21.85 17.99 -64.19
C ASP E 33 -20.76 18.94 -63.68
N ASN E 34 -20.73 19.16 -62.37
CA ASN E 34 -19.78 20.10 -61.77
C ASN E 34 -18.53 19.40 -61.21
N MET E 35 -18.49 18.08 -61.34
CA MET E 35 -17.33 17.31 -60.88
C MET E 35 -16.66 16.61 -62.06
N LEU E 36 -15.34 16.73 -62.14
CA LEU E 36 -14.59 16.27 -63.31
C LEU E 36 -13.30 15.55 -62.92
N LEU E 37 -12.81 14.70 -63.82
CA LEU E 37 -11.62 13.90 -63.58
C LEU E 37 -10.36 14.65 -64.05
N VAL E 38 -9.21 14.26 -63.51
CA VAL E 38 -7.94 14.89 -63.88
C VAL E 38 -7.35 14.22 -65.12
N ASP E 39 -6.93 15.02 -66.09
CA ASP E 39 -6.35 14.54 -67.33
C ASP E 39 -4.99 15.20 -67.58
N ASP E 40 -4.24 14.70 -68.55
CA ASP E 40 -2.93 15.28 -68.86
C ASP E 40 -3.08 16.71 -69.36
N ALA E 41 -1.98 17.46 -69.32
CA ALA E 41 -2.03 18.89 -69.63
C ALA E 41 -1.45 19.22 -71.00
N ILE E 42 -2.22 19.98 -71.78
CA ILE E 42 -1.74 20.56 -73.03
C ILE E 42 -1.03 21.88 -72.74
N ASN E 43 -1.76 22.79 -72.10
CA ASN E 43 -1.19 24.07 -71.68
C ASN E 43 -0.20 23.87 -70.55
N ASP E 44 1.07 24.17 -70.81
CA ASP E 44 2.14 23.88 -69.87
C ASP E 44 2.28 24.95 -68.79
N ASP E 45 1.42 25.96 -68.84
CA ASP E 45 1.45 27.04 -67.84
C ASP E 45 1.07 26.50 -66.47
N ASN E 46 1.56 27.16 -65.43
CA ASN E 46 1.28 26.74 -64.05
C ASN E 46 -0.18 26.99 -63.66
N SER E 47 -0.56 28.27 -63.63
CA SER E 47 -1.90 28.66 -63.19
C SER E 47 -2.90 28.58 -64.35
N VAL E 48 -3.32 27.37 -64.69
CA VAL E 48 -4.31 27.19 -65.75
C VAL E 48 -4.90 25.78 -65.75
N ILE E 49 -6.17 25.69 -66.12
CA ILE E 49 -6.81 24.41 -66.41
C ILE E 49 -7.58 24.55 -67.71
N ALA E 50 -7.78 23.45 -68.42
CA ALA E 50 -8.44 23.48 -69.72
C ALA E 50 -9.77 22.73 -69.69
N ILE E 51 -10.84 23.45 -70.01
CA ILE E 51 -12.16 22.87 -70.18
C ILE E 51 -12.53 22.91 -71.66
N ASN E 52 -13.47 22.05 -72.05
CA ASN E 52 -13.94 22.04 -73.42
C ASN E 52 -15.15 22.97 -73.58
N SER E 53 -15.40 23.42 -74.80
CA SER E 53 -16.46 24.38 -75.08
C SER E 53 -17.84 23.81 -74.76
N ASN E 54 -18.08 22.52 -75.07
CA ASN E 54 -19.37 21.94 -74.66
C ASN E 54 -19.51 21.84 -73.15
N THR E 55 -18.42 22.08 -72.42
CA THR E 55 -18.46 22.14 -70.97
C THR E 55 -18.78 23.57 -70.53
N MET E 56 -18.41 24.53 -71.37
CA MET E 56 -18.63 25.93 -71.06
C MET E 56 -20.11 26.31 -71.16
N ASP E 57 -20.82 25.73 -72.12
CA ASP E 57 -22.25 25.98 -72.26
C ASP E 57 -23.03 25.18 -71.22
N LYS E 58 -22.43 24.10 -70.74
CA LYS E 58 -23.03 23.28 -69.71
C LYS E 58 -22.82 23.91 -68.33
N LEU E 59 -21.82 24.79 -68.24
CA LEU E 59 -21.58 25.58 -67.04
C LEU E 59 -20.89 26.89 -67.40
N GLU E 60 -21.65 27.98 -67.30
CA GLU E 60 -21.20 29.30 -67.73
C GLU E 60 -19.86 29.74 -67.10
N LEU E 61 -18.81 29.72 -67.92
CA LEU E 61 -17.50 30.25 -67.54
C LEU E 61 -16.76 30.74 -68.78
N PHE E 62 -15.65 31.44 -68.55
CA PHE E 62 -14.94 32.10 -69.65
C PHE E 62 -13.44 31.90 -69.61
N ARG E 63 -12.77 32.48 -70.61
CA ARG E 63 -11.33 32.30 -70.80
C ARG E 63 -10.50 32.97 -69.72
N GLY E 64 -11.02 34.07 -69.17
CA GLY E 64 -10.32 34.82 -68.14
C GLY E 64 -10.75 34.42 -66.74
N ASP E 65 -11.87 33.72 -66.65
CA ASP E 65 -12.45 33.34 -65.37
C ASP E 65 -11.48 32.56 -64.49
N THR E 66 -11.37 32.98 -63.24
CA THR E 66 -10.52 32.31 -62.25
C THR E 66 -11.37 31.39 -61.41
N VAL E 67 -11.07 30.09 -61.47
CA VAL E 67 -11.90 29.07 -60.84
C VAL E 67 -11.19 28.36 -59.69
N LEU E 68 -11.96 28.04 -58.64
CA LEU E 68 -11.43 27.32 -57.49
C LEU E 68 -11.55 25.82 -57.67
N VAL E 69 -10.40 25.13 -57.65
CA VAL E 69 -10.37 23.68 -57.70
C VAL E 69 -10.21 23.12 -56.30
N LYS E 70 -11.14 22.27 -55.89
CA LYS E 70 -11.07 21.61 -54.59
C LYS E 70 -11.05 20.10 -54.77
N GLY E 71 -9.90 19.50 -54.47
CA GLY E 71 -9.70 18.07 -54.67
C GLY E 71 -9.78 17.28 -53.37
N LYS E 72 -9.02 16.21 -53.30
CA LYS E 72 -9.02 15.33 -52.14
C LYS E 72 -8.09 15.86 -51.05
N LYS E 73 -8.12 15.22 -49.89
CA LYS E 73 -7.31 15.60 -48.74
C LYS E 73 -7.66 17.01 -48.26
N ARG E 74 -8.88 17.45 -48.58
CA ARG E 74 -9.41 18.74 -48.11
C ARG E 74 -8.54 19.92 -48.54
N LYS E 75 -7.97 19.83 -49.74
CA LYS E 75 -7.10 20.89 -50.26
C LYS E 75 -7.74 21.60 -51.44
N ASP E 76 -7.17 22.74 -51.81
CA ASP E 76 -7.74 23.58 -52.87
C ASP E 76 -6.65 24.24 -53.73
N THR E 77 -7.08 24.87 -54.80
CA THR E 77 -6.19 25.65 -55.67
C THR E 77 -7.02 26.53 -56.59
N VAL E 78 -6.40 27.55 -57.16
CA VAL E 78 -7.08 28.47 -58.07
C VAL E 78 -6.35 28.55 -59.41
N LEU E 79 -7.11 28.47 -60.50
CA LEU E 79 -6.54 28.46 -61.84
C LEU E 79 -7.43 29.17 -62.85
N ILE E 80 -6.88 29.42 -64.03
CA ILE E 80 -7.63 30.05 -65.12
C ILE E 80 -8.19 28.99 -66.06
N VAL E 81 -9.49 29.04 -66.31
CA VAL E 81 -10.14 28.15 -67.26
C VAL E 81 -9.90 28.65 -68.69
N LEU E 82 -9.69 27.72 -69.61
CA LEU E 82 -9.46 28.06 -71.01
C LEU E 82 -10.05 26.99 -71.93
N ILE E 83 -10.73 27.43 -72.97
CA ILE E 83 -11.38 26.52 -73.91
C ILE E 83 -10.36 25.62 -74.61
N ASP E 84 -10.54 24.30 -74.48
CA ASP E 84 -9.66 23.32 -75.11
C ASP E 84 -10.48 22.29 -75.89
N ASP E 85 -10.25 22.21 -77.19
CA ASP E 85 -11.01 21.32 -78.05
C ASP E 85 -10.75 19.85 -77.74
N GLU E 86 -9.52 19.53 -77.39
CA GLU E 86 -9.12 18.14 -77.15
C GLU E 86 -9.63 17.60 -75.81
N LEU E 87 -9.96 18.52 -74.90
CA LEU E 87 -10.30 18.16 -73.52
C LEU E 87 -11.41 17.13 -73.39
N GLU E 88 -12.50 17.33 -74.12
CA GLU E 88 -13.70 16.49 -74.04
C GLU E 88 -14.36 16.64 -72.66
N ASP E 89 -15.59 17.14 -72.67
CA ASP E 89 -16.32 17.45 -71.45
C ASP E 89 -16.67 16.21 -70.64
N GLY E 90 -15.99 16.06 -69.50
CA GLY E 90 -16.13 14.91 -68.60
C GLY E 90 -14.97 14.93 -67.60
N ALA E 91 -13.85 15.50 -68.04
CA ALA E 91 -12.63 15.55 -67.25
C ALA E 91 -11.78 16.72 -67.74
N CYS E 92 -10.92 17.26 -66.88
CA CYS E 92 -10.19 18.48 -67.19
C CYS E 92 -8.68 18.27 -67.24
N ARG E 93 -8.02 19.08 -68.06
CA ARG E 93 -6.57 19.06 -68.16
C ARG E 93 -5.93 20.02 -67.15
N ILE E 94 -5.00 19.50 -66.37
CA ILE E 94 -4.23 20.34 -65.43
C ILE E 94 -2.79 19.84 -65.36
N ASN E 95 -1.85 20.78 -65.41
CA ASN E 95 -0.44 20.44 -65.35
C ASN E 95 -0.08 19.79 -64.02
N ARG E 96 1.09 19.17 -63.95
CA ARG E 96 1.47 18.36 -62.80
C ARG E 96 1.62 19.19 -61.52
N VAL E 97 1.75 20.51 -61.67
CA VAL E 97 1.92 21.40 -60.53
C VAL E 97 0.59 21.62 -59.80
N VAL E 98 -0.46 21.92 -60.57
CA VAL E 98 -1.81 22.03 -60.03
C VAL E 98 -2.25 20.69 -59.46
N ARG E 99 -2.03 19.65 -60.25
CA ARG E 99 -2.35 18.28 -59.89
C ARG E 99 -1.72 17.88 -58.55
N ASN E 100 -0.54 18.41 -58.27
CA ASN E 100 0.17 18.09 -57.04
C ASN E 100 -0.42 18.83 -55.83
N ASN E 101 -0.73 20.11 -56.01
CA ASN E 101 -1.28 20.92 -54.93
C ASN E 101 -2.63 20.39 -54.45
N LEU E 102 -3.34 19.71 -55.33
CA LEU E 102 -4.63 19.13 -54.98
C LEU E 102 -4.49 17.70 -54.44
N ARG E 103 -3.26 17.19 -54.45
CA ARG E 103 -2.97 15.82 -54.00
C ARG E 103 -3.77 14.79 -54.79
N ILE E 104 -3.87 15.00 -56.10
CA ILE E 104 -4.57 14.09 -56.99
C ILE E 104 -3.60 13.51 -58.02
N ARG E 105 -4.09 12.53 -58.79
CA ARG E 105 -3.32 11.88 -59.83
C ARG E 105 -4.11 11.92 -61.13
N LEU E 106 -3.46 11.54 -62.23
CA LEU E 106 -4.16 11.39 -63.50
C LEU E 106 -5.16 10.25 -63.41
N GLY E 107 -6.44 10.59 -63.35
CA GLY E 107 -7.50 9.60 -63.20
C GLY E 107 -8.17 9.67 -61.84
N ASP E 108 -8.21 10.86 -61.27
CA ASP E 108 -8.90 11.11 -60.01
C ASP E 108 -9.93 12.22 -60.19
N LEU E 109 -11.00 12.16 -59.42
CA LEU E 109 -12.09 13.12 -59.53
C LEU E 109 -11.88 14.35 -58.66
N VAL E 110 -12.30 15.50 -59.17
CA VAL E 110 -12.23 16.76 -58.44
C VAL E 110 -13.49 17.59 -58.69
N THR E 111 -13.86 18.38 -57.71
CA THR E 111 -14.99 19.29 -57.86
C THR E 111 -14.48 20.68 -58.23
N ILE E 112 -15.05 21.24 -59.29
CA ILE E 112 -14.67 22.55 -59.79
C ILE E 112 -15.81 23.52 -59.57
N HIS E 113 -15.49 24.75 -59.18
CA HIS E 113 -16.50 25.78 -58.98
C HIS E 113 -15.86 27.17 -58.97
N PRO E 114 -16.53 28.17 -59.55
CA PRO E 114 -15.89 29.47 -59.71
C PRO E 114 -15.97 30.35 -58.47
N CYS E 115 -14.96 31.19 -58.30
CA CYS E 115 -14.91 32.15 -57.20
C CYS E 115 -14.38 33.49 -57.70
N PRO E 116 -15.28 34.46 -57.92
CA PRO E 116 -14.85 35.83 -58.24
C PRO E 116 -14.81 36.71 -56.99
N ASP E 117 -15.22 36.16 -55.85
CA ASP E 117 -15.14 36.87 -54.58
C ASP E 117 -13.68 37.23 -54.28
N ILE E 118 -12.76 36.38 -54.72
CA ILE E 118 -11.33 36.66 -54.62
C ILE E 118 -10.99 37.91 -55.42
N LYS E 119 -10.06 38.70 -54.91
CA LYS E 119 -9.65 39.92 -55.58
C LYS E 119 -8.16 40.15 -55.39
N TYR E 120 -7.66 41.25 -55.95
CA TYR E 120 -6.23 41.47 -56.12
C TYR E 120 -5.50 41.47 -54.77
N ALA E 121 -4.30 40.90 -54.76
CA ALA E 121 -3.54 40.71 -53.54
C ALA E 121 -3.01 42.00 -52.94
N THR E 122 -2.80 42.00 -51.63
CA THR E 122 -2.16 43.10 -50.94
C THR E 122 -0.68 42.77 -50.81
N ARG E 123 -0.39 41.52 -50.50
CA ARG E 123 0.98 41.04 -50.38
C ARG E 123 1.02 39.51 -50.46
N ILE E 124 2.20 38.97 -50.74
CA ILE E 124 2.40 37.53 -50.89
C ILE E 124 3.71 37.08 -50.25
N SER E 125 3.73 35.83 -49.80
CA SER E 125 4.83 35.29 -49.01
C SER E 125 5.27 33.93 -49.56
N VAL E 126 6.20 33.95 -50.51
CA VAL E 126 6.71 32.72 -51.12
C VAL E 126 8.13 32.44 -50.65
N LEU E 127 8.45 31.16 -50.52
CA LEU E 127 9.77 30.74 -50.08
C LEU E 127 10.28 29.56 -50.91
N PRO E 128 11.55 29.60 -51.34
CA PRO E 128 12.09 28.50 -52.16
C PRO E 128 12.35 27.24 -51.35
N ILE E 129 12.02 26.09 -51.91
CA ILE E 129 12.31 24.81 -51.25
C ILE E 129 13.82 24.54 -51.42
N ALA E 130 14.45 24.12 -50.33
CA ALA E 130 15.91 24.06 -50.23
C ALA E 130 16.59 23.30 -51.37
N ASP E 131 16.12 22.08 -51.64
CA ASP E 131 16.81 21.21 -52.59
C ASP E 131 16.69 21.67 -54.04
N THR E 132 15.82 22.64 -54.29
CA THR E 132 15.64 23.17 -55.63
C THR E 132 16.49 24.42 -55.88
N ILE E 133 17.22 24.85 -54.85
CA ILE E 133 18.09 26.02 -54.93
C ILE E 133 19.51 25.73 -54.42
N GLU E 134 19.75 24.48 -54.05
CA GLU E 134 21.10 24.07 -53.65
C GLU E 134 22.08 24.29 -54.79
N GLY E 135 23.00 25.24 -54.61
CA GLY E 135 24.01 25.54 -55.61
C GLY E 135 24.11 27.01 -55.92
N ILE E 136 22.95 27.64 -56.17
CA ILE E 136 22.91 29.05 -56.54
C ILE E 136 22.54 29.95 -55.35
N THR E 137 22.65 31.25 -55.57
CA THR E 137 22.27 32.25 -54.59
C THR E 137 21.91 33.54 -55.30
N GLY E 138 21.60 34.58 -54.53
CA GLY E 138 21.35 35.90 -55.10
C GLY E 138 19.88 36.26 -55.24
N ASN E 139 19.59 37.10 -56.23
CA ASN E 139 18.26 37.69 -56.40
C ASN E 139 17.29 36.73 -57.09
N LEU E 140 16.54 35.97 -56.31
CA LEU E 140 15.55 35.04 -56.86
C LEU E 140 14.34 35.80 -57.40
N PHE E 141 14.08 36.97 -56.84
CA PHE E 141 12.94 37.77 -57.27
C PHE E 141 13.09 38.25 -58.71
N ASP E 142 14.18 38.96 -58.98
CA ASP E 142 14.42 39.52 -60.31
C ASP E 142 14.49 38.43 -61.37
N VAL E 143 15.07 37.29 -61.00
CA VAL E 143 15.28 36.20 -61.96
C VAL E 143 14.02 35.38 -62.19
N PHE E 144 13.48 34.80 -61.12
CA PHE E 144 12.37 33.86 -61.22
C PHE E 144 10.99 34.49 -60.99
N LEU E 145 10.80 35.08 -59.82
CA LEU E 145 9.49 35.53 -59.39
C LEU E 145 8.97 36.73 -60.20
N LYS E 146 9.84 37.67 -60.50
CA LYS E 146 9.43 38.90 -61.17
C LYS E 146 8.82 38.62 -62.55
N PRO E 147 9.52 37.87 -63.41
CA PRO E 147 8.92 37.61 -64.72
C PRO E 147 7.78 36.59 -64.68
N TYR E 148 7.71 35.78 -63.63
CA TYR E 148 6.70 34.74 -63.54
C TYR E 148 5.32 35.29 -63.22
N PHE E 149 5.25 36.27 -62.33
CA PHE E 149 3.99 36.85 -61.90
C PHE E 149 3.60 38.07 -62.73
N VAL E 150 4.56 38.63 -63.46
CA VAL E 150 4.36 39.91 -64.17
C VAL E 150 3.23 39.88 -65.18
N GLU E 151 2.28 40.80 -65.02
CA GLU E 151 1.21 41.03 -66.00
C GLU E 151 0.29 39.82 -66.24
N ALA E 152 0.51 38.75 -65.49
CA ALA E 152 -0.32 37.55 -65.63
C ALA E 152 -1.45 37.57 -64.59
N TYR E 153 -1.31 38.46 -63.61
CA TYR E 153 -2.09 38.43 -62.37
C TYR E 153 -2.57 37.02 -62.04
N ARG E 154 -1.60 36.18 -61.66
CA ARG E 154 -1.88 34.78 -61.37
C ARG E 154 -2.78 34.65 -60.14
N PRO E 155 -3.72 33.70 -60.17
CA PRO E 155 -4.54 33.43 -58.98
C PRO E 155 -3.91 32.36 -58.08
N VAL E 156 -3.19 32.78 -57.05
CA VAL E 156 -2.48 31.83 -56.19
C VAL E 156 -3.31 31.44 -54.97
N ARG E 157 -2.72 30.64 -54.09
CA ARG E 157 -3.39 30.13 -52.91
C ARG E 157 -2.35 29.85 -51.84
N LYS E 158 -2.75 29.94 -50.57
CA LYS E 158 -1.85 29.59 -49.48
C LYS E 158 -1.69 28.07 -49.39
N GLY E 159 -0.44 27.63 -49.38
CA GLY E 159 -0.13 26.21 -49.37
C GLY E 159 0.31 25.74 -50.75
N ASP E 160 0.06 26.56 -51.77
CA ASP E 160 0.47 26.22 -53.13
C ASP E 160 1.98 26.13 -53.26
N HIS E 161 2.42 25.19 -54.09
CA HIS E 161 3.83 25.09 -54.47
C HIS E 161 3.94 25.16 -55.99
N PHE E 162 4.46 26.27 -56.49
CA PHE E 162 4.56 26.48 -57.93
C PHE E 162 6.01 26.33 -58.41
N VAL E 163 6.18 26.36 -59.73
CA VAL E 163 7.46 26.06 -60.36
C VAL E 163 7.82 27.12 -61.39
N VAL E 164 9.07 27.57 -61.35
CA VAL E 164 9.57 28.58 -62.29
C VAL E 164 10.86 28.12 -62.94
N ARG E 165 10.84 28.02 -64.26
CA ARG E 165 12.00 27.55 -65.01
C ARG E 165 12.84 28.71 -65.55
N GLY E 166 14.14 28.68 -65.26
CA GLY E 166 15.05 29.72 -65.69
C GLY E 166 16.44 29.52 -65.11
N GLY E 167 17.46 29.94 -65.84
CA GLY E 167 18.82 29.79 -65.40
C GLY E 167 19.26 28.33 -65.34
N MET E 168 18.84 27.56 -66.33
CA MET E 168 19.20 26.15 -66.46
C MET E 168 18.79 25.32 -65.25
N ARG E 169 17.66 25.67 -64.64
CA ARG E 169 17.09 24.88 -63.56
C ARG E 169 15.66 25.34 -63.27
N GLN E 170 14.94 24.54 -62.48
CA GLN E 170 13.57 24.87 -62.09
C GLN E 170 13.44 24.93 -60.59
N VAL E 171 13.11 26.12 -60.07
CA VAL E 171 12.98 26.33 -58.64
C VAL E 171 11.54 26.16 -58.20
N GLU E 172 11.35 25.61 -57.00
CA GLU E 172 10.03 25.45 -56.42
C GLU E 172 9.86 26.34 -55.20
N PHE E 173 8.89 27.25 -55.26
CA PHE E 173 8.53 28.08 -54.11
C PHE E 173 7.22 27.59 -53.52
N LYS E 174 7.02 27.82 -52.23
CA LYS E 174 5.73 27.55 -51.59
C LYS E 174 5.13 28.83 -51.02
N VAL E 175 3.88 29.10 -51.42
CA VAL E 175 3.16 30.24 -50.89
C VAL E 175 2.87 30.01 -49.41
N VAL E 176 3.54 30.78 -48.57
CA VAL E 176 3.42 30.62 -47.12
C VAL E 176 2.33 31.51 -46.53
N ASP E 177 2.08 32.65 -47.17
CA ASP E 177 1.10 33.60 -46.66
C ASP E 177 0.62 34.60 -47.71
N VAL E 178 -0.67 34.94 -47.64
CA VAL E 178 -1.25 36.04 -48.41
C VAL E 178 -2.07 36.88 -47.45
N GLU E 179 -2.28 38.16 -47.78
CA GLU E 179 -3.04 39.03 -46.89
C GLU E 179 -4.55 38.88 -47.14
N PRO E 180 -4.99 38.82 -48.41
CA PRO E 180 -6.42 38.74 -48.73
C PRO E 180 -6.96 37.31 -48.62
N GLU E 181 -7.08 36.83 -47.38
CA GLU E 181 -7.60 35.48 -47.01
C GLU E 181 -6.69 34.37 -47.53
N GLU E 182 -7.25 33.18 -47.71
CA GLU E 182 -6.50 31.98 -48.20
C GLU E 182 -6.01 32.17 -49.63
N TYR E 183 -6.84 32.76 -50.50
CA TYR E 183 -6.49 32.87 -51.92
C TYR E 183 -6.59 34.31 -52.42
N ALA E 184 -5.70 34.67 -53.34
CA ALA E 184 -5.69 36.01 -53.91
C ALA E 184 -4.99 36.05 -55.27
N VAL E 185 -5.04 37.21 -55.93
CA VAL E 185 -4.50 37.38 -57.27
C VAL E 185 -3.26 38.29 -57.24
N VAL E 186 -2.36 38.11 -58.20
CA VAL E 186 -1.06 38.81 -58.19
C VAL E 186 -0.96 39.91 -59.26
N ALA E 187 -1.83 40.91 -59.17
CA ALA E 187 -1.76 42.06 -60.05
C ALA E 187 -0.41 42.78 -59.94
N GLN E 188 -0.07 43.62 -60.93
CA GLN E 188 1.22 44.33 -60.90
C GLN E 188 1.44 45.16 -59.65
N ASP E 189 0.37 45.59 -58.99
CA ASP E 189 0.49 46.39 -57.77
C ASP E 189 0.68 45.53 -56.53
N THR E 190 0.42 44.23 -56.66
CA THR E 190 0.56 43.31 -55.53
C THR E 190 2.01 43.19 -55.12
N ILE E 191 2.25 43.18 -53.81
CA ILE E 191 3.61 43.22 -53.26
C ILE E 191 4.13 41.81 -52.97
N ILE E 192 5.09 41.36 -53.79
CA ILE E 192 5.66 40.03 -53.64
C ILE E 192 6.85 40.03 -52.69
N HIS E 193 6.71 39.39 -51.54
CA HIS E 193 7.79 39.25 -50.58
C HIS E 193 8.37 37.84 -50.58
N TRP E 194 9.61 37.70 -51.04
CA TRP E 194 10.36 36.47 -50.89
C TRP E 194 11.46 36.73 -49.86
N GLU E 195 11.79 35.65 -49.13
CA GLU E 195 12.85 35.52 -48.08
C GLU E 195 13.78 34.36 -48.47
N GLY E 196 15.02 34.33 -47.96
CA GLY E 196 16.01 33.32 -48.40
C GLY E 196 16.39 32.18 -47.45
N GLU E 197 15.68 32.06 -46.32
CA GLU E 197 15.84 30.95 -45.35
C GLU E 197 14.41 30.44 -45.02
N PRO E 198 13.67 29.92 -46.02
CA PRO E 198 12.29 29.46 -45.84
C PRO E 198 12.08 28.04 -45.28
N ILE E 199 10.84 27.74 -44.90
CA ILE E 199 10.45 26.38 -44.41
C ILE E 199 9.46 25.82 -45.44
N ASN E 200 9.78 24.67 -46.04
CA ASN E 200 8.91 24.05 -47.07
C ASN E 200 9.20 22.55 -47.17
N ARG E 201 8.31 21.80 -47.85
CA ARG E 201 8.38 20.33 -48.12
C ARG E 201 8.04 19.48 -46.88
N GLU E 202 8.71 19.70 -45.74
CA GLU E 202 8.48 18.90 -44.51
C GLU E 202 7.02 19.04 -44.06
N ASP E 203 6.45 20.25 -44.12
CA ASP E 203 5.07 20.39 -43.69
C ASP E 203 4.08 19.78 -44.66
N GLU E 204 4.49 19.55 -45.91
CA GLU E 204 3.60 18.92 -46.89
C GLU E 204 3.62 17.40 -46.77
N GLU E 205 4.80 16.79 -46.63
CA GLU E 205 4.91 15.33 -46.59
C GLU E 205 4.11 14.75 -45.42
N ASN E 206 4.24 15.35 -44.23
CA ASN E 206 3.44 14.90 -43.10
C ASN E 206 1.96 15.05 -43.34
N ASN E 207 1.56 15.77 -44.38
CA ASN E 207 0.19 15.72 -44.85
C ASN E 207 -0.05 14.52 -45.76
N MET E 208 0.92 14.21 -46.62
CA MET E 208 0.77 13.08 -47.54
C MET E 208 1.11 11.75 -46.89
N ASN E 209 2.04 11.80 -45.93
CA ASN E 209 2.46 10.61 -45.14
C ASN E 209 1.26 10.15 -44.31
N GLU E 210 0.25 11.01 -44.13
CA GLU E 210 -0.94 10.62 -43.34
C GLU E 210 -1.45 9.25 -43.82
N VAL E 211 -2.10 8.49 -42.92
CA VAL E 211 -2.66 7.14 -43.27
C VAL E 211 -4.04 7.35 -43.91
N GLY E 212 -4.61 6.30 -44.51
CA GLY E 212 -5.90 6.50 -45.15
C GLY E 212 -6.67 5.20 -45.31
N TYR E 213 -7.80 5.25 -46.02
CA TYR E 213 -8.58 4.05 -46.26
C TYR E 213 -7.90 3.11 -47.25
N ASP E 214 -6.98 3.62 -48.06
CA ASP E 214 -6.20 2.80 -48.96
C ASP E 214 -5.07 2.06 -48.28
N ASP E 215 -4.85 2.28 -46.98
CA ASP E 215 -3.80 1.63 -46.23
C ASP E 215 -4.34 0.64 -45.20
N ILE E 216 -5.56 0.15 -45.41
CA ILE E 216 -6.19 -0.82 -44.53
C ILE E 216 -6.58 -2.03 -45.37
N GLY E 217 -6.26 -3.24 -44.89
CA GLY E 217 -6.52 -4.46 -45.63
C GLY E 217 -7.04 -5.60 -44.77
N GLY E 218 -8.13 -6.22 -45.21
CA GLY E 218 -8.71 -7.35 -44.53
C GLY E 218 -9.86 -7.04 -43.61
N CYS E 219 -9.86 -5.85 -42.99
CA CYS E 219 -10.93 -5.44 -42.08
C CYS E 219 -12.01 -4.66 -42.81
N ARG E 220 -12.58 -5.27 -43.86
CA ARG E 220 -13.46 -4.54 -44.78
C ARG E 220 -14.80 -4.19 -44.15
N LYS E 221 -15.50 -5.18 -43.62
CA LYS E 221 -16.85 -4.95 -43.10
C LYS E 221 -16.82 -4.13 -41.81
N GLN E 222 -15.89 -4.42 -40.89
CA GLN E 222 -15.80 -3.64 -39.67
C GLN E 222 -15.24 -2.25 -39.93
N MET E 223 -14.35 -2.11 -40.91
CA MET E 223 -13.86 -0.79 -41.30
C MET E 223 -14.97 0.05 -41.89
N ALA E 224 -15.84 -0.57 -42.71
CA ALA E 224 -16.96 0.16 -43.30
C ALA E 224 -17.99 0.54 -42.24
N GLN E 225 -18.21 -0.33 -41.25
CA GLN E 225 -19.15 -0.03 -40.19
C GLN E 225 -18.66 1.12 -39.31
N ILE E 226 -17.38 1.08 -38.92
CA ILE E 226 -16.80 2.17 -38.12
C ILE E 226 -16.76 3.46 -38.95
N ARG E 227 -16.46 3.34 -40.25
CA ARG E 227 -16.41 4.50 -41.14
C ARG E 227 -17.76 5.18 -41.26
N GLU E 228 -18.84 4.40 -41.44
CA GLU E 228 -20.15 5.02 -41.57
C GLU E 228 -20.63 5.58 -40.23
N MET E 229 -20.35 4.88 -39.11
CA MET E 229 -20.85 5.36 -37.83
C MET E 229 -20.09 6.58 -37.33
N VAL E 230 -18.89 6.85 -37.84
CA VAL E 230 -18.22 8.12 -37.57
C VAL E 230 -18.59 9.20 -38.57
N GLU E 231 -18.61 8.90 -39.88
CA GLU E 231 -18.73 9.99 -40.84
C GLU E 231 -20.19 10.42 -41.07
N LEU E 232 -21.17 9.56 -40.77
CA LEU E 232 -22.56 9.98 -40.94
C LEU E 232 -23.03 11.05 -39.95
N PRO E 233 -22.56 11.10 -38.69
CA PRO E 233 -22.76 12.35 -37.93
C PRO E 233 -21.96 13.53 -38.46
N LEU E 234 -20.78 13.29 -39.03
CA LEU E 234 -19.88 14.38 -39.37
C LEU E 234 -20.11 14.95 -40.77
N ARG E 235 -20.54 14.13 -41.74
CA ARG E 235 -20.78 14.66 -43.07
C ARG E 235 -22.06 15.47 -43.13
N HIS E 236 -23.13 14.97 -42.52
CA HIS E 236 -24.41 15.67 -42.51
C HIS E 236 -25.18 15.25 -41.27
N PRO E 237 -25.34 16.15 -40.29
CA PRO E 237 -26.20 15.86 -39.14
C PRO E 237 -27.68 16.04 -39.41
N GLN E 238 -28.05 16.51 -40.61
CA GLN E 238 -29.45 16.71 -40.96
C GLN E 238 -30.20 15.39 -41.10
N LEU E 239 -29.52 14.31 -41.46
CA LEU E 239 -30.17 13.00 -41.52
C LEU E 239 -30.57 12.51 -40.14
N PHE E 240 -29.67 12.64 -39.17
CA PHE E 240 -30.00 12.29 -37.79
C PHE E 240 -30.92 13.29 -37.12
N LYS E 241 -30.98 14.53 -37.63
CA LYS E 241 -32.01 15.46 -37.18
C LYS E 241 -33.38 15.10 -37.72
N ALA E 242 -33.46 14.63 -38.96
CA ALA E 242 -34.73 14.24 -39.57
C ALA E 242 -35.24 12.94 -38.99
N ILE E 243 -34.35 11.98 -38.70
CA ILE E 243 -34.81 10.73 -38.13
C ILE E 243 -35.05 10.89 -36.62
N GLY E 244 -34.48 11.94 -36.02
CA GLY E 244 -34.78 12.27 -34.64
C GLY E 244 -34.20 11.33 -33.60
N ILE E 245 -32.93 10.97 -33.72
CA ILE E 245 -32.26 10.10 -32.77
C ILE E 245 -30.78 10.45 -32.75
N LYS E 246 -30.10 10.07 -31.64
CA LYS E 246 -28.68 10.33 -31.47
C LYS E 246 -27.85 9.12 -31.89
N PRO E 247 -26.71 9.36 -32.54
CA PRO E 247 -25.86 8.24 -32.99
C PRO E 247 -25.10 7.65 -31.82
N PRO E 248 -24.61 6.41 -31.96
CA PRO E 248 -23.75 5.84 -30.92
C PRO E 248 -22.41 6.56 -30.83
N ARG E 249 -21.85 6.60 -29.62
CA ARG E 249 -20.62 7.32 -29.34
C ARG E 249 -19.64 6.44 -28.58
N GLY E 250 -19.46 5.21 -29.07
CA GLY E 250 -18.52 4.30 -28.44
C GLY E 250 -18.22 3.06 -29.26
N VAL E 251 -16.94 2.76 -29.44
CA VAL E 251 -16.48 1.58 -30.16
C VAL E 251 -15.50 0.83 -29.26
N LEU E 252 -15.83 -0.41 -28.92
CA LEU E 252 -14.95 -1.27 -28.13
C LEU E 252 -14.30 -2.29 -29.07
N MET E 253 -13.01 -2.11 -29.32
CA MET E 253 -12.26 -3.01 -30.19
C MET E 253 -11.54 -4.06 -29.35
N TYR E 254 -11.66 -5.32 -29.78
CA TYR E 254 -11.02 -6.42 -29.08
C TYR E 254 -10.47 -7.40 -30.12
N GLY E 255 -9.40 -8.09 -29.74
CA GLY E 255 -8.74 -9.02 -30.62
C GLY E 255 -7.30 -9.26 -30.19
N PRO E 256 -6.53 -9.97 -31.03
CA PRO E 256 -5.13 -10.21 -30.70
C PRO E 256 -4.31 -8.95 -30.89
N PRO E 257 -3.22 -8.79 -30.12
CA PRO E 257 -2.36 -7.61 -30.29
C PRO E 257 -1.59 -7.65 -31.59
N GLY E 258 -1.59 -6.53 -32.30
CA GLY E 258 -0.97 -6.46 -33.60
C GLY E 258 -1.90 -6.63 -34.78
N THR E 259 -3.16 -6.21 -34.65
CA THR E 259 -4.16 -6.43 -35.69
C THR E 259 -4.33 -5.22 -36.61
N GLY E 260 -4.32 -4.01 -36.05
CA GLY E 260 -4.51 -2.81 -36.85
C GLY E 260 -5.62 -1.92 -36.35
N LYS E 261 -5.99 -2.05 -35.08
CA LYS E 261 -7.11 -1.32 -34.52
C LYS E 261 -6.78 0.17 -34.35
N THR E 262 -5.61 0.51 -33.81
CA THR E 262 -5.25 1.91 -33.68
C THR E 262 -4.88 2.52 -35.03
N LEU E 263 -4.43 1.71 -35.99
CA LEU E 263 -4.24 2.20 -37.35
C LEU E 263 -5.56 2.54 -38.00
N MET E 264 -6.60 1.70 -37.79
CA MET E 264 -7.93 2.01 -38.31
C MET E 264 -8.51 3.25 -37.65
N ALA E 265 -8.31 3.41 -36.34
CA ALA E 265 -8.79 4.58 -35.63
C ALA E 265 -8.07 5.85 -36.11
N ARG E 266 -6.76 5.75 -36.36
CA ARG E 266 -6.01 6.89 -36.87
C ARG E 266 -6.40 7.23 -38.31
N ALA E 267 -6.76 6.20 -39.10
CA ALA E 267 -7.19 6.45 -40.47
C ALA E 267 -8.54 7.15 -40.51
N VAL E 268 -9.48 6.74 -39.64
CA VAL E 268 -10.76 7.43 -39.56
C VAL E 268 -10.59 8.84 -38.99
N ALA E 269 -9.67 9.02 -38.02
CA ALA E 269 -9.46 10.34 -37.45
C ALA E 269 -8.69 11.26 -38.40
N ASN E 270 -7.98 10.69 -39.37
CA ASN E 270 -7.26 11.51 -40.34
C ASN E 270 -8.13 11.85 -41.54
N GLU E 271 -8.97 10.89 -41.98
CA GLU E 271 -9.82 11.15 -43.14
C GLU E 271 -10.99 12.06 -42.83
N THR E 272 -11.35 12.21 -41.56
CA THR E 272 -12.41 13.10 -41.10
C THR E 272 -11.74 14.20 -40.27
N GLY E 273 -12.38 15.36 -40.18
CA GLY E 273 -11.78 16.48 -39.47
C GLY E 273 -11.84 16.42 -37.96
N ALA E 274 -11.31 15.35 -37.38
CA ALA E 274 -11.25 15.17 -35.93
C ALA E 274 -9.83 15.45 -35.43
N PHE E 275 -9.58 15.16 -34.15
CA PHE E 275 -8.26 15.35 -33.55
C PHE E 275 -7.93 14.08 -32.77
N PHE E 276 -7.02 13.27 -33.32
CA PHE E 276 -6.65 11.99 -32.72
C PHE E 276 -5.77 12.23 -31.50
N PHE E 277 -6.33 12.00 -30.32
CA PHE E 277 -5.58 12.09 -29.07
C PHE E 277 -5.41 10.69 -28.50
N LEU E 278 -4.17 10.30 -28.23
CA LEU E 278 -3.83 8.95 -27.81
C LEU E 278 -3.61 8.91 -26.30
N ILE E 279 -4.36 8.06 -25.61
CA ILE E 279 -4.22 7.84 -24.18
C ILE E 279 -3.82 6.38 -23.97
N ASN E 280 -2.72 6.17 -23.27
CA ASN E 280 -2.23 4.81 -23.00
C ASN E 280 -2.69 4.33 -21.62
N GLY E 281 -2.75 3.02 -21.48
CA GLY E 281 -3.22 2.40 -20.26
C GLY E 281 -2.26 2.54 -19.08
N PRO E 282 -1.11 1.85 -19.15
CA PRO E 282 -0.14 1.95 -18.04
C PRO E 282 0.57 3.28 -17.93
N GLU E 283 0.46 4.17 -18.93
CA GLU E 283 1.11 5.47 -18.83
C GLU E 283 0.32 6.41 -17.92
N VAL E 284 -1.01 6.42 -18.04
CA VAL E 284 -1.82 7.35 -17.26
C VAL E 284 -1.95 6.93 -15.80
N MET E 285 -1.73 5.65 -15.49
CA MET E 285 -1.85 5.17 -14.12
C MET E 285 -0.60 5.51 -13.33
N SER E 286 -0.80 5.98 -12.10
CA SER E 286 0.29 6.38 -11.22
C SER E 286 -0.02 5.97 -9.79
N LYS E 287 0.94 6.20 -8.90
CA LYS E 287 0.79 5.88 -7.49
C LYS E 287 0.30 7.07 -6.66
N MET E 288 0.38 8.29 -7.20
CA MET E 288 -0.12 9.45 -6.49
C MET E 288 -1.64 9.45 -6.48
N ALA E 289 -2.22 9.72 -5.31
CA ALA E 289 -3.66 9.71 -5.16
C ALA E 289 -4.26 10.96 -5.81
N GLY E 290 -5.28 10.74 -6.64
CA GLY E 290 -5.97 11.85 -7.28
C GLY E 290 -5.20 12.51 -8.40
N GLU E 291 -4.20 11.83 -8.96
CA GLU E 291 -3.42 12.34 -10.08
C GLU E 291 -3.79 11.70 -11.42
N SER E 292 -4.06 10.40 -11.43
CA SER E 292 -4.48 9.74 -12.66
C SER E 292 -5.88 10.15 -13.07
N GLU E 293 -6.77 10.36 -12.09
CA GLU E 293 -8.09 10.91 -12.39
C GLU E 293 -8.00 12.35 -12.89
N SER E 294 -7.05 13.12 -12.35
CA SER E 294 -6.83 14.47 -12.84
C SER E 294 -6.28 14.46 -14.26
N ASN E 295 -5.43 13.48 -14.59
CA ASN E 295 -4.92 13.34 -15.95
C ASN E 295 -6.03 12.95 -16.92
N LEU E 296 -6.94 12.06 -16.49
CA LEU E 296 -8.08 11.69 -17.32
C LEU E 296 -9.03 12.86 -17.53
N ARG E 297 -9.26 13.66 -16.49
CA ARG E 297 -10.11 14.83 -16.62
C ARG E 297 -9.47 15.89 -17.52
N LYS E 298 -8.15 16.04 -17.43
CA LYS E 298 -7.43 16.98 -18.30
C LYS E 298 -7.47 16.53 -19.76
N ALA E 299 -7.34 15.22 -19.99
CA ALA E 299 -7.41 14.69 -21.34
C ALA E 299 -8.81 14.84 -21.93
N PHE E 300 -9.85 14.60 -21.12
CA PHE E 300 -11.21 14.77 -21.61
C PHE E 300 -11.55 16.24 -21.84
N GLU E 301 -11.03 17.14 -21.00
CA GLU E 301 -11.27 18.57 -21.21
C GLU E 301 -10.53 19.08 -22.44
N GLU E 302 -9.33 18.54 -22.71
CA GLU E 302 -8.60 18.92 -23.91
C GLU E 302 -9.27 18.38 -25.16
N ALA E 303 -9.86 17.18 -25.07
CA ALA E 303 -10.59 16.62 -26.19
C ALA E 303 -11.92 17.31 -26.44
N GLU E 304 -12.57 17.84 -25.40
CA GLU E 304 -13.82 18.55 -25.56
C GLU E 304 -13.65 20.05 -25.78
N LYS E 305 -12.43 20.57 -25.61
CA LYS E 305 -12.24 22.01 -25.67
C LYS E 305 -12.14 22.52 -27.11
N ASN E 306 -11.29 21.89 -27.92
CA ASN E 306 -10.93 22.44 -29.23
C ASN E 306 -11.97 22.15 -30.31
N ALA E 307 -12.34 20.88 -30.49
CA ALA E 307 -13.15 20.48 -31.64
C ALA E 307 -13.83 19.14 -31.36
N PRO E 308 -14.86 18.76 -32.12
CA PRO E 308 -15.31 17.35 -32.10
C PRO E 308 -14.19 16.44 -32.56
N ALA E 309 -13.70 15.60 -31.64
CA ALA E 309 -12.50 14.83 -31.85
C ALA E 309 -12.79 13.35 -31.57
N ILE E 310 -11.74 12.54 -31.68
CA ILE E 310 -11.83 11.10 -31.45
C ILE E 310 -10.81 10.74 -30.38
N ILE E 311 -11.30 10.17 -29.27
CA ILE E 311 -10.45 9.74 -28.17
C ILE E 311 -10.15 8.26 -28.32
N PHE E 312 -8.87 7.90 -28.31
CA PHE E 312 -8.44 6.50 -28.37
C PHE E 312 -7.72 6.18 -27.07
N ILE E 313 -8.42 5.53 -26.14
CA ILE E 313 -7.82 5.05 -24.90
C ILE E 313 -7.36 3.60 -25.13
N ASP E 314 -6.04 3.40 -25.09
CA ASP E 314 -5.45 2.11 -25.41
C ASP E 314 -5.23 1.30 -24.15
N GLU E 315 -5.43 -0.02 -24.28
CA GLU E 315 -5.21 -1.02 -23.22
C GLU E 315 -6.05 -0.71 -21.98
N ILE E 316 -7.38 -0.73 -22.15
CA ILE E 316 -8.29 -0.40 -21.06
C ILE E 316 -8.46 -1.53 -20.06
N ASP E 317 -7.96 -2.72 -20.35
CA ASP E 317 -8.10 -3.84 -19.42
C ASP E 317 -7.19 -3.69 -18.20
N SER E 318 -6.14 -2.90 -18.30
CA SER E 318 -5.25 -2.69 -17.16
C SER E 318 -5.85 -1.70 -16.16
N ILE E 319 -6.74 -0.82 -16.62
CA ILE E 319 -7.35 0.17 -15.75
C ILE E 319 -8.84 -0.13 -15.59
N ALA E 320 -9.21 -1.40 -15.76
CA ALA E 320 -10.58 -1.86 -15.48
C ALA E 320 -10.50 -3.23 -14.83
N PRO E 321 -10.24 -3.27 -13.52
CA PRO E 321 -10.02 -4.56 -12.85
C PRO E 321 -11.28 -5.22 -12.33
N LYS E 322 -12.44 -4.79 -12.84
CA LYS E 322 -13.81 -5.26 -12.57
C LYS E 322 -14.29 -4.93 -11.15
N ARG E 323 -13.57 -4.07 -10.41
CA ARG E 323 -13.97 -3.49 -9.12
C ARG E 323 -14.19 -4.50 -7.99
N ASP E 324 -13.88 -5.77 -8.21
CA ASP E 324 -14.06 -6.79 -7.19
C ASP E 324 -12.83 -7.67 -6.98
N LYS E 325 -12.04 -7.89 -8.03
CA LYS E 325 -10.83 -8.71 -7.90
C LYS E 325 -9.65 -7.89 -7.42
N THR E 326 -9.69 -6.57 -7.62
CA THR E 326 -8.58 -5.73 -7.24
C THR E 326 -8.59 -5.43 -5.75
N ASN E 327 -7.47 -4.90 -5.26
CA ASN E 327 -7.34 -4.46 -3.87
C ASN E 327 -7.02 -2.98 -3.82
N GLY E 328 -6.52 -2.43 -4.92
CA GLY E 328 -6.12 -1.03 -4.95
C GLY E 328 -7.30 -0.09 -5.08
N GLU E 329 -7.23 1.02 -4.35
CA GLU E 329 -8.29 2.03 -4.39
C GLU E 329 -8.18 2.92 -5.63
N VAL E 330 -6.97 3.13 -6.14
CA VAL E 330 -6.76 4.04 -7.26
C VAL E 330 -7.35 3.48 -8.55
N GLU E 331 -7.36 2.15 -8.71
CA GLU E 331 -7.96 1.54 -9.88
C GLU E 331 -9.48 1.71 -9.89
N ARG E 332 -10.12 1.51 -8.73
CA ARG E 332 -11.55 1.78 -8.63
C ARG E 332 -11.85 3.26 -8.77
N ARG E 333 -10.94 4.13 -8.35
CA ARG E 333 -11.15 5.57 -8.49
C ARG E 333 -11.07 6.01 -9.95
N VAL E 334 -10.13 5.45 -10.72
CA VAL E 334 -10.07 5.83 -12.13
C VAL E 334 -11.18 5.14 -12.92
N VAL E 335 -11.68 4.00 -12.44
CA VAL E 335 -12.87 3.38 -13.03
C VAL E 335 -14.09 4.29 -12.82
N SER E 336 -14.25 4.82 -11.61
CA SER E 336 -15.34 5.75 -11.33
C SER E 336 -15.18 7.06 -12.09
N GLN E 337 -13.93 7.51 -12.30
CA GLN E 337 -13.69 8.71 -13.09
C GLN E 337 -14.06 8.49 -14.56
N LEU E 338 -13.75 7.30 -15.10
CA LEU E 338 -14.14 7.00 -16.48
C LEU E 338 -15.65 6.86 -16.61
N LEU E 339 -16.32 6.26 -15.62
CA LEU E 339 -17.76 6.12 -15.65
C LEU E 339 -18.46 7.48 -15.48
N THR E 340 -17.83 8.41 -14.76
CA THR E 340 -18.39 9.75 -14.63
C THR E 340 -18.17 10.58 -15.89
N LEU E 341 -16.98 10.49 -16.49
CA LEU E 341 -16.68 11.27 -17.68
C LEU E 341 -17.41 10.75 -18.91
N MET E 342 -17.79 9.46 -18.91
CA MET E 342 -18.45 8.90 -20.09
C MET E 342 -19.96 9.10 -20.04
N ASP E 343 -20.55 9.10 -18.84
CA ASP E 343 -21.99 9.27 -18.71
C ASP E 343 -22.30 10.09 -17.47
N GLY E 344 -23.28 10.98 -17.60
CA GLY E 344 -23.68 11.85 -16.50
C GLY E 344 -24.32 13.12 -17.05
N MET E 345 -24.44 14.11 -16.17
CA MET E 345 -24.95 15.40 -16.57
C MET E 345 -23.89 16.14 -17.39
N LYS E 346 -24.31 16.61 -18.58
CA LYS E 346 -23.52 17.17 -19.68
C LYS E 346 -22.17 16.47 -19.86
N ALA E 347 -22.22 15.15 -20.07
CA ALA E 347 -21.01 14.32 -20.11
C ALA E 347 -20.21 14.55 -21.40
N ARG E 348 -20.83 14.30 -22.55
CA ARG E 348 -20.13 14.39 -23.82
C ARG E 348 -20.92 15.27 -24.78
N SER E 349 -20.21 16.15 -25.47
CA SER E 349 -20.79 17.08 -26.45
C SER E 349 -20.08 16.85 -27.78
N ASN E 350 -20.64 15.93 -28.58
CA ASN E 350 -20.15 15.57 -29.93
C ASN E 350 -18.70 15.09 -29.90
N VAL E 351 -18.49 13.98 -29.20
CA VAL E 351 -17.17 13.35 -29.11
C VAL E 351 -17.37 11.85 -28.90
N VAL E 352 -16.63 11.05 -29.68
CA VAL E 352 -16.74 9.60 -29.66
C VAL E 352 -15.43 9.03 -29.11
N VAL E 353 -15.52 8.02 -28.25
CA VAL E 353 -14.35 7.38 -27.66
C VAL E 353 -14.17 5.99 -28.27
N ILE E 354 -12.92 5.60 -28.43
CA ILE E 354 -12.54 4.29 -28.96
C ILE E 354 -11.63 3.62 -27.95
N ALA E 355 -11.78 2.30 -27.80
CA ALA E 355 -10.98 1.53 -26.86
C ALA E 355 -10.22 0.46 -27.62
N ALA E 356 -9.39 -0.27 -26.88
CA ALA E 356 -8.60 -1.37 -27.44
C ALA E 356 -8.22 -2.30 -26.30
N THR E 357 -8.42 -3.60 -26.50
CA THR E 357 -8.12 -4.60 -25.48
C THR E 357 -7.84 -5.93 -26.16
N ASN E 358 -7.30 -6.87 -25.38
CA ASN E 358 -7.06 -8.24 -25.83
C ASN E 358 -8.09 -9.21 -25.30
N ARG E 359 -8.46 -9.10 -24.03
CA ARG E 359 -9.51 -9.93 -23.43
C ARG E 359 -10.67 -9.03 -23.05
N PRO E 360 -11.77 -9.03 -23.80
CA PRO E 360 -12.89 -8.13 -23.52
C PRO E 360 -13.78 -8.55 -22.36
N ASN E 361 -13.49 -9.68 -21.70
CA ASN E 361 -14.31 -10.12 -20.57
C ASN E 361 -13.92 -9.45 -19.27
N SER E 362 -12.71 -8.92 -19.15
CA SER E 362 -12.27 -8.23 -17.94
C SER E 362 -12.53 -6.72 -18.04
N ILE E 363 -13.75 -6.36 -18.43
CA ILE E 363 -14.20 -4.97 -18.48
C ILE E 363 -15.47 -4.90 -17.63
N ASP E 364 -15.78 -3.70 -17.14
CA ASP E 364 -16.94 -3.50 -16.29
C ASP E 364 -18.24 -3.71 -17.07
N PRO E 365 -19.27 -4.28 -16.44
CA PRO E 365 -20.60 -4.27 -17.07
C PRO E 365 -21.20 -2.89 -17.19
N ALA E 366 -20.79 -1.94 -16.33
CA ALA E 366 -21.16 -0.54 -16.50
C ALA E 366 -20.35 0.15 -17.59
N LEU E 367 -19.14 -0.35 -17.88
CA LEU E 367 -18.36 0.22 -18.98
C LEU E 367 -18.82 -0.32 -20.33
N ARG E 368 -19.25 -1.58 -20.38
CA ARG E 368 -19.76 -2.20 -21.60
C ARG E 368 -21.25 -1.90 -21.83
N ARG E 369 -21.76 -0.82 -21.23
CA ARG E 369 -23.15 -0.42 -21.29
C ARG E 369 -23.37 0.47 -22.51
N PHE E 370 -24.65 0.77 -22.79
CA PHE E 370 -24.97 1.73 -23.84
C PHE E 370 -24.59 3.14 -23.42
N GLY E 371 -24.02 3.88 -24.37
CA GLY E 371 -23.56 5.22 -24.12
C GLY E 371 -22.08 5.35 -23.84
N ARG E 372 -21.42 4.27 -23.42
CA ARG E 372 -19.99 4.29 -23.18
C ARG E 372 -19.25 3.42 -24.18
N PHE E 373 -19.56 2.12 -24.23
CA PHE E 373 -18.93 1.17 -25.15
C PHE E 373 -20.03 0.31 -25.80
N ASP E 374 -21.05 0.98 -26.33
CA ASP E 374 -22.27 0.34 -26.84
C ASP E 374 -22.04 -0.52 -28.09
N ARG E 375 -20.89 -0.44 -28.74
CA ARG E 375 -20.60 -1.28 -29.89
C ARG E 375 -19.30 -2.03 -29.66
N GLU E 376 -19.34 -3.34 -29.87
CA GLU E 376 -18.20 -4.21 -29.69
C GLU E 376 -17.82 -4.79 -31.04
N VAL E 377 -16.61 -4.49 -31.49
CA VAL E 377 -16.15 -4.83 -32.84
C VAL E 377 -15.05 -5.88 -32.73
N ASP E 378 -15.24 -7.01 -33.41
CA ASP E 378 -14.28 -8.11 -33.39
C ASP E 378 -13.34 -7.91 -34.59
N ILE E 379 -12.15 -7.39 -34.33
CA ILE E 379 -11.11 -7.25 -35.34
C ILE E 379 -10.15 -8.40 -35.13
N GLY E 380 -10.40 -9.52 -35.81
CA GLY E 380 -9.63 -10.73 -35.62
C GLY E 380 -8.53 -10.87 -36.66
N ILE E 381 -7.99 -12.09 -36.72
CA ILE E 381 -6.91 -12.40 -37.67
C ILE E 381 -7.49 -12.47 -39.08
N PRO E 382 -6.91 -11.76 -40.05
CA PRO E 382 -7.47 -11.77 -41.41
C PRO E 382 -7.22 -13.10 -42.12
N ASP E 383 -7.97 -13.30 -43.19
CA ASP E 383 -7.89 -14.52 -44.00
C ASP E 383 -6.86 -14.31 -45.12
N ALA E 384 -6.88 -15.19 -46.13
CA ALA E 384 -5.83 -15.20 -47.15
C ALA E 384 -5.92 -13.97 -48.06
N THR E 385 -7.14 -13.58 -48.45
CA THR E 385 -7.28 -12.40 -49.30
C THR E 385 -6.95 -11.10 -48.56
N GLY E 386 -7.27 -11.03 -47.27
CA GLY E 386 -6.89 -9.87 -46.48
C GLY E 386 -5.39 -9.80 -46.25
N ARG E 387 -4.76 -10.96 -46.05
CA ARG E 387 -3.31 -11.01 -45.93
C ARG E 387 -2.62 -10.63 -47.23
N LEU E 388 -3.21 -11.01 -48.36
CA LEU E 388 -2.70 -10.59 -49.66
C LEU E 388 -2.90 -9.09 -49.88
N GLU E 389 -3.99 -8.53 -49.36
CA GLU E 389 -4.20 -7.08 -49.42
C GLU E 389 -3.18 -6.33 -48.57
N VAL E 390 -2.85 -6.86 -47.40
CA VAL E 390 -1.82 -6.26 -46.55
C VAL E 390 -0.45 -6.36 -47.20
N LEU E 391 -0.18 -7.50 -47.87
CA LEU E 391 1.06 -7.67 -48.62
C LEU E 391 1.14 -6.70 -49.81
N ARG E 392 0.00 -6.42 -50.44
CA ARG E 392 -0.01 -5.50 -51.56
C ARG E 392 0.15 -4.04 -51.11
N ILE E 393 -0.44 -3.68 -49.97
CA ILE E 393 -0.35 -2.29 -49.51
C ILE E 393 0.95 -2.02 -48.74
N HIS E 394 1.63 -3.06 -48.27
CA HIS E 394 2.91 -2.88 -47.58
C HIS E 394 4.10 -2.90 -48.52
N THR E 395 3.95 -3.46 -49.73
CA THR E 395 4.98 -3.41 -50.75
C THR E 395 4.65 -2.42 -51.87
N LYS E 396 3.95 -1.34 -51.53
CA LYS E 396 3.50 -0.39 -52.55
C LYS E 396 4.57 0.65 -52.87
N ASN E 397 5.39 1.03 -51.88
CA ASN E 397 6.37 2.09 -52.05
C ASN E 397 7.75 1.55 -52.43
N MET E 398 7.80 0.39 -53.09
CA MET E 398 9.06 -0.18 -53.52
C MET E 398 8.85 -1.07 -54.73
N LYS E 399 9.71 -0.91 -55.74
CA LYS E 399 9.71 -1.77 -56.92
C LYS E 399 10.48 -3.03 -56.56
N LEU E 400 9.76 -4.10 -56.18
CA LEU E 400 10.36 -5.40 -55.71
C LEU E 400 11.01 -6.31 -56.76
N ALA E 401 10.31 -6.66 -57.85
CA ALA E 401 10.81 -7.53 -58.92
C ALA E 401 9.72 -7.66 -59.98
N ASP E 402 9.94 -8.57 -60.92
CA ASP E 402 8.94 -8.90 -61.94
C ASP E 402 8.37 -10.30 -61.76
N ASP E 403 9.12 -11.21 -61.11
CA ASP E 403 8.73 -12.61 -61.03
C ASP E 403 8.41 -13.04 -59.59
N VAL E 404 8.03 -12.12 -58.72
CA VAL E 404 7.64 -12.46 -57.36
C VAL E 404 6.13 -12.71 -57.35
N ASP E 405 5.73 -13.92 -56.96
CA ASP E 405 4.34 -14.30 -56.87
C ASP E 405 3.91 -14.20 -55.40
N LEU E 406 2.84 -13.45 -55.14
CA LEU E 406 2.36 -13.24 -53.78
C LEU E 406 1.45 -14.36 -53.29
N GLU E 407 1.17 -15.37 -54.12
CA GLU E 407 0.33 -16.49 -53.69
C GLU E 407 1.03 -17.34 -52.65
N ALA E 408 2.32 -17.64 -52.86
CA ALA E 408 3.09 -18.39 -51.87
C ALA E 408 3.32 -17.57 -50.61
N LEU E 409 3.48 -16.26 -50.74
CA LEU E 409 3.64 -15.39 -49.59
C LEU E 409 2.35 -15.21 -48.80
N ALA E 410 1.20 -15.39 -49.43
CA ALA E 410 -0.09 -15.33 -48.74
C ALA E 410 -0.54 -16.69 -48.23
N ALA E 411 0.01 -17.79 -48.77
CA ALA E 411 -0.35 -19.12 -48.32
C ALA E 411 0.60 -19.71 -47.29
N GLU E 412 1.88 -19.31 -47.29
CA GLU E 412 2.83 -19.89 -46.36
C GLU E 412 2.80 -19.20 -45.00
N THR E 413 2.55 -17.89 -44.97
CA THR E 413 2.46 -17.15 -43.70
C THR E 413 1.04 -17.20 -43.15
N HIS E 414 0.62 -18.41 -42.80
CA HIS E 414 -0.76 -18.67 -42.38
C HIS E 414 -1.06 -18.22 -40.96
N GLY E 415 -0.04 -17.87 -40.17
CA GLY E 415 -0.28 -17.48 -38.79
C GLY E 415 0.20 -16.08 -38.46
N TYR E 416 0.29 -15.22 -39.47
CA TYR E 416 0.75 -13.86 -39.27
C TYR E 416 -0.44 -12.95 -38.95
N VAL E 417 -0.29 -12.15 -37.89
CA VAL E 417 -1.41 -11.35 -37.39
C VAL E 417 -1.63 -10.11 -38.24
N GLY E 418 -0.56 -9.55 -38.81
CA GLY E 418 -0.70 -8.36 -39.63
C GLY E 418 0.35 -7.31 -39.32
N ALA E 419 0.77 -7.24 -38.06
CA ALA E 419 1.86 -6.35 -37.65
C ALA E 419 3.22 -6.98 -37.87
N ASP E 420 3.29 -8.28 -38.14
CA ASP E 420 4.54 -8.94 -38.48
C ASP E 420 4.83 -8.92 -39.97
N ILE E 421 3.82 -8.63 -40.80
CA ILE E 421 4.03 -8.59 -42.25
C ILE E 421 4.88 -7.38 -42.64
N ALA E 422 4.66 -6.24 -41.98
CA ALA E 422 5.48 -5.05 -42.24
C ALA E 422 6.92 -5.28 -41.80
N SER E 423 7.12 -5.96 -40.67
CA SER E 423 8.46 -6.31 -40.23
C SER E 423 9.10 -7.33 -41.16
N LEU E 424 8.29 -8.21 -41.75
CA LEU E 424 8.79 -9.18 -42.72
C LEU E 424 9.30 -8.49 -43.98
N CYS E 425 8.51 -7.57 -44.53
CA CYS E 425 8.92 -6.83 -45.72
C CYS E 425 10.10 -5.92 -45.44
N SER E 426 10.14 -5.33 -44.23
CA SER E 426 11.27 -4.48 -43.86
C SER E 426 12.55 -5.30 -43.68
N GLU E 427 12.44 -6.51 -43.10
CA GLU E 427 13.61 -7.38 -42.95
C GLU E 427 14.10 -7.89 -44.30
N ALA E 428 13.18 -8.18 -45.23
CA ALA E 428 13.60 -8.59 -46.57
C ALA E 428 14.26 -7.46 -47.33
N ALA E 429 13.71 -6.24 -47.24
CA ALA E 429 14.31 -5.08 -47.91
C ALA E 429 15.63 -4.69 -47.28
N MET E 430 15.81 -4.96 -45.98
CA MET E 430 17.09 -4.71 -45.35
C MET E 430 18.12 -5.76 -45.74
N GLN E 431 17.70 -7.03 -45.80
CA GLN E 431 18.62 -8.12 -46.10
C GLN E 431 19.08 -8.12 -47.55
N GLN E 432 18.22 -7.65 -48.47
CA GLN E 432 18.63 -7.55 -49.86
C GLN E 432 19.74 -6.52 -50.06
N ILE E 433 19.59 -5.34 -49.45
CA ILE E 433 20.62 -4.31 -49.53
C ILE E 433 21.84 -4.73 -48.72
N ARG E 434 21.66 -5.53 -47.66
CA ARG E 434 22.79 -6.01 -46.88
C ARG E 434 23.63 -7.01 -47.65
N GLU E 435 22.99 -7.94 -48.37
CA GLU E 435 23.70 -8.90 -49.18
C GLU E 435 24.14 -8.33 -50.53
N LYS E 436 23.64 -7.15 -50.92
CA LYS E 436 24.05 -6.51 -52.17
C LYS E 436 24.99 -5.33 -51.96
N MET E 437 25.70 -5.28 -50.83
CA MET E 437 26.63 -4.19 -50.57
C MET E 437 28.02 -4.67 -50.18
N ASP E 438 28.32 -5.97 -50.31
CA ASP E 438 29.61 -6.49 -49.87
C ASP E 438 30.73 -6.10 -50.81
N LEU E 439 30.45 -6.00 -52.12
CA LEU E 439 31.44 -5.60 -53.10
C LEU E 439 31.32 -4.13 -53.50
N ILE E 440 30.10 -3.65 -53.71
CA ILE E 440 29.88 -2.26 -54.06
C ILE E 440 30.07 -1.40 -52.82
N ASP E 441 30.70 -0.23 -53.00
CA ASP E 441 31.04 0.65 -51.88
C ASP E 441 29.79 1.22 -51.22
N LEU E 442 29.97 1.71 -50.00
CA LEU E 442 28.88 2.12 -49.11
C LEU E 442 28.74 3.63 -49.04
N ASP E 443 28.91 4.31 -50.19
CA ASP E 443 28.82 5.76 -50.34
C ASP E 443 29.81 6.50 -49.43
N GLU E 444 31.06 6.06 -49.45
CA GLU E 444 32.11 6.73 -48.68
C GLU E 444 32.72 7.90 -49.44
N ASP E 445 32.70 7.88 -50.77
CA ASP E 445 33.26 8.96 -51.57
C ASP E 445 32.23 9.62 -52.47
N GLU E 446 31.43 8.84 -53.21
CA GLU E 446 30.52 9.40 -54.20
C GLU E 446 29.46 8.36 -54.52
N ILE E 447 28.22 8.82 -54.65
CA ILE E 447 27.12 7.91 -55.01
C ILE E 447 27.27 7.48 -56.47
N ASP E 448 26.69 6.32 -56.78
CA ASP E 448 26.81 5.72 -58.10
C ASP E 448 25.46 5.73 -58.80
N ALA E 449 25.50 5.63 -60.13
CA ALA E 449 24.29 5.75 -60.96
C ALA E 449 23.71 4.39 -61.34
N GLU E 450 24.54 3.38 -61.54
CA GLU E 450 24.07 2.08 -62.02
C GLU E 450 23.69 1.12 -60.90
N VAL E 451 24.05 1.43 -59.66
CA VAL E 451 23.70 0.54 -58.55
C VAL E 451 22.23 0.71 -58.16
N LEU E 452 21.69 1.93 -58.26
CA LEU E 452 20.29 2.15 -57.92
C LEU E 452 19.35 1.53 -58.93
N ASP E 453 19.82 1.33 -60.16
CA ASP E 453 19.05 0.59 -61.15
C ASP E 453 19.05 -0.89 -60.82
N SER E 454 17.92 -1.55 -61.12
CA SER E 454 17.71 -3.00 -60.92
C SER E 454 17.86 -3.39 -59.45
N LEU E 455 17.23 -2.64 -58.56
CA LEU E 455 17.19 -2.96 -57.14
C LEU E 455 15.84 -3.54 -56.76
N GLY E 456 15.81 -4.23 -55.63
CA GLY E 456 14.57 -4.78 -55.10
C GLY E 456 14.77 -6.20 -54.62
N VAL E 457 13.75 -6.69 -53.93
CA VAL E 457 13.80 -8.01 -53.31
C VAL E 457 13.31 -9.05 -54.31
N THR E 458 13.75 -10.29 -54.11
CA THR E 458 13.34 -11.43 -54.91
C THR E 458 12.68 -12.46 -53.99
N MET E 459 12.42 -13.65 -54.54
CA MET E 459 11.74 -14.70 -53.79
C MET E 459 12.61 -15.29 -52.69
N ASP E 460 13.93 -15.41 -52.93
CA ASP E 460 14.81 -15.98 -51.92
C ASP E 460 15.00 -15.05 -50.73
N ASN E 461 14.88 -13.73 -50.95
CA ASN E 461 14.88 -12.79 -49.84
C ASN E 461 13.67 -12.98 -48.93
N PHE E 462 12.50 -13.21 -49.53
CA PHE E 462 11.32 -13.53 -48.74
C PHE E 462 11.40 -14.90 -48.09
N ARG E 463 12.10 -15.86 -48.70
CA ARG E 463 12.33 -17.15 -48.06
C ARG E 463 13.23 -17.02 -46.84
N PHE E 464 14.28 -16.19 -46.95
CA PHE E 464 15.14 -15.92 -45.80
C PHE E 464 14.42 -15.13 -44.72
N ALA E 465 13.49 -14.25 -45.12
CA ALA E 465 12.70 -13.50 -44.15
C ALA E 465 11.72 -14.41 -43.42
N LEU E 466 11.14 -15.39 -44.13
CA LEU E 466 10.28 -16.37 -43.48
C LEU E 466 11.08 -17.32 -42.59
N GLY E 467 12.33 -17.60 -42.97
CA GLY E 467 13.19 -18.41 -42.10
C GLY E 467 13.61 -17.66 -40.85
N ASN E 468 13.79 -16.34 -40.96
CA ASN E 468 14.14 -15.53 -39.81
C ASN E 468 12.89 -15.18 -39.00
N SER E 481 4.15 -24.41 -39.23
CA SER E 481 5.53 -24.04 -39.01
C SER E 481 6.49 -25.19 -39.33
N VAL E 482 5.94 -26.23 -39.95
CA VAL E 482 6.71 -27.41 -40.33
C VAL E 482 7.07 -27.30 -41.80
N ASN E 483 8.13 -27.99 -42.20
CA ASN E 483 8.65 -27.91 -43.57
C ASN E 483 8.48 -29.26 -44.27
N VAL E 484 7.28 -29.49 -44.78
CA VAL E 484 6.94 -30.64 -45.61
C VAL E 484 6.02 -30.14 -46.72
N THR E 485 6.04 -30.84 -47.86
CA THR E 485 5.01 -30.63 -48.88
C THR E 485 4.78 -31.94 -49.65
N TRP E 486 3.87 -32.77 -49.10
CA TRP E 486 3.31 -33.97 -49.73
C TRP E 486 4.31 -34.98 -50.29
N ASP E 487 5.55 -34.96 -49.83
CA ASP E 487 6.59 -35.77 -50.45
C ASP E 487 7.40 -36.55 -49.42
N ASP E 488 7.46 -36.07 -48.19
CA ASP E 488 8.25 -36.74 -47.15
C ASP E 488 7.57 -38.00 -46.63
N VAL E 489 6.27 -38.15 -46.85
CA VAL E 489 5.57 -39.37 -46.45
C VAL E 489 5.67 -40.40 -47.57
N GLY E 490 5.87 -41.66 -47.21
CA GLY E 490 6.00 -42.73 -48.17
C GLY E 490 4.86 -43.72 -48.04
N GLY E 491 4.32 -44.13 -49.19
CA GLY E 491 3.22 -45.06 -49.20
C GLY E 491 1.91 -44.41 -48.77
N LEU E 492 0.94 -45.28 -48.47
CA LEU E 492 -0.40 -44.92 -48.00
C LEU E 492 -1.11 -43.97 -48.97
N ASP E 493 -1.28 -44.47 -50.21
CA ASP E 493 -1.81 -43.62 -51.27
C ASP E 493 -3.30 -43.36 -51.07
N GLU E 494 -4.07 -44.38 -50.68
CA GLU E 494 -5.50 -44.16 -50.48
C GLU E 494 -5.77 -43.36 -49.21
N ILE E 495 -4.89 -43.47 -48.20
CA ILE E 495 -5.04 -42.68 -46.99
C ILE E 495 -4.69 -41.22 -47.27
N LYS E 496 -3.66 -41.00 -48.08
CA LYS E 496 -3.31 -39.63 -48.50
C LYS E 496 -4.40 -39.02 -49.36
N GLU E 497 -5.03 -39.83 -50.22
CA GLU E 497 -6.13 -39.32 -51.06
C GLU E 497 -7.35 -38.98 -50.21
N GLU E 498 -7.68 -39.83 -49.23
CA GLU E 498 -8.84 -39.57 -48.37
C GLU E 498 -8.62 -38.35 -47.48
N LEU E 499 -7.41 -38.21 -46.91
CA LEU E 499 -7.10 -37.03 -46.11
C LEU E 499 -7.06 -35.76 -46.95
N LYS E 500 -6.49 -35.85 -48.15
CA LYS E 500 -6.43 -34.71 -49.05
C LYS E 500 -7.83 -34.25 -49.46
N GLU E 501 -8.72 -35.20 -49.73
CA GLU E 501 -10.11 -34.86 -50.06
C GLU E 501 -10.82 -34.21 -48.87
N THR E 502 -10.91 -34.94 -47.74
CA THR E 502 -11.68 -34.44 -46.60
C THR E 502 -11.01 -33.29 -45.85
N VAL E 503 -9.83 -32.83 -46.23
CA VAL E 503 -9.27 -31.60 -45.69
C VAL E 503 -9.28 -30.47 -46.72
N GLU E 504 -8.86 -30.74 -47.96
CA GLU E 504 -8.75 -29.70 -48.96
C GLU E 504 -10.10 -29.27 -49.54
N TYR E 505 -11.13 -30.14 -49.46
CA TYR E 505 -12.43 -29.78 -50.04
C TYR E 505 -13.24 -28.71 -49.28
N PRO E 506 -13.33 -28.69 -47.93
CA PRO E 506 -14.07 -27.59 -47.30
C PRO E 506 -13.35 -26.24 -47.32
N VAL E 507 -12.10 -26.19 -47.76
CA VAL E 507 -11.34 -24.94 -47.78
C VAL E 507 -11.47 -24.29 -49.15
N LEU E 508 -11.42 -25.12 -50.20
CA LEU E 508 -11.38 -24.61 -51.57
C LEU E 508 -12.76 -24.28 -52.13
N HIS E 509 -13.78 -25.05 -51.78
CA HIS E 509 -15.13 -24.85 -52.33
C HIS E 509 -16.14 -24.68 -51.20
N PRO E 510 -16.27 -23.45 -50.67
CA PRO E 510 -17.36 -23.19 -49.72
C PRO E 510 -18.68 -22.91 -50.42
N ASP E 511 -18.61 -22.33 -51.63
CA ASP E 511 -19.82 -21.96 -52.35
C ASP E 511 -20.60 -23.18 -52.83
N GLN E 512 -19.90 -24.24 -53.25
CA GLN E 512 -20.57 -25.47 -53.64
C GLN E 512 -21.19 -26.19 -52.44
N TYR E 513 -20.57 -26.06 -51.26
CA TYR E 513 -21.16 -26.65 -50.06
C TYR E 513 -22.35 -25.85 -49.56
N THR E 514 -22.36 -24.52 -49.75
CA THR E 514 -23.57 -23.77 -49.45
C THR E 514 -24.66 -23.98 -50.50
N LYS E 515 -24.28 -24.33 -51.73
CA LYS E 515 -25.27 -24.74 -52.72
C LYS E 515 -25.88 -26.08 -52.36
N PHE E 516 -25.06 -27.04 -51.93
CA PHE E 516 -25.56 -28.32 -51.45
C PHE E 516 -26.21 -28.21 -50.07
N GLY E 517 -25.81 -27.23 -49.27
CA GLY E 517 -26.44 -27.00 -47.97
C GLY E 517 -26.12 -28.04 -46.91
N LEU E 518 -24.85 -28.42 -46.80
CA LEU E 518 -24.43 -29.41 -45.80
C LEU E 518 -23.06 -29.05 -45.27
N SER E 519 -22.81 -29.41 -44.01
CA SER E 519 -21.55 -29.21 -43.31
C SER E 519 -20.64 -30.41 -43.51
N PRO E 520 -19.34 -30.19 -43.72
CA PRO E 520 -18.42 -31.30 -44.00
C PRO E 520 -18.01 -32.02 -42.71
N SER E 521 -17.25 -33.09 -42.89
CA SER E 521 -16.74 -33.85 -41.76
C SER E 521 -15.47 -33.22 -41.22
N LYS E 522 -15.19 -33.46 -39.94
CA LYS E 522 -14.09 -32.81 -39.26
C LYS E 522 -13.05 -33.80 -38.76
N GLY E 523 -13.45 -34.84 -38.03
CA GLY E 523 -12.50 -35.65 -37.27
C GLY E 523 -11.94 -36.85 -38.02
N VAL E 524 -10.63 -37.02 -37.89
CA VAL E 524 -9.92 -38.21 -38.36
C VAL E 524 -9.16 -38.80 -37.17
N LEU E 525 -9.26 -40.12 -37.00
CA LEU E 525 -8.58 -40.81 -35.92
C LEU E 525 -7.67 -41.89 -36.50
N PHE E 526 -6.41 -41.89 -36.08
CA PHE E 526 -5.44 -42.90 -36.49
C PHE E 526 -5.13 -43.83 -35.32
N TYR E 527 -4.84 -45.09 -35.66
CA TYR E 527 -4.42 -46.06 -34.66
C TYR E 527 -3.56 -47.12 -35.33
N GLY E 528 -2.72 -47.77 -34.52
CA GLY E 528 -1.82 -48.78 -35.02
C GLY E 528 -0.52 -48.81 -34.24
N PRO E 529 0.54 -49.35 -34.85
CA PRO E 529 1.82 -49.47 -34.14
C PRO E 529 2.52 -48.13 -34.09
N PRO E 530 3.40 -47.92 -33.11
CA PRO E 530 4.17 -46.68 -33.07
C PRO E 530 5.29 -46.69 -34.10
N GLY E 531 5.73 -45.49 -34.49
CA GLY E 531 6.74 -45.35 -35.52
C GLY E 531 6.20 -45.67 -36.89
N THR E 532 4.96 -45.25 -37.15
CA THR E 532 4.27 -45.57 -38.39
C THR E 532 4.10 -44.36 -39.31
N GLY E 533 3.97 -43.15 -38.75
CA GLY E 533 3.90 -41.96 -39.58
C GLY E 533 2.62 -41.17 -39.44
N LYS E 534 2.03 -41.17 -38.24
CA LYS E 534 0.79 -40.43 -38.02
C LYS E 534 1.04 -38.94 -37.94
N THR E 535 2.12 -38.53 -37.24
CA THR E 535 2.44 -37.12 -37.12
C THR E 535 2.91 -36.55 -38.46
N LEU E 536 3.65 -37.35 -39.23
CA LEU E 536 4.08 -36.91 -40.56
C LEU E 536 2.89 -36.80 -41.50
N LEU E 537 1.91 -37.68 -41.37
CA LEU E 537 0.70 -37.59 -42.19
C LEU E 537 -0.13 -36.37 -41.81
N ALA E 538 -0.19 -36.05 -40.51
CA ALA E 538 -0.90 -34.87 -40.06
C ALA E 538 -0.22 -33.59 -40.54
N LYS E 539 1.11 -33.56 -40.51
CA LYS E 539 1.83 -32.39 -41.04
C LYS E 539 1.71 -32.28 -42.55
N ALA E 540 1.70 -33.42 -43.25
CA ALA E 540 1.59 -33.41 -44.70
C ALA E 540 0.19 -33.06 -45.17
N VAL E 541 -0.83 -33.31 -44.34
CA VAL E 541 -2.17 -32.87 -44.73
C VAL E 541 -2.43 -31.46 -44.21
N ALA E 542 -1.63 -30.99 -43.24
CA ALA E 542 -1.77 -29.62 -42.76
C ALA E 542 -1.00 -28.63 -43.63
N THR E 543 0.00 -29.10 -44.36
CA THR E 543 0.93 -28.18 -45.01
C THR E 543 0.43 -27.59 -46.33
N GLU E 544 -0.59 -28.19 -46.96
CA GLU E 544 -1.03 -27.66 -48.25
C GLU E 544 -2.15 -26.63 -48.10
N VAL E 545 -2.90 -26.65 -46.99
CA VAL E 545 -3.93 -25.65 -46.74
C VAL E 545 -3.29 -24.42 -46.13
N SER E 546 -4.05 -23.33 -46.05
CA SER E 546 -3.59 -22.09 -45.42
C SER E 546 -3.95 -22.05 -43.93
N ALA E 547 -4.01 -23.21 -43.29
CA ALA E 547 -4.36 -23.32 -41.88
C ALA E 547 -3.10 -23.34 -41.02
N ASN E 548 -3.31 -23.18 -39.72
CA ASN E 548 -2.23 -23.27 -38.75
C ASN E 548 -2.01 -24.72 -38.35
N PHE E 549 -1.21 -24.94 -37.31
CA PHE E 549 -0.98 -26.28 -36.79
C PHE E 549 -0.70 -26.18 -35.30
N ILE E 550 -1.61 -26.70 -34.49
CA ILE E 550 -1.48 -26.72 -33.04
C ILE E 550 -1.35 -28.18 -32.63
N SER E 551 -0.13 -28.64 -32.40
CA SER E 551 0.14 -30.02 -32.03
C SER E 551 0.47 -30.05 -30.54
N VAL E 552 -0.47 -30.55 -29.75
CA VAL E 552 -0.31 -30.66 -28.30
C VAL E 552 -0.21 -32.13 -27.94
N LYS E 553 0.39 -32.41 -26.77
CA LYS E 553 0.62 -33.78 -26.35
C LYS E 553 -0.41 -34.19 -25.29
N GLY E 554 -0.46 -35.49 -25.00
CA GLY E 554 -1.40 -36.04 -24.06
C GLY E 554 -1.17 -35.64 -22.61
N PRO E 555 -0.09 -36.17 -21.99
CA PRO E 555 0.11 -35.91 -20.56
C PRO E 555 0.81 -34.59 -20.24
N GLU E 556 0.91 -33.72 -21.25
CA GLU E 556 1.56 -32.40 -21.08
C GLU E 556 0.50 -31.33 -20.86
N LEU E 557 -0.69 -31.73 -20.40
CA LEU E 557 -1.81 -30.79 -20.15
C LEU E 557 -2.43 -31.09 -18.78
N LEU E 558 -2.19 -32.31 -18.26
CA LEU E 558 -2.75 -32.71 -16.93
C LEU E 558 -1.95 -32.04 -15.82
N SER E 559 -2.64 -31.55 -14.78
CA SER E 559 -1.99 -30.89 -13.66
C SER E 559 -2.59 -31.40 -12.36
N MET E 560 -1.90 -31.10 -11.26
CA MET E 560 -2.35 -31.54 -9.94
C MET E 560 -3.40 -30.61 -9.36
N TRP E 561 -3.63 -29.44 -9.97
CA TRP E 561 -4.58 -28.48 -9.45
C TRP E 561 -6.00 -28.85 -9.89
N TYR E 562 -6.96 -28.00 -9.53
CA TYR E 562 -8.37 -28.23 -9.81
C TYR E 562 -8.80 -27.30 -10.95
N GLY E 563 -9.02 -27.86 -12.13
CA GLY E 563 -9.48 -27.11 -13.26
C GLY E 563 -8.44 -26.72 -14.28
N GLU E 564 -7.16 -27.03 -14.03
CA GLU E 564 -6.09 -26.57 -14.90
C GLU E 564 -6.05 -27.31 -16.23
N SER E 565 -6.32 -28.62 -16.23
CA SER E 565 -6.32 -29.38 -17.47
C SER E 565 -7.49 -28.98 -18.36
N GLU E 566 -8.67 -28.76 -17.78
CA GLU E 566 -9.82 -28.33 -18.57
C GLU E 566 -9.66 -26.89 -19.04
N SER E 567 -9.00 -26.04 -18.23
CA SER E 567 -8.68 -24.69 -18.68
C SER E 567 -7.68 -24.71 -19.83
N ASN E 568 -6.72 -25.63 -19.80
CA ASN E 568 -5.77 -25.76 -20.90
C ASN E 568 -6.46 -26.28 -22.16
N ILE E 569 -7.41 -27.21 -22.00
CA ILE E 569 -8.18 -27.72 -23.14
C ILE E 569 -9.02 -26.61 -23.77
N ARG E 570 -9.68 -25.80 -22.93
CA ARG E 570 -10.46 -24.67 -23.42
C ARG E 570 -9.57 -23.61 -24.07
N ASP E 571 -8.36 -23.39 -23.55
CA ASP E 571 -7.44 -22.43 -24.14
C ASP E 571 -6.94 -22.93 -25.50
N ILE E 572 -6.68 -24.24 -25.61
CA ILE E 572 -6.23 -24.82 -26.87
C ILE E 572 -7.32 -24.72 -27.93
N PHE E 573 -8.56 -25.04 -27.55
CA PHE E 573 -9.67 -24.93 -28.50
C PHE E 573 -10.02 -23.48 -28.84
N ASP E 574 -9.81 -22.55 -27.90
CA ASP E 574 -10.05 -21.14 -28.19
C ASP E 574 -9.00 -20.60 -29.15
N LYS E 575 -7.73 -20.99 -28.96
CA LYS E 575 -6.69 -20.59 -29.90
C LYS E 575 -6.84 -21.29 -31.25
N ALA E 576 -7.49 -22.46 -31.27
CA ALA E 576 -7.76 -23.13 -32.54
C ALA E 576 -8.88 -22.42 -33.30
N ARG E 577 -10.00 -22.14 -32.65
CA ARG E 577 -11.14 -21.52 -33.32
C ARG E 577 -11.02 -20.00 -33.41
N ALA E 578 -9.96 -19.42 -32.86
CA ALA E 578 -9.73 -17.99 -33.01
C ALA E 578 -9.00 -17.62 -34.29
N ALA E 579 -8.56 -18.62 -35.06
CA ALA E 579 -7.86 -18.39 -36.33
C ALA E 579 -8.32 -19.48 -37.30
N ALA E 580 -9.28 -19.12 -38.16
CA ALA E 580 -9.83 -20.10 -39.08
C ALA E 580 -9.13 -20.01 -40.44
N PRO E 581 -8.75 -21.15 -41.06
CA PRO E 581 -8.91 -22.52 -40.53
C PRO E 581 -7.74 -22.95 -39.65
N THR E 582 -7.93 -24.02 -38.89
CA THR E 582 -6.90 -24.54 -38.01
C THR E 582 -7.17 -26.02 -37.76
N VAL E 583 -6.17 -26.86 -38.03
CA VAL E 583 -6.23 -28.29 -37.78
C VAL E 583 -5.58 -28.57 -36.42
N VAL E 584 -6.26 -29.37 -35.59
CA VAL E 584 -5.80 -29.68 -34.24
C VAL E 584 -5.31 -31.12 -34.23
N PHE E 585 -4.13 -31.34 -33.65
CA PHE E 585 -3.52 -32.66 -33.56
C PHE E 585 -3.46 -33.09 -32.10
N LEU E 586 -4.48 -33.81 -31.66
CA LEU E 586 -4.53 -34.35 -30.30
C LEU E 586 -3.83 -35.71 -30.31
N ASP E 587 -2.73 -35.81 -29.55
CA ASP E 587 -1.98 -37.05 -29.46
C ASP E 587 -2.27 -37.74 -28.14
N GLU E 588 -2.11 -39.07 -28.14
CA GLU E 588 -2.33 -39.95 -26.99
C GLU E 588 -3.76 -39.83 -26.46
N LEU E 589 -4.71 -40.21 -27.33
CA LEU E 589 -6.11 -40.25 -26.92
C LEU E 589 -6.37 -41.35 -25.90
N ASP E 590 -5.57 -42.42 -25.92
CA ASP E 590 -5.67 -43.44 -24.88
C ASP E 590 -5.19 -42.92 -23.53
N SER E 591 -4.30 -41.94 -23.51
CA SER E 591 -3.88 -41.31 -22.26
C SER E 591 -4.82 -40.18 -21.85
N ILE E 592 -5.52 -39.58 -22.80
CA ILE E 592 -6.45 -38.49 -22.47
C ILE E 592 -7.81 -39.05 -22.07
N ALA E 593 -8.39 -39.91 -22.90
CA ALA E 593 -9.77 -40.34 -22.69
C ALA E 593 -9.88 -41.42 -21.63
N LYS E 594 -9.12 -42.51 -21.78
CA LYS E 594 -9.01 -43.66 -20.86
C LYS E 594 -10.32 -44.46 -20.73
N ALA E 595 -11.34 -44.13 -21.55
CA ALA E 595 -12.65 -44.78 -21.56
C ALA E 595 -13.30 -44.75 -20.17
N ARG E 596 -13.64 -43.51 -19.76
CA ARG E 596 -13.80 -43.03 -18.38
C ARG E 596 -14.42 -44.02 -17.39
N GLY E 597 -15.58 -44.58 -17.75
CA GLY E 597 -16.29 -45.55 -16.89
C GLY E 597 -16.32 -45.10 -15.44
N GLY E 598 -15.85 -45.96 -14.53
CA GLY E 598 -15.82 -45.64 -13.09
C GLY E 598 -14.49 -46.00 -12.46
N SER E 599 -13.82 -45.04 -11.83
CA SER E 599 -12.51 -45.28 -11.18
C SER E 599 -12.64 -45.08 -9.66
N LEU E 600 -13.60 -44.25 -9.24
CA LEU E 600 -13.83 -43.97 -7.81
C LEU E 600 -12.57 -43.39 -7.14
N GLY E 601 -12.17 -42.22 -7.64
CA GLY E 601 -11.01 -41.56 -7.08
C GLY E 601 -10.85 -40.16 -7.63
N ASP E 602 -9.82 -39.47 -7.14
CA ASP E 602 -9.57 -38.10 -7.57
C ASP E 602 -9.06 -38.06 -9.01
N ALA E 603 -8.16 -38.97 -9.36
CA ALA E 603 -7.68 -39.06 -10.73
C ALA E 603 -8.78 -39.51 -11.68
N GLY E 604 -9.69 -40.37 -11.20
CA GLY E 604 -10.82 -40.77 -12.02
C GLY E 604 -11.81 -39.64 -12.25
N GLY E 605 -12.07 -38.84 -11.21
CA GLY E 605 -12.92 -37.67 -11.39
C GLY E 605 -12.30 -36.62 -12.28
N ALA E 606 -10.97 -36.44 -12.18
CA ALA E 606 -10.27 -35.55 -13.10
C ALA E 606 -10.34 -36.06 -14.53
N SER E 607 -10.27 -37.38 -14.72
CA SER E 607 -10.41 -37.96 -16.05
C SER E 607 -11.82 -37.76 -16.60
N ASP E 608 -12.84 -37.91 -15.74
CA ASP E 608 -14.22 -37.65 -16.14
C ASP E 608 -14.42 -36.20 -16.54
N ARG E 609 -13.82 -35.27 -15.80
CA ARG E 609 -13.97 -33.85 -16.12
C ARG E 609 -13.21 -33.48 -17.40
N VAL E 610 -12.04 -34.07 -17.62
CA VAL E 610 -11.29 -33.85 -18.86
C VAL E 610 -12.07 -34.39 -20.07
N VAL E 611 -12.65 -35.59 -19.92
CA VAL E 611 -13.41 -36.19 -21.02
C VAL E 611 -14.67 -35.39 -21.32
N ASN E 612 -15.36 -34.90 -20.27
CA ASN E 612 -16.55 -34.10 -20.49
C ASN E 612 -16.23 -32.73 -21.09
N GLN E 613 -15.09 -32.14 -20.69
CA GLN E 613 -14.67 -30.88 -21.30
C GLN E 613 -14.30 -31.06 -22.77
N LEU E 614 -13.65 -32.18 -23.10
CA LEU E 614 -13.31 -32.45 -24.50
C LEU E 614 -14.57 -32.74 -25.32
N LEU E 615 -15.53 -33.43 -24.73
CA LEU E 615 -16.78 -33.75 -25.42
C LEU E 615 -17.61 -32.49 -25.64
N THR E 616 -17.55 -31.53 -24.73
CA THR E 616 -18.23 -30.27 -24.90
C THR E 616 -17.52 -29.35 -25.90
N GLU E 617 -16.19 -29.31 -25.88
CA GLU E 617 -15.44 -28.45 -26.79
C GLU E 617 -15.42 -28.98 -28.22
N MET E 618 -15.49 -30.29 -28.41
CA MET E 618 -15.45 -30.82 -29.77
C MET E 618 -16.81 -30.65 -30.47
N ASP E 619 -17.89 -31.13 -29.86
CA ASP E 619 -19.24 -30.98 -30.39
C ASP E 619 -20.18 -30.72 -29.21
N GLY E 620 -20.40 -29.44 -28.91
CA GLY E 620 -21.29 -29.03 -27.86
C GLY E 620 -22.13 -27.83 -28.26
N MET E 621 -22.11 -26.77 -27.46
CA MET E 621 -22.78 -25.52 -27.80
C MET E 621 -21.79 -24.57 -28.47
N ASN E 622 -21.31 -24.98 -29.65
CA ASN E 622 -20.36 -24.21 -30.42
C ASN E 622 -20.95 -23.91 -31.79
N ALA E 623 -20.18 -23.21 -32.62
CA ALA E 623 -20.59 -22.87 -33.98
C ALA E 623 -19.86 -23.68 -35.05
N LYS E 624 -18.79 -24.41 -34.68
CA LYS E 624 -17.89 -25.23 -35.50
C LYS E 624 -17.57 -24.62 -36.86
N LYS E 625 -16.99 -23.42 -36.86
CA LYS E 625 -16.64 -22.71 -38.09
C LYS E 625 -15.58 -23.45 -38.90
N ASN E 626 -14.36 -23.59 -38.37
CA ASN E 626 -13.29 -24.32 -39.04
C ASN E 626 -12.40 -24.92 -37.97
N VAL E 627 -12.68 -26.17 -37.59
CA VAL E 627 -11.88 -26.89 -36.60
C VAL E 627 -11.71 -28.32 -37.13
N PHE E 628 -10.46 -28.74 -37.31
CA PHE E 628 -10.14 -30.07 -37.82
C PHE E 628 -9.37 -30.83 -36.74
N VAL E 629 -10.11 -31.53 -35.88
CA VAL E 629 -9.49 -32.34 -34.84
C VAL E 629 -8.97 -33.63 -35.45
N ILE E 630 -7.69 -33.92 -35.24
CA ILE E 630 -7.06 -35.14 -35.73
C ILE E 630 -6.44 -35.88 -34.56
N GLY E 631 -6.92 -37.09 -34.29
CA GLY E 631 -6.39 -37.89 -33.20
C GLY E 631 -5.38 -38.92 -33.68
N ALA E 632 -4.50 -39.31 -32.75
CA ALA E 632 -3.46 -40.29 -33.05
C ALA E 632 -3.10 -41.02 -31.76
N THR E 633 -3.51 -42.28 -31.66
CA THR E 633 -3.24 -43.11 -30.51
C THR E 633 -2.69 -44.46 -30.95
N ASN E 634 -2.28 -45.26 -29.97
CA ASN E 634 -1.81 -46.62 -30.22
C ASN E 634 -2.60 -47.65 -29.42
N ARG E 635 -3.75 -47.25 -28.87
CA ARG E 635 -4.58 -48.15 -28.08
C ARG E 635 -6.03 -47.69 -28.20
N PRO E 636 -6.73 -48.11 -29.25
CA PRO E 636 -8.11 -47.65 -29.46
C PRO E 636 -9.15 -48.37 -28.61
N ASP E 637 -8.76 -49.41 -27.88
CA ASP E 637 -9.73 -50.11 -27.03
C ASP E 637 -10.03 -49.33 -25.76
N GLN E 638 -9.13 -48.43 -25.36
CA GLN E 638 -9.30 -47.62 -24.15
C GLN E 638 -9.92 -46.26 -24.45
N ILE E 639 -10.74 -46.16 -25.48
CA ILE E 639 -11.44 -44.92 -25.83
C ILE E 639 -12.92 -45.11 -25.52
N ASP E 640 -13.52 -44.11 -24.88
CA ASP E 640 -14.93 -44.16 -24.55
C ASP E 640 -15.79 -44.07 -25.83
N PRO E 641 -16.98 -44.67 -25.84
CA PRO E 641 -17.84 -44.57 -27.03
C PRO E 641 -18.64 -43.27 -27.11
N ALA E 642 -17.97 -42.13 -26.90
CA ALA E 642 -18.58 -40.82 -27.08
C ALA E 642 -17.72 -39.87 -27.90
N ILE E 643 -16.40 -40.02 -27.90
CA ILE E 643 -15.56 -39.27 -28.81
C ILE E 643 -15.49 -39.95 -30.18
N LEU E 644 -15.64 -41.28 -30.22
CA LEU E 644 -15.75 -42.04 -31.46
C LEU E 644 -17.12 -41.93 -32.12
N ARG E 645 -18.04 -41.19 -31.51
CA ARG E 645 -19.32 -40.89 -32.12
C ARG E 645 -19.12 -40.08 -33.39
N PRO E 646 -19.95 -40.30 -34.43
CA PRO E 646 -19.85 -39.48 -35.65
C PRO E 646 -20.17 -38.01 -35.36
N GLY E 647 -19.45 -37.15 -36.07
CA GLY E 647 -19.46 -35.73 -35.79
C GLY E 647 -18.26 -35.24 -35.02
N ARG E 648 -17.56 -36.13 -34.31
CA ARG E 648 -16.37 -35.75 -33.55
C ARG E 648 -15.11 -36.42 -34.11
N LEU E 649 -15.06 -37.74 -34.17
CA LEU E 649 -13.89 -38.47 -34.66
C LEU E 649 -14.35 -39.65 -35.52
N ASP E 650 -15.21 -39.38 -36.50
CA ASP E 650 -15.93 -40.43 -37.22
C ASP E 650 -15.01 -41.27 -38.11
N GLN E 651 -13.95 -40.67 -38.63
CA GLN E 651 -13.04 -41.39 -39.53
C GLN E 651 -12.15 -42.32 -38.70
N LEU E 652 -12.45 -43.62 -38.74
CA LEU E 652 -11.66 -44.63 -38.04
C LEU E 652 -10.66 -45.25 -39.02
N ILE E 653 -9.68 -44.44 -39.40
CA ILE E 653 -8.70 -44.84 -40.40
C ILE E 653 -7.58 -45.60 -39.72
N TYR E 654 -7.32 -46.82 -40.19
CA TYR E 654 -6.22 -47.65 -39.68
C TYR E 654 -4.99 -47.44 -40.54
N VAL E 655 -3.85 -47.23 -39.90
CA VAL E 655 -2.59 -47.03 -40.60
C VAL E 655 -1.75 -48.29 -40.42
N PRO E 656 -1.65 -49.16 -41.42
CA PRO E 656 -0.96 -50.43 -41.25
C PRO E 656 0.55 -50.32 -41.42
N LEU E 657 1.22 -51.45 -41.27
CA LEU E 657 2.66 -51.51 -41.44
C LEU E 657 3.00 -51.55 -42.93
N PRO E 658 4.07 -50.88 -43.36
CA PRO E 658 4.43 -50.87 -44.78
C PRO E 658 5.03 -52.19 -45.23
N ASP E 659 4.76 -52.52 -46.49
CA ASP E 659 5.35 -53.69 -47.14
C ASP E 659 6.68 -53.28 -47.78
N GLU E 660 7.25 -54.17 -48.59
CA GLU E 660 8.54 -53.87 -49.22
C GLU E 660 8.38 -52.84 -50.34
N ASN E 661 7.29 -52.91 -51.09
CA ASN E 661 7.04 -51.92 -52.13
C ASN E 661 6.73 -50.55 -51.53
N ALA E 662 6.18 -50.51 -50.32
CA ALA E 662 6.01 -49.24 -49.63
C ALA E 662 7.31 -48.75 -49.00
N ARG E 663 8.16 -49.67 -48.51
CA ARG E 663 9.44 -49.28 -47.95
C ARG E 663 10.39 -48.77 -49.03
N LEU E 664 10.21 -49.22 -50.28
CA LEU E 664 10.93 -48.62 -51.40
C LEU E 664 10.58 -47.15 -51.56
N SER E 665 9.29 -46.80 -51.45
CA SER E 665 8.89 -45.41 -51.53
C SER E 665 9.32 -44.61 -50.31
N ILE E 666 9.37 -45.25 -49.14
CA ILE E 666 9.88 -44.58 -47.94
C ILE E 666 11.38 -44.27 -48.09
N LEU E 667 12.16 -45.23 -48.59
CA LEU E 667 13.58 -45.01 -48.81
C LEU E 667 13.85 -44.02 -49.95
N ASN E 668 12.94 -43.92 -50.93
CA ASN E 668 13.09 -42.90 -51.96
C ASN E 668 12.66 -41.52 -51.46
N ALA E 669 11.73 -41.45 -50.52
CA ALA E 669 11.25 -40.17 -50.01
C ALA E 669 12.16 -39.61 -48.93
N GLN E 670 12.85 -40.46 -48.18
CA GLN E 670 13.77 -39.97 -47.17
C GLN E 670 15.08 -39.48 -47.78
N LEU E 671 15.54 -40.14 -48.84
CA LEU E 671 16.76 -39.73 -49.53
C LEU E 671 16.42 -38.87 -50.75
N ARG E 672 15.82 -37.71 -50.48
CA ARG E 672 15.45 -36.79 -51.55
C ARG E 672 16.65 -35.95 -51.97
N LYS E 673 17.22 -35.20 -51.04
CA LYS E 673 18.39 -34.37 -51.31
C LYS E 673 19.58 -34.99 -50.57
N THR E 674 20.18 -36.01 -51.19
CA THR E 674 21.34 -36.74 -50.71
C THR E 674 22.17 -37.13 -51.93
N PRO E 675 23.49 -36.94 -51.88
CA PRO E 675 24.34 -37.43 -52.97
C PRO E 675 24.41 -38.95 -52.95
N LEU E 676 23.86 -39.58 -53.99
CA LEU E 676 23.75 -41.02 -54.05
C LEU E 676 24.78 -41.61 -55.01
N GLU E 677 25.09 -42.89 -54.78
CA GLU E 677 25.99 -43.78 -55.52
C GLU E 677 25.18 -44.63 -56.51
N PRO E 678 25.68 -44.80 -57.74
CA PRO E 678 24.98 -45.69 -58.68
C PRO E 678 25.09 -47.17 -58.34
N GLY E 679 25.96 -47.55 -57.41
CA GLY E 679 26.16 -48.94 -57.06
C GLY E 679 25.33 -49.47 -55.92
N LEU E 680 24.56 -48.63 -55.23
CA LEU E 680 23.71 -49.09 -54.14
C LEU E 680 22.37 -49.55 -54.68
N GLU E 681 21.81 -50.57 -54.04
CA GLU E 681 20.50 -51.11 -54.39
C GLU E 681 19.58 -50.96 -53.20
N LEU E 682 18.58 -50.08 -53.31
CA LEU E 682 17.61 -49.91 -52.24
C LEU E 682 16.65 -51.09 -52.14
N THR E 683 16.49 -51.83 -53.25
CA THR E 683 15.67 -53.04 -53.23
C THR E 683 16.29 -54.12 -52.35
N ALA E 684 17.62 -54.26 -52.38
CA ALA E 684 18.28 -55.22 -51.52
C ALA E 684 18.23 -54.81 -50.05
N ILE E 685 18.12 -53.51 -49.78
CA ILE E 685 17.94 -53.05 -48.40
C ILE E 685 16.51 -53.32 -47.95
N ALA E 686 15.53 -53.06 -48.81
CA ALA E 686 14.13 -53.25 -48.45
C ALA E 686 13.71 -54.71 -48.39
N LYS E 687 14.42 -55.60 -49.09
CA LYS E 687 14.06 -57.02 -49.06
C LYS E 687 14.42 -57.66 -47.72
N ALA E 688 15.44 -57.17 -47.04
CA ALA E 688 15.91 -57.75 -45.79
C ALA E 688 15.32 -57.08 -44.57
N THR E 689 14.21 -56.35 -44.73
CA THR E 689 13.59 -55.68 -43.57
C THR E 689 12.72 -56.64 -42.78
N GLN E 690 11.66 -57.17 -43.43
CA GLN E 690 10.73 -58.17 -42.89
C GLN E 690 10.06 -57.68 -41.60
N GLY E 691 9.31 -56.60 -41.75
CA GLY E 691 8.53 -56.05 -40.67
C GLY E 691 9.14 -54.88 -39.92
N PHE E 692 9.90 -54.03 -40.59
CA PHE E 692 10.47 -52.86 -39.94
C PHE E 692 9.50 -51.68 -40.02
N SER E 693 9.88 -50.59 -39.37
CA SER E 693 9.04 -49.40 -39.30
C SER E 693 9.79 -48.20 -39.84
N GLY E 694 9.05 -47.09 -39.97
CA GLY E 694 9.62 -45.84 -40.44
C GLY E 694 10.65 -45.26 -39.50
N ALA E 695 10.47 -45.45 -38.18
CA ALA E 695 11.48 -45.02 -37.21
C ALA E 695 12.76 -45.83 -37.36
N ASP E 696 12.63 -47.13 -37.64
CA ASP E 696 13.81 -47.96 -37.86
C ASP E 696 14.52 -47.60 -39.16
N LEU E 697 13.75 -47.26 -40.20
CA LEU E 697 14.36 -46.83 -41.46
C LEU E 697 15.04 -45.46 -41.32
N LEU E 698 14.44 -44.57 -40.52
CA LEU E 698 15.09 -43.29 -40.22
C LEU E 698 16.34 -43.49 -39.38
N TYR E 699 16.34 -44.48 -38.49
CA TYR E 699 17.55 -44.79 -37.71
C TYR E 699 18.65 -45.35 -38.60
N ILE E 700 18.27 -46.16 -39.59
CA ILE E 700 19.25 -46.69 -40.56
C ILE E 700 19.84 -45.56 -41.41
N VAL E 701 18.98 -44.65 -41.87
CA VAL E 701 19.44 -43.50 -42.65
C VAL E 701 20.32 -42.57 -41.81
N GLN E 702 20.00 -42.41 -40.52
CA GLN E 702 20.81 -41.57 -39.64
C GLN E 702 22.15 -42.21 -39.33
N ARG E 703 22.19 -43.54 -39.19
CA ARG E 703 23.46 -44.22 -38.99
C ARG E 703 24.32 -44.16 -40.25
N ALA E 704 23.70 -44.24 -41.43
CA ALA E 704 24.43 -44.10 -42.68
C ALA E 704 24.99 -42.69 -42.85
N ALA E 705 24.21 -41.67 -42.45
CA ALA E 705 24.70 -40.30 -42.52
C ALA E 705 25.80 -40.04 -41.49
N LYS E 706 25.72 -40.68 -40.32
CA LYS E 706 26.77 -40.57 -39.32
C LYS E 706 28.07 -41.22 -39.80
N TYR E 707 27.96 -42.39 -40.44
CA TYR E 707 29.14 -43.03 -41.02
C TYR E 707 29.70 -42.23 -42.19
N ALA E 708 28.83 -41.57 -42.96
CA ALA E 708 29.29 -40.73 -44.05
C ALA E 708 30.04 -39.50 -43.55
N ILE E 709 29.53 -38.85 -42.50
CA ILE E 709 30.23 -37.70 -41.94
C ILE E 709 31.47 -38.13 -41.16
N LYS E 710 31.53 -39.38 -40.69
CA LYS E 710 32.75 -39.89 -40.06
C LYS E 710 33.82 -40.17 -41.11
N ASP E 711 33.42 -40.70 -42.27
CA ASP E 711 34.37 -40.89 -43.37
C ASP E 711 34.79 -39.56 -43.98
N SER E 712 33.93 -38.55 -43.93
CA SER E 712 34.28 -37.24 -44.46
C SER E 712 35.22 -36.50 -43.52
N ILE E 713 34.93 -36.49 -42.22
CA ILE E 713 35.79 -35.82 -41.26
C ILE E 713 37.03 -36.66 -40.98
N TYR E 752 29.61 -38.76 -52.11
CA TYR E 752 28.33 -39.44 -52.01
C TYR E 752 28.33 -40.47 -50.90
N ILE E 753 27.17 -41.04 -50.61
CA ILE E 753 27.06 -42.12 -49.65
C ILE E 753 27.54 -43.42 -50.29
N THR E 754 28.38 -44.16 -49.57
CA THR E 754 28.94 -45.40 -50.08
C THR E 754 28.12 -46.60 -49.61
N LYS E 755 28.41 -47.75 -50.21
CA LYS E 755 27.62 -48.95 -49.94
C LYS E 755 28.02 -49.66 -48.67
N GLU E 756 29.29 -49.54 -48.25
CA GLU E 756 29.73 -50.24 -47.04
C GLU E 756 29.17 -49.62 -45.77
N HIS E 757 28.77 -48.35 -45.80
CA HIS E 757 28.07 -47.75 -44.66
C HIS E 757 26.72 -48.40 -44.44
N PHE E 758 25.95 -48.60 -45.52
CA PHE E 758 24.68 -49.31 -45.42
C PHE E 758 24.89 -50.77 -45.08
N ALA E 759 25.97 -51.37 -45.60
CA ALA E 759 26.25 -52.78 -45.31
C ALA E 759 26.63 -53.01 -43.85
N GLU E 760 27.29 -52.03 -43.22
CA GLU E 760 27.60 -52.15 -41.80
C GLU E 760 26.50 -51.61 -40.89
N ALA E 761 25.57 -50.82 -41.42
CA ALA E 761 24.47 -50.33 -40.62
C ALA E 761 23.23 -51.23 -40.70
N MET E 762 23.15 -52.11 -41.70
CA MET E 762 22.01 -53.01 -41.80
C MET E 762 22.04 -54.11 -40.74
N LYS E 763 23.23 -54.41 -40.19
CA LYS E 763 23.32 -55.45 -39.18
C LYS E 763 22.79 -54.98 -37.83
N THR E 764 23.02 -53.71 -37.49
CA THR E 764 22.60 -53.17 -36.19
C THR E 764 21.18 -52.61 -36.22
N ALA E 765 20.24 -53.43 -36.67
CA ALA E 765 18.84 -53.05 -36.67
C ALA E 765 18.24 -53.16 -35.27
N LYS E 766 17.02 -52.67 -35.11
CA LYS E 766 16.35 -52.66 -33.82
C LYS E 766 15.12 -53.57 -33.77
N ARG E 767 14.16 -53.34 -34.66
CA ARG E 767 12.84 -54.00 -34.69
C ARG E 767 12.14 -53.90 -33.33
N SER E 768 11.83 -52.66 -32.97
CA SER E 768 11.27 -52.35 -31.65
C SER E 768 9.85 -52.87 -31.47
N VAL E 769 9.12 -53.12 -32.55
CA VAL E 769 7.75 -53.62 -32.47
C VAL E 769 7.78 -55.13 -32.35
N SER E 770 7.03 -55.67 -31.39
CA SER E 770 6.98 -57.10 -31.16
C SER E 770 5.91 -57.73 -32.06
N ASP E 771 5.58 -59.00 -31.81
CA ASP E 771 4.67 -59.75 -32.66
C ASP E 771 3.24 -59.81 -32.13
N ALA E 772 3.06 -59.81 -30.81
CA ALA E 772 1.73 -59.96 -30.24
C ALA E 772 0.88 -58.71 -30.42
N GLU E 773 1.51 -57.53 -30.44
CA GLU E 773 0.78 -56.29 -30.68
C GLU E 773 0.26 -56.23 -32.11
N LEU E 774 0.99 -56.83 -33.07
CA LEU E 774 0.49 -56.93 -34.44
C LEU E 774 -0.72 -57.84 -34.51
N ARG E 775 -0.73 -58.92 -33.72
CA ARG E 775 -1.91 -59.79 -33.67
C ARG E 775 -3.09 -59.07 -33.04
N ARG E 776 -2.84 -58.24 -32.02
CA ARG E 776 -3.92 -57.49 -31.38
C ARG E 776 -4.49 -56.43 -32.32
N TYR E 777 -3.62 -55.75 -33.08
CA TYR E 777 -4.09 -54.75 -34.05
C TYR E 777 -4.83 -55.42 -35.21
N GLU E 778 -4.38 -56.60 -35.63
CA GLU E 778 -5.08 -57.32 -36.69
C GLU E 778 -6.42 -57.84 -36.20
N ALA E 779 -6.51 -58.24 -34.93
CA ALA E 779 -7.79 -58.67 -34.38
C ALA E 779 -8.76 -57.50 -34.23
N TYR E 780 -8.25 -56.32 -33.86
CA TYR E 780 -9.10 -55.13 -33.78
C TYR E 780 -9.58 -54.71 -35.16
N SER E 781 -8.71 -54.80 -36.17
CA SER E 781 -9.11 -54.47 -37.54
C SER E 781 -10.11 -55.48 -38.09
N GLN E 782 -9.96 -56.77 -37.75
CA GLN E 782 -10.92 -57.76 -38.19
C GLN E 782 -12.26 -57.61 -37.49
N GLN E 783 -12.23 -57.19 -36.22
CA GLN E 783 -13.49 -56.91 -35.52
C GLN E 783 -14.18 -55.68 -36.08
N MET E 784 -13.41 -54.66 -36.46
CA MET E 784 -13.99 -53.48 -37.08
C MET E 784 -14.51 -53.78 -38.49
N LYS E 785 -13.91 -54.74 -39.19
CA LYS E 785 -14.42 -55.14 -40.50
C LYS E 785 -15.67 -56.01 -40.35
N ALA E 786 -15.71 -56.86 -39.31
CA ALA E 786 -16.86 -57.72 -39.09
C ALA E 786 -18.04 -56.99 -38.47
N SER E 787 -17.80 -55.82 -37.86
CA SER E 787 -18.91 -55.00 -37.40
C SER E 787 -19.69 -54.41 -38.57
N ARG E 788 -18.99 -54.15 -39.68
CA ARG E 788 -19.64 -53.70 -40.91
C ARG E 788 -20.28 -54.89 -41.60
N GLY E 789 -21.50 -55.25 -41.19
CA GLY E 789 -22.16 -56.42 -41.73
C GLY E 789 -23.50 -56.07 -42.35
N GLN E 790 -23.95 -56.97 -43.24
CA GLN E 790 -25.19 -56.83 -44.03
C GLN E 790 -25.18 -55.53 -44.85
N PHE E 791 -24.03 -55.23 -45.44
CA PHE E 791 -23.88 -54.06 -46.30
C PHE E 791 -23.30 -54.51 -47.63
N SER E 792 -23.94 -54.09 -48.71
CA SER E 792 -23.65 -54.59 -50.06
C SER E 792 -23.74 -53.41 -51.02
N ASN E 793 -23.88 -53.72 -52.31
CA ASN E 793 -24.08 -52.69 -53.33
C ASN E 793 -25.37 -51.90 -53.11
N PHE E 794 -26.37 -52.51 -52.45
CA PHE E 794 -27.57 -51.86 -51.93
C PHE E 794 -28.41 -51.22 -53.04
N ASN E 795 -28.92 -52.09 -53.91
CA ASN E 795 -29.85 -51.65 -54.94
C ASN E 795 -31.17 -51.22 -54.31
N PHE E 796 -31.67 -50.07 -54.74
CA PHE E 796 -32.91 -49.53 -54.20
C PHE E 796 -34.13 -50.26 -54.77
N LYS F 31 48.65 3.12 -55.22
CA LYS F 31 48.82 4.26 -54.33
C LYS F 31 48.80 5.58 -55.09
N LYS F 32 47.76 6.38 -54.85
CA LYS F 32 47.67 7.70 -55.44
C LYS F 32 48.68 8.63 -54.75
N ASP F 33 49.56 9.28 -55.53
CA ASP F 33 50.65 10.08 -54.94
C ASP F 33 50.19 11.41 -54.38
N ASN F 34 48.91 11.52 -54.02
CA ASN F 34 48.34 12.77 -53.53
C ASN F 34 48.28 12.84 -52.00
N MET F 35 48.74 11.78 -51.33
CA MET F 35 48.77 11.74 -49.88
C MET F 35 50.21 11.62 -49.39
N LEU F 36 50.57 12.45 -48.42
CA LEU F 36 51.96 12.58 -47.98
C LEU F 36 52.09 12.66 -46.46
N LEU F 37 53.26 12.30 -45.95
CA LEU F 37 53.51 12.28 -44.51
C LEU F 37 54.07 13.62 -44.04
N VAL F 38 53.92 13.90 -42.74
CA VAL F 38 54.42 15.14 -42.17
C VAL F 38 55.89 15.01 -41.77
N ASP F 39 56.69 15.98 -42.17
CA ASP F 39 58.13 16.00 -41.86
C ASP F 39 58.51 17.32 -41.19
N ASP F 40 59.73 17.41 -40.66
CA ASP F 40 60.19 18.63 -40.01
C ASP F 40 60.27 19.78 -41.01
N ALA F 41 60.30 21.01 -40.51
CA ALA F 41 60.23 22.20 -41.35
C ALA F 41 61.57 22.90 -41.52
N ILE F 42 61.93 23.16 -42.77
CA ILE F 42 63.08 24.01 -43.08
C ILE F 42 62.64 25.46 -43.09
N ASN F 43 61.65 25.78 -43.91
CA ASN F 43 61.07 27.12 -43.95
C ASN F 43 60.29 27.41 -42.68
N ASP F 44 60.77 28.38 -41.91
CA ASP F 44 60.21 28.66 -40.60
C ASP F 44 58.96 29.54 -40.66
N ASP F 45 58.55 29.91 -41.86
CA ASP F 45 57.36 30.73 -42.04
C ASP F 45 56.11 29.97 -41.63
N ASN F 46 55.08 30.70 -41.22
CA ASN F 46 53.83 30.09 -40.77
C ASN F 46 53.05 29.46 -41.92
N SER F 47 52.62 30.30 -42.86
CA SER F 47 51.80 29.86 -43.98
C SER F 47 52.67 29.33 -45.13
N VAL F 48 53.19 28.11 -44.98
CA VAL F 48 54.00 27.50 -46.02
C VAL F 48 54.21 26.01 -45.80
N ILE F 49 54.27 25.26 -46.89
CA ILE F 49 54.70 23.87 -46.86
C ILE F 49 55.71 23.67 -47.99
N ALA F 50 56.60 22.71 -47.82
CA ALA F 50 57.66 22.46 -48.80
C ALA F 50 57.50 21.11 -49.48
N ILE F 51 57.37 21.15 -50.80
CA ILE F 51 57.36 19.94 -51.62
C ILE F 51 58.64 19.89 -52.43
N ASN F 52 59.01 18.69 -52.89
CA ASN F 52 60.19 18.52 -53.72
C ASN F 52 59.81 18.65 -55.20
N SER F 53 60.80 18.98 -56.03
CA SER F 53 60.56 19.22 -57.44
C SER F 53 60.09 17.96 -58.17
N ASN F 54 60.64 16.78 -57.81
CA ASN F 54 60.09 15.56 -58.42
C ASN F 54 58.66 15.27 -57.97
N THR F 55 58.18 16.01 -56.98
CA THR F 55 56.79 15.93 -56.56
C THR F 55 55.95 16.89 -57.38
N MET F 56 56.58 17.96 -57.85
CA MET F 56 55.90 18.99 -58.63
C MET F 56 55.55 18.49 -60.03
N ASP F 57 56.43 17.69 -60.63
CA ASP F 57 56.16 17.13 -61.95
C ASP F 57 55.19 15.95 -61.82
N LYS F 58 55.15 15.35 -60.64
CA LYS F 58 54.24 14.25 -60.36
C LYS F 58 52.84 14.78 -60.05
N LEU F 59 52.77 16.05 -59.65
CA LEU F 59 51.50 16.74 -59.47
C LEU F 59 51.68 18.24 -59.69
N GLU F 60 51.14 18.72 -60.80
CA GLU F 60 51.32 20.10 -61.24
C GLU F 60 50.94 21.15 -60.19
N LEU F 61 51.96 21.78 -59.62
CA LEU F 61 51.79 22.90 -58.70
C LEU F 61 53.00 23.83 -58.77
N PHE F 62 52.89 25.00 -58.16
CA PHE F 62 53.92 26.03 -58.28
C PHE F 62 54.29 26.69 -56.96
N ARG F 63 55.23 27.62 -57.06
CA ARG F 63 55.80 28.28 -55.89
C ARG F 63 54.82 29.21 -55.20
N GLY F 64 53.91 29.80 -55.97
CA GLY F 64 52.93 30.72 -55.45
C GLY F 64 51.60 30.04 -55.12
N ASP F 65 51.43 28.83 -55.64
CA ASP F 65 50.18 28.09 -55.48
C ASP F 65 49.78 27.92 -54.02
N THR F 66 48.52 28.22 -53.73
CA THR F 66 47.97 28.07 -52.39
C THR F 66 47.20 26.75 -52.32
N VAL F 67 47.64 25.85 -51.45
CA VAL F 67 47.11 24.49 -51.40
C VAL F 67 46.37 24.20 -50.10
N LEU F 68 45.30 23.42 -50.20
CA LEU F 68 44.50 23.04 -49.03
C LEU F 68 45.03 21.73 -48.44
N VAL F 69 45.45 21.80 -47.18
CA VAL F 69 45.87 20.61 -46.44
C VAL F 69 44.72 20.12 -45.57
N LYS F 70 44.32 18.87 -45.75
CA LYS F 70 43.27 18.26 -44.93
C LYS F 70 43.84 17.03 -44.21
N GLY F 71 43.97 17.14 -42.89
CA GLY F 71 44.55 16.08 -42.09
C GLY F 71 43.52 15.29 -41.33
N LYS F 72 43.91 14.80 -40.15
CA LYS F 72 43.03 13.98 -39.32
C LYS F 72 42.10 14.85 -38.49
N LYS F 73 41.15 14.21 -37.81
CA LYS F 73 40.17 14.89 -36.97
C LYS F 73 39.29 15.83 -37.79
N ARG F 74 39.19 15.53 -39.10
CA ARG F 74 38.30 16.27 -40.00
C ARG F 74 38.62 17.77 -40.05
N LYS F 75 39.91 18.10 -39.94
CA LYS F 75 40.33 19.51 -39.95
C LYS F 75 41.12 19.83 -41.21
N ASP F 76 41.31 21.13 -41.45
CA ASP F 76 41.96 21.60 -42.67
C ASP F 76 42.86 22.81 -42.41
N THR F 77 43.63 23.19 -43.44
CA THR F 77 44.46 24.38 -43.40
C THR F 77 44.91 24.73 -44.82
N VAL F 78 45.34 25.98 -45.02
CA VAL F 78 45.79 26.44 -46.32
C VAL F 78 47.21 27.00 -46.22
N LEU F 79 48.07 26.61 -47.16
CA LEU F 79 49.47 27.02 -47.14
C LEU F 79 50.03 27.20 -48.55
N ILE F 80 51.21 27.80 -48.62
CA ILE F 80 51.91 28.00 -49.90
C ILE F 80 52.91 26.89 -50.14
N VAL F 81 52.82 26.24 -51.28
CA VAL F 81 53.79 25.21 -51.67
C VAL F 81 55.06 25.86 -52.21
N LEU F 82 56.21 25.28 -51.88
CA LEU F 82 57.49 25.80 -52.34
C LEU F 82 58.48 24.67 -52.57
N ILE F 83 59.19 24.74 -53.69
CA ILE F 83 60.15 23.70 -54.07
C ILE F 83 61.28 23.58 -53.04
N ASP F 84 61.44 22.37 -52.48
CA ASP F 84 62.47 22.09 -51.49
C ASP F 84 63.26 20.85 -51.89
N ASP F 85 64.55 21.01 -52.11
CA ASP F 85 65.41 19.92 -52.56
C ASP F 85 65.54 18.82 -51.52
N GLU F 86 65.59 19.21 -50.25
CA GLU F 86 65.80 18.25 -49.16
C GLU F 86 64.56 17.42 -48.84
N LEU F 87 63.39 17.92 -49.26
CA LEU F 87 62.11 17.33 -48.89
C LEU F 87 61.97 15.85 -49.23
N GLU F 88 62.36 15.47 -50.44
CA GLU F 88 62.20 14.11 -50.95
C GLU F 88 60.71 13.75 -51.11
N ASP F 89 60.31 13.50 -52.34
CA ASP F 89 58.90 13.26 -52.66
C ASP F 89 58.37 11.96 -52.06
N GLY F 90 57.50 12.13 -51.07
CA GLY F 90 56.90 11.02 -50.29
C GLY F 90 56.24 11.60 -49.06
N ALA F 91 56.77 12.73 -48.59
CA ALA F 91 56.31 13.38 -47.36
C ALA F 91 56.69 14.86 -47.43
N CYS F 92 55.94 15.71 -46.73
CA CYS F 92 56.10 17.16 -46.86
C CYS F 92 56.56 17.81 -45.56
N ARG F 93 57.29 18.92 -45.71
CA ARG F 93 57.74 19.71 -44.57
C ARG F 93 56.70 20.77 -44.21
N ILE F 94 56.31 20.81 -42.95
CA ILE F 94 55.41 21.84 -42.44
C ILE F 94 55.80 22.22 -41.02
N ASN F 95 55.84 23.52 -40.75
CA ASN F 95 56.21 24.01 -39.43
C ASN F 95 55.20 23.55 -38.38
N ARG F 96 55.56 23.69 -37.11
CA ARG F 96 54.77 23.13 -36.02
C ARG F 96 53.40 23.80 -35.90
N VAL F 97 53.25 24.98 -36.49
CA VAL F 97 51.99 25.72 -36.41
C VAL F 97 50.94 25.12 -37.35
N VAL F 98 51.34 24.84 -38.59
CA VAL F 98 50.49 24.15 -39.54
C VAL F 98 50.17 22.76 -39.04
N ARG F 99 51.23 22.07 -38.61
CA ARG F 99 51.16 20.73 -38.06
C ARG F 99 50.14 20.63 -36.91
N ASN F 100 50.03 21.71 -36.14
CA ASN F 100 49.12 21.75 -35.00
C ASN F 100 47.66 21.93 -35.43
N ASN F 101 47.44 22.84 -36.38
CA ASN F 101 46.10 23.12 -36.87
C ASN F 101 45.45 21.90 -37.52
N LEU F 102 46.28 21.00 -38.04
CA LEU F 102 45.80 19.78 -38.67
C LEU F 102 45.68 18.64 -37.66
N ARG F 103 46.10 18.88 -36.42
CA ARG F 103 46.09 17.88 -35.36
C ARG F 103 46.90 16.65 -35.75
N ILE F 104 48.05 16.88 -36.37
CA ILE F 104 48.94 15.80 -36.77
C ILE F 104 50.29 15.93 -36.06
N ARG F 105 51.13 14.91 -36.21
CA ARG F 105 52.45 14.88 -35.61
C ARG F 105 53.47 14.57 -36.70
N LEU F 106 54.76 14.71 -36.36
CA LEU F 106 55.82 14.31 -37.27
C LEU F 106 55.78 12.79 -37.46
N GLY F 107 55.33 12.36 -38.64
CA GLY F 107 55.20 10.95 -38.95
C GLY F 107 53.75 10.52 -39.07
N ASP F 108 52.90 11.45 -39.50
CA ASP F 108 51.49 11.17 -39.76
C ASP F 108 51.16 11.53 -41.19
N LEU F 109 50.18 10.84 -41.76
CA LEU F 109 49.79 11.05 -43.15
C LEU F 109 48.72 12.12 -43.30
N VAL F 110 48.81 12.88 -44.39
CA VAL F 110 47.83 13.91 -44.72
C VAL F 110 47.56 13.91 -46.21
N THR F 111 46.34 14.29 -46.59
CA THR F 111 45.99 14.43 -48.00
C THR F 111 46.13 15.89 -48.41
N ILE F 112 46.86 16.12 -49.49
CA ILE F 112 47.08 17.47 -50.01
C ILE F 112 46.37 17.63 -51.35
N HIS F 113 45.77 18.80 -51.56
CA HIS F 113 45.09 19.08 -52.82
C HIS F 113 44.88 20.57 -52.98
N PRO F 114 45.03 21.07 -54.22
CA PRO F 114 45.01 22.54 -54.41
C PRO F 114 43.61 23.12 -54.51
N CYS F 115 43.47 24.37 -54.06
CA CYS F 115 42.22 25.10 -54.13
C CYS F 115 42.47 26.54 -54.54
N PRO F 116 42.24 26.87 -55.83
CA PRO F 116 42.29 28.26 -56.27
C PRO F 116 40.92 28.92 -56.27
N ASP F 117 39.88 28.14 -55.94
CA ASP F 117 38.53 28.68 -55.80
C ASP F 117 38.51 29.77 -54.72
N ILE F 118 39.35 29.60 -53.70
CA ILE F 118 39.52 30.62 -52.67
C ILE F 118 40.05 31.90 -53.29
N LYS F 119 39.59 33.03 -52.75
CA LYS F 119 40.02 34.32 -53.27
C LYS F 119 40.14 35.33 -52.13
N TYR F 120 40.51 36.55 -52.47
CA TYR F 120 40.95 37.54 -51.48
C TYR F 120 39.85 37.84 -50.46
N ALA F 121 40.27 38.03 -49.21
CA ALA F 121 39.35 38.20 -48.10
C ALA F 121 38.59 39.50 -48.12
N THR F 122 37.41 39.50 -47.51
CA THR F 122 36.66 40.73 -47.31
C THR F 122 36.96 41.27 -45.93
N ARG F 123 37.04 40.35 -44.96
CA ARG F 123 37.37 40.70 -43.59
C ARG F 123 37.83 39.47 -42.82
N ILE F 124 38.51 39.69 -41.70
CA ILE F 124 39.06 38.62 -40.88
C ILE F 124 38.87 38.92 -39.39
N SER F 125 38.77 37.85 -38.61
CA SER F 125 38.43 37.95 -37.20
C SER F 125 39.38 37.11 -36.34
N VAL F 126 40.49 37.70 -35.92
CA VAL F 126 41.49 37.02 -35.12
C VAL F 126 41.45 37.53 -33.68
N LEU F 127 41.72 36.64 -32.73
CA LEU F 127 41.73 36.98 -31.31
C LEU F 127 42.92 36.34 -30.60
N PRO F 128 43.62 37.11 -29.75
CA PRO F 128 44.78 36.57 -29.04
C PRO F 128 44.39 35.60 -27.93
N ILE F 129 45.13 34.51 -27.81
CA ILE F 129 44.91 33.56 -26.72
C ILE F 129 45.48 34.16 -25.44
N ALA F 130 44.70 34.08 -24.35
CA ALA F 130 44.99 34.83 -23.13
C ALA F 130 46.39 34.66 -22.59
N ASP F 131 46.84 33.42 -22.43
CA ASP F 131 48.11 33.16 -21.76
C ASP F 131 49.33 33.59 -22.58
N THR F 132 49.12 33.92 -23.85
CA THR F 132 50.20 34.38 -24.71
C THR F 132 50.33 35.91 -24.72
N ILE F 133 49.42 36.57 -24.00
CA ILE F 133 49.42 38.04 -23.92
C ILE F 133 49.36 38.54 -22.48
N GLU F 134 49.37 37.61 -21.53
CA GLU F 134 49.42 37.97 -20.11
C GLU F 134 50.66 38.80 -19.83
N GLY F 135 50.48 40.07 -19.51
CA GLY F 135 51.59 40.96 -19.18
C GLY F 135 51.53 42.26 -19.95
N ILE F 136 51.33 42.17 -21.26
CA ILE F 136 51.32 43.35 -22.12
C ILE F 136 49.91 43.78 -22.47
N THR F 137 49.82 44.94 -23.11
CA THR F 137 48.55 45.49 -23.58
C THR F 137 48.81 46.42 -24.76
N GLY F 138 47.76 47.06 -25.26
CA GLY F 138 47.91 48.05 -26.31
C GLY F 138 47.61 47.56 -27.71
N ASN F 139 48.25 48.17 -28.70
CA ASN F 139 47.96 47.94 -30.11
C ASN F 139 48.62 46.66 -30.64
N LEU F 140 47.89 45.55 -30.59
CA LEU F 140 48.39 44.29 -31.11
C LEU F 140 48.44 44.29 -32.63
N PHE F 141 47.56 45.07 -33.24
CA PHE F 141 47.49 45.13 -34.70
C PHE F 141 48.76 45.73 -35.29
N ASP F 142 49.10 46.95 -34.87
CA ASP F 142 50.27 47.65 -35.40
C ASP F 142 51.55 46.87 -35.15
N VAL F 143 51.63 46.22 -33.99
CA VAL F 143 52.83 45.51 -33.60
C VAL F 143 52.96 44.13 -34.28
N PHE F 144 51.97 43.28 -34.07
CA PHE F 144 52.04 41.89 -34.51
C PHE F 144 51.34 41.64 -35.85
N LEU F 145 50.04 41.93 -35.90
CA LEU F 145 49.21 41.54 -37.04
C LEU F 145 49.56 42.30 -38.33
N LYS F 146 49.81 43.60 -38.20
CA LYS F 146 50.04 44.46 -39.36
C LYS F 146 51.26 43.99 -40.17
N PRO F 147 52.43 43.82 -39.52
CA PRO F 147 53.58 43.38 -40.31
C PRO F 147 53.52 41.90 -40.70
N TYR F 148 52.72 41.12 -40.01
CA TYR F 148 52.64 39.67 -40.25
C TYR F 148 51.89 39.35 -41.54
N PHE F 149 50.78 40.06 -41.77
CA PHE F 149 49.95 39.81 -42.94
C PHE F 149 50.33 40.68 -44.14
N VAL F 150 51.11 41.73 -43.89
CA VAL F 150 51.40 42.73 -44.92
C VAL F 150 52.10 42.16 -46.15
N GLU F 151 51.50 42.39 -47.31
CA GLU F 151 52.10 42.07 -48.62
C GLU F 151 52.41 40.58 -48.82
N ALA F 152 52.03 39.74 -47.87
CA ALA F 152 52.25 38.31 -47.97
C ALA F 152 51.01 37.62 -48.53
N TYR F 153 49.90 38.35 -48.54
CA TYR F 153 48.56 37.80 -48.74
C TYR F 153 48.48 36.34 -48.31
N ARG F 154 48.56 36.14 -46.99
CA ARG F 154 48.58 34.80 -46.42
C ARG F 154 47.24 34.10 -46.66
N PRO F 155 47.27 32.79 -46.94
CA PRO F 155 46.03 32.03 -47.07
C PRO F 155 45.60 31.42 -45.74
N VAL F 156 44.69 32.08 -45.02
CA VAL F 156 44.30 31.61 -43.70
C VAL F 156 43.05 30.73 -43.76
N ARG F 157 42.57 30.33 -42.59
CA ARG F 157 41.42 29.45 -42.49
C ARG F 157 40.72 29.69 -41.15
N LYS F 158 39.42 29.44 -41.10
CA LYS F 158 38.68 29.57 -39.84
C LYS F 158 39.03 28.39 -38.92
N GLY F 159 39.42 28.71 -37.69
CA GLY F 159 39.84 27.70 -36.73
C GLY F 159 41.35 27.66 -36.62
N ASP F 160 42.05 28.29 -37.55
CA ASP F 160 43.50 28.34 -37.52
C ASP F 160 44.00 29.11 -36.31
N HIS F 161 45.13 28.64 -35.76
CA HIS F 161 45.84 29.36 -34.70
C HIS F 161 47.28 29.60 -35.16
N PHE F 162 47.60 30.85 -35.47
CA PHE F 162 48.93 31.20 -35.97
C PHE F 162 49.76 31.90 -34.90
N VAL F 163 51.02 32.13 -35.22
CA VAL F 163 51.99 32.63 -34.25
C VAL F 163 52.78 33.80 -34.85
N VAL F 164 52.93 34.87 -34.05
CA VAL F 164 53.68 36.04 -34.48
C VAL F 164 54.71 36.43 -33.43
N ARG F 165 55.97 36.45 -33.83
CA ARG F 165 57.07 36.76 -32.92
C ARG F 165 57.49 38.22 -33.02
N GLY F 166 57.52 38.89 -31.86
CA GLY F 166 57.89 40.29 -31.79
C GLY F 166 57.72 40.83 -30.39
N GLY F 167 58.56 41.81 -30.03
CA GLY F 167 58.50 42.41 -28.71
C GLY F 167 58.91 41.43 -27.62
N MET F 168 59.94 40.64 -27.91
CA MET F 168 60.49 39.68 -26.94
C MET F 168 59.46 38.66 -26.46
N ARG F 169 58.54 38.28 -27.33
CA ARG F 169 57.57 37.23 -27.04
C ARG F 169 56.85 36.79 -28.31
N GLN F 170 56.13 35.67 -28.22
CA GLN F 170 55.37 35.16 -29.35
C GLN F 170 53.90 35.02 -28.98
N VAL F 171 53.05 35.78 -29.67
CA VAL F 171 51.62 35.77 -29.40
C VAL F 171 50.91 34.79 -30.33
N GLU F 172 49.87 34.15 -29.80
CA GLU F 172 49.05 33.24 -30.59
C GLU F 172 47.63 33.79 -30.75
N PHE F 173 47.25 34.01 -32.01
CA PHE F 173 45.89 34.41 -32.33
C PHE F 173 45.14 33.23 -32.94
N LYS F 174 43.82 33.21 -32.78
CA LYS F 174 42.98 32.23 -33.46
C LYS F 174 41.99 32.90 -34.39
N VAL F 175 42.00 32.48 -35.65
CA VAL F 175 41.04 32.97 -36.63
C VAL F 175 39.64 32.51 -36.25
N VAL F 176 38.81 33.45 -35.82
CA VAL F 176 37.47 33.14 -35.35
C VAL F 176 36.44 33.24 -36.47
N ASP F 177 36.69 34.10 -37.45
CA ASP F 177 35.75 34.30 -38.54
C ASP F 177 36.38 34.95 -39.78
N VAL F 178 35.93 34.52 -40.95
CA VAL F 178 36.23 35.17 -42.22
C VAL F 178 34.93 35.34 -42.98
N GLU F 179 34.87 36.31 -43.89
CA GLU F 179 33.64 36.55 -44.63
C GLU F 179 33.55 35.61 -45.85
N PRO F 180 34.66 35.41 -46.60
CA PRO F 180 34.64 34.58 -47.81
C PRO F 180 34.76 33.09 -47.48
N GLU F 181 33.69 32.53 -46.93
CA GLU F 181 33.55 31.09 -46.57
C GLU F 181 34.53 30.72 -45.43
N GLU F 182 34.86 29.42 -45.35
CA GLU F 182 35.79 28.88 -44.33
C GLU F 182 37.21 29.42 -44.51
N TYR F 183 37.68 29.53 -45.76
CA TYR F 183 39.07 29.92 -46.00
C TYR F 183 39.16 31.10 -46.97
N ALA F 184 40.15 31.97 -46.73
CA ALA F 184 40.36 33.13 -47.60
C ALA F 184 41.79 33.66 -47.50
N VAL F 185 42.11 34.63 -48.34
CA VAL F 185 43.46 35.19 -48.44
C VAL F 185 43.49 36.62 -47.89
N VAL F 186 44.65 37.05 -47.41
CA VAL F 186 44.78 38.34 -46.71
C VAL F 186 45.53 39.40 -47.54
N ALA F 187 44.99 39.75 -48.70
CA ALA F 187 45.56 40.82 -49.53
C ALA F 187 45.59 42.14 -48.76
N GLN F 188 46.40 43.11 -49.24
CA GLN F 188 46.50 44.41 -48.55
C GLN F 188 45.17 45.12 -48.37
N ASP F 189 44.19 44.83 -49.23
CA ASP F 189 42.87 45.47 -49.13
C ASP F 189 41.96 44.75 -48.12
N THR F 190 42.35 43.55 -47.73
CA THR F 190 41.55 42.78 -46.79
C THR F 190 41.54 43.44 -45.42
N ILE F 191 40.36 43.46 -44.79
CA ILE F 191 40.16 44.18 -43.55
C ILE F 191 40.37 43.29 -42.31
N ILE F 192 41.47 43.51 -41.61
CA ILE F 192 41.79 42.70 -40.43
C ILE F 192 41.19 43.29 -39.17
N HIS F 193 40.24 42.58 -38.58
CA HIS F 193 39.61 43.00 -37.32
C HIS F 193 40.11 42.14 -36.15
N TRP F 194 40.87 42.75 -35.25
CA TRP F 194 41.21 42.13 -33.98
C TRP F 194 40.44 42.87 -32.88
N GLU F 195 40.10 42.09 -31.84
CA GLU F 195 39.40 42.49 -30.59
C GLU F 195 40.28 42.07 -29.39
N GLY F 196 40.09 42.69 -28.20
CA GLY F 196 40.99 42.43 -27.05
C GLY F 196 40.47 41.62 -25.87
N CYS F 219 36.88 -6.39 -31.98
CA CYS F 219 35.50 -6.05 -32.29
C CYS F 219 35.32 -5.95 -33.80
N ARG F 220 35.76 -6.99 -34.53
CA ARG F 220 35.76 -6.95 -35.98
C ARG F 220 34.34 -6.92 -36.55
N LYS F 221 33.52 -7.92 -36.20
CA LYS F 221 32.19 -8.02 -36.79
C LYS F 221 31.26 -6.92 -36.29
N GLN F 222 31.31 -6.62 -34.99
CA GLN F 222 30.50 -5.54 -34.44
C GLN F 222 30.94 -4.18 -34.97
N MET F 223 32.25 -4.00 -35.19
CA MET F 223 32.75 -2.75 -35.74
C MET F 223 32.34 -2.59 -37.19
N ALA F 224 32.35 -3.68 -37.97
CA ALA F 224 31.89 -3.62 -39.35
C ALA F 224 30.39 -3.35 -39.42
N GLN F 225 29.62 -3.92 -38.49
CA GLN F 225 28.18 -3.69 -38.47
C GLN F 225 27.85 -2.24 -38.10
N ILE F 226 28.52 -1.70 -37.09
CA ILE F 226 28.23 -0.33 -36.69
C ILE F 226 28.80 0.66 -37.71
N ARG F 227 29.87 0.28 -38.42
CA ARG F 227 30.43 1.16 -39.44
C ARG F 227 29.51 1.21 -40.66
N GLU F 228 28.92 0.07 -41.03
CA GLU F 228 27.91 0.06 -42.09
C GLU F 228 26.69 0.86 -41.68
N MET F 229 26.22 0.67 -40.42
CA MET F 229 25.02 1.34 -39.94
C MET F 229 25.21 2.84 -39.72
N VAL F 230 26.46 3.31 -39.63
CA VAL F 230 26.69 4.75 -39.50
C VAL F 230 27.20 5.38 -40.80
N GLU F 231 27.66 4.58 -41.77
CA GLU F 231 28.10 5.12 -43.04
C GLU F 231 27.02 5.11 -44.11
N LEU F 232 26.37 3.96 -44.32
CA LEU F 232 25.42 3.83 -45.42
C LEU F 232 24.11 4.60 -45.28
N PRO F 233 23.48 4.74 -44.11
CA PRO F 233 22.34 5.66 -44.01
C PRO F 233 22.73 7.12 -43.78
N LEU F 234 24.00 7.47 -43.79
CA LEU F 234 24.41 8.85 -43.53
C LEU F 234 25.15 9.51 -44.68
N ARG F 235 25.71 8.75 -45.61
CA ARG F 235 26.43 9.33 -46.74
C ARG F 235 25.67 9.18 -48.05
N HIS F 236 24.91 8.07 -48.17
CA HIS F 236 24.08 7.78 -49.36
C HIS F 236 22.60 7.64 -48.94
N PRO F 237 22.00 8.73 -48.41
CA PRO F 237 20.58 8.75 -48.06
C PRO F 237 19.69 8.54 -49.29
N GLN F 238 20.11 9.10 -50.44
CA GLN F 238 19.32 8.95 -51.68
C GLN F 238 19.22 7.47 -52.05
N LEU F 239 20.32 6.71 -51.94
CA LEU F 239 20.31 5.26 -52.25
C LEU F 239 19.38 4.55 -51.24
N PHE F 240 19.47 4.98 -49.97
CA PHE F 240 18.59 4.34 -48.94
C PHE F 240 17.13 4.57 -49.32
N LYS F 241 16.79 5.80 -49.73
CA LYS F 241 15.40 6.19 -50.12
C LYS F 241 14.97 5.37 -51.35
N ALA F 242 15.91 5.17 -52.27
CA ALA F 242 15.69 4.42 -53.53
C ALA F 242 15.28 2.98 -53.21
N ILE F 243 15.88 2.37 -52.19
CA ILE F 243 15.49 0.96 -51.87
C ILE F 243 13.98 0.91 -51.53
N GLY F 244 13.52 1.90 -50.77
CA GLY F 244 12.18 2.12 -50.28
C GLY F 244 11.98 1.69 -48.84
N ILE F 245 13.07 1.56 -48.10
CA ILE F 245 13.05 1.17 -46.69
C ILE F 245 13.57 2.33 -45.87
N LYS F 246 12.78 2.73 -44.85
CA LYS F 246 13.15 3.85 -43.96
C LYS F 246 13.07 3.37 -42.50
N PRO F 247 13.82 2.30 -42.11
CA PRO F 247 13.75 1.81 -40.73
C PRO F 247 15.06 2.10 -39.97
N PRO F 248 16.25 1.82 -40.55
CA PRO F 248 17.50 2.07 -39.84
C PRO F 248 17.59 3.54 -39.38
N ARG F 249 17.58 3.77 -38.07
CA ARG F 249 17.66 5.14 -37.50
C ARG F 249 18.02 5.07 -36.01
N GLY F 250 17.93 3.87 -35.41
CA GLY F 250 18.25 3.69 -33.98
C GLY F 250 19.10 2.47 -33.74
N VAL F 251 20.22 2.64 -33.00
CA VAL F 251 21.13 1.54 -32.69
C VAL F 251 21.33 1.51 -31.18
N LEU F 252 21.22 0.32 -30.61
CA LEU F 252 21.44 0.10 -29.18
C LEU F 252 22.76 -0.63 -28.96
N MET F 253 23.41 -0.31 -27.84
CA MET F 253 24.69 -0.91 -27.49
C MET F 253 24.61 -1.43 -26.06
N TYR F 254 24.54 -2.76 -25.91
CA TYR F 254 24.52 -3.38 -24.60
C TYR F 254 25.72 -4.30 -24.45
N GLY F 255 25.92 -4.77 -23.22
CA GLY F 255 27.01 -5.65 -22.91
C GLY F 255 27.57 -5.43 -21.52
N PRO F 256 28.60 -6.19 -21.15
CA PRO F 256 29.25 -6.00 -19.85
C PRO F 256 30.01 -4.69 -19.81
N PRO F 257 30.22 -4.12 -18.62
CA PRO F 257 30.94 -2.84 -18.54
C PRO F 257 32.42 -3.01 -18.81
N GLY F 258 33.00 -1.98 -19.41
CA GLY F 258 34.40 -2.02 -19.79
C GLY F 258 34.61 -2.88 -21.01
N THR F 259 33.98 -2.51 -22.12
CA THR F 259 34.18 -3.20 -23.38
C THR F 259 34.44 -2.25 -24.53
N GLY F 260 33.97 -1.01 -24.46
CA GLY F 260 34.32 -0.02 -25.45
C GLY F 260 33.15 0.60 -26.19
N LYS F 261 31.98 0.67 -25.55
CA LYS F 261 30.83 1.30 -26.19
C LYS F 261 31.01 2.82 -26.28
N THR F 262 31.50 3.45 -25.19
CA THR F 262 31.81 4.87 -25.24
C THR F 262 32.98 5.15 -26.17
N LEU F 263 33.91 4.20 -26.29
CA LEU F 263 35.02 4.34 -27.23
C LEU F 263 34.54 4.28 -28.67
N MET F 264 33.57 3.40 -28.95
CA MET F 264 32.99 3.35 -30.30
C MET F 264 32.20 4.60 -30.61
N ALA F 265 31.52 5.15 -29.59
CA ALA F 265 30.80 6.41 -29.78
C ALA F 265 31.76 7.57 -30.07
N ARG F 266 32.89 7.61 -29.36
CA ARG F 266 33.89 8.65 -29.63
C ARG F 266 34.55 8.46 -30.99
N ALA F 267 34.75 7.22 -31.42
CA ALA F 267 35.33 6.97 -32.73
C ALA F 267 34.37 7.36 -33.85
N VAL F 268 33.07 7.12 -33.64
CA VAL F 268 32.05 7.57 -34.59
C VAL F 268 32.01 9.10 -34.65
N ALA F 269 32.08 9.76 -33.48
CA ALA F 269 32.03 11.22 -33.44
C ALA F 269 33.28 11.85 -34.03
N ASN F 270 34.42 11.14 -34.01
CA ASN F 270 35.65 11.67 -34.56
C ASN F 270 35.99 11.13 -35.94
N GLU F 271 35.15 10.28 -36.53
CA GLU F 271 35.37 9.86 -37.91
C GLU F 271 34.49 10.59 -38.90
N THR F 272 33.53 11.39 -38.43
CA THR F 272 32.60 12.11 -39.29
C THR F 272 32.58 13.57 -38.87
N GLY F 273 32.53 14.47 -39.86
CA GLY F 273 32.35 15.89 -39.60
C GLY F 273 30.93 16.31 -39.34
N ALA F 274 30.01 15.37 -39.14
CA ALA F 274 28.62 15.69 -38.86
C ALA F 274 28.46 16.21 -37.45
N PHE F 275 27.26 16.69 -37.14
CA PHE F 275 27.01 17.28 -35.83
C PHE F 275 26.86 16.18 -34.80
N PHE F 276 27.24 16.49 -33.55
CA PHE F 276 27.28 15.49 -32.49
C PHE F 276 26.80 16.15 -31.19
N PHE F 277 25.51 16.02 -30.90
CA PHE F 277 24.91 16.59 -29.70
C PHE F 277 24.78 15.46 -28.68
N LEU F 278 25.83 15.30 -27.87
CA LEU F 278 25.81 14.29 -26.82
C LEU F 278 24.93 14.75 -25.67
N ILE F 279 24.04 13.87 -25.22
CA ILE F 279 23.17 14.12 -24.08
C ILE F 279 23.22 12.88 -23.20
N ASN F 280 23.76 13.03 -21.99
CA ASN F 280 23.81 11.92 -21.06
C ASN F 280 22.44 11.75 -20.39
N GLY F 281 22.34 10.75 -19.53
CA GLY F 281 21.07 10.37 -18.95
C GLY F 281 20.50 11.37 -17.97
N PRO F 282 21.09 11.48 -16.78
CA PRO F 282 20.52 12.35 -15.75
C PRO F 282 20.84 13.82 -15.89
N GLU F 283 21.42 14.27 -17.02
CA GLU F 283 21.68 15.69 -17.24
C GLU F 283 20.53 16.37 -17.97
N VAL F 284 19.33 15.78 -17.96
CA VAL F 284 18.19 16.32 -18.68
C VAL F 284 17.19 17.01 -17.78
N MET F 285 17.34 16.92 -16.46
CA MET F 285 16.35 17.44 -15.53
C MET F 285 16.78 18.78 -14.95
N SER F 286 15.81 19.50 -14.42
CA SER F 286 16.06 20.78 -13.76
C SER F 286 14.95 21.01 -12.73
N GLY F 290 8.76 21.78 -15.82
CA GLY F 290 8.61 21.40 -17.21
C GLY F 290 9.70 21.91 -18.13
N GLU F 291 10.92 21.44 -17.94
CA GLU F 291 12.02 21.77 -18.83
C GLU F 291 12.79 20.58 -19.36
N SER F 292 12.53 19.36 -18.85
CA SER F 292 13.12 18.17 -19.45
C SER F 292 12.56 17.92 -20.84
N GLU F 293 11.26 18.17 -21.02
CA GLU F 293 10.64 18.07 -22.34
C GLU F 293 11.17 19.14 -23.27
N SER F 294 11.44 20.34 -22.73
CA SER F 294 12.04 21.41 -23.53
C SER F 294 13.46 21.07 -23.92
N ASN F 295 14.20 20.38 -23.04
CA ASN F 295 15.56 19.97 -23.36
C ASN F 295 15.57 18.89 -24.43
N LEU F 296 14.63 17.93 -24.35
CA LEU F 296 14.53 16.89 -25.37
C LEU F 296 14.15 17.48 -26.73
N ARG F 297 13.18 18.39 -26.75
CA ARG F 297 12.79 19.05 -28.00
C ARG F 297 13.91 19.92 -28.54
N LYS F 298 14.67 20.58 -27.65
CA LYS F 298 15.79 21.41 -28.07
C LYS F 298 16.89 20.58 -28.71
N ALA F 299 17.21 19.44 -28.11
CA ALA F 299 18.25 18.56 -28.65
C ALA F 299 17.82 17.95 -29.99
N PHE F 300 16.56 17.51 -30.09
CA PHE F 300 16.10 16.89 -31.33
C PHE F 300 15.97 17.91 -32.46
N GLU F 301 15.50 19.12 -32.16
CA GLU F 301 15.40 20.13 -33.21
C GLU F 301 16.77 20.68 -33.58
N GLU F 302 17.73 20.67 -32.65
CA GLU F 302 19.09 21.07 -32.99
C GLU F 302 19.76 20.04 -33.88
N ALA F 303 19.53 18.75 -33.61
CA ALA F 303 20.12 17.71 -34.46
C ALA F 303 19.41 17.60 -35.80
N GLU F 304 18.12 17.97 -35.87
CA GLU F 304 17.41 17.94 -37.13
C GLU F 304 17.64 19.20 -37.97
N LYS F 305 17.98 20.32 -37.32
CA LYS F 305 18.10 21.58 -38.04
C LYS F 305 19.41 21.68 -38.80
N ASN F 306 20.51 21.21 -38.20
CA ASN F 306 21.84 21.48 -38.75
C ASN F 306 22.14 20.60 -39.96
N ALA F 307 22.17 19.30 -39.77
CA ALA F 307 22.62 18.38 -40.82
C ALA F 307 22.06 17.00 -40.50
N PRO F 308 22.08 16.09 -41.48
CA PRO F 308 21.92 14.66 -41.14
C PRO F 308 23.08 14.20 -40.28
N ALA F 309 22.79 13.89 -39.02
CA ALA F 309 23.81 13.75 -37.99
C ALA F 309 23.43 12.57 -37.09
N ILE F 310 24.10 12.49 -35.95
CA ILE F 310 23.93 11.36 -35.03
C ILE F 310 23.85 11.91 -33.60
N ILE F 311 22.92 11.38 -32.81
CA ILE F 311 22.74 11.74 -31.42
C ILE F 311 23.19 10.58 -30.55
N PHE F 312 24.00 10.89 -29.53
CA PHE F 312 24.46 9.88 -28.59
C PHE F 312 23.78 10.10 -27.25
N ILE F 313 22.98 9.14 -26.82
CA ILE F 313 22.30 9.18 -25.54
C ILE F 313 22.93 8.11 -24.65
N ASP F 314 23.89 8.51 -23.83
CA ASP F 314 24.58 7.57 -22.95
C ASP F 314 23.79 7.40 -21.65
N GLU F 315 23.81 6.17 -21.14
CA GLU F 315 23.16 5.76 -19.88
C GLU F 315 21.65 6.03 -19.91
N ILE F 316 20.98 5.30 -20.80
CA ILE F 316 19.53 5.44 -20.96
C ILE F 316 18.74 4.84 -19.81
N ASP F 317 19.39 4.09 -18.91
CA ASP F 317 18.70 3.47 -17.79
C ASP F 317 18.24 4.47 -16.74
N SER F 318 18.76 5.70 -16.76
CA SER F 318 18.27 6.73 -15.85
C SER F 318 17.04 7.41 -16.41
N ILE F 319 17.01 7.62 -17.73
CA ILE F 319 15.87 8.28 -18.36
C ILE F 319 14.70 7.31 -18.48
N ALA F 320 14.96 6.05 -18.86
CA ALA F 320 13.93 5.05 -19.03
C ALA F 320 13.92 4.11 -17.84
N PRO F 321 13.02 4.29 -16.87
CA PRO F 321 13.08 3.46 -15.65
C PRO F 321 12.28 2.17 -15.76
N LYS F 322 11.98 1.72 -17.00
CA LYS F 322 11.22 0.53 -17.38
C LYS F 322 9.73 0.66 -17.12
N ARG F 323 9.29 1.78 -16.54
CA ARG F 323 7.92 2.32 -16.57
C ARG F 323 6.93 1.50 -15.73
N ASP F 324 7.36 0.34 -15.22
CA ASP F 324 6.46 -0.47 -14.40
C ASP F 324 6.90 -0.45 -12.95
N LYS F 325 8.21 -0.44 -12.71
CA LYS F 325 8.71 -0.42 -11.34
C LYS F 325 8.82 1.01 -10.82
N THR F 326 8.78 2.00 -11.71
CA THR F 326 8.85 3.39 -11.29
C THR F 326 7.49 3.84 -10.74
N ASN F 327 7.51 4.94 -10.01
CA ASN F 327 6.30 5.51 -9.45
C ASN F 327 6.22 7.02 -9.64
N GLY F 328 7.23 7.64 -10.23
CA GLY F 328 7.21 9.07 -10.46
C GLY F 328 6.34 9.45 -11.63
N GLU F 329 6.25 10.77 -11.85
CA GLU F 329 5.43 11.32 -12.93
C GLU F 329 6.23 12.12 -13.94
N VAL F 330 7.32 12.78 -13.54
CA VAL F 330 8.16 13.43 -14.53
C VAL F 330 9.00 12.42 -15.30
N GLU F 331 9.24 11.23 -14.73
CA GLU F 331 9.88 10.17 -15.49
C GLU F 331 8.95 9.61 -16.55
N ARG F 332 7.66 9.45 -16.21
CA ARG F 332 6.68 9.03 -17.20
C ARG F 332 6.50 10.09 -18.28
N ARG F 333 6.56 11.36 -17.89
CA ARG F 333 6.41 12.44 -18.87
C ARG F 333 7.63 12.53 -19.79
N VAL F 334 8.83 12.33 -19.25
CA VAL F 334 10.01 12.41 -20.10
C VAL F 334 10.17 11.14 -20.96
N VAL F 335 9.66 10.00 -20.49
CA VAL F 335 9.65 8.79 -21.31
C VAL F 335 8.64 8.93 -22.44
N SER F 336 7.47 9.52 -22.15
CA SER F 336 6.48 9.78 -23.19
C SER F 336 6.99 10.81 -24.19
N GLN F 337 7.78 11.79 -23.71
CA GLN F 337 8.37 12.79 -24.61
C GLN F 337 9.42 12.17 -25.51
N LEU F 338 10.26 11.27 -24.97
CA LEU F 338 11.23 10.59 -25.79
C LEU F 338 10.58 9.64 -26.79
N LEU F 339 9.44 9.05 -26.42
CA LEU F 339 8.70 8.19 -27.33
C LEU F 339 8.08 8.99 -28.47
N THR F 340 7.44 10.12 -28.16
CA THR F 340 6.82 10.89 -29.22
C THR F 340 7.82 11.73 -30.00
N LEU F 341 9.04 11.89 -29.50
CA LEU F 341 10.07 12.58 -30.27
C LEU F 341 10.89 11.63 -31.11
N MET F 342 11.08 10.39 -30.66
CA MET F 342 11.75 9.42 -31.51
C MET F 342 10.86 8.95 -32.64
N ASP F 343 9.55 8.94 -32.42
CA ASP F 343 8.62 8.51 -33.46
C ASP F 343 8.41 9.60 -34.51
N GLY F 344 8.56 10.86 -34.14
CA GLY F 344 8.29 11.95 -35.06
C GLY F 344 9.46 12.37 -35.91
N MET F 345 10.17 11.40 -36.50
CA MET F 345 11.28 11.67 -37.39
C MET F 345 10.90 11.18 -38.79
N LYS F 346 10.85 12.10 -39.74
CA LYS F 346 10.42 11.78 -41.09
C LYS F 346 11.62 11.42 -41.96
N ALA F 347 11.40 11.31 -43.27
CA ALA F 347 12.47 10.93 -44.18
C ALA F 347 13.45 12.06 -44.41
N ARG F 348 12.98 13.31 -44.33
CA ARG F 348 13.84 14.47 -44.55
C ARG F 348 14.67 14.84 -43.33
N SER F 349 14.48 14.15 -42.20
CA SER F 349 15.33 14.38 -41.04
C SER F 349 16.71 13.77 -41.23
N ASN F 350 16.75 12.49 -41.62
CA ASN F 350 17.96 11.74 -41.96
C ASN F 350 18.96 11.66 -40.81
N VAL F 351 18.47 11.70 -39.58
CA VAL F 351 19.33 11.56 -38.40
C VAL F 351 19.11 10.19 -37.79
N VAL F 352 20.18 9.64 -37.22
CA VAL F 352 20.11 8.39 -36.48
C VAL F 352 20.50 8.67 -35.04
N VAL F 353 20.18 7.72 -34.17
CA VAL F 353 20.52 7.84 -32.75
C VAL F 353 21.30 6.60 -32.32
N ILE F 354 22.29 6.81 -31.46
CA ILE F 354 23.07 5.74 -30.85
C ILE F 354 22.93 5.87 -29.34
N ALA F 355 22.76 4.74 -28.67
CA ALA F 355 22.52 4.74 -27.23
C ALA F 355 23.29 3.59 -26.60
N ALA F 356 24.01 3.89 -25.52
CA ALA F 356 24.79 2.90 -24.79
C ALA F 356 24.13 2.64 -23.45
N THR F 357 24.22 1.39 -22.98
CA THR F 357 23.65 1.00 -21.71
C THR F 357 24.54 -0.05 -21.06
N ASN F 358 24.37 -0.20 -19.74
CA ASN F 358 25.11 -1.21 -19.00
C ASN F 358 24.29 -2.50 -18.87
N ARG F 359 23.09 -2.39 -18.30
CA ARG F 359 22.34 -3.63 -18.18
C ARG F 359 21.29 -3.73 -19.28
N PRO F 360 21.13 -4.91 -19.87
CA PRO F 360 20.20 -5.07 -21.01
C PRO F 360 18.77 -5.45 -20.63
N ASN F 361 18.36 -5.34 -19.38
CA ASN F 361 17.03 -5.78 -18.98
C ASN F 361 16.11 -4.67 -18.51
N SER F 362 16.63 -3.57 -17.99
CA SER F 362 15.78 -2.48 -17.51
C SER F 362 15.53 -1.42 -18.59
N ILE F 363 15.04 -1.86 -19.73
CA ILE F 363 14.69 -0.97 -20.84
C ILE F 363 13.23 -1.24 -21.20
N ASP F 364 12.50 -0.19 -21.54
CA ASP F 364 11.12 -0.31 -21.97
C ASP F 364 11.02 -1.13 -23.25
N PRO F 365 10.10 -2.10 -23.31
CA PRO F 365 9.75 -2.70 -24.61
C PRO F 365 9.06 -1.72 -25.55
N ALA F 366 8.41 -0.68 -25.02
CA ALA F 366 7.91 0.39 -25.88
C ALA F 366 9.03 1.20 -26.48
N LEU F 367 10.18 1.27 -25.81
CA LEU F 367 11.38 1.83 -26.42
C LEU F 367 12.06 0.83 -27.34
N ARG F 368 11.92 -0.47 -27.05
CA ARG F 368 12.44 -1.52 -27.91
C ARG F 368 11.45 -1.94 -28.98
N ARG F 369 10.37 -1.19 -29.17
CA ARG F 369 9.36 -1.51 -30.16
C ARG F 369 9.89 -1.23 -31.57
N PHE F 370 9.17 -1.75 -32.56
CA PHE F 370 9.54 -1.55 -33.96
C PHE F 370 9.32 -0.09 -34.35
N GLY F 371 10.40 0.60 -34.70
CA GLY F 371 10.31 1.98 -35.10
C GLY F 371 11.39 2.85 -34.49
N ARG F 372 11.83 2.51 -33.27
CA ARG F 372 12.85 3.30 -32.58
C ARG F 372 14.15 2.53 -32.39
N PHE F 373 14.12 1.37 -31.74
CA PHE F 373 15.32 0.62 -31.42
C PHE F 373 15.08 -0.85 -31.72
N ASP F 374 15.67 -1.35 -32.81
CA ASP F 374 15.48 -2.73 -33.20
C ASP F 374 16.80 -3.42 -33.50
N ARG F 375 17.81 -2.64 -33.88
CA ARG F 375 19.12 -3.18 -34.27
C ARG F 375 20.08 -2.91 -33.12
N GLU F 376 20.20 -3.89 -32.22
CA GLU F 376 21.14 -3.79 -31.12
C GLU F 376 22.37 -4.65 -31.41
N VAL F 377 23.51 -4.22 -30.89
CA VAL F 377 24.75 -4.95 -31.03
C VAL F 377 25.15 -5.49 -29.66
N ASP F 378 25.85 -6.63 -29.67
CA ASP F 378 26.26 -7.32 -28.46
C ASP F 378 27.78 -7.31 -28.42
N ILE F 379 28.34 -6.26 -27.84
CA ILE F 379 29.79 -6.10 -27.77
C ILE F 379 30.29 -6.91 -26.58
N GLY F 380 30.69 -8.15 -26.83
CA GLY F 380 31.03 -9.10 -25.79
C GLY F 380 32.52 -9.17 -25.49
N ASP F 383 40.32 -3.33 -26.62
CA ASP F 383 41.24 -4.46 -26.70
C ASP F 383 42.64 -3.97 -26.36
N ALA F 384 43.67 -4.79 -26.66
CA ALA F 384 45.03 -4.43 -26.31
C ALA F 384 45.54 -3.25 -27.13
N THR F 385 45.15 -3.16 -28.40
CA THR F 385 45.58 -2.05 -29.24
C THR F 385 44.93 -0.73 -28.80
N GLY F 386 43.63 -0.76 -28.53
CA GLY F 386 42.97 0.42 -28.00
C GLY F 386 43.45 0.78 -26.61
N ARG F 387 43.84 -0.22 -25.82
CA ARG F 387 44.39 0.05 -24.49
C ARG F 387 45.76 0.72 -24.59
N LEU F 388 46.57 0.30 -25.54
CA LEU F 388 47.84 0.98 -25.82
C LEU F 388 47.61 2.39 -26.33
N GLU F 389 46.53 2.60 -27.10
CA GLU F 389 46.21 3.94 -27.56
C GLU F 389 45.79 4.85 -26.40
N VAL F 390 44.99 4.33 -25.46
CA VAL F 390 44.57 5.10 -24.30
C VAL F 390 45.75 5.40 -23.39
N LEU F 391 46.68 4.44 -23.26
CA LEU F 391 47.90 4.67 -22.49
C LEU F 391 48.76 5.75 -23.11
N ARG F 392 48.97 5.68 -24.44
CA ARG F 392 49.76 6.70 -25.11
C ARG F 392 49.06 8.06 -25.15
N ILE F 393 47.73 8.08 -24.98
CA ILE F 393 47.02 9.35 -24.87
C ILE F 393 47.24 9.97 -23.49
N HIS F 394 47.13 9.17 -22.43
CA HIS F 394 47.19 9.74 -21.08
C HIS F 394 48.61 10.11 -20.66
N THR F 395 49.55 9.17 -20.71
CA THR F 395 50.82 9.36 -20.02
C THR F 395 51.85 10.12 -20.85
N LYS F 396 51.48 10.67 -22.01
CA LYS F 396 52.44 11.42 -22.82
C LYS F 396 52.61 12.86 -22.37
N ASN F 397 51.98 13.27 -21.27
CA ASN F 397 52.08 14.64 -20.77
C ASN F 397 52.77 14.70 -19.41
N MET F 398 53.82 13.89 -19.24
CA MET F 398 54.57 13.87 -17.99
C MET F 398 56.02 13.49 -18.29
N LYS F 399 56.92 13.93 -17.42
CA LYS F 399 58.31 13.54 -17.52
C LYS F 399 58.43 12.09 -17.07
N LEU F 400 58.35 11.16 -18.03
CA LEU F 400 57.92 9.81 -17.67
C LEU F 400 59.09 8.99 -17.13
N ALA F 401 60.01 8.59 -18.01
CA ALA F 401 61.08 7.64 -17.71
C ALA F 401 62.01 7.56 -18.91
N ASP F 402 62.94 6.61 -18.87
CA ASP F 402 63.76 6.26 -20.01
C ASP F 402 63.79 4.77 -20.28
N ASP F 403 63.14 3.95 -19.47
CA ASP F 403 63.22 2.49 -19.57
C ASP F 403 61.84 1.86 -19.45
N VAL F 404 60.88 2.36 -20.22
CA VAL F 404 59.50 1.89 -20.16
C VAL F 404 59.11 1.23 -21.48
N ASP F 405 58.30 0.18 -21.37
CA ASP F 405 57.72 -0.51 -22.51
C ASP F 405 56.21 -0.60 -22.26
N LEU F 406 55.45 0.26 -22.93
CA LEU F 406 54.01 0.32 -22.71
C LEU F 406 53.27 -0.85 -23.35
N GLU F 407 53.93 -1.63 -24.20
CA GLU F 407 53.31 -2.85 -24.72
C GLU F 407 53.04 -3.86 -23.61
N ALA F 408 53.97 -3.97 -22.65
CA ALA F 408 53.77 -4.86 -21.52
C ALA F 408 52.65 -4.37 -20.62
N LEU F 409 52.53 -3.05 -20.46
CA LEU F 409 51.44 -2.50 -19.66
C LEU F 409 50.10 -2.66 -20.36
N ALA F 410 50.09 -2.65 -21.69
CA ALA F 410 48.84 -2.92 -22.40
C ALA F 410 48.50 -4.39 -22.41
N ALA F 411 49.51 -5.27 -22.33
CA ALA F 411 49.26 -6.70 -22.39
C ALA F 411 48.80 -7.24 -21.04
N GLU F 412 49.51 -6.88 -19.95
CA GLU F 412 49.19 -7.45 -18.65
C GLU F 412 47.91 -6.88 -18.06
N THR F 413 47.49 -5.71 -18.50
CA THR F 413 46.21 -5.15 -18.10
C THR F 413 45.13 -5.71 -19.02
N HIS F 414 44.14 -6.39 -18.43
CA HIS F 414 43.14 -7.12 -19.20
C HIS F 414 41.78 -6.44 -19.22
N GLY F 415 41.18 -6.19 -18.07
CA GLY F 415 39.81 -5.77 -18.00
C GLY F 415 39.57 -4.29 -17.72
N TYR F 416 40.60 -3.46 -17.76
CA TYR F 416 40.41 -2.05 -17.45
C TYR F 416 39.74 -1.36 -18.63
N VAL F 417 39.03 -0.26 -18.33
CA VAL F 417 38.39 0.52 -19.38
C VAL F 417 38.36 2.00 -19.03
N GLY F 418 39.00 2.82 -19.86
CA GLY F 418 38.78 4.24 -19.87
C GLY F 418 39.35 5.02 -18.69
N ALA F 419 38.76 4.81 -17.52
CA ALA F 419 39.11 5.58 -16.34
C ALA F 419 40.09 4.85 -15.43
N ASP F 420 40.09 3.52 -15.46
CA ASP F 420 40.99 2.77 -14.59
C ASP F 420 42.44 2.88 -15.04
N ILE F 421 42.67 3.08 -16.33
CA ILE F 421 44.03 3.35 -16.79
C ILE F 421 44.49 4.73 -16.33
N ALA F 422 43.57 5.70 -16.30
CA ALA F 422 43.89 7.01 -15.76
C ALA F 422 44.21 6.94 -14.27
N SER F 423 43.46 6.12 -13.54
CA SER F 423 43.78 5.86 -12.13
C SER F 423 45.11 5.14 -11.97
N LEU F 424 45.46 4.29 -12.94
CA LEU F 424 46.75 3.59 -12.91
C LEU F 424 47.90 4.57 -13.05
N CYS F 425 47.80 5.50 -14.00
CA CYS F 425 48.85 6.52 -14.14
C CYS F 425 48.89 7.46 -12.93
N SER F 426 47.73 7.79 -12.37
CA SER F 426 47.70 8.66 -11.19
C SER F 426 48.32 7.98 -9.98
N GLU F 427 48.06 6.69 -9.78
CA GLU F 427 48.67 5.97 -8.68
C GLU F 427 50.15 5.74 -8.92
N ALA F 428 50.57 5.65 -10.18
CA ALA F 428 52.01 5.59 -10.48
C ALA F 428 52.70 6.88 -10.09
N ALA F 429 52.07 8.02 -10.36
CA ALA F 429 52.64 9.31 -9.95
C ALA F 429 52.67 9.44 -8.42
N MET F 430 51.61 8.96 -7.75
CA MET F 430 51.57 9.02 -6.29
C MET F 430 52.64 8.13 -5.67
N GLN F 431 52.89 6.95 -6.24
CA GLN F 431 53.93 6.09 -5.71
C GLN F 431 55.33 6.62 -6.00
N GLN F 432 55.50 7.33 -7.13
CA GLN F 432 56.78 7.99 -7.38
C GLN F 432 57.04 9.12 -6.38
N ILE F 433 56.01 9.90 -6.05
CA ILE F 433 56.16 10.95 -5.05
C ILE F 433 56.41 10.36 -3.67
N ARG F 434 55.77 9.22 -3.36
CA ARG F 434 56.08 8.51 -2.12
C ARG F 434 57.50 7.95 -2.12
N GLU F 435 58.02 7.59 -3.28
CA GLU F 435 59.39 7.08 -3.37
C GLU F 435 60.40 8.19 -3.14
N LYS F 436 60.16 9.37 -3.69
CA LYS F 436 61.11 10.48 -3.59
C LYS F 436 60.66 11.51 -2.55
N MET F 437 60.25 11.04 -1.38
CA MET F 437 59.94 11.96 -0.28
C MET F 437 60.68 11.64 1.00
N ASP F 438 60.81 10.35 1.34
CA ASP F 438 61.43 9.95 2.59
C ASP F 438 62.96 9.96 2.54
N LEU F 439 63.56 10.30 1.40
CA LEU F 439 65.01 10.32 1.28
C LEU F 439 65.59 11.69 1.00
N ILE F 440 64.84 12.58 0.37
CA ILE F 440 65.38 13.86 -0.08
C ILE F 440 64.88 15.04 0.74
N ASP F 441 63.92 14.82 1.66
CA ASP F 441 63.49 15.78 2.68
C ASP F 441 62.94 17.06 2.04
N LEU F 442 61.72 16.92 1.49
CA LEU F 442 61.03 17.99 0.76
C LEU F 442 60.89 19.31 1.51
N ASP F 443 60.98 19.30 2.85
CA ASP F 443 60.88 20.50 3.71
C ASP F 443 59.55 21.23 3.49
N GLU F 444 58.49 20.56 3.98
CA GLU F 444 57.09 20.87 3.71
C GLU F 444 56.66 22.32 3.99
N ASP F 445 57.44 23.10 4.74
CA ASP F 445 57.13 24.51 4.89
C ASP F 445 57.42 25.30 3.61
N GLU F 446 58.55 25.01 2.95
CA GLU F 446 58.88 25.61 1.66
C GLU F 446 59.82 24.68 0.93
N ILE F 447 59.39 24.17 -0.22
CA ILE F 447 60.16 23.16 -0.96
C ILE F 447 61.28 23.83 -1.74
N ASP F 448 62.21 23.03 -2.25
CA ASP F 448 63.33 23.54 -3.04
C ASP F 448 62.97 23.45 -4.52
N ALA F 449 63.96 23.67 -5.38
CA ALA F 449 63.77 23.58 -6.82
C ALA F 449 64.55 22.46 -7.48
N GLU F 450 65.41 21.75 -6.74
CA GLU F 450 66.14 20.63 -7.30
C GLU F 450 65.29 19.37 -7.43
N VAL F 451 64.20 19.28 -6.66
CA VAL F 451 63.34 18.10 -6.69
C VAL F 451 62.25 18.18 -7.75
N LEU F 452 62.10 19.30 -8.43
CA LEU F 452 61.04 19.42 -9.42
C LEU F 452 61.47 18.82 -10.76
N ASP F 453 62.66 19.19 -11.25
CA ASP F 453 63.09 18.69 -12.55
C ASP F 453 63.54 17.24 -12.51
N SER F 454 64.02 16.77 -11.36
CA SER F 454 64.46 15.39 -11.20
C SER F 454 63.27 14.55 -10.74
N LEU F 455 62.39 14.25 -11.70
CA LEU F 455 61.19 13.48 -11.41
C LEU F 455 60.92 12.53 -12.58
N GLY F 456 60.86 11.25 -12.29
CA GLY F 456 60.55 10.27 -13.31
C GLY F 456 59.76 9.08 -12.80
N VAL F 457 58.62 8.79 -13.42
CA VAL F 457 57.83 7.62 -13.05
C VAL F 457 58.42 6.41 -13.76
N THR F 458 59.16 5.59 -13.01
CA THR F 458 59.86 4.47 -13.61
C THR F 458 58.90 3.31 -13.88
N MET F 459 59.46 2.21 -14.39
CA MET F 459 58.64 1.05 -14.71
C MET F 459 58.12 0.37 -13.46
N ASP F 460 58.90 0.37 -12.38
CA ASP F 460 58.50 -0.31 -11.14
C ASP F 460 57.32 0.36 -10.48
N ASN F 461 57.19 1.68 -10.63
CA ASN F 461 56.03 2.40 -10.13
C ASN F 461 54.76 1.93 -10.80
N PHE F 462 54.78 1.82 -12.13
CA PHE F 462 53.66 1.24 -12.86
C PHE F 462 53.47 -0.24 -12.52
N ARG F 463 54.55 -0.94 -12.16
CA ARG F 463 54.46 -2.37 -11.86
C ARG F 463 53.65 -2.62 -10.59
N PHE F 464 54.06 -2.04 -9.46
CA PHE F 464 53.21 -2.28 -8.30
C PHE F 464 52.01 -1.35 -8.23
N ALA F 465 51.88 -0.37 -9.13
CA ALA F 465 50.59 0.29 -9.26
C ALA F 465 49.58 -0.60 -9.97
N LEU F 466 50.04 -1.43 -10.91
CA LEU F 466 49.17 -2.44 -11.50
C LEU F 466 48.92 -3.56 -10.52
N GLY F 467 49.94 -3.95 -9.75
CA GLY F 467 49.78 -4.99 -8.76
C GLY F 467 48.94 -4.60 -7.56
N ASN F 468 48.78 -3.30 -7.33
CA ASN F 468 47.99 -2.80 -6.20
C ASN F 468 46.70 -2.13 -6.66
N SER F 469 46.04 -2.70 -7.66
CA SER F 469 44.82 -2.11 -8.20
C SER F 469 43.92 -3.20 -8.77
N ASN F 470 42.75 -2.77 -9.23
CA ASN F 470 41.69 -3.67 -9.70
C ASN F 470 40.80 -2.88 -10.65
N THR F 485 41.86 -25.82 -16.39
CA THR F 485 42.35 -25.94 -17.74
C THR F 485 42.20 -27.37 -18.23
N TRP F 486 42.56 -27.60 -19.51
CA TRP F 486 42.59 -28.95 -20.03
C TRP F 486 43.74 -29.77 -19.46
N ASP F 487 44.80 -29.11 -18.99
CA ASP F 487 45.91 -29.80 -18.36
C ASP F 487 45.65 -30.10 -16.90
N ASP F 488 44.56 -29.59 -16.33
CA ASP F 488 44.22 -29.81 -14.94
C ASP F 488 43.37 -31.07 -14.73
N VAL F 489 43.16 -31.86 -15.78
CA VAL F 489 42.43 -33.11 -15.70
C VAL F 489 43.42 -34.22 -16.05
N GLY F 490 44.03 -34.81 -15.03
CA GLY F 490 44.97 -35.89 -15.28
C GLY F 490 44.25 -37.16 -15.71
N GLY F 491 44.89 -37.91 -16.60
CA GLY F 491 44.30 -39.10 -17.15
C GLY F 491 43.17 -38.79 -18.11
N LEU F 492 42.52 -39.86 -18.59
CA LEU F 492 41.38 -39.82 -19.50
C LEU F 492 41.71 -39.05 -20.78
N ASP F 493 42.87 -39.39 -21.38
CA ASP F 493 43.39 -38.62 -22.49
C ASP F 493 42.57 -38.81 -23.76
N GLU F 494 42.31 -40.07 -24.12
CA GLU F 494 41.50 -40.32 -25.32
C GLU F 494 40.04 -39.94 -25.09
N ILE F 495 39.58 -39.98 -23.84
CA ILE F 495 38.21 -39.57 -23.53
C ILE F 495 38.05 -38.07 -23.71
N LYS F 496 38.99 -37.28 -23.16
CA LYS F 496 38.90 -35.84 -23.32
C LYS F 496 39.22 -35.42 -24.76
N GLU F 497 40.01 -36.22 -25.49
CA GLU F 497 40.28 -35.89 -26.89
C GLU F 497 39.05 -36.10 -27.76
N GLU F 498 38.40 -37.26 -27.63
CA GLU F 498 37.18 -37.50 -28.39
C GLU F 498 36.06 -36.58 -27.94
N LEU F 499 35.92 -36.36 -26.63
CA LEU F 499 34.80 -35.49 -26.17
C LEU F 499 35.01 -34.07 -26.71
N LYS F 500 36.22 -33.53 -26.55
CA LYS F 500 36.53 -32.17 -27.05
C LYS F 500 36.50 -32.19 -28.58
N GLU F 501 37.14 -33.20 -29.18
CA GLU F 501 37.23 -33.32 -30.66
C GLU F 501 35.81 -33.50 -31.23
N THR F 502 35.01 -34.36 -30.60
CA THR F 502 33.62 -34.61 -31.09
C THR F 502 32.81 -33.32 -31.00
N VAL F 503 32.94 -32.59 -29.89
CA VAL F 503 32.15 -31.33 -29.71
C VAL F 503 32.59 -30.35 -30.81
N GLU F 504 33.90 -30.25 -31.04
CA GLU F 504 34.43 -29.30 -32.05
C GLU F 504 33.89 -29.68 -33.44
N TYR F 505 33.91 -30.97 -33.79
CA TYR F 505 33.42 -31.39 -35.12
C TYR F 505 31.93 -31.06 -35.24
N PRO F 506 31.13 -31.31 -34.18
CA PRO F 506 29.70 -31.05 -34.25
C PRO F 506 29.40 -29.56 -34.44
N VAL F 507 30.18 -28.70 -33.77
CA VAL F 507 29.94 -27.23 -33.84
C VAL F 507 30.70 -26.58 -35.00
N LEU F 508 31.41 -27.40 -35.78
CA LEU F 508 32.21 -26.95 -36.95
C LEU F 508 31.29 -26.75 -38.16
N HIS F 509 31.85 -26.45 -39.33
CA HIS F 509 31.03 -26.21 -40.54
C HIS F 509 30.16 -27.44 -40.83
N PRO F 510 28.88 -27.24 -41.21
CA PRO F 510 27.97 -28.38 -41.45
C PRO F 510 27.91 -28.80 -42.93
N ASP F 511 28.78 -28.22 -43.77
CA ASP F 511 28.78 -28.56 -45.22
C ASP F 511 29.05 -30.07 -45.37
N GLN F 512 30.02 -30.59 -44.62
CA GLN F 512 30.32 -32.05 -44.68
C GLN F 512 29.09 -32.82 -44.19
N TYR F 513 28.48 -32.33 -43.12
CA TYR F 513 27.27 -32.95 -42.52
C TYR F 513 26.11 -32.88 -43.53
N THR F 514 25.99 -31.74 -44.21
CA THR F 514 24.91 -31.53 -45.21
C THR F 514 25.05 -32.55 -46.34
N LYS F 515 26.29 -32.78 -46.78
CA LYS F 515 26.54 -33.77 -47.87
C LYS F 515 26.11 -35.15 -47.38
N PHE F 516 26.44 -35.49 -46.14
CA PHE F 516 26.06 -36.79 -45.53
C PHE F 516 24.53 -36.89 -45.45
N LYS F 522 22.25 -33.64 -30.97
CA LYS F 522 23.17 -32.94 -30.04
C LYS F 522 22.89 -33.43 -28.61
N GLY F 523 23.96 -33.70 -27.85
CA GLY F 523 23.83 -34.17 -26.47
C GLY F 523 24.95 -35.12 -26.09
N VAL F 524 24.91 -35.65 -24.86
CA VAL F 524 25.93 -36.58 -24.38
C VAL F 524 25.55 -36.94 -22.95
N LEU F 525 26.11 -38.05 -22.44
CA LEU F 525 25.81 -38.48 -21.09
C LEU F 525 27.03 -39.11 -20.45
N PHE F 526 27.29 -38.76 -19.19
CA PHE F 526 28.33 -39.37 -18.40
C PHE F 526 27.72 -40.29 -17.36
N TYR F 527 28.42 -41.38 -17.07
CA TYR F 527 28.01 -42.28 -16.00
C TYR F 527 29.25 -43.01 -15.50
N GLY F 528 29.28 -43.28 -14.20
CA GLY F 528 30.39 -43.95 -13.59
C GLY F 528 30.36 -43.86 -12.08
N PRO F 529 31.45 -44.30 -11.43
CA PRO F 529 31.51 -44.21 -9.98
C PRO F 529 31.76 -42.78 -9.54
N THR F 532 35.48 -39.48 -10.02
CA THR F 532 36.21 -39.69 -11.25
C THR F 532 36.41 -38.43 -12.08
N GLY F 533 35.51 -37.45 -11.97
CA GLY F 533 35.76 -36.15 -12.55
C GLY F 533 34.78 -35.72 -13.61
N LYS F 534 33.51 -36.16 -13.49
CA LYS F 534 32.51 -35.81 -14.49
C LYS F 534 32.15 -34.33 -14.42
N THR F 535 31.87 -33.83 -13.22
CA THR F 535 31.67 -32.39 -13.05
C THR F 535 32.97 -31.63 -13.25
N LEU F 536 34.12 -32.26 -12.99
CA LEU F 536 35.41 -31.67 -13.33
C LEU F 536 35.57 -31.55 -14.83
N LEU F 537 35.13 -32.56 -15.57
CA LEU F 537 35.19 -32.51 -17.03
C LEU F 537 34.22 -31.47 -17.58
N ALA F 538 33.08 -31.29 -16.92
CA ALA F 538 32.17 -30.22 -17.31
C ALA F 538 32.74 -28.85 -17.01
N LYS F 539 33.49 -28.70 -15.93
CA LYS F 539 34.16 -27.43 -15.65
C LYS F 539 35.24 -27.14 -16.69
N ALA F 540 36.01 -28.17 -17.07
CA ALA F 540 37.03 -28.01 -18.11
C ALA F 540 36.42 -27.69 -19.45
N VAL F 541 35.21 -28.18 -19.72
CA VAL F 541 34.47 -27.75 -20.90
C VAL F 541 34.06 -26.28 -20.75
N ALA F 542 33.58 -25.91 -19.56
CA ALA F 542 33.09 -24.55 -19.32
C ALA F 542 34.19 -23.49 -19.41
N THR F 543 35.45 -23.86 -19.21
CA THR F 543 36.50 -22.86 -19.29
C THR F 543 37.14 -22.79 -20.68
N GLU F 544 37.46 -23.92 -21.29
CA GLU F 544 38.40 -23.98 -22.40
C GLU F 544 37.80 -24.68 -23.61
N VAL F 545 36.60 -24.27 -24.02
CA VAL F 545 35.99 -24.80 -25.23
C VAL F 545 35.72 -23.72 -26.27
N SER F 546 35.85 -22.45 -25.91
CA SER F 546 35.52 -21.28 -26.74
C SER F 546 34.06 -21.33 -27.23
N ALA F 547 33.16 -21.51 -26.28
CA ALA F 547 31.73 -21.46 -26.53
C ALA F 547 31.04 -21.06 -25.24
N ASN F 548 29.75 -20.75 -25.33
CA ASN F 548 29.01 -20.33 -24.15
C ASN F 548 28.70 -21.54 -23.26
N PHE F 549 28.22 -21.24 -22.05
CA PHE F 549 28.01 -22.26 -21.04
C PHE F 549 26.94 -21.78 -20.07
N ILE F 550 25.94 -22.61 -19.84
CA ILE F 550 24.90 -22.33 -18.85
C ILE F 550 24.63 -23.62 -18.07
N SER F 551 24.74 -23.54 -16.75
CA SER F 551 24.64 -24.71 -15.91
C SER F 551 23.59 -24.51 -14.83
N VAL F 552 22.84 -25.56 -14.54
CA VAL F 552 21.88 -25.57 -13.43
C VAL F 552 22.09 -26.86 -12.65
N LYS F 553 21.69 -26.82 -11.39
CA LYS F 553 21.74 -28.00 -10.54
C LYS F 553 20.57 -28.91 -10.87
N GLY F 554 20.45 -30.02 -10.14
CA GLY F 554 19.45 -31.02 -10.43
C GLY F 554 18.04 -30.55 -10.10
N PRO F 555 17.70 -30.47 -8.82
CA PRO F 555 16.35 -30.03 -8.44
C PRO F 555 16.23 -28.52 -8.31
N GLU F 556 17.17 -27.78 -8.92
CA GLU F 556 17.15 -26.33 -8.86
C GLU F 556 15.96 -25.72 -9.59
N LEU F 557 15.42 -26.42 -10.59
CA LEU F 557 14.39 -25.87 -11.47
C LEU F 557 12.99 -26.34 -11.11
N LEU F 558 12.68 -26.49 -9.83
CA LEU F 558 11.36 -26.94 -9.40
C LEU F 558 10.74 -25.92 -8.47
N GLY F 563 2.54 -24.54 -13.03
CA GLY F 563 3.06 -24.04 -14.27
C GLY F 563 4.44 -23.41 -14.18
N GLU F 564 4.85 -22.96 -13.00
CA GLU F 564 6.16 -22.32 -12.86
C GLU F 564 7.29 -23.32 -13.03
N SER F 565 7.08 -24.57 -12.63
CA SER F 565 8.11 -25.59 -12.75
C SER F 565 8.35 -25.99 -14.20
N GLU F 566 7.39 -25.75 -15.09
CA GLU F 566 7.64 -25.91 -16.52
C GLU F 566 8.12 -24.63 -17.17
N SER F 567 7.68 -23.48 -16.66
CA SER F 567 8.14 -22.19 -17.17
C SER F 567 9.63 -21.98 -16.91
N ASN F 568 10.16 -22.58 -15.83
CA ASN F 568 11.59 -22.49 -15.56
C ASN F 568 12.41 -23.20 -16.63
N ILE F 569 12.01 -24.42 -17.01
CA ILE F 569 12.73 -25.14 -18.05
C ILE F 569 12.51 -24.47 -19.40
N ARG F 570 11.32 -23.89 -19.62
CA ARG F 570 11.04 -23.21 -20.88
C ARG F 570 11.92 -21.98 -21.07
N ASP F 571 12.04 -21.13 -20.04
CA ASP F 571 12.87 -19.95 -20.27
C ASP F 571 14.35 -20.23 -20.08
N ILE F 572 14.73 -21.34 -19.43
CA ILE F 572 16.14 -21.75 -19.47
C ILE F 572 16.53 -22.18 -20.88
N PHE F 573 15.69 -22.97 -21.55
CA PHE F 573 16.01 -23.30 -22.93
C PHE F 573 15.82 -22.12 -23.88
N ASP F 574 15.00 -21.14 -23.51
CA ASP F 574 14.93 -19.91 -24.31
C ASP F 574 16.21 -19.10 -24.18
N LYS F 575 16.78 -19.03 -22.97
CA LYS F 575 18.08 -18.39 -22.79
C LYS F 575 19.18 -19.17 -23.49
N ALA F 576 19.04 -20.49 -23.61
CA ALA F 576 20.02 -21.28 -24.33
C ALA F 576 19.95 -21.01 -25.82
N ARG F 577 18.74 -21.05 -26.40
CA ARG F 577 18.59 -20.83 -27.83
C ARG F 577 18.82 -19.38 -28.23
N ALA F 578 18.71 -18.43 -27.30
CA ALA F 578 18.99 -17.05 -27.64
C ALA F 578 20.49 -16.83 -27.84
N ALA F 579 21.31 -17.40 -26.97
CA ALA F 579 22.76 -17.28 -27.07
C ALA F 579 23.37 -18.52 -27.73
N ALA F 580 23.00 -18.73 -28.98
CA ALA F 580 23.57 -19.86 -29.70
C ALA F 580 24.95 -19.50 -30.23
N PRO F 581 25.94 -20.40 -30.12
CA PRO F 581 25.88 -21.74 -29.53
C PRO F 581 26.09 -21.72 -28.02
N THR F 582 25.67 -22.79 -27.34
CA THR F 582 25.82 -22.89 -25.90
C THR F 582 25.88 -24.35 -25.50
N VAL F 583 26.20 -24.56 -24.23
CA VAL F 583 26.24 -25.89 -23.62
C VAL F 583 25.41 -25.84 -22.36
N VAL F 584 24.37 -26.67 -22.28
CA VAL F 584 23.49 -26.73 -21.11
C VAL F 584 23.88 -27.98 -20.34
N PHE F 585 24.70 -27.82 -19.31
CA PHE F 585 25.17 -28.95 -18.52
C PHE F 585 24.15 -29.24 -17.44
N LEU F 586 23.32 -30.27 -17.68
CA LEU F 586 22.33 -30.70 -16.70
C LEU F 586 22.99 -31.66 -15.72
N ASP F 587 23.35 -31.15 -14.54
CA ASP F 587 23.98 -31.99 -13.54
C ASP F 587 22.93 -32.76 -12.76
N GLU F 588 23.23 -34.02 -12.47
CA GLU F 588 22.40 -34.95 -11.70
C GLU F 588 21.02 -35.12 -12.34
N LEU F 589 21.04 -35.76 -13.51
CA LEU F 589 19.85 -36.00 -14.40
C LEU F 589 18.79 -36.89 -13.74
N ASP F 590 19.19 -37.86 -12.91
CA ASP F 590 18.22 -38.81 -12.31
C ASP F 590 17.16 -38.05 -11.49
N SER F 591 17.59 -37.05 -10.71
CA SER F 591 16.69 -36.26 -9.89
C SER F 591 15.60 -35.58 -10.71
N ILE F 592 15.90 -35.22 -11.96
CA ILE F 592 14.90 -34.54 -12.80
C ILE F 592 14.01 -35.55 -13.51
N ALA F 593 14.57 -36.54 -14.20
CA ALA F 593 13.77 -37.42 -15.04
C ALA F 593 13.00 -38.46 -14.23
N LYS F 594 13.73 -39.26 -13.44
CA LYS F 594 13.22 -40.28 -12.52
C LYS F 594 12.41 -41.39 -13.20
N ALA F 595 12.48 -41.50 -14.53
CA ALA F 595 11.87 -42.58 -15.34
C ALA F 595 10.36 -42.67 -15.11
N ARG F 596 9.66 -41.64 -15.63
CA ARG F 596 8.35 -41.15 -15.19
C ARG F 596 7.34 -42.22 -14.79
N GLY F 597 7.19 -43.27 -15.61
CA GLY F 597 6.49 -44.51 -15.32
C GLY F 597 5.12 -44.40 -14.69
N GLY F 598 5.01 -44.87 -13.45
CA GLY F 598 3.84 -44.68 -12.64
C GLY F 598 4.21 -44.38 -11.19
N SER F 599 3.75 -43.25 -10.67
CA SER F 599 4.02 -42.90 -9.28
C SER F 599 2.72 -42.58 -8.56
N LEU F 600 1.75 -42.03 -9.30
CA LEU F 600 0.37 -41.79 -8.86
C LEU F 600 0.32 -40.87 -7.63
N GLY F 601 0.77 -39.64 -7.84
CA GLY F 601 0.70 -38.64 -6.79
C GLY F 601 0.93 -37.26 -7.35
N ASP F 602 1.02 -36.28 -6.44
CA ASP F 602 1.37 -34.93 -6.86
C ASP F 602 2.82 -34.85 -7.31
N ALA F 603 3.70 -35.57 -6.63
CA ALA F 603 5.10 -35.65 -7.06
C ALA F 603 5.21 -36.39 -8.39
N GLY F 604 4.38 -37.41 -8.60
CA GLY F 604 4.36 -38.10 -9.88
C GLY F 604 3.86 -37.21 -11.01
N GLY F 605 2.83 -36.41 -10.74
CA GLY F 605 2.34 -35.49 -11.75
C GLY F 605 3.34 -34.40 -12.09
N ALA F 606 4.04 -33.88 -11.08
CA ALA F 606 5.09 -32.90 -11.31
C ALA F 606 6.25 -33.50 -12.09
N SER F 607 6.60 -34.76 -11.79
CA SER F 607 7.66 -35.43 -12.53
C SER F 607 7.28 -35.67 -13.98
N ASP F 608 6.03 -36.07 -14.23
CA ASP F 608 5.59 -36.29 -15.61
C ASP F 608 5.55 -34.99 -16.39
N ARG F 609 5.11 -33.89 -15.76
CA ARG F 609 5.09 -32.61 -16.46
C ARG F 609 6.50 -32.09 -16.73
N VAL F 610 7.44 -32.32 -15.80
CA VAL F 610 8.83 -31.91 -16.01
C VAL F 610 9.46 -32.72 -17.13
N VAL F 611 9.21 -34.04 -17.16
CA VAL F 611 9.79 -34.89 -18.19
C VAL F 611 9.19 -34.56 -19.56
N ASN F 612 7.90 -34.24 -19.61
CA ASN F 612 7.29 -33.91 -20.89
C ASN F 612 7.77 -32.56 -21.40
N GLN F 613 7.98 -31.59 -20.49
CA GLN F 613 8.56 -30.31 -20.89
C GLN F 613 9.99 -30.48 -21.40
N LEU F 614 10.76 -31.25 -20.78
CA LEU F 614 12.13 -31.44 -21.23
C LEU F 614 12.19 -32.15 -22.58
N LEU F 615 11.32 -33.15 -22.78
CA LEU F 615 11.30 -33.87 -24.05
C LEU F 615 10.76 -32.99 -25.18
N THR F 616 9.72 -32.21 -24.92
CA THR F 616 9.16 -31.40 -26.00
C THR F 616 9.95 -30.11 -26.22
N GLU F 617 10.88 -29.77 -25.32
CA GLU F 617 11.77 -28.63 -25.56
C GLU F 617 13.19 -29.06 -25.92
N MET F 618 13.47 -30.36 -26.01
CA MET F 618 14.73 -30.80 -26.59
C MET F 618 14.56 -31.40 -27.99
N ASP F 619 13.43 -32.05 -28.27
CA ASP F 619 13.24 -32.65 -29.58
C ASP F 619 12.94 -31.62 -30.67
N GLY F 620 12.68 -30.37 -30.31
CA GLY F 620 12.41 -29.34 -31.29
C GLY F 620 13.64 -28.60 -31.76
N MET F 621 14.82 -29.17 -31.52
CA MET F 621 16.08 -28.56 -31.93
C MET F 621 16.48 -29.13 -33.28
N ASN F 622 16.50 -28.28 -34.30
CA ASN F 622 16.90 -28.64 -35.64
C ASN F 622 18.42 -28.50 -35.78
N ALA F 623 18.94 -28.51 -37.01
CA ALA F 623 20.35 -28.19 -37.23
C ALA F 623 20.66 -26.74 -36.89
N LYS F 624 19.66 -25.86 -36.96
CA LYS F 624 19.81 -24.51 -36.48
C LYS F 624 19.84 -24.47 -34.95
N LYS F 625 20.47 -23.41 -34.43
CA LYS F 625 20.53 -22.98 -33.03
C LYS F 625 21.39 -23.86 -32.14
N ASN F 626 21.84 -25.02 -32.65
CA ASN F 626 22.95 -25.87 -32.22
C ASN F 626 23.29 -25.91 -30.73
N VAL F 627 22.29 -26.11 -29.88
CA VAL F 627 22.55 -26.26 -28.45
C VAL F 627 23.07 -27.68 -28.21
N PHE F 628 23.64 -27.92 -27.04
CA PHE F 628 24.23 -29.22 -26.73
C PHE F 628 24.09 -29.47 -25.25
N VAL F 629 23.37 -30.53 -24.89
CA VAL F 629 23.06 -30.83 -23.50
C VAL F 629 24.04 -31.89 -23.00
N ILE F 630 24.69 -31.62 -21.88
CA ILE F 630 25.65 -32.53 -21.27
C ILE F 630 25.07 -33.01 -19.95
N GLY F 631 24.97 -34.32 -19.79
CA GLY F 631 24.46 -34.88 -18.55
C GLY F 631 25.50 -35.64 -17.77
N ALA F 632 25.30 -35.75 -16.45
CA ALA F 632 26.21 -36.49 -15.60
C ALA F 632 25.41 -37.07 -14.44
N THR F 633 25.78 -38.27 -14.01
CA THR F 633 25.03 -38.93 -12.95
C THR F 633 25.93 -39.92 -12.22
N ASN F 634 25.46 -40.32 -11.04
CA ASN F 634 26.04 -41.43 -10.29
C ASN F 634 25.30 -42.73 -10.53
N ARG F 635 23.97 -42.69 -10.47
CA ARG F 635 23.15 -43.85 -10.74
C ARG F 635 22.60 -43.73 -12.15
N PRO F 636 23.07 -44.54 -13.11
CA PRO F 636 22.47 -44.55 -14.44
C PRO F 636 21.24 -45.43 -14.56
N ASP F 637 20.83 -46.08 -13.47
CA ASP F 637 19.68 -46.98 -13.51
C ASP F 637 18.37 -46.19 -13.57
N GLN F 638 18.31 -45.07 -12.87
CA GLN F 638 17.06 -44.37 -12.64
C GLN F 638 16.79 -43.27 -13.66
N ILE F 639 17.57 -43.20 -14.73
CA ILE F 639 17.29 -42.25 -15.79
C ILE F 639 16.22 -42.85 -16.70
N ASP F 640 15.43 -41.98 -17.30
CA ASP F 640 14.29 -42.41 -18.11
C ASP F 640 14.77 -42.96 -19.45
N PRO F 641 14.33 -44.15 -19.86
CA PRO F 641 14.62 -44.60 -21.23
C PRO F 641 13.98 -43.75 -22.30
N ALA F 642 12.94 -42.98 -21.97
CA ALA F 642 12.40 -41.99 -22.90
C ALA F 642 13.36 -40.81 -23.12
N ILE F 643 14.32 -40.60 -22.21
CA ILE F 643 15.34 -39.59 -22.43
C ILE F 643 16.65 -40.22 -22.90
N LEU F 644 16.82 -41.53 -22.72
CA LEU F 644 17.98 -42.22 -23.29
C LEU F 644 17.72 -42.74 -24.69
N ARG F 645 16.65 -42.29 -25.34
CA ARG F 645 16.28 -42.77 -26.67
C ARG F 645 17.24 -42.20 -27.71
N PRO F 646 17.36 -42.85 -28.87
CA PRO F 646 18.05 -42.23 -30.00
C PRO F 646 17.25 -41.05 -30.53
N GLY F 647 17.97 -40.11 -31.14
CA GLY F 647 17.36 -38.92 -31.69
C GLY F 647 17.29 -37.75 -30.71
N ARG F 648 17.41 -38.00 -29.42
CA ARG F 648 17.48 -36.93 -28.42
C ARG F 648 18.84 -36.87 -27.77
N LEU F 649 19.29 -37.98 -27.17
CA LEU F 649 20.57 -38.01 -26.46
C LEU F 649 21.06 -39.45 -26.48
N ASP F 650 21.98 -39.74 -27.40
CA ASP F 650 22.36 -41.12 -27.70
C ASP F 650 23.74 -41.52 -27.22
N GLN F 651 24.64 -40.57 -27.01
CA GLN F 651 26.00 -40.90 -26.61
C GLN F 651 26.04 -41.37 -25.16
N LEU F 652 27.00 -42.22 -24.85
CA LEU F 652 27.17 -42.79 -23.51
C LEU F 652 28.66 -42.90 -23.24
N ILE F 653 29.24 -41.87 -22.64
CA ILE F 653 30.64 -41.88 -22.27
C ILE F 653 30.76 -42.50 -20.87
N TYR F 654 31.42 -43.65 -20.79
CA TYR F 654 31.75 -44.26 -19.52
C TYR F 654 33.05 -43.67 -19.02
N VAL F 655 33.07 -43.23 -17.77
CA VAL F 655 34.24 -42.60 -17.18
C VAL F 655 34.82 -43.55 -16.15
N ASP F 659 41.72 -42.33 -12.30
CA ASP F 659 42.67 -43.43 -12.18
C ASP F 659 43.85 -42.98 -11.33
N GLU F 660 44.96 -43.70 -11.36
CA GLU F 660 46.13 -43.37 -10.55
C GLU F 660 46.77 -42.06 -11.01
N ASN F 661 46.96 -41.90 -12.32
CA ASN F 661 47.61 -40.69 -12.83
C ASN F 661 46.69 -39.48 -12.70
N ALA F 662 45.39 -39.68 -12.93
CA ALA F 662 44.42 -38.60 -12.74
C ALA F 662 44.30 -38.23 -11.26
N ARG F 663 44.47 -39.20 -10.36
CA ARG F 663 44.45 -38.92 -8.94
C ARG F 663 45.68 -38.11 -8.52
N LEU F 664 46.84 -38.45 -9.08
CA LEU F 664 48.05 -37.68 -8.81
C LEU F 664 47.92 -36.26 -9.37
N SER F 665 47.30 -36.12 -10.54
CA SER F 665 47.11 -34.79 -11.12
C SER F 665 46.10 -33.98 -10.31
N ILE F 666 45.08 -34.64 -9.75
CA ILE F 666 44.10 -33.93 -8.94
C ILE F 666 44.73 -33.47 -7.62
N LEU F 667 45.54 -34.33 -7.00
CA LEU F 667 46.25 -33.93 -5.78
C LEU F 667 47.27 -32.84 -6.05
N ASN F 668 47.88 -32.83 -7.23
CA ASN F 668 48.84 -31.77 -7.53
C ASN F 668 48.15 -30.48 -7.93
N ALA F 669 46.93 -30.55 -8.46
CA ALA F 669 46.20 -29.34 -8.81
C ALA F 669 45.51 -28.74 -7.59
N GLN F 670 45.15 -29.55 -6.60
CA GLN F 670 44.55 -29.00 -5.40
C GLN F 670 45.59 -28.34 -4.52
N LEU F 671 46.84 -28.78 -4.60
CA LEU F 671 47.93 -28.27 -3.77
C LEU F 671 48.79 -27.25 -4.54
N ARG F 672 48.18 -26.47 -5.41
CA ARG F 672 48.95 -25.50 -6.19
C ARG F 672 49.39 -24.32 -5.32
N LYS F 673 48.43 -23.59 -4.77
CA LYS F 673 48.73 -22.41 -3.96
C LYS F 673 48.79 -22.78 -2.48
N THR F 674 49.70 -23.70 -2.17
CA THR F 674 49.83 -24.23 -0.82
C THR F 674 51.30 -24.34 -0.46
N PRO F 675 51.71 -23.85 0.69
CA PRO F 675 53.11 -24.06 1.12
C PRO F 675 53.34 -25.47 1.61
N LEU F 676 53.65 -26.39 0.70
CA LEU F 676 53.86 -27.79 1.05
C LEU F 676 55.23 -27.99 1.66
N GLU F 677 55.36 -29.04 2.47
CA GLU F 677 56.66 -29.47 2.95
C GLU F 677 57.47 -30.05 1.80
N PRO F 678 58.76 -29.72 1.70
CA PRO F 678 59.55 -30.22 0.55
C PRO F 678 59.79 -31.72 0.59
N GLY F 679 59.99 -32.31 1.77
CA GLY F 679 60.17 -33.74 1.85
C GLY F 679 58.87 -34.50 1.91
N LEU F 680 58.12 -34.51 0.81
CA LEU F 680 56.81 -35.14 0.76
C LEU F 680 56.52 -35.60 -0.65
N GLU F 681 56.05 -36.84 -0.78
CA GLU F 681 55.62 -37.40 -2.05
C GLU F 681 54.15 -37.77 -1.97
N LEU F 682 53.41 -37.48 -3.03
CA LEU F 682 51.99 -37.79 -3.09
C LEU F 682 51.70 -39.09 -3.80
N THR F 683 52.73 -39.79 -4.26
CA THR F 683 52.52 -41.07 -4.93
C THR F 683 52.06 -42.15 -3.95
N ALA F 684 52.39 -42.01 -2.67
CA ALA F 684 51.89 -42.95 -1.68
C ALA F 684 50.40 -42.78 -1.47
N ILE F 685 49.93 -41.53 -1.45
CA ILE F 685 48.49 -41.27 -1.36
C ILE F 685 47.78 -41.68 -2.63
N ALA F 686 48.47 -41.58 -3.77
CA ALA F 686 47.86 -42.03 -5.03
C ALA F 686 47.75 -43.54 -5.09
N LYS F 687 48.75 -44.25 -4.59
CA LYS F 687 48.73 -45.72 -4.66
C LYS F 687 47.84 -46.33 -3.60
N ALA F 688 47.73 -45.69 -2.42
CA ALA F 688 46.89 -46.26 -1.37
C ALA F 688 45.40 -46.05 -1.66
N THR F 689 45.04 -44.89 -2.22
CA THR F 689 43.65 -44.59 -2.52
C THR F 689 43.34 -45.00 -3.95
N GLN F 690 42.40 -45.92 -4.12
CA GLN F 690 42.12 -46.51 -5.42
C GLN F 690 40.77 -46.09 -5.98
N GLY F 691 39.68 -46.33 -5.24
CA GLY F 691 38.36 -46.03 -5.77
C GLY F 691 37.76 -44.74 -5.24
N PHE F 692 38.60 -43.75 -4.98
CA PHE F 692 38.14 -42.50 -4.39
C PHE F 692 37.71 -41.52 -5.48
N SER F 693 37.54 -40.25 -5.10
CA SER F 693 37.07 -39.22 -6.02
C SER F 693 37.61 -37.87 -5.58
N GLY F 694 37.40 -36.87 -6.44
CA GLY F 694 38.02 -35.56 -6.23
C GLY F 694 37.48 -34.79 -5.05
N ALA F 695 36.19 -34.97 -4.73
CA ALA F 695 35.60 -34.28 -3.60
C ALA F 695 36.17 -34.79 -2.28
N ASP F 696 36.32 -36.11 -2.14
CA ASP F 696 36.92 -36.62 -0.92
C ASP F 696 38.43 -36.41 -0.88
N LEU F 697 39.09 -36.30 -2.04
CA LEU F 697 40.49 -35.88 -2.02
C LEU F 697 40.64 -34.46 -1.50
N LEU F 698 39.71 -33.58 -1.91
CA LEU F 698 39.62 -32.25 -1.33
C LEU F 698 39.35 -32.30 0.17
N TYR F 699 38.52 -33.27 0.60
CA TYR F 699 38.27 -33.46 2.03
C TYR F 699 39.53 -33.86 2.78
N ILE F 700 40.38 -34.70 2.16
CA ILE F 700 41.64 -35.11 2.77
C ILE F 700 42.56 -33.90 2.93
N VAL F 701 42.68 -33.08 1.88
CA VAL F 701 43.53 -31.90 1.93
C VAL F 701 43.01 -30.89 2.95
N GLN F 702 41.69 -30.77 3.05
CA GLN F 702 41.11 -29.83 4.02
C GLN F 702 41.28 -30.31 5.45
N ARG F 703 41.23 -31.62 5.69
CA ARG F 703 41.51 -32.13 7.04
C ARG F 703 42.97 -31.95 7.41
N ALA F 704 43.88 -32.08 6.44
CA ALA F 704 45.29 -31.80 6.71
C ALA F 704 45.50 -30.33 7.04
N ALA F 705 44.80 -29.44 6.33
CA ALA F 705 44.89 -28.01 6.64
C ALA F 705 44.30 -27.70 8.01
N LYS F 706 43.23 -28.39 8.40
CA LYS F 706 42.64 -28.19 9.71
C LYS F 706 43.57 -28.65 10.83
N TYR F 707 44.25 -29.77 10.64
CA TYR F 707 45.19 -30.24 11.65
C TYR F 707 46.41 -29.33 11.75
N ALA F 708 46.88 -28.80 10.62
CA ALA F 708 47.99 -27.85 10.66
C ALA F 708 47.58 -26.54 11.33
N ILE F 709 46.34 -26.11 11.12
CA ILE F 709 45.85 -24.88 11.75
C ILE F 709 45.71 -25.09 13.26
N LYS F 710 45.28 -26.28 13.68
CA LYS F 710 45.20 -26.59 15.10
C LYS F 710 46.58 -26.62 15.75
N ASP F 711 47.57 -27.19 15.06
CA ASP F 711 48.93 -27.17 15.59
C ASP F 711 49.48 -25.75 15.67
N SER F 712 49.15 -24.91 14.67
CA SER F 712 49.66 -23.54 14.66
C SER F 712 49.04 -22.71 15.79
N ILE F 713 47.73 -22.86 16.03
CA ILE F 713 47.10 -22.07 17.09
C ILE F 713 47.52 -22.58 18.47
N GLU F 714 47.81 -23.89 18.60
CA GLU F 714 48.30 -24.40 19.87
C GLU F 714 49.71 -23.91 20.16
N ALA F 715 50.58 -23.92 19.14
CA ALA F 715 51.93 -23.39 19.32
C ALA F 715 51.92 -21.89 19.57
N HIS F 716 50.97 -21.16 18.98
CA HIS F 716 50.91 -19.72 19.18
C HIS F 716 50.44 -19.37 20.59
N ARG F 717 49.43 -20.09 21.10
CA ARG F 717 49.00 -19.82 22.47
C ARG F 717 50.03 -20.30 23.49
N GLN F 718 50.79 -21.34 23.15
CA GLN F 718 51.90 -21.76 24.01
C GLN F 718 53.00 -20.71 24.03
N HIS F 719 53.28 -20.09 22.89
CA HIS F 719 54.29 -19.03 22.84
C HIS F 719 53.81 -17.78 23.58
N GLU F 720 52.50 -17.48 23.51
CA GLU F 720 51.97 -16.35 24.26
C GLU F 720 52.04 -16.60 25.77
N ALA F 721 51.76 -17.83 26.21
CA ALA F 721 51.88 -18.17 27.63
C ALA F 721 53.34 -18.13 28.08
N GLU F 722 54.26 -18.57 27.23
CA GLU F 722 55.68 -18.50 27.56
C GLU F 722 56.19 -17.07 27.60
N LYS F 723 55.63 -16.19 26.76
CA LYS F 723 55.99 -14.78 26.83
C LYS F 723 55.45 -14.14 28.09
N GLU F 724 54.24 -14.52 28.51
CA GLU F 724 53.65 -13.90 29.70
C GLU F 724 54.23 -14.46 31.00
N VAL F 725 54.80 -15.66 30.99
CA VAL F 725 55.43 -16.16 32.22
C VAL F 725 56.90 -15.75 32.24
N GLU F 744 61.37 -16.23 21.00
CA GLU F 744 60.33 -16.12 19.98
C GLU F 744 60.58 -17.06 18.81
N PRO F 745 59.56 -17.81 18.39
CA PRO F 745 59.67 -18.61 17.16
C PRO F 745 59.60 -17.77 15.90
N GLU F 746 59.48 -18.42 14.75
CA GLU F 746 59.43 -17.74 13.47
C GLU F 746 58.05 -17.13 13.24
N VAL F 747 57.79 -16.71 12.00
CA VAL F 747 56.50 -16.15 11.63
C VAL F 747 55.40 -17.21 11.76
N ASP F 748 55.72 -18.44 11.41
CA ASP F 748 54.85 -19.57 11.66
C ASP F 748 55.67 -20.70 12.28
N PRO F 749 55.27 -21.24 13.42
CA PRO F 749 55.97 -22.42 13.96
C PRO F 749 55.78 -23.66 13.09
N VAL F 750 54.68 -23.75 12.36
CA VAL F 750 54.47 -24.80 11.37
C VAL F 750 54.08 -24.15 10.04
N PRO F 751 55.06 -23.64 9.28
CA PRO F 751 54.72 -22.95 8.03
C PRO F 751 54.27 -23.87 6.91
N TYR F 752 54.67 -25.14 6.92
CA TYR F 752 54.27 -26.08 5.89
C TYR F 752 53.57 -27.28 6.52
N ILE F 753 52.74 -27.93 5.70
CA ILE F 753 51.98 -29.09 6.15
C ILE F 753 52.89 -30.32 6.07
N THR F 754 53.20 -30.90 7.23
CA THR F 754 54.11 -32.03 7.28
C THR F 754 53.42 -33.32 6.84
N LYS F 755 54.18 -34.40 6.81
CA LYS F 755 53.62 -35.71 6.48
C LYS F 755 52.78 -36.26 7.63
N GLU F 756 53.05 -35.83 8.86
CA GLU F 756 52.26 -36.29 10.00
C GLU F 756 50.83 -35.77 9.94
N HIS F 757 50.65 -34.55 9.43
CA HIS F 757 49.30 -34.00 9.28
C HIS F 757 48.50 -34.78 8.24
N PHE F 758 49.14 -35.18 7.14
CA PHE F 758 48.45 -36.00 6.15
C PHE F 758 48.18 -37.40 6.68
N ALA F 759 49.13 -37.98 7.41
CA ALA F 759 48.94 -39.30 7.98
C ALA F 759 47.89 -39.34 9.08
N GLU F 760 47.63 -38.20 9.74
CA GLU F 760 46.54 -38.12 10.69
C GLU F 760 45.23 -37.69 10.05
N ALA F 761 45.28 -37.01 8.90
CA ALA F 761 44.06 -36.62 8.22
C ALA F 761 43.48 -37.75 7.39
N MET F 762 44.31 -38.67 6.92
CA MET F 762 43.82 -39.81 6.17
C MET F 762 43.23 -40.90 7.04
N LYS F 763 43.23 -40.72 8.37
CA LYS F 763 42.67 -41.73 9.25
C LYS F 763 41.14 -41.78 9.13
N THR F 764 40.50 -40.64 8.96
CA THR F 764 39.05 -40.53 8.88
C THR F 764 38.59 -40.17 7.47
N ALA F 765 39.22 -40.74 6.46
CA ALA F 765 38.87 -40.49 5.07
C ALA F 765 38.09 -41.67 4.52
N LYS F 766 36.96 -41.38 3.88
CA LYS F 766 36.07 -42.39 3.32
C LYS F 766 36.03 -42.26 1.81
N ARG F 767 35.15 -43.03 1.18
CA ARG F 767 34.85 -42.86 -0.24
C ARG F 767 33.46 -42.27 -0.40
N SER F 768 33.25 -41.55 -1.50
CA SER F 768 31.99 -40.87 -1.72
C SER F 768 30.93 -41.82 -2.26
N VAL F 769 31.16 -42.37 -3.43
CA VAL F 769 30.17 -43.21 -4.10
C VAL F 769 30.31 -44.64 -3.61
N SER F 770 29.19 -45.36 -3.62
CA SER F 770 29.15 -46.75 -3.20
C SER F 770 29.51 -47.63 -4.40
N ASP F 771 29.30 -48.94 -4.25
CA ASP F 771 29.69 -49.88 -5.28
C ASP F 771 28.60 -50.15 -6.30
N ALA F 772 27.33 -50.12 -5.87
CA ALA F 772 26.24 -50.40 -6.80
C ALA F 772 25.99 -49.24 -7.75
N GLU F 773 26.28 -48.01 -7.32
CA GLU F 773 26.08 -46.85 -8.17
C GLU F 773 27.05 -46.84 -9.34
N LEU F 774 28.28 -47.31 -9.11
CA LEU F 774 29.23 -47.47 -10.21
C LEU F 774 28.75 -48.53 -11.20
N ARG F 775 28.09 -49.57 -10.71
CA ARG F 775 27.52 -50.56 -11.61
C ARG F 775 26.36 -49.99 -12.40
N ARG F 776 25.57 -49.09 -11.79
CA ARG F 776 24.50 -48.42 -12.51
C ARG F 776 25.04 -47.51 -13.60
N TYR F 777 26.13 -46.79 -13.32
CA TYR F 777 26.71 -45.90 -14.31
C TYR F 777 27.39 -46.68 -15.43
N GLU F 778 28.00 -47.82 -15.09
CA GLU F 778 28.58 -48.67 -16.13
C GLU F 778 27.49 -49.28 -17.02
N ALA F 779 26.35 -49.65 -16.42
CA ALA F 779 25.23 -50.17 -17.19
C ALA F 779 24.64 -49.12 -18.10
N TYR F 780 24.55 -47.87 -17.63
CA TYR F 780 24.02 -46.81 -18.48
C TYR F 780 24.99 -46.46 -19.61
N SER F 781 26.30 -46.48 -19.34
CA SER F 781 27.25 -46.19 -20.40
C SER F 781 27.32 -47.33 -21.42
N GLN F 782 27.04 -48.56 -21.01
CA GLN F 782 26.93 -49.64 -21.98
C GLN F 782 25.61 -49.65 -22.73
N GLN F 783 24.54 -49.09 -22.13
CA GLN F 783 23.30 -48.92 -22.89
C GLN F 783 23.44 -47.83 -23.94
N MET F 784 24.02 -46.70 -23.57
CA MET F 784 24.19 -45.60 -24.52
C MET F 784 25.48 -45.79 -25.31
N UNK G 1 8.76 35.75 -0.25
CA UNK G 1 9.13 34.62 0.58
C UNK G 1 8.62 33.31 -0.01
N UNK G 2 9.31 32.22 0.29
CA UNK G 2 8.94 30.90 -0.20
C UNK G 2 8.16 30.14 0.86
N UNK G 3 7.68 28.95 0.49
CA UNK G 3 6.90 28.11 1.39
C UNK G 3 7.07 26.65 0.97
N UNK G 4 6.88 25.77 1.94
CA UNK G 4 6.98 24.33 1.72
C UNK G 4 5.59 23.70 1.67
N UNK G 5 5.56 22.39 1.40
CA UNK G 5 4.30 21.67 1.32
C UNK G 5 4.55 20.21 1.67
N UNK G 6 3.60 19.62 2.39
CA UNK G 6 3.67 18.21 2.79
C UNK G 6 2.74 17.38 1.91
N UNK G 7 3.09 16.10 1.75
CA UNK G 7 2.33 15.20 0.90
C UNK G 7 2.54 13.76 1.35
N UNK G 8 1.45 13.02 1.44
CA UNK G 8 1.46 11.59 1.72
C UNK G 8 0.43 10.92 0.82
N UNK G 9 0.88 10.25 -0.24
CA UNK G 9 -0.04 9.79 -1.27
C UNK G 9 -0.53 8.37 -1.05
N UNK G 10 0.39 7.39 -1.04
CA UNK G 10 0.00 5.99 -1.02
C UNK G 10 1.11 5.06 -0.56
N UNK G 11 0.89 3.77 -0.70
CA UNK G 11 1.86 2.73 -0.39
C UNK G 11 1.60 1.54 -1.31
N UNK G 12 2.18 0.39 -0.99
CA UNK G 12 1.99 -0.80 -1.79
C UNK G 12 2.08 -2.03 -0.90
N UNK G 13 1.06 -2.89 -0.98
CA UNK G 13 0.97 -4.09 -0.15
C UNK G 13 0.98 -5.34 -1.02
N UNK G 14 1.19 -6.48 -0.37
CA UNK G 14 1.24 -7.78 -1.04
C UNK G 14 0.19 -8.67 -0.39
N UNK G 15 -0.74 -9.18 -1.21
CA UNK G 15 -1.80 -10.04 -0.71
C UNK G 15 -1.41 -11.51 -0.84
N UNK G 16 -2.06 -12.35 -0.03
CA UNK G 16 -1.81 -13.79 0.00
C UNK G 16 -3.10 -14.51 -0.41
N UNK G 17 -2.98 -15.43 -1.35
CA UNK G 17 -4.12 -16.20 -1.86
C UNK G 17 -3.94 -17.68 -1.55
N UNK G 18 -5.06 -18.38 -1.47
CA UNK G 18 -5.09 -19.80 -1.15
C UNK G 18 -5.54 -20.56 -2.39
N UNK G 19 -4.82 -21.65 -2.69
CA UNK G 19 -5.11 -22.50 -3.84
C UNK G 19 -5.58 -23.86 -3.37
N UNK G 20 -6.21 -24.59 -4.28
CA UNK G 20 -6.74 -25.94 -4.01
C UNK G 20 -6.08 -26.90 -4.97
N UNK G 21 -5.42 -27.92 -4.44
CA UNK G 21 -4.72 -28.92 -5.23
C UNK G 21 -5.53 -30.21 -5.23
N UNK G 22 -6.24 -30.47 -6.31
CA UNK G 22 -7.06 -31.67 -6.43
C UNK G 22 -6.19 -32.90 -6.71
N SER H 321 30.23 57.55 63.16
CA SER H 321 31.63 56.99 63.26
C SER H 321 32.06 56.60 61.85
N SER H 322 33.28 56.96 61.41
CA SER H 322 33.88 56.58 60.14
C SER H 322 34.09 55.06 60.01
N PRO H 323 34.24 54.50 58.82
CA PRO H 323 34.64 53.11 58.62
C PRO H 323 35.83 52.64 59.44
N ALA H 324 36.87 53.49 59.65
CA ALA H 324 38.06 53.24 60.45
C ALA H 324 37.89 53.50 61.95
N GLU H 325 36.97 54.39 62.33
CA GLU H 325 36.63 54.66 63.71
C GLU H 325 35.83 53.50 64.31
N VAL H 326 34.86 52.87 63.59
CA VAL H 326 34.08 51.73 64.10
C VAL H 326 34.91 50.55 64.61
N PRO H 327 35.90 50.01 63.88
CA PRO H 327 36.68 48.87 64.41
C PRO H 327 37.34 49.34 65.71
N LYS H 328 37.81 50.58 65.74
CA LYS H 328 38.44 51.19 66.95
C LYS H 328 37.39 51.25 68.07
N ASN H 329 36.14 51.60 67.71
CA ASN H 329 35.04 51.70 68.70
C ASN H 329 34.81 50.32 69.32
N GLU H 330 34.82 49.26 68.49
CA GLU H 330 34.64 47.90 69.01
C GLU H 330 35.79 47.42 69.87
N THR H 331 37.03 47.76 69.46
CA THR H 331 38.27 47.59 70.23
C THR H 331 38.22 48.08 71.67
N PRO H 332 37.88 49.33 72.06
CA PRO H 332 37.47 49.69 73.42
C PRO H 332 36.53 48.72 74.02
N ALA H 333 35.31 48.56 73.51
CA ALA H 333 34.30 47.75 74.12
C ALA H 333 34.69 46.29 74.40
N ALA H 334 35.43 45.66 73.46
CA ALA H 334 36.11 44.38 73.59
C ALA H 334 37.23 44.32 74.65
N GLN H 335 38.02 45.39 74.81
CA GLN H 335 39.13 45.30 75.79
C GLN H 335 38.91 46.16 77.05
N GLU H 336 37.95 47.09 77.01
CA GLU H 336 37.69 48.04 78.12
C GLU H 336 37.16 47.37 79.41
N GLN H 337 36.26 46.40 79.29
CA GLN H 337 35.56 45.84 80.43
C GLN H 337 36.15 44.51 80.88
N PRO H 338 36.32 44.29 82.19
CA PRO H 338 36.88 43.07 82.73
C PRO H 338 36.32 41.75 82.21
N MET H 339 37.21 40.80 81.85
CA MET H 339 36.86 39.41 81.70
C MET H 339 37.80 38.62 82.61
N PRO H 340 37.45 38.23 83.83
CA PRO H 340 38.28 37.27 84.54
C PRO H 340 37.84 35.83 84.25
N ASP H 341 38.71 35.03 83.57
CA ASP H 341 38.54 33.65 83.12
C ASP H 341 38.33 32.58 84.21
N ASN H 342 38.49 32.94 85.50
CA ASN H 342 38.20 32.08 86.64
C ASN H 342 36.82 32.33 87.25
N GLU H 343 36.20 33.51 86.98
CA GLU H 343 34.81 33.78 87.30
C GLU H 343 33.71 33.03 86.51
N PRO H 344 33.85 32.29 85.38
CA PRO H 344 32.82 31.39 84.83
C PRO H 344 32.32 30.27 85.71
N LYS H 345 32.75 30.20 86.99
CA LYS H 345 32.11 29.48 88.07
C LYS H 345 30.62 29.77 88.22
N GLN H 346 30.15 30.99 87.87
CA GLN H 346 28.74 31.34 87.85
C GLN H 346 28.13 31.24 86.45
N GLY H 347 28.96 30.92 85.44
CA GLY H 347 28.60 30.82 84.04
C GLY H 347 29.10 31.96 83.21
N ASP H 348 30.07 31.70 82.31
CA ASP H 348 30.33 32.48 81.10
C ASP H 348 29.05 32.86 80.33
N THR H 349 28.99 34.06 79.75
CA THR H 349 27.73 34.63 79.31
C THR H 349 27.99 35.40 78.04
N SER H 350 27.07 35.33 77.08
CA SER H 350 27.27 35.93 75.78
C SER H 350 26.07 36.74 75.41
N ILE H 351 26.24 38.03 75.11
CA ILE H 351 25.13 38.90 74.82
C ILE H 351 25.20 39.19 73.35
N GLN H 352 24.04 39.41 72.73
CA GLN H 352 23.94 39.83 71.37
C GLN H 352 23.08 41.08 71.32
N ILE H 353 23.64 42.22 70.88
CA ILE H 353 22.97 43.50 70.98
C ILE H 353 22.29 43.77 69.68
N ARG H 354 21.01 44.16 69.69
CA ARG H 354 20.29 44.57 68.51
C ARG H 354 20.13 46.06 68.45
N TYR H 355 21.12 46.75 67.89
CA TYR H 355 21.08 48.19 67.76
C TYR H 355 20.10 48.68 66.71
N ALA H 356 19.56 49.90 66.96
CA ALA H 356 18.64 50.54 66.04
C ALA H 356 19.37 51.35 64.96
N ASN H 357 20.73 51.34 65.00
CA ASN H 357 21.66 52.00 64.08
C ASN H 357 21.45 51.64 62.62
N GLY H 358 20.93 50.43 62.39
CA GLY H 358 20.43 50.09 61.08
C GLY H 358 20.10 48.63 60.95
N LYS H 359 20.20 47.90 62.09
CA LYS H 359 20.31 46.44 62.20
C LYS H 359 21.74 46.02 62.52
N ARG H 360 22.40 46.69 63.49
CA ARG H 360 23.79 46.41 63.79
C ARG H 360 23.86 45.47 64.97
N GLU H 361 24.79 44.50 64.98
CA GLU H 361 24.90 43.57 66.06
C GLU H 361 26.33 43.30 66.44
N VAL H 362 26.56 43.35 67.74
CA VAL H 362 27.81 43.04 68.36
C VAL H 362 27.48 42.08 69.47
N LEU H 363 28.41 41.15 69.73
CA LEU H 363 28.31 40.18 70.78
C LEU H 363 29.45 40.38 71.76
N HIS H 364 29.48 39.55 72.82
CA HIS H 364 30.53 39.29 73.80
C HIS H 364 29.95 39.35 75.22
N CYS H 365 30.81 39.15 76.25
CA CYS H 365 30.66 39.50 77.68
C CYS H 365 31.33 38.50 78.60
N ASN H 366 31.25 38.73 79.93
CA ASN H 366 31.80 37.85 80.93
C ASN H 366 30.80 37.59 82.07
N SER H 367 30.98 36.42 82.72
CA SER H 367 30.29 35.87 83.87
C SER H 367 29.06 36.59 84.39
N THR H 368 29.27 37.46 85.38
CA THR H 368 28.21 38.15 86.07
C THR H 368 28.54 39.61 85.97
N ASP H 369 27.77 40.33 85.16
CA ASP H 369 27.94 41.74 84.93
C ASP H 369 26.60 42.39 85.22
N THR H 370 26.28 43.53 84.59
CA THR H 370 25.06 44.25 84.84
C THR H 370 24.49 44.69 83.53
N VAL H 371 23.18 44.94 83.49
CA VAL H 371 22.55 45.55 82.32
C VAL H 371 23.15 46.91 81.97
N LYS H 372 23.42 47.75 83.00
CA LYS H 372 24.06 49.04 82.83
C LYS H 372 25.43 48.90 82.15
N PHE H 373 26.21 47.82 82.44
CA PHE H 373 27.46 47.50 81.77
C PHE H 373 27.28 47.22 80.28
N LEU H 374 26.15 46.61 79.88
CA LEU H 374 25.78 46.57 78.47
C LEU H 374 25.50 47.93 77.88
N TYR H 375 24.76 48.82 78.59
CA TYR H 375 24.56 50.22 78.21
C TYR H 375 25.89 50.96 78.06
N GLU H 376 26.85 50.74 78.99
CA GLU H 376 28.21 51.25 78.91
C GLU H 376 28.97 50.70 77.69
N HIS H 377 28.80 49.39 77.36
CA HIS H 377 29.31 48.74 76.16
C HIS H 377 28.79 49.38 74.89
N VAL H 378 27.48 49.74 74.82
CA VAL H 378 26.91 50.45 73.69
C VAL H 378 27.60 51.77 73.40
N THR H 379 27.76 52.57 74.46
CA THR H 379 28.44 53.85 74.50
C THR H 379 29.90 53.78 74.15
N SER H 380 30.62 52.77 74.69
CA SER H 380 32.02 52.51 74.37
C SER H 380 32.23 52.02 72.94
N ASN H 381 31.30 51.19 72.43
CA ASN H 381 31.23 50.66 71.08
C ASN H 381 30.77 51.69 70.03
N ALA H 382 30.21 52.85 70.44
CA ALA H 382 29.86 53.87 69.47
C ALA H 382 29.48 55.20 70.10
N ASN H 383 30.18 56.27 69.68
CA ASN H 383 30.11 57.66 70.15
C ASN H 383 28.87 58.50 69.85
N THR H 384 28.09 58.09 68.84
CA THR H 384 26.80 58.75 68.50
C THR H 384 25.74 58.42 69.57
N ASP H 385 25.74 57.16 70.01
CA ASP H 385 24.75 56.54 70.95
C ASP H 385 24.74 57.17 72.36
N PRO H 386 25.87 57.62 72.94
CA PRO H 386 25.84 58.10 74.33
C PRO H 386 24.88 59.25 74.64
N SER H 387 24.79 60.24 73.75
CA SER H 387 23.93 61.40 73.94
C SER H 387 22.48 61.08 73.63
N ARG H 388 22.22 60.02 72.84
CA ARG H 388 20.89 59.56 72.54
C ARG H 388 20.25 58.87 73.74
N ASN H 389 18.94 59.06 73.96
CA ASN H 389 18.22 58.34 74.99
C ASN H 389 17.70 57.05 74.37
N PHE H 390 17.72 55.93 75.11
CA PHE H 390 17.26 54.67 74.59
C PHE H 390 17.00 53.73 75.75
N THR H 391 16.39 52.57 75.47
CA THR H 391 16.09 51.50 76.41
C THR H 391 16.47 50.18 75.79
N LEU H 392 16.46 49.11 76.61
CA LEU H 392 16.89 47.78 76.21
C LEU H 392 15.75 46.78 76.43
N ASN H 393 15.75 45.63 75.74
CA ASN H 393 14.69 44.65 75.84
C ASN H 393 15.16 43.23 75.51
N TYR H 394 14.24 42.26 75.65
CA TYR H 394 14.26 40.95 75.02
C TYR H 394 12.92 40.90 74.25
N ALA H 395 12.84 40.32 73.03
CA ALA H 395 11.66 40.36 72.18
C ALA H 395 10.85 39.07 72.28
N PHE H 396 9.51 39.14 72.09
CA PHE H 396 8.56 38.03 72.07
C PHE H 396 7.84 37.79 73.37
N PRO H 397 8.43 38.23 74.48
CA PRO H 397 7.56 38.48 75.60
C PRO H 397 7.57 39.96 75.88
N ILE H 398 8.44 40.69 75.15
CA ILE H 398 8.67 42.13 75.15
C ILE H 398 8.93 42.70 76.54
N LYS H 399 10.03 42.30 77.19
CA LYS H 399 10.30 42.77 78.53
C LYS H 399 11.19 44.00 78.40
N PRO H 400 10.89 45.15 79.00
CA PRO H 400 11.78 46.27 78.93
C PRO H 400 12.72 46.03 80.07
N ILE H 401 14.01 45.96 79.73
CA ILE H 401 15.07 45.83 80.69
C ILE H 401 15.12 47.15 81.46
N SER H 402 14.38 47.19 82.59
CA SER H 402 14.32 48.26 83.53
C SER H 402 15.21 47.88 84.69
N ASN H 403 15.44 48.82 85.63
CA ASN H 403 16.34 48.62 86.75
C ASN H 403 17.77 48.39 86.31
N ASP H 404 18.40 49.35 85.58
CA ASP H 404 19.67 49.24 84.88
C ASP H 404 20.81 48.56 85.63
N GLU H 405 20.84 48.64 86.96
CA GLU H 405 21.77 47.89 87.75
C GLU H 405 21.67 46.37 87.69
N THR H 406 20.43 45.82 87.62
CA THR H 406 20.06 44.38 87.57
C THR H 406 21.10 43.51 86.93
N THR H 407 21.52 42.45 87.62
CA THR H 407 22.53 41.56 87.10
C THR H 407 21.97 40.68 86.00
N LEU H 408 22.82 40.16 85.10
CA LEU H 408 22.42 39.25 84.04
C LEU H 408 21.72 37.99 84.54
N LYS H 409 22.17 37.49 85.71
CA LYS H 409 21.56 36.35 86.36
C LYS H 409 20.09 36.56 86.71
N ASP H 410 19.74 37.73 87.28
CA ASP H 410 18.42 38.05 87.78
C ASP H 410 17.43 38.42 86.71
N ALA H 411 17.91 38.86 85.53
CA ALA H 411 17.05 39.29 84.46
C ALA H 411 16.83 38.22 83.39
N ASP H 412 17.35 36.99 83.62
CA ASP H 412 17.27 35.85 82.69
C ASP H 412 18.07 36.06 81.39
N LEU H 413 18.88 37.13 81.37
CA LEU H 413 19.69 37.62 80.25
C LEU H 413 20.98 36.84 80.13
N LEU H 414 20.87 35.52 80.02
CA LEU H 414 21.97 34.61 79.93
C LEU H 414 21.97 34.04 78.55
N ASN H 415 22.95 34.45 77.73
CA ASN H 415 23.11 33.96 76.38
C ASN H 415 22.06 34.51 75.41
N SER H 416 21.24 35.48 75.88
CA SER H 416 20.00 35.92 75.25
C SER H 416 20.15 37.26 74.58
N VAL H 417 19.51 37.43 73.40
CA VAL H 417 19.54 38.65 72.60
C VAL H 417 18.96 39.86 73.33
N VAL H 418 19.64 41.01 73.26
CA VAL H 418 19.21 42.24 73.88
C VAL H 418 18.98 43.25 72.77
N VAL H 419 17.73 43.69 72.48
CA VAL H 419 17.47 44.71 71.47
C VAL H 419 17.56 46.07 72.13
N GLN H 420 17.95 47.09 71.36
CA GLN H 420 18.00 48.47 71.75
C GLN H 420 16.90 49.20 71.00
N ARG H 421 16.16 50.04 71.72
CA ARG H 421 15.15 50.90 71.15
C ARG H 421 15.42 52.30 71.65
N TRP H 422 15.49 53.30 70.73
CA TRP H 422 15.52 54.71 71.03
C TRP H 422 14.10 55.21 71.45
#